data_8WH4
#
_entry.id   8WH4
#
_cell.length_a   1.00
_cell.length_b   1.00
_cell.length_c   1.00
_cell.angle_alpha   90.00
_cell.angle_beta   90.00
_cell.angle_gamma   90.00
#
_symmetry.space_group_name_H-M   'P 1'
#
loop_
_entity.id
_entity.type
_entity.pdbx_description
1 polymer 'Uncoating factor OPG117'
2 polymer "DNA (5'-D(P*CP*CP*CP*C)-3')"
#
loop_
_entity_poly.entity_id
_entity_poly.type
_entity_poly.pdbx_seq_one_letter_code
_entity_poly.pdbx_strand_id
1 'polypeptide(L)'
;MDAAIRGNDVIFVLKTIGVPSACRQNEDPRFVEAFKCDELERYIDNNPECTLFESLRDEEAYSIVRIFMDVDLDACLDEI
DYLTAIQDFIIEVSNCVARFAFTECGAIHENVIKSMRSNFSLTKSTNRDKTSFHIIFLDTYTTMDTLIAMKRTLLELSRS
SENPLTRSIDTAVYRRKTTLRVVGTRKNPNCDTIHVMQPPHDNIEDYLFTYVDMNNNSYYFSLQRRLEDLVPDKLWEPGF
ISFEDAIKRVSKIFINSIINFNDLDENNFTTVPLVIDYVTPCALCKKRSHKHPHQLSLENGAIRIYKTGNPHSCKVKIVP
LDGNKLFNIAQRILDTNSVLLTERGDHIVWINNSWKFNSEEPLITKLILSIRHQLPKEYSSELLCPRKRKTVEANIRDML
VDSVETDTYPDKLPFKNGVLDLVDGMFYSGDDAKKYTCTVSTGFKFDDTKFVEDSPEMEELMNIINDIQPLTDENKKNRE
LYEKTLSSCLCGATKGCLTFFFGETATGKSTTKRLLKSAIGDLFVETGQTILTDVLDKGPNPFIANMHLKRSVFCSELPD
FACSGSKKIRSDNIKKLTEPCVIGRPCFSNKINNRNHATIIIDTNYKPVFDRIDNALMRRIAVVRFRTHFSQPSGREAAE
NNDAYDKVKLLDEGLDGKIQNNRYRFAFLYLLVKWYKKYHIPIMKLYPTPEEIPDFAFYLKIGTLLVSSSVKHIPLMTDL
SKKGYILYDNVVTLPLTTFQQKISKYFNSRLFGHDIESFINRHKKFANVSDEYLQYIFIEDISSP
;
A,B,C,D,E,F
2 'polydeoxyribonucleotide' (DC)(DC)(DC)(DC) T
#
# COMPACT_ATOMS: atom_id res chain seq x y z
N GLY A 323 16.95 44.44 -33.08
CA GLY A 323 17.35 44.04 -31.75
C GLY A 323 16.76 42.72 -31.29
N ASN A 324 17.60 41.70 -31.15
CA ASN A 324 17.19 40.38 -30.70
C ASN A 324 16.09 39.79 -31.58
N LYS A 325 16.49 39.52 -32.83
CA LYS A 325 15.65 38.91 -33.84
C LYS A 325 14.75 37.79 -33.30
N LEU A 326 15.29 36.95 -32.42
CA LEU A 326 14.51 35.83 -31.90
C LEU A 326 13.37 36.32 -31.01
N PHE A 327 13.55 37.43 -30.31
CA PHE A 327 12.44 38.00 -29.55
C PHE A 327 11.34 38.51 -30.46
N ASN A 328 11.71 39.09 -31.60
CA ASN A 328 10.70 39.54 -32.56
C ASN A 328 9.97 38.35 -33.19
N ILE A 329 10.69 37.25 -33.45
CA ILE A 329 10.04 36.05 -33.95
C ILE A 329 9.05 35.51 -32.94
N ALA A 330 9.44 35.47 -31.66
CA ALA A 330 8.50 35.05 -30.62
C ALA A 330 7.31 35.99 -30.54
N GLN A 331 7.53 37.29 -30.69
CA GLN A 331 6.44 38.26 -30.66
C GLN A 331 5.45 38.01 -31.79
N ARG A 332 5.94 37.73 -32.99
CA ARG A 332 5.04 37.46 -34.11
C ARG A 332 4.27 36.17 -33.89
N ILE A 333 4.95 35.11 -33.47
CA ILE A 333 4.28 33.84 -33.22
C ILE A 333 3.25 33.98 -32.11
N LEU A 334 3.48 34.90 -31.18
CA LEU A 334 2.48 35.18 -30.16
C LEU A 334 1.30 35.97 -30.72
N ASP A 335 1.58 36.91 -31.62
CA ASP A 335 0.51 37.71 -32.21
C ASP A 335 -0.42 36.85 -33.06
N THR A 336 0.08 35.77 -33.67
CA THR A 336 -0.81 34.90 -34.44
C THR A 336 -1.80 34.14 -33.57
N ASN A 337 -1.63 34.15 -32.24
CA ASN A 337 -2.57 33.55 -31.30
C ASN A 337 -2.65 32.03 -31.45
N SER A 338 -1.55 31.38 -31.84
CA SER A 338 -1.54 29.94 -32.05
C SER A 338 -1.16 29.15 -30.80
N VAL A 339 -0.70 29.80 -29.74
CA VAL A 339 -0.38 29.15 -28.48
C VAL A 339 -1.20 29.79 -27.38
N LEU A 340 -1.80 28.95 -26.53
CA LEU A 340 -2.56 29.42 -25.38
C LEU A 340 -2.15 28.63 -24.15
N LEU A 341 -2.36 29.24 -22.99
CA LEU A 341 -2.04 28.62 -21.70
C LEU A 341 -3.34 28.36 -20.94
N THR A 342 -3.53 27.13 -20.50
CA THR A 342 -4.75 26.74 -19.81
C THR A 342 -4.52 26.67 -18.30
N GLU A 343 -5.62 26.61 -17.56
CA GLU A 343 -5.54 26.52 -16.11
C GLU A 343 -4.87 25.25 -15.63
N ARG A 344 -4.80 24.21 -16.48
CA ARG A 344 -4.07 23.01 -16.11
C ARG A 344 -2.57 23.24 -16.08
N GLY A 345 -2.08 24.38 -16.57
CA GLY A 345 -0.68 24.62 -16.75
C GLY A 345 -0.12 24.18 -18.08
N ASP A 346 -0.92 23.51 -18.91
CA ASP A 346 -0.49 23.01 -20.20
C ASP A 346 -0.73 24.05 -21.28
N HIS A 347 0.04 23.93 -22.36
CA HIS A 347 -0.07 24.82 -23.51
C HIS A 347 -0.77 24.07 -24.64
N ILE A 348 -1.82 24.66 -25.18
CA ILE A 348 -2.57 24.08 -26.30
C ILE A 348 -2.15 24.81 -27.56
N VAL A 349 -1.68 24.06 -28.55
CA VAL A 349 -1.15 24.64 -29.77
C VAL A 349 -2.06 24.29 -30.94
N TRP A 350 -1.96 25.07 -31.99
CA TRP A 350 -2.81 24.95 -33.18
C TRP A 350 -1.94 24.54 -34.36
N ILE A 351 -1.78 23.22 -34.54
CA ILE A 351 -1.08 22.67 -35.69
C ILE A 351 -2.07 21.79 -36.45
N ASN A 352 -2.03 21.87 -37.77
CA ASN A 352 -2.83 21.00 -38.65
C ASN A 352 -4.32 21.15 -38.38
N ASN A 353 -4.75 22.38 -38.11
CA ASN A 353 -6.17 22.72 -37.97
C ASN A 353 -6.84 21.92 -36.85
N SER A 354 -6.23 21.97 -35.65
CA SER A 354 -6.82 21.42 -34.45
C SER A 354 -6.00 21.85 -33.25
N TRP A 355 -6.67 22.11 -32.13
CA TRP A 355 -5.98 22.47 -30.90
C TRP A 355 -5.51 21.19 -30.21
N LYS A 356 -4.19 21.00 -30.17
CA LYS A 356 -3.60 19.84 -29.54
C LYS A 356 -2.78 20.25 -28.33
N PHE A 357 -2.59 19.30 -27.42
CA PHE A 357 -1.69 19.49 -26.30
C PHE A 357 -1.20 18.13 -25.83
N ASN A 358 0.00 18.10 -25.27
CA ASN A 358 0.59 16.86 -24.81
C ASN A 358 1.42 17.15 -23.57
N SER A 359 1.21 16.36 -22.52
CA SER A 359 1.89 16.60 -21.25
C SER A 359 3.36 16.18 -21.30
N GLU A 360 3.63 15.02 -21.89
CA GLU A 360 5.00 14.50 -21.90
C GLU A 360 5.86 15.07 -23.01
N GLU A 361 5.28 15.75 -24.00
CA GLU A 361 6.05 16.33 -25.09
C GLU A 361 5.33 17.58 -25.57
N PRO A 362 5.84 18.77 -25.23
CA PRO A 362 5.25 20.00 -25.77
C PRO A 362 5.43 20.07 -27.28
N LEU A 363 4.50 20.76 -27.93
CA LEU A 363 4.49 20.89 -29.38
C LEU A 363 4.78 22.31 -29.85
N ILE A 364 5.36 23.14 -28.98
CA ILE A 364 5.63 24.52 -29.35
C ILE A 364 6.71 24.59 -30.43
N THR A 365 7.71 23.72 -30.36
CA THR A 365 8.74 23.71 -31.39
C THR A 365 8.20 23.20 -32.73
N LYS A 366 7.27 22.26 -32.69
CA LYS A 366 6.58 21.85 -33.90
C LYS A 366 5.79 23.01 -34.49
N LEU A 367 5.12 23.78 -33.63
CA LEU A 367 4.39 24.94 -34.12
C LEU A 367 5.32 25.96 -34.74
N ILE A 368 6.49 26.18 -34.13
CA ILE A 368 7.45 27.15 -34.68
C ILE A 368 7.93 26.70 -36.06
N LEU A 369 8.28 25.42 -36.19
CA LEU A 369 8.73 24.91 -37.48
C LEU A 369 7.63 25.03 -38.53
N SER A 370 6.40 24.71 -38.17
CA SER A 370 5.30 24.77 -39.14
C SER A 370 5.00 26.21 -39.53
N ILE A 371 5.08 27.14 -38.57
CA ILE A 371 4.71 28.53 -38.80
C ILE A 371 5.82 29.33 -39.46
N ARG A 372 7.02 28.78 -39.57
CA ARG A 372 8.13 29.48 -40.23
C ARG A 372 7.78 30.02 -41.61
N HIS A 373 6.69 29.54 -42.21
CA HIS A 373 6.33 29.97 -43.57
C HIS A 373 5.71 31.36 -43.60
N GLN A 374 4.92 31.72 -42.60
CA GLN A 374 4.20 32.99 -42.60
C GLN A 374 5.07 34.17 -42.18
N LEU A 375 6.23 33.93 -41.58
CA LEU A 375 7.10 35.01 -41.17
C LEU A 375 7.80 35.62 -42.38
N PRO A 376 8.33 36.85 -42.23
CA PRO A 376 9.12 37.45 -43.32
C PRO A 376 10.26 36.58 -43.82
N LYS A 377 10.82 36.93 -44.97
CA LYS A 377 11.82 36.07 -45.60
C LYS A 377 13.06 35.91 -44.73
N GLU A 378 13.50 37.00 -44.08
CA GLU A 378 14.71 36.95 -43.28
C GLU A 378 14.52 36.26 -41.93
N TYR A 379 13.28 35.99 -41.53
CA TYR A 379 13.03 35.29 -40.28
C TYR A 379 12.88 33.79 -40.46
N SER A 380 12.66 33.31 -41.69
CA SER A 380 12.39 31.89 -41.89
C SER A 380 13.64 31.04 -41.76
N SER A 381 14.81 31.60 -42.05
CA SER A 381 16.04 30.83 -41.99
C SER A 381 16.49 30.56 -40.56
N GLU A 382 16.14 31.45 -39.62
CA GLU A 382 16.55 31.29 -38.23
C GLU A 382 15.82 30.16 -37.53
N LEU A 383 14.77 29.61 -38.12
CA LEU A 383 13.96 28.58 -37.49
C LEU A 383 14.31 27.18 -37.95
N LEU A 384 15.42 27.01 -38.66
CA LEU A 384 15.89 25.70 -39.08
C LEU A 384 16.91 25.12 -38.12
N CYS A 385 17.17 25.78 -37.01
CA CYS A 385 18.11 25.30 -36.01
C CYS A 385 17.38 24.94 -34.73
N PRO A 386 17.55 23.72 -34.20
CA PRO A 386 16.83 23.35 -32.99
C PRO A 386 17.13 24.23 -31.78
N ARG A 387 18.36 24.72 -31.67
CA ARG A 387 18.70 25.61 -30.56
C ARG A 387 17.93 26.93 -30.64
N LYS A 388 17.82 27.49 -31.84
CA LYS A 388 17.09 28.74 -31.99
C LYS A 388 15.60 28.55 -31.76
N ARG A 389 15.05 27.42 -32.18
CA ARG A 389 13.65 27.13 -31.90
C ARG A 389 13.41 26.93 -30.40
N LYS A 390 14.39 26.36 -29.69
CA LYS A 390 14.26 26.24 -28.24
C LYS A 390 14.31 27.60 -27.56
N THR A 391 15.17 28.50 -28.04
CA THR A 391 15.20 29.86 -27.51
C THR A 391 13.86 30.58 -27.76
N VAL A 392 13.32 30.43 -28.96
CA VAL A 392 12.03 31.04 -29.27
C VAL A 392 10.93 30.47 -28.38
N GLU A 393 10.97 29.16 -28.12
CA GLU A 393 9.98 28.56 -27.24
C GLU A 393 10.11 29.09 -25.82
N ALA A 394 11.34 29.31 -25.35
CA ALA A 394 11.54 29.89 -24.02
C ALA A 394 10.97 31.29 -23.93
N ASN A 395 11.20 32.11 -24.96
CA ASN A 395 10.62 33.45 -24.98
C ASN A 395 9.10 33.40 -24.99
N ILE A 396 8.53 32.49 -25.79
CA ILE A 396 7.07 32.36 -25.86
C ILE A 396 6.50 31.96 -24.51
N ARG A 397 7.15 31.01 -23.83
CA ARG A 397 6.69 30.59 -22.51
C ARG A 397 6.75 31.74 -21.52
N ASP A 398 7.81 32.54 -21.56
CA ASP A 398 7.89 33.69 -20.67
C ASP A 398 6.94 34.80 -21.05
N MET A 399 6.37 34.77 -22.26
CA MET A 399 5.41 35.80 -22.68
C MET A 399 3.98 35.49 -22.27
N LEU A 400 3.65 34.24 -21.98
CA LEU A 400 2.27 33.85 -21.65
C LEU A 400 2.09 33.91 -20.14
N VAL A 401 1.25 34.81 -19.67
CA VAL A 401 0.94 34.97 -18.26
C VAL A 401 -0.51 34.60 -17.96
N ASP A 402 -1.45 35.18 -18.71
CA ASP A 402 -2.87 34.96 -18.46
C ASP A 402 -3.34 33.64 -19.03
N SER A 403 -4.28 33.00 -18.33
CA SER A 403 -4.85 31.74 -18.75
C SER A 403 -6.14 31.95 -19.52
N VAL A 404 -6.60 30.88 -20.17
CA VAL A 404 -7.83 30.91 -20.97
C VAL A 404 -8.66 29.69 -20.62
N GLU A 405 -9.86 29.63 -21.19
CA GLU A 405 -10.80 28.54 -21.01
C GLU A 405 -10.99 27.77 -22.31
N THR A 406 -11.11 26.45 -22.20
CA THR A 406 -11.31 25.58 -23.34
C THR A 406 -12.66 24.87 -23.20
N ASP A 407 -13.31 24.64 -24.35
CA ASP A 407 -14.58 23.93 -24.42
C ASP A 407 -15.64 24.64 -23.57
N THR A 408 -15.94 25.86 -23.96
CA THR A 408 -16.93 26.67 -23.26
C THR A 408 -18.17 26.98 -24.08
N TYR A 409 -18.24 26.52 -25.33
CA TYR A 409 -19.40 26.75 -26.17
C TYR A 409 -20.20 25.46 -26.30
N PRO A 410 -21.33 25.32 -25.61
CA PRO A 410 -22.12 24.08 -25.72
C PRO A 410 -22.98 23.99 -26.98
N ASP A 411 -22.98 25.03 -27.81
CA ASP A 411 -23.79 25.06 -29.01
C ASP A 411 -22.98 24.63 -30.24
N LYS A 412 -21.77 24.14 -30.04
CA LYS A 412 -20.86 23.80 -31.13
C LYS A 412 -20.46 22.34 -31.05
N LEU A 413 -20.43 21.67 -32.19
CA LEU A 413 -20.08 20.26 -32.29
C LEU A 413 -18.73 20.10 -32.98
N PRO A 414 -17.69 19.69 -32.26
CA PRO A 414 -16.36 19.65 -32.88
C PRO A 414 -16.08 18.38 -33.66
N PHE A 415 -15.83 18.51 -34.95
CA PHE A 415 -15.45 17.40 -35.80
C PHE A 415 -13.94 17.34 -35.93
N LYS A 416 -13.45 16.46 -36.80
CA LYS A 416 -12.01 16.31 -36.98
C LYS A 416 -11.40 17.39 -37.85
N ASN A 417 -12.22 18.13 -38.60
CA ASN A 417 -11.70 19.18 -39.48
C ASN A 417 -12.50 20.46 -39.38
N GLY A 418 -13.19 20.69 -38.26
CA GLY A 418 -13.94 21.92 -38.11
C GLY A 418 -14.86 21.84 -36.92
N VAL A 419 -15.72 22.85 -36.81
CA VAL A 419 -16.70 22.94 -35.73
C VAL A 419 -18.06 23.23 -36.37
N LEU A 420 -19.05 22.40 -36.07
CA LEU A 420 -20.39 22.59 -36.59
C LEU A 420 -21.21 23.42 -35.61
N ASP A 421 -22.02 24.33 -36.15
CA ASP A 421 -22.88 25.19 -35.35
C ASP A 421 -24.29 24.64 -35.36
N LEU A 422 -24.81 24.28 -34.18
CA LEU A 422 -26.14 23.68 -34.11
C LEU A 422 -27.23 24.73 -34.31
N VAL A 423 -27.03 25.94 -33.77
CA VAL A 423 -28.06 26.97 -33.86
C VAL A 423 -28.17 27.57 -35.26
N ASP A 424 -27.23 27.29 -36.14
CA ASP A 424 -27.23 27.87 -37.47
C ASP A 424 -27.21 26.81 -38.56
N GLY A 425 -26.44 25.74 -38.40
CA GLY A 425 -26.36 24.66 -39.35
C GLY A 425 -25.15 24.70 -40.26
N MET A 426 -24.44 25.82 -40.31
CA MET A 426 -23.27 25.94 -41.17
C MET A 426 -22.06 25.26 -40.53
N PHE A 427 -21.10 24.90 -41.37
CA PHE A 427 -19.89 24.20 -40.94
C PHE A 427 -18.70 25.11 -41.18
N TYR A 428 -17.89 25.29 -40.14
CA TYR A 428 -16.72 26.16 -40.18
C TYR A 428 -15.44 25.33 -40.22
N SER A 429 -14.44 25.83 -40.93
CA SER A 429 -13.15 25.17 -41.04
C SER A 429 -12.03 26.19 -40.88
N GLY A 430 -10.89 25.71 -40.40
CA GLY A 430 -9.73 26.57 -40.29
C GLY A 430 -9.91 27.66 -39.26
N ASP A 431 -9.49 28.88 -39.61
CA ASP A 431 -9.58 30.00 -38.70
C ASP A 431 -11.02 30.30 -38.28
N ASP A 432 -12.01 29.87 -39.07
CA ASP A 432 -13.39 29.99 -38.65
C ASP A 432 -13.72 29.01 -37.52
N ALA A 433 -13.01 27.89 -37.44
CA ALA A 433 -13.13 26.99 -36.32
C ALA A 433 -12.12 27.27 -35.22
N LYS A 434 -11.21 28.21 -35.44
CA LYS A 434 -10.18 28.51 -34.44
C LYS A 434 -10.72 29.31 -33.27
N LYS A 435 -11.77 30.12 -33.48
CA LYS A 435 -12.25 30.99 -32.41
C LYS A 435 -12.74 30.19 -31.21
N TYR A 436 -13.45 29.10 -31.47
CA TYR A 436 -13.92 28.21 -30.40
C TYR A 436 -12.80 27.26 -30.04
N THR A 437 -12.35 27.31 -28.79
CA THR A 437 -11.24 26.49 -28.33
C THR A 437 -11.76 25.09 -27.96
N CYS A 438 -12.08 24.34 -29.00
CA CYS A 438 -12.59 22.98 -28.84
C CYS A 438 -11.42 22.00 -28.84
N THR A 439 -11.35 21.17 -27.81
CA THR A 439 -10.29 20.18 -27.66
C THR A 439 -10.72 18.78 -28.08
N VAL A 440 -11.88 18.33 -27.61
CA VAL A 440 -12.39 17.02 -28.01
C VAL A 440 -12.92 17.07 -29.44
N SER A 441 -13.11 15.88 -30.01
CA SER A 441 -13.60 15.78 -31.38
C SER A 441 -14.37 14.47 -31.53
N THR A 442 -15.19 14.42 -32.58
CA THR A 442 -15.98 13.22 -32.84
C THR A 442 -15.14 12.08 -33.40
N GLY A 443 -14.04 12.41 -34.08
CA GLY A 443 -13.15 11.40 -34.60
C GLY A 443 -13.28 11.11 -36.08
N PHE A 444 -14.17 11.81 -36.79
CA PHE A 444 -14.32 11.63 -38.23
C PHE A 444 -14.59 12.97 -38.88
N LYS A 445 -14.35 13.02 -40.18
CA LYS A 445 -14.50 14.26 -40.94
C LYS A 445 -15.98 14.51 -41.27
N PHE A 446 -16.26 15.74 -41.68
CA PHE A 446 -17.61 16.17 -42.03
C PHE A 446 -17.71 16.40 -43.53
N ASP A 447 -18.73 15.80 -44.15
CA ASP A 447 -18.95 15.90 -45.58
C ASP A 447 -20.27 16.64 -45.81
N ASP A 448 -20.22 17.68 -46.64
CA ASP A 448 -21.43 18.47 -46.91
C ASP A 448 -22.41 17.71 -47.80
N THR A 449 -21.92 16.78 -48.61
CA THR A 449 -22.79 16.08 -49.56
C THR A 449 -23.83 15.22 -48.85
N LYS A 450 -23.45 14.56 -47.76
CA LYS A 450 -24.35 13.65 -47.05
C LYS A 450 -25.26 14.35 -46.06
N PHE A 451 -25.06 15.64 -45.82
CA PHE A 451 -25.89 16.41 -44.89
C PHE A 451 -27.10 17.00 -45.58
N VAL A 452 -27.88 16.14 -46.24
CA VAL A 452 -29.01 16.58 -47.04
C VAL A 452 -30.24 15.79 -46.64
N GLU A 453 -31.40 16.38 -46.86
CA GLU A 453 -32.66 15.77 -46.45
C GLU A 453 -33.29 14.90 -47.53
N ASP A 454 -32.68 14.79 -48.71
CA ASP A 454 -33.20 13.93 -49.77
C ASP A 454 -32.15 12.89 -50.13
N SER A 455 -32.37 11.66 -49.67
CA SER A 455 -31.47 10.55 -49.91
C SER A 455 -32.15 9.28 -49.41
N PRO A 456 -31.96 8.12 -50.06
CA PRO A 456 -32.60 6.94 -49.57
C PRO A 456 -32.09 6.43 -48.22
N GLU A 457 -30.90 6.83 -47.76
CA GLU A 457 -30.55 6.69 -46.36
C GLU A 457 -31.52 7.46 -45.48
N MET A 458 -31.87 8.68 -45.90
CA MET A 458 -32.80 9.49 -45.11
C MET A 458 -34.15 8.82 -45.02
N GLU A 459 -34.68 8.33 -46.14
CA GLU A 459 -35.98 7.67 -46.13
C GLU A 459 -35.95 6.38 -45.32
N GLU A 460 -34.90 5.57 -45.49
CA GLU A 460 -34.80 4.35 -44.70
C GLU A 460 -34.71 4.67 -43.21
N LEU A 461 -33.93 5.69 -42.84
CA LEU A 461 -33.79 6.05 -41.45
C LEU A 461 -35.12 6.57 -40.88
N MET A 462 -35.86 7.36 -41.66
CA MET A 462 -37.14 7.84 -41.20
C MET A 462 -38.12 6.69 -40.98
N ASN A 463 -38.12 5.72 -41.91
CA ASN A 463 -38.97 4.55 -41.73
C ASN A 463 -38.58 3.77 -40.49
N ILE A 464 -37.28 3.61 -40.26
CA ILE A 464 -36.81 2.87 -39.07
C ILE A 464 -37.23 3.60 -37.80
N ILE A 465 -37.08 4.92 -37.78
CA ILE A 465 -37.43 5.69 -36.58
C ILE A 465 -38.93 5.66 -36.33
N ASN A 466 -39.74 5.70 -37.41
CA ASN A 466 -41.19 5.57 -37.24
C ASN A 466 -41.55 4.18 -36.72
N ASP A 467 -40.84 3.15 -37.19
CA ASP A 467 -41.06 1.80 -36.68
C ASP A 467 -40.73 1.74 -35.18
N ILE A 468 -39.62 2.37 -34.79
CA ILE A 468 -39.21 2.35 -33.39
C ILE A 468 -40.24 3.04 -32.51
N GLN A 469 -40.69 4.23 -32.94
CA GLN A 469 -41.63 5.04 -32.18
C GLN A 469 -42.85 5.34 -33.03
N PRO A 470 -44.01 4.78 -32.70
CA PRO A 470 -45.21 5.08 -33.50
C PRO A 470 -45.61 6.54 -33.41
N LEU A 471 -46.24 7.03 -34.48
CA LEU A 471 -46.68 8.41 -34.59
C LEU A 471 -48.14 8.58 -34.21
N THR A 472 -48.66 7.70 -33.37
CA THR A 472 -50.07 7.78 -32.97
C THR A 472 -50.28 8.90 -31.95
N ASP A 473 -51.55 9.25 -31.74
CA ASP A 473 -51.89 10.27 -30.77
C ASP A 473 -51.55 9.82 -29.35
N GLU A 474 -51.64 8.52 -29.08
CA GLU A 474 -51.28 8.00 -27.77
C GLU A 474 -49.79 8.15 -27.50
N ASN A 475 -48.96 8.01 -28.53
CA ASN A 475 -47.51 8.07 -28.40
C ASN A 475 -46.96 9.49 -28.54
N LYS A 476 -47.83 10.50 -28.49
CA LYS A 476 -47.37 11.88 -28.74
C LYS A 476 -46.36 12.33 -27.70
N LYS A 477 -46.71 12.19 -26.41
CA LYS A 477 -45.81 12.62 -25.35
C LYS A 477 -44.53 11.79 -25.34
N ASN A 478 -44.66 10.48 -25.49
CA ASN A 478 -43.48 9.61 -25.51
C ASN A 478 -42.57 9.95 -26.67
N ARG A 479 -43.13 10.14 -27.87
CA ARG A 479 -42.33 10.50 -29.03
C ARG A 479 -41.65 11.84 -28.83
N GLU A 480 -42.38 12.82 -28.29
CA GLU A 480 -41.81 14.14 -28.09
C GLU A 480 -40.64 14.10 -27.11
N LEU A 481 -40.80 13.37 -26.00
CA LEU A 481 -39.73 13.34 -25.01
C LEU A 481 -38.55 12.50 -25.52
N TYR A 482 -38.83 11.46 -26.31
CA TYR A 482 -37.75 10.72 -26.96
C TYR A 482 -36.95 11.60 -27.90
N GLU A 483 -37.64 12.42 -28.69
CA GLU A 483 -36.97 13.35 -29.59
C GLU A 483 -36.10 14.33 -28.80
N LYS A 484 -36.66 14.88 -27.72
CA LYS A 484 -35.91 15.83 -26.90
C LYS A 484 -34.66 15.19 -26.31
N THR A 485 -34.80 13.98 -25.76
CA THR A 485 -33.68 13.30 -25.12
C THR A 485 -32.60 12.97 -26.14
N LEU A 486 -32.98 12.47 -27.31
CA LEU A 486 -31.98 12.14 -28.32
C LEU A 486 -31.31 13.39 -28.87
N SER A 487 -32.05 14.49 -28.99
CA SER A 487 -31.46 15.73 -29.48
C SER A 487 -30.49 16.32 -28.46
N SER A 488 -30.78 16.16 -27.17
CA SER A 488 -29.92 16.73 -26.14
C SER A 488 -28.59 16.03 -26.02
N CYS A 489 -28.24 15.06 -26.87
CA CYS A 489 -26.93 14.44 -26.83
C CYS A 489 -25.87 15.25 -27.54
N LEU A 490 -26.25 16.34 -28.20
CA LEU A 490 -25.31 17.17 -28.94
C LEU A 490 -24.75 18.32 -28.12
N CYS A 491 -25.56 18.91 -27.25
CA CYS A 491 -25.13 20.08 -26.51
C CYS A 491 -24.06 19.70 -25.49
N GLY A 492 -22.99 20.48 -25.44
CA GLY A 492 -21.89 20.23 -24.53
C GLY A 492 -21.98 20.98 -23.22
N ALA A 493 -23.02 20.73 -22.44
CA ALA A 493 -23.22 21.35 -21.14
C ALA A 493 -23.72 20.30 -20.16
N THR A 494 -23.83 20.69 -18.89
CA THR A 494 -24.35 19.78 -17.89
C THR A 494 -25.84 19.56 -18.09
N LYS A 495 -26.30 18.33 -17.86
CA LYS A 495 -27.70 17.97 -17.96
C LYS A 495 -28.24 17.60 -16.59
N GLY A 496 -29.43 18.10 -16.28
CA GLY A 496 -29.99 17.99 -14.95
C GLY A 496 -30.92 16.82 -14.71
N CYS A 497 -31.00 15.85 -15.63
CA CYS A 497 -31.88 14.70 -15.46
C CYS A 497 -31.19 13.45 -15.96
N LEU A 498 -31.69 12.30 -15.49
CA LEU A 498 -31.27 10.99 -15.96
C LEU A 498 -32.50 10.31 -16.56
N THR A 499 -32.42 9.95 -17.84
CA THR A 499 -33.58 9.46 -18.57
C THR A 499 -33.55 7.95 -18.65
N PHE A 500 -34.68 7.32 -18.34
CA PHE A 500 -34.80 5.87 -18.41
C PHE A 500 -35.41 5.46 -19.75
N PHE A 501 -34.60 4.81 -20.59
CA PHE A 501 -35.10 4.25 -21.85
C PHE A 501 -35.74 2.89 -21.57
N PHE A 502 -36.87 2.94 -20.86
CA PHE A 502 -37.58 1.72 -20.50
C PHE A 502 -38.06 1.01 -21.76
N GLY A 503 -37.73 -0.27 -21.85
CA GLY A 503 -38.11 -1.08 -22.98
C GLY A 503 -37.88 -2.54 -22.66
N GLU A 504 -37.91 -3.37 -23.70
CA GLU A 504 -37.70 -4.79 -23.56
C GLU A 504 -36.80 -5.28 -24.69
N THR A 505 -36.42 -6.55 -24.63
CA THR A 505 -35.54 -7.10 -25.64
C THR A 505 -36.20 -7.05 -27.01
N ALA A 506 -35.37 -6.82 -28.04
CA ALA A 506 -35.82 -6.74 -29.42
C ALA A 506 -36.92 -5.69 -29.61
N THR A 507 -36.77 -4.55 -28.93
CA THR A 507 -37.69 -3.44 -29.10
C THR A 507 -37.06 -2.26 -29.82
N GLY A 508 -35.75 -2.27 -30.02
CA GLY A 508 -35.09 -1.24 -30.81
C GLY A 508 -34.27 -0.23 -30.05
N LYS A 509 -34.10 -0.40 -28.73
CA LYS A 509 -33.19 0.48 -28.00
C LYS A 509 -31.76 0.28 -28.44
N SER A 510 -31.38 -0.96 -28.79
CA SER A 510 -30.05 -1.20 -29.35
C SER A 510 -29.88 -0.52 -30.69
N THR A 511 -30.94 -0.47 -31.50
CA THR A 511 -30.86 0.26 -32.76
C THR A 511 -30.57 1.74 -32.52
N THR A 512 -31.25 2.34 -31.54
CA THR A 512 -30.98 3.72 -31.19
C THR A 512 -29.56 3.90 -30.67
N LYS A 513 -29.07 2.95 -29.86
CA LYS A 513 -27.71 3.04 -29.34
C LYS A 513 -26.70 3.03 -30.48
N ARG A 514 -26.83 2.08 -31.40
CA ARG A 514 -25.90 2.02 -32.53
C ARG A 514 -26.00 3.26 -33.41
N LEU A 515 -27.23 3.74 -33.65
CA LEU A 515 -27.42 4.93 -34.46
C LEU A 515 -26.74 6.14 -33.83
N LEU A 516 -26.91 6.33 -32.52
CA LEU A 516 -26.33 7.49 -31.85
C LEU A 516 -24.81 7.38 -31.80
N LYS A 517 -24.28 6.17 -31.56
CA LYS A 517 -22.84 6.00 -31.59
C LYS A 517 -22.28 6.33 -32.96
N SER A 518 -22.93 5.85 -34.02
CA SER A 518 -22.48 6.17 -35.37
C SER A 518 -22.61 7.67 -35.65
N ALA A 519 -23.60 8.32 -35.05
CA ALA A 519 -23.82 9.74 -35.30
C ALA A 519 -22.75 10.61 -34.67
N ILE A 520 -22.42 10.35 -33.41
CA ILE A 520 -21.55 11.27 -32.68
C ILE A 520 -20.18 10.65 -32.37
N GLY A 521 -19.80 9.57 -33.05
CA GLY A 521 -18.40 9.18 -33.07
C GLY A 521 -17.80 8.93 -31.70
N ASP A 522 -16.66 9.58 -31.45
CA ASP A 522 -15.89 9.39 -30.23
C ASP A 522 -16.52 10.07 -29.01
N LEU A 523 -17.56 10.88 -29.20
CA LEU A 523 -18.21 11.55 -28.08
C LEU A 523 -19.24 10.68 -27.37
N PHE A 524 -19.41 9.42 -27.80
CA PHE A 524 -20.35 8.50 -27.20
C PHE A 524 -19.59 7.40 -26.47
N VAL A 525 -19.92 7.20 -25.20
CA VAL A 525 -19.29 6.18 -24.36
C VAL A 525 -20.39 5.37 -23.69
N GLU A 526 -20.19 4.06 -23.63
CA GLU A 526 -21.13 3.14 -23.01
C GLU A 526 -20.51 2.66 -21.70
N THR A 527 -21.27 2.77 -20.62
CA THR A 527 -20.82 2.36 -19.29
C THR A 527 -21.71 1.27 -18.74
N GLY A 528 -21.14 0.46 -17.86
CA GLY A 528 -21.84 -0.68 -17.31
C GLY A 528 -22.64 -0.33 -16.07
N GLN A 529 -22.99 -1.38 -15.32
CA GLN A 529 -23.79 -1.22 -14.11
C GLN A 529 -23.04 -0.52 -12.99
N THR A 530 -21.70 -0.56 -13.00
CA THR A 530 -20.92 0.05 -11.94
C THR A 530 -21.19 1.54 -11.78
N ILE A 531 -21.61 2.22 -12.84
CA ILE A 531 -21.95 3.63 -12.74
C ILE A 531 -23.16 3.84 -11.84
N LEU A 532 -24.13 2.93 -11.89
CA LEU A 532 -25.42 3.12 -11.27
C LEU A 532 -25.46 2.70 -9.80
N THR A 533 -25.12 1.45 -9.48
CA THR A 533 -25.35 0.91 -8.14
C THR A 533 -24.05 0.61 -7.40
N ASP A 534 -22.93 1.20 -7.82
CA ASP A 534 -21.65 1.01 -7.15
C ASP A 534 -21.13 2.34 -6.65
N VAL A 535 -20.20 2.28 -5.69
CA VAL A 535 -19.61 3.49 -5.14
C VAL A 535 -18.75 4.15 -6.21
N LEU A 536 -19.03 5.43 -6.47
CA LEU A 536 -18.29 6.14 -7.51
C LEU A 536 -16.86 6.43 -7.07
N ASP A 537 -16.67 6.86 -5.83
CA ASP A 537 -15.33 7.22 -5.37
C ASP A 537 -14.51 5.97 -5.06
N LYS A 538 -14.95 5.19 -4.07
CA LYS A 538 -14.28 3.98 -3.63
C LYS A 538 -12.75 4.10 -3.67
N GLY A 539 -12.11 3.27 -4.49
CA GLY A 539 -10.71 3.42 -4.78
C GLY A 539 -10.50 3.86 -6.21
N PRO A 540 -9.76 3.07 -6.99
CA PRO A 540 -9.63 3.38 -8.42
C PRO A 540 -10.93 3.07 -9.16
N ASN A 541 -11.31 3.97 -10.06
CA ASN A 541 -12.55 3.82 -10.83
C ASN A 541 -12.40 4.56 -12.15
N PRO A 542 -11.86 3.89 -13.18
CA PRO A 542 -11.77 4.53 -14.50
C PRO A 542 -13.09 4.70 -15.20
N PHE A 543 -14.16 4.06 -14.71
CA PHE A 543 -15.47 4.17 -15.35
C PHE A 543 -16.06 5.57 -15.24
N ILE A 544 -15.55 6.39 -14.32
CA ILE A 544 -16.03 7.75 -14.15
C ILE A 544 -15.16 8.76 -14.90
N ALA A 545 -13.84 8.59 -14.84
CA ALA A 545 -12.95 9.53 -15.49
C ALA A 545 -13.12 9.53 -17.00
N ASN A 546 -13.60 8.43 -17.57
CA ASN A 546 -13.83 8.38 -19.02
C ASN A 546 -14.96 9.32 -19.43
N MET A 547 -15.87 9.63 -18.51
CA MET A 547 -16.99 10.52 -18.81
C MET A 547 -16.54 11.96 -19.08
N HIS A 548 -15.25 12.25 -18.94
CA HIS A 548 -14.74 13.60 -19.13
C HIS A 548 -14.99 14.10 -20.55
N LEU A 549 -15.86 15.10 -20.67
CA LEU A 549 -16.20 15.81 -21.90
C LEU A 549 -16.98 14.98 -22.90
N LYS A 550 -17.24 13.71 -22.62
CA LYS A 550 -18.15 12.94 -23.47
C LYS A 550 -19.55 13.52 -23.36
N ARG A 551 -20.28 13.52 -24.47
CA ARG A 551 -21.59 14.15 -24.55
C ARG A 551 -22.74 13.16 -24.45
N SER A 552 -22.47 11.89 -24.18
CA SER A 552 -23.53 10.91 -24.01
C SER A 552 -22.98 9.69 -23.28
N VAL A 553 -23.73 9.22 -22.28
CA VAL A 553 -23.35 8.06 -21.48
C VAL A 553 -24.52 7.09 -21.49
N PHE A 554 -24.26 5.84 -21.84
CA PHE A 554 -25.28 4.81 -22.01
C PHE A 554 -25.05 3.67 -21.03
N CYS A 555 -26.09 3.29 -20.32
CA CYS A 555 -26.07 2.14 -19.42
C CYS A 555 -27.03 1.08 -19.94
N SER A 556 -26.54 -0.14 -20.11
CA SER A 556 -27.32 -1.21 -20.71
C SER A 556 -27.14 -2.50 -19.92
N GLU A 557 -27.86 -3.54 -20.35
CA GLU A 557 -27.84 -4.89 -19.78
C GLU A 557 -27.89 -4.85 -18.25
N LEU A 558 -29.00 -4.32 -17.76
CA LEU A 558 -29.13 -4.04 -16.34
C LEU A 558 -29.47 -5.32 -15.56
N PRO A 559 -28.70 -5.66 -14.54
CA PRO A 559 -29.00 -6.83 -13.71
C PRO A 559 -30.16 -6.61 -12.74
N ASP A 560 -31.37 -6.95 -13.19
CA ASP A 560 -32.64 -6.57 -12.56
C ASP A 560 -32.60 -6.47 -11.04
N PHE A 561 -33.07 -5.33 -10.52
CA PHE A 561 -33.23 -5.16 -9.08
C PHE A 561 -34.53 -5.73 -8.56
N ALA A 562 -35.49 -6.02 -9.44
CA ALA A 562 -36.72 -6.70 -9.01
C ALA A 562 -36.41 -8.09 -8.47
N CYS A 563 -35.53 -8.83 -9.13
CA CYS A 563 -35.03 -10.09 -8.60
C CYS A 563 -34.03 -9.79 -7.49
N SER A 564 -34.22 -10.43 -6.34
CA SER A 564 -33.35 -10.17 -5.19
C SER A 564 -31.93 -10.69 -5.45
N GLY A 565 -30.97 -10.07 -4.76
CA GLY A 565 -29.58 -10.42 -4.89
C GLY A 565 -28.70 -9.35 -5.51
N SER A 566 -29.30 -8.26 -6.01
CA SER A 566 -28.56 -7.18 -6.62
C SER A 566 -28.72 -5.91 -5.79
N LYS A 567 -27.65 -5.12 -5.70
CA LYS A 567 -27.70 -3.89 -4.94
C LYS A 567 -28.66 -2.89 -5.60
N LYS A 568 -29.37 -2.14 -4.76
CA LYS A 568 -30.33 -1.17 -5.25
C LYS A 568 -29.62 0.02 -5.89
N ILE A 569 -30.38 0.83 -6.62
CA ILE A 569 -29.83 2.02 -7.24
C ILE A 569 -29.51 3.03 -6.14
N ARG A 570 -28.27 3.54 -6.15
CA ARG A 570 -27.81 4.44 -5.10
C ARG A 570 -28.25 5.86 -5.44
N SER A 571 -29.12 6.42 -4.60
CA SER A 571 -29.62 7.77 -4.83
C SER A 571 -28.50 8.81 -4.79
N ASP A 572 -27.53 8.63 -3.89
CA ASP A 572 -26.40 9.54 -3.84
C ASP A 572 -25.59 9.49 -5.13
N ASN A 573 -25.53 8.33 -5.77
CA ASN A 573 -24.83 8.23 -7.06
C ASN A 573 -25.52 9.07 -8.12
N ILE A 574 -26.85 8.98 -8.20
CA ILE A 574 -27.60 9.78 -9.15
C ILE A 574 -27.43 11.27 -8.84
N LYS A 575 -27.42 11.62 -7.54
CA LYS A 575 -27.23 13.01 -7.15
C LYS A 575 -25.87 13.53 -7.57
N LYS A 576 -24.82 12.72 -7.38
CA LYS A 576 -23.47 13.13 -7.79
C LYS A 576 -23.37 13.24 -9.30
N LEU A 577 -23.98 12.32 -10.04
CA LEU A 577 -23.93 12.35 -11.49
C LEU A 577 -24.77 13.45 -12.09
N THR A 578 -25.60 14.13 -11.30
CA THR A 578 -26.37 15.26 -11.78
C THR A 578 -25.76 16.60 -11.40
N GLU A 579 -24.96 16.64 -10.35
CA GLU A 579 -24.27 17.86 -9.97
C GLU A 579 -23.29 18.26 -11.07
N PRO A 580 -23.12 19.56 -11.33
CA PRO A 580 -22.25 19.98 -12.45
C PRO A 580 -20.80 19.51 -12.32
N CYS A 581 -20.35 19.16 -11.12
CA CYS A 581 -19.02 18.61 -10.91
C CYS A 581 -19.15 17.16 -10.46
N VAL A 582 -18.38 16.27 -11.09
CA VAL A 582 -18.44 14.84 -10.81
C VAL A 582 -17.22 14.46 -9.98
N ILE A 583 -17.46 13.82 -8.85
CA ILE A 583 -16.38 13.32 -8.00
C ILE A 583 -15.96 11.95 -8.54
N GLY A 584 -14.68 11.82 -8.90
CA GLY A 584 -14.17 10.59 -9.45
C GLY A 584 -12.76 10.76 -9.97
N ARG A 585 -11.90 9.76 -9.77
CA ARG A 585 -10.50 9.89 -10.10
C ARG A 585 -10.07 8.82 -11.08
N PRO A 586 -9.13 9.15 -11.98
CA PRO A 586 -8.59 8.15 -12.91
C PRO A 586 -7.46 7.35 -12.29
N CYS A 587 -6.83 6.49 -13.09
CA CYS A 587 -5.65 5.75 -12.67
C CYS A 587 -4.39 6.50 -13.11
N PHE A 588 -3.38 6.49 -12.23
CA PHE A 588 -2.11 7.18 -12.49
C PHE A 588 -2.31 8.66 -12.79
N SER A 589 -3.24 9.29 -12.06
CA SER A 589 -3.56 10.69 -12.24
C SER A 589 -3.62 11.39 -10.89
N ASN A 590 -3.05 12.59 -10.83
CA ASN A 590 -3.05 13.38 -9.61
C ASN A 590 -4.27 14.27 -9.47
N LYS A 591 -5.15 14.31 -10.48
CA LYS A 591 -6.28 15.22 -10.50
C LYS A 591 -7.58 14.46 -10.18
N ILE A 592 -8.57 15.21 -9.73
CA ILE A 592 -9.83 14.62 -9.26
C ILE A 592 -10.99 15.16 -10.07
N ASN A 593 -10.84 16.36 -10.62
CA ASN A 593 -11.94 17.03 -11.31
C ASN A 593 -11.85 16.79 -12.82
N ASN A 594 -12.96 16.35 -13.41
CA ASN A 594 -13.10 16.22 -14.85
C ASN A 594 -14.45 16.79 -15.27
N ARG A 595 -14.46 17.47 -16.40
CA ARG A 595 -15.67 18.16 -16.84
C ARG A 595 -16.77 17.16 -17.18
N ASN A 596 -18.02 17.59 -17.04
CA ASN A 596 -19.18 16.74 -17.23
C ASN A 596 -20.14 17.43 -18.19
N HIS A 597 -20.21 16.91 -19.42
CA HIS A 597 -21.17 17.38 -20.42
C HIS A 597 -22.11 16.27 -20.86
N ALA A 598 -22.13 15.15 -20.16
CA ALA A 598 -22.72 13.93 -20.69
C ALA A 598 -24.22 13.86 -20.42
N THR A 599 -24.96 13.45 -21.45
CA THR A 599 -26.34 13.02 -21.29
C THR A 599 -26.35 11.55 -20.91
N ILE A 600 -27.00 11.23 -19.79
CA ILE A 600 -26.98 9.88 -19.25
C ILE A 600 -28.35 9.26 -19.47
N ILE A 601 -28.38 8.21 -20.30
CA ILE A 601 -29.60 7.47 -20.59
C ILE A 601 -29.41 6.05 -20.10
N ILE A 602 -30.38 5.54 -19.35
CA ILE A 602 -30.32 4.21 -18.75
C ILE A 602 -31.29 3.30 -19.48
N ASP A 603 -30.77 2.19 -20.00
CA ASP A 603 -31.60 1.16 -20.59
C ASP A 603 -31.99 0.17 -19.50
N THR A 604 -33.22 -0.31 -19.57
CA THR A 604 -33.71 -1.29 -18.60
C THR A 604 -34.87 -2.06 -19.20
N ASN A 605 -34.90 -3.36 -18.90
CA ASN A 605 -36.05 -4.20 -19.21
C ASN A 605 -36.97 -4.38 -18.00
N TYR A 606 -36.66 -3.71 -16.89
CA TYR A 606 -37.17 -4.05 -15.58
C TYR A 606 -37.46 -2.78 -14.79
N LYS A 607 -38.49 -2.86 -13.94
CA LYS A 607 -38.86 -1.71 -13.14
C LYS A 607 -37.75 -1.36 -12.15
N PRO A 608 -37.31 -0.11 -12.11
CA PRO A 608 -36.20 0.27 -11.23
C PRO A 608 -36.63 0.32 -9.78
N VAL A 609 -35.63 0.42 -8.90
CA VAL A 609 -35.85 0.53 -7.47
C VAL A 609 -34.75 1.41 -6.90
N PHE A 610 -35.00 1.95 -5.70
CA PHE A 610 -34.06 2.84 -5.04
C PHE A 610 -33.97 2.52 -3.56
N ASP A 611 -32.75 2.50 -3.03
CA ASP A 611 -32.56 2.20 -1.63
C ASP A 611 -33.11 3.30 -0.73
N ARG A 612 -32.87 4.57 -1.09
CA ARG A 612 -33.49 5.70 -0.44
C ARG A 612 -34.10 6.62 -1.49
N ILE A 613 -35.22 7.23 -1.13
CA ILE A 613 -35.95 8.13 -2.02
C ILE A 613 -36.22 9.42 -1.28
N ASP A 614 -35.80 10.54 -1.85
CA ASP A 614 -35.92 11.84 -1.22
C ASP A 614 -36.44 12.84 -2.24
N ASN A 615 -36.89 14.00 -1.75
CA ASN A 615 -37.48 15.01 -2.63
C ASN A 615 -36.54 15.41 -3.75
N ALA A 616 -35.23 15.42 -3.47
CA ALA A 616 -34.27 15.77 -4.51
C ALA A 616 -34.14 14.67 -5.56
N LEU A 617 -34.56 13.45 -5.23
CA LEU A 617 -34.29 12.32 -6.12
C LEU A 617 -35.26 12.30 -7.30
N MET A 618 -36.57 12.19 -7.04
CA MET A 618 -37.51 12.13 -8.15
C MET A 618 -37.68 13.47 -8.86
N ARG A 619 -36.91 14.48 -8.47
CA ARG A 619 -36.79 15.69 -9.26
C ARG A 619 -35.79 15.56 -10.40
N ARG A 620 -35.08 14.42 -10.47
CA ARG A 620 -34.04 14.19 -11.48
C ARG A 620 -34.25 12.86 -12.17
N ILE A 621 -35.48 12.54 -12.54
CA ILE A 621 -35.80 11.26 -13.15
C ILE A 621 -36.88 11.46 -14.21
N ALA A 622 -36.63 10.96 -15.41
CA ALA A 622 -37.61 10.94 -16.48
C ALA A 622 -37.52 9.60 -17.19
N VAL A 623 -38.60 9.20 -17.85
CA VAL A 623 -38.69 7.87 -18.44
C VAL A 623 -39.18 7.97 -19.87
N VAL A 624 -38.77 6.99 -20.68
CA VAL A 624 -39.29 6.77 -22.03
C VAL A 624 -39.65 5.30 -22.15
N ARG A 625 -40.84 5.02 -22.67
CA ARG A 625 -41.29 3.64 -22.82
C ARG A 625 -41.29 3.26 -24.29
N PHE A 626 -40.72 2.08 -24.58
CA PHE A 626 -40.73 1.51 -25.92
C PHE A 626 -41.73 0.38 -25.95
N ARG A 627 -42.75 0.50 -26.79
CA ARG A 627 -43.84 -0.47 -26.87
C ARG A 627 -44.00 -0.97 -28.30
N THR A 628 -42.89 -1.33 -28.93
CA THR A 628 -42.90 -1.89 -30.28
C THR A 628 -41.89 -3.02 -30.34
N HIS A 629 -42.31 -4.17 -30.88
CA HIS A 629 -41.45 -5.34 -30.96
C HIS A 629 -41.01 -5.61 -32.38
N PHE A 630 -39.85 -6.24 -32.51
CA PHE A 630 -39.36 -6.85 -33.75
C PHE A 630 -38.95 -8.27 -33.40
N SER A 631 -39.90 -9.20 -33.46
CA SER A 631 -39.66 -10.57 -33.05
C SER A 631 -39.84 -11.51 -34.24
N GLN A 632 -39.11 -12.63 -34.18
CA GLN A 632 -39.20 -13.62 -35.24
C GLN A 632 -40.58 -14.27 -35.24
N PRO A 633 -41.07 -14.72 -36.40
CA PRO A 633 -42.45 -15.23 -36.46
C PRO A 633 -42.70 -16.47 -35.62
N SER A 634 -41.66 -17.20 -35.21
CA SER A 634 -41.86 -18.41 -34.43
C SER A 634 -42.53 -18.11 -33.10
N GLY A 635 -42.02 -17.11 -32.38
CA GLY A 635 -42.59 -16.73 -31.10
C GLY A 635 -43.40 -15.46 -31.15
N ARG A 636 -44.21 -15.30 -32.20
CA ARG A 636 -45.00 -14.08 -32.35
C ARG A 636 -46.07 -13.97 -31.27
N GLU A 637 -46.83 -15.04 -31.06
CA GLU A 637 -47.84 -15.02 -30.00
C GLU A 637 -47.19 -14.85 -28.64
N ALA A 638 -45.95 -15.32 -28.48
CA ALA A 638 -45.19 -15.12 -27.26
C ALA A 638 -44.95 -13.66 -26.96
N ALA A 639 -44.95 -12.80 -27.99
CA ALA A 639 -44.87 -11.36 -27.81
C ALA A 639 -46.21 -10.68 -28.08
N GLU A 640 -47.26 -11.44 -28.33
CA GLU A 640 -48.56 -10.86 -28.69
C GLU A 640 -49.68 -11.11 -27.69
N ASN A 641 -49.55 -12.07 -26.78
CA ASN A 641 -50.69 -12.54 -25.98
C ASN A 641 -50.62 -12.09 -24.52
N ASN A 642 -50.17 -10.86 -24.25
CA ASN A 642 -50.25 -10.29 -22.90
C ASN A 642 -50.23 -8.77 -23.01
N ASP A 643 -50.32 -8.09 -21.86
CA ASP A 643 -50.44 -6.64 -21.81
C ASP A 643 -49.10 -5.94 -21.65
N ALA A 644 -48.06 -6.65 -21.24
CA ALA A 644 -46.80 -5.98 -20.88
C ALA A 644 -46.21 -5.23 -22.07
N TYR A 645 -46.18 -5.86 -23.23
CA TYR A 645 -45.63 -5.23 -24.43
C TYR A 645 -46.71 -5.23 -25.51
N ASP A 646 -46.90 -4.06 -26.14
CA ASP A 646 -48.14 -3.77 -26.85
C ASP A 646 -48.09 -3.98 -28.36
N LYS A 647 -46.99 -3.66 -29.02
CA LYS A 647 -46.95 -3.69 -30.48
C LYS A 647 -45.82 -4.59 -30.94
N VAL A 648 -46.10 -5.36 -32.00
CA VAL A 648 -45.15 -6.35 -32.53
C VAL A 648 -45.01 -6.11 -34.03
N LYS A 649 -43.78 -5.91 -34.49
CA LYS A 649 -43.45 -5.80 -35.90
C LYS A 649 -42.47 -6.92 -36.27
N LEU A 650 -41.94 -6.84 -37.49
CA LEU A 650 -41.06 -7.87 -38.03
C LEU A 650 -39.60 -7.44 -37.89
N LEU A 651 -38.76 -8.39 -37.48
CA LEU A 651 -37.34 -8.12 -37.30
C LEU A 651 -36.64 -7.92 -38.65
N ASP A 652 -35.63 -7.06 -38.64
CA ASP A 652 -34.79 -6.81 -39.81
C ASP A 652 -33.37 -7.26 -39.48
N GLU A 653 -32.75 -8.00 -40.40
CA GLU A 653 -31.47 -8.62 -40.13
C GLU A 653 -30.29 -7.80 -40.62
N GLY A 654 -30.37 -7.24 -41.82
CA GLY A 654 -29.27 -6.47 -42.39
C GLY A 654 -29.12 -5.07 -41.83
N LEU A 655 -30.02 -4.66 -40.94
CA LEU A 655 -29.95 -3.32 -40.36
C LEU A 655 -28.68 -3.15 -39.55
N ASP A 656 -28.29 -4.16 -38.77
CA ASP A 656 -27.08 -4.06 -37.97
C ASP A 656 -25.84 -3.91 -38.85
N GLY A 657 -25.77 -4.67 -39.94
CA GLY A 657 -24.65 -4.54 -40.85
C GLY A 657 -24.60 -3.19 -41.52
N LYS A 658 -25.76 -2.70 -41.97
CA LYS A 658 -25.80 -1.38 -42.59
C LYS A 658 -25.40 -0.28 -41.60
N ILE A 659 -25.83 -0.42 -40.34
CA ILE A 659 -25.45 0.53 -39.31
C ILE A 659 -23.94 0.50 -39.08
N GLN A 660 -23.38 -0.70 -38.93
CA GLN A 660 -21.94 -0.81 -38.70
C GLN A 660 -21.15 -0.26 -39.88
N ASN A 661 -21.71 -0.33 -41.08
CA ASN A 661 -21.08 0.30 -42.25
C ASN A 661 -21.28 1.81 -42.27
N ASN A 662 -21.90 2.39 -41.21
CA ASN A 662 -22.04 3.83 -41.07
C ASN A 662 -22.77 4.45 -42.26
N ARG A 663 -23.81 3.75 -42.74
CA ARG A 663 -24.54 4.22 -43.92
C ARG A 663 -25.43 5.42 -43.59
N TYR A 664 -26.11 5.38 -42.45
CA TYR A 664 -27.07 6.41 -42.07
C TYR A 664 -26.51 7.37 -41.03
N ARG A 665 -25.18 7.44 -40.89
CA ARG A 665 -24.56 8.29 -39.88
C ARG A 665 -24.93 9.75 -40.09
N PHE A 666 -24.75 10.26 -41.31
CA PHE A 666 -25.03 11.66 -41.58
C PHE A 666 -26.52 11.95 -41.62
N ALA A 667 -27.34 10.99 -42.02
CA ALA A 667 -28.79 11.17 -41.95
C ALA A 667 -29.25 11.31 -40.52
N PHE A 668 -28.73 10.47 -39.62
CA PHE A 668 -29.07 10.61 -38.21
C PHE A 668 -28.53 11.92 -37.64
N LEU A 669 -27.34 12.34 -38.09
CA LEU A 669 -26.82 13.64 -37.66
C LEU A 669 -27.75 14.77 -38.07
N TYR A 670 -28.23 14.74 -39.31
CA TYR A 670 -29.17 15.75 -39.77
C TYR A 670 -30.45 15.72 -38.95
N LEU A 671 -30.97 14.53 -38.66
CA LEU A 671 -32.19 14.43 -37.86
C LEU A 671 -31.97 15.00 -36.46
N LEU A 672 -30.81 14.71 -35.86
CA LEU A 672 -30.51 15.23 -34.53
C LEU A 672 -30.41 16.75 -34.53
N VAL A 673 -29.76 17.31 -35.55
CA VAL A 673 -29.66 18.78 -35.62
C VAL A 673 -31.03 19.40 -35.84
N LYS A 674 -31.88 18.74 -36.65
CA LYS A 674 -33.23 19.26 -36.85
C LYS A 674 -34.02 19.25 -35.54
N TRP A 675 -33.91 18.16 -34.77
CA TRP A 675 -34.59 18.11 -33.48
C TRP A 675 -34.05 19.17 -32.52
N TYR A 676 -32.74 19.37 -32.51
CA TYR A 676 -32.16 20.41 -31.66
C TYR A 676 -32.70 21.79 -32.04
N LYS A 677 -32.75 22.07 -33.35
CA LYS A 677 -33.31 23.34 -33.81
C LYS A 677 -34.77 23.48 -33.42
N LYS A 678 -35.51 22.38 -33.44
CA LYS A 678 -36.90 22.42 -33.00
C LYS A 678 -37.00 22.69 -31.50
N TYR A 679 -36.02 22.23 -30.72
CA TYR A 679 -36.03 22.41 -29.27
C TYR A 679 -34.91 23.31 -28.78
N HIS A 680 -34.42 24.24 -29.61
CA HIS A 680 -33.35 25.14 -29.21
C HIS A 680 -33.87 26.42 -28.56
N ILE A 681 -35.05 26.38 -27.96
CA ILE A 681 -35.64 27.52 -27.24
C ILE A 681 -34.58 28.13 -26.35
N PRO A 682 -34.59 29.47 -26.11
CA PRO A 682 -33.41 30.19 -25.62
C PRO A 682 -32.58 29.48 -24.57
N ILE A 683 -33.21 28.67 -23.73
CA ILE A 683 -32.51 27.86 -22.73
C ILE A 683 -32.84 26.40 -22.98
N MET A 684 -31.81 25.58 -23.14
CA MET A 684 -31.99 24.14 -23.25
C MET A 684 -32.01 23.52 -21.85
N LYS A 685 -33.03 22.72 -21.58
CA LYS A 685 -33.16 22.11 -20.26
C LYS A 685 -34.08 20.90 -20.36
N LEU A 686 -33.65 19.78 -19.80
CA LEU A 686 -34.47 18.58 -19.72
C LEU A 686 -35.39 18.66 -18.51
N TYR A 687 -36.55 18.02 -18.61
CA TYR A 687 -37.53 18.10 -17.53
C TYR A 687 -37.91 16.71 -17.05
N PRO A 688 -38.07 16.53 -15.74
CA PRO A 688 -38.40 15.20 -15.20
C PRO A 688 -39.90 14.95 -15.17
N THR A 689 -40.24 13.67 -15.38
CA THR A 689 -41.64 13.20 -15.34
C THR A 689 -41.71 11.98 -14.43
N PRO A 690 -41.70 12.19 -13.11
CA PRO A 690 -41.69 11.05 -12.18
C PRO A 690 -43.02 10.32 -12.07
N GLU A 691 -44.06 10.77 -12.76
CA GLU A 691 -45.37 10.16 -12.61
C GLU A 691 -45.47 8.78 -13.23
N GLU A 692 -44.49 8.38 -14.05
CA GLU A 692 -44.56 7.13 -14.79
C GLU A 692 -43.71 6.03 -14.16
N ILE A 693 -43.36 6.15 -12.89
CA ILE A 693 -42.59 5.13 -12.18
C ILE A 693 -43.42 4.68 -10.97
N PRO A 694 -43.93 3.45 -10.95
CA PRO A 694 -44.70 3.00 -9.78
C PRO A 694 -43.93 3.03 -8.47
N ASP A 695 -42.60 3.00 -8.51
CA ASP A 695 -41.83 3.15 -7.28
C ASP A 695 -42.12 4.48 -6.61
N PHE A 696 -42.11 5.57 -7.38
CA PHE A 696 -42.46 6.87 -6.83
C PHE A 696 -43.95 7.04 -6.63
N ALA A 697 -44.76 6.14 -7.19
CA ALA A 697 -46.22 6.27 -7.11
C ALA A 697 -46.73 6.18 -5.68
N PHE A 698 -45.92 5.69 -4.74
CA PHE A 698 -46.23 5.79 -3.32
C PHE A 698 -45.75 7.08 -2.69
N TYR A 699 -44.64 7.64 -3.16
CA TYR A 699 -44.08 8.86 -2.60
C TYR A 699 -44.55 10.12 -3.32
N LEU A 700 -44.98 10.02 -4.58
CA LEU A 700 -45.57 11.18 -5.23
C LEU A 700 -47.03 11.37 -4.85
N LYS A 701 -47.66 10.34 -4.25
CA LYS A 701 -49.02 10.48 -3.75
C LYS A 701 -49.06 10.88 -2.29
N ILE A 702 -48.03 10.54 -1.51
CA ILE A 702 -48.02 10.95 -0.11
C ILE A 702 -47.80 12.45 0.01
N GLY A 703 -47.24 13.08 -1.02
CA GLY A 703 -47.26 14.53 -1.08
C GLY A 703 -48.65 15.09 -1.17
N THR A 704 -49.59 14.31 -1.70
CA THR A 704 -51.01 14.63 -1.65
C THR A 704 -51.68 14.07 -0.40
N LEU A 705 -50.92 13.42 0.48
CA LEU A 705 -51.42 12.86 1.73
C LEU A 705 -50.85 13.55 2.95
N LEU A 706 -49.52 13.60 3.07
CA LEU A 706 -48.87 14.19 4.23
C LEU A 706 -48.10 15.45 3.83
N VAL A 707 -48.29 16.50 4.62
CA VAL A 707 -47.56 17.76 4.46
C VAL A 707 -47.06 18.20 5.83
N SER A 708 -46.02 19.02 5.83
CA SER A 708 -45.35 19.39 7.07
C SER A 708 -46.07 20.53 7.77
N SER A 709 -45.42 21.06 8.82
CA SER A 709 -45.99 22.11 9.62
C SER A 709 -45.97 23.44 8.87
N SER A 710 -47.02 24.23 9.06
CA SER A 710 -47.12 25.54 8.40
C SER A 710 -47.74 26.59 9.32
N VAL A 711 -48.27 27.67 8.73
CA VAL A 711 -48.49 28.93 9.45
C VAL A 711 -49.24 28.72 10.77
N LYS A 712 -50.48 28.24 10.69
CA LYS A 712 -51.35 28.30 11.88
C LYS A 712 -52.33 27.13 11.91
N HIS A 713 -51.96 26.05 12.61
CA HIS A 713 -52.93 25.08 13.08
C HIS A 713 -53.35 25.34 14.53
N ILE A 714 -52.72 26.30 15.21
CA ILE A 714 -53.00 26.51 16.63
C ILE A 714 -54.44 26.93 16.88
N PRO A 715 -55.00 27.93 16.20
CA PRO A 715 -56.40 28.29 16.49
C PRO A 715 -57.39 27.43 15.72
N LEU A 716 -57.12 26.12 15.65
CA LEU A 716 -58.14 25.18 15.18
C LEU A 716 -58.04 23.83 15.90
N MET A 717 -57.41 23.79 17.08
CA MET A 717 -57.20 22.52 17.79
C MET A 717 -58.49 21.91 18.30
N THR A 718 -59.60 22.65 18.26
CA THR A 718 -60.88 22.11 18.71
C THR A 718 -61.32 20.93 17.84
N ASP A 719 -61.12 21.03 16.53
CA ASP A 719 -61.60 20.00 15.62
C ASP A 719 -60.65 18.81 15.50
N LEU A 720 -59.34 19.04 15.55
CA LEU A 720 -58.39 17.94 15.40
C LEU A 720 -58.33 17.06 16.64
N SER A 721 -58.78 17.55 17.79
CA SER A 721 -58.78 16.73 19.00
C SER A 721 -59.70 15.53 18.85
N LYS A 722 -60.88 15.73 18.25
CA LYS A 722 -61.79 14.62 18.02
C LYS A 722 -61.27 13.63 16.98
N LYS A 723 -60.30 14.05 16.15
CA LYS A 723 -59.71 13.16 15.16
C LYS A 723 -58.74 12.16 15.78
N GLY A 724 -58.43 12.30 17.08
CA GLY A 724 -57.43 11.48 17.73
C GLY A 724 -56.12 12.19 17.97
N TYR A 725 -55.92 13.36 17.37
CA TYR A 725 -54.70 14.12 17.58
C TYR A 725 -54.65 14.66 19.01
N ILE A 726 -53.45 14.71 19.57
CA ILE A 726 -53.23 15.26 20.90
C ILE A 726 -52.27 16.44 20.78
N LEU A 727 -52.45 17.42 21.67
CA LEU A 727 -51.64 18.63 21.68
C LEU A 727 -50.56 18.49 22.74
N TYR A 728 -49.31 18.55 22.31
CA TYR A 728 -48.16 18.43 23.20
C TYR A 728 -47.25 19.62 22.97
N ASP A 729 -47.00 20.39 24.03
CA ASP A 729 -46.24 21.65 23.97
C ASP A 729 -46.58 22.46 22.73
N ASN A 730 -47.88 22.70 22.54
CA ASN A 730 -48.40 23.47 21.42
C ASN A 730 -48.03 22.87 20.06
N VAL A 731 -47.83 21.55 20.04
CA VAL A 731 -47.53 20.83 18.81
C VAL A 731 -48.55 19.70 18.67
N VAL A 732 -49.18 19.60 17.50
CA VAL A 732 -50.21 18.59 17.27
C VAL A 732 -49.52 17.29 16.89
N THR A 733 -49.74 16.25 17.70
CA THR A 733 -49.17 14.92 17.49
C THR A 733 -50.29 13.90 17.36
N LEU A 734 -49.92 12.68 16.95
CA LEU A 734 -50.89 11.63 16.65
C LEU A 734 -50.40 10.28 17.17
N PRO A 735 -51.25 9.52 17.86
CA PRO A 735 -50.89 8.13 18.18
C PRO A 735 -50.70 7.31 16.93
N LEU A 736 -49.81 6.32 17.02
CA LEU A 736 -49.48 5.50 15.85
C LEU A 736 -50.70 4.72 15.35
N THR A 737 -51.48 4.15 16.28
CA THR A 737 -52.67 3.42 15.87
C THR A 737 -53.68 4.32 15.18
N THR A 738 -53.90 5.52 15.73
CA THR A 738 -54.81 6.48 15.10
C THR A 738 -54.25 6.93 13.76
N PHE A 739 -52.93 7.09 13.66
CA PHE A 739 -52.32 7.47 12.39
C PHE A 739 -52.58 6.40 11.32
N GLN A 740 -52.38 5.13 11.67
CA GLN A 740 -52.64 4.05 10.73
C GLN A 740 -54.12 3.99 10.36
N GLN A 741 -55.00 4.20 11.33
CA GLN A 741 -56.43 4.18 11.06
C GLN A 741 -56.82 5.29 10.09
N LYS A 742 -56.24 6.48 10.26
CA LYS A 742 -56.54 7.59 9.36
C LYS A 742 -55.93 7.38 7.98
N ILE A 743 -54.77 6.72 7.90
CA ILE A 743 -54.09 6.58 6.62
C ILE A 743 -54.59 5.39 5.81
N SER A 744 -55.22 4.40 6.45
CA SER A 744 -55.61 3.18 5.74
C SER A 744 -56.82 3.37 4.82
N LYS A 745 -57.51 4.51 4.90
CA LYS A 745 -58.76 4.66 4.16
C LYS A 745 -58.55 4.83 2.66
N TYR A 746 -57.60 5.68 2.25
CA TYR A 746 -57.43 5.99 0.83
C TYR A 746 -56.76 4.88 0.03
N PHE A 747 -55.90 4.07 0.63
CA PHE A 747 -55.17 3.06 -0.12
C PHE A 747 -55.21 1.72 0.61
N ASN A 748 -55.08 0.65 -0.16
CA ASN A 748 -55.15 -0.69 0.39
C ASN A 748 -53.97 -0.97 1.31
N SER A 749 -54.22 -1.74 2.36
CA SER A 749 -53.18 -2.09 3.32
C SER A 749 -52.30 -3.25 2.85
N ARG A 750 -52.65 -3.90 1.73
CA ARG A 750 -51.87 -5.03 1.23
C ARG A 750 -51.09 -4.69 -0.03
N LEU A 751 -51.73 -4.06 -1.02
CA LEU A 751 -51.04 -3.72 -2.26
C LEU A 751 -49.91 -2.73 -2.00
N PHE A 752 -50.15 -1.73 -1.17
CA PHE A 752 -49.13 -0.74 -0.82
C PHE A 752 -48.60 -0.96 0.59
N GLY A 753 -48.86 -2.12 1.19
CA GLY A 753 -48.54 -2.31 2.60
C GLY A 753 -47.05 -2.25 2.89
N HIS A 754 -46.22 -2.78 1.99
CA HIS A 754 -44.77 -2.72 2.20
C HIS A 754 -44.28 -1.28 2.24
N ASP A 755 -44.66 -0.47 1.25
CA ASP A 755 -44.30 0.94 1.28
C ASP A 755 -44.89 1.62 2.50
N ILE A 756 -46.07 1.15 2.95
CA ILE A 756 -46.72 1.76 4.11
C ILE A 756 -45.87 1.58 5.36
N GLU A 757 -45.45 0.34 5.65
CA GLU A 757 -44.72 0.17 6.90
C GLU A 757 -43.27 0.65 6.74
N SER A 758 -42.78 0.71 5.48
CA SER A 758 -41.50 1.37 5.25
C SER A 758 -41.57 2.84 5.64
N PHE A 759 -42.63 3.53 5.23
CA PHE A 759 -42.81 4.92 5.63
C PHE A 759 -43.02 5.02 7.15
N ILE A 760 -43.74 4.06 7.71
CA ILE A 760 -43.98 4.06 9.16
C ILE A 760 -42.66 4.02 9.93
N ASN A 761 -41.77 3.12 9.54
CA ASN A 761 -40.48 3.03 10.23
C ASN A 761 -39.49 4.09 9.78
N ARG A 762 -39.74 4.76 8.65
CA ARG A 762 -38.84 5.81 8.19
C ARG A 762 -39.12 7.14 8.87
N HIS A 763 -40.40 7.48 9.06
CA HIS A 763 -40.75 8.81 9.57
C HIS A 763 -41.51 8.71 10.88
N LYS A 764 -41.03 7.89 11.81
CA LYS A 764 -41.59 7.82 13.14
C LYS A 764 -40.73 8.63 14.10
N LYS A 765 -41.38 9.50 14.87
CA LYS A 765 -40.71 10.36 15.85
C LYS A 765 -41.04 9.87 17.25
N PHE A 766 -40.03 9.87 18.11
CA PHE A 766 -40.14 9.31 19.45
C PHE A 766 -40.39 10.43 20.46
N ALA A 767 -41.66 10.62 20.83
CA ALA A 767 -41.94 11.35 22.06
C ALA A 767 -41.37 10.60 23.26
N ASN A 768 -41.37 9.28 23.19
CA ASN A 768 -40.61 8.42 24.09
C ASN A 768 -40.31 7.13 23.33
N VAL A 769 -39.70 6.16 24.03
CA VAL A 769 -39.40 4.89 23.39
C VAL A 769 -40.68 4.11 23.14
N SER A 770 -41.61 4.11 24.09
CA SER A 770 -42.81 3.29 23.98
C SER A 770 -43.88 3.96 23.12
N ASP A 771 -44.35 5.13 23.54
CA ASP A 771 -45.43 5.84 22.84
C ASP A 771 -44.81 6.76 21.80
N GLU A 772 -45.12 6.51 20.54
CA GLU A 772 -44.59 7.29 19.42
C GLU A 772 -45.64 8.27 18.92
N TYR A 773 -45.19 9.46 18.54
CA TYR A 773 -46.06 10.52 18.04
C TYR A 773 -45.51 11.03 16.72
N LEU A 774 -46.37 11.72 15.96
CA LEU A 774 -45.99 12.22 14.66
C LEU A 774 -46.38 13.70 14.55
N GLN A 775 -45.44 14.50 14.07
CA GLN A 775 -45.68 15.94 13.85
C GLN A 775 -46.17 16.21 12.43
N TYR A 776 -47.20 15.49 12.02
CA TYR A 776 -47.77 15.65 10.69
C TYR A 776 -49.29 15.57 10.78
N ILE A 777 -49.96 16.30 9.89
CA ILE A 777 -51.41 16.27 9.77
C ILE A 777 -51.76 16.02 8.32
N PHE A 778 -52.67 15.09 8.07
CA PHE A 778 -53.02 14.71 6.71
C PHE A 778 -53.70 15.86 5.98
N ILE A 779 -53.57 15.84 4.64
CA ILE A 779 -54.39 16.71 3.82
C ILE A 779 -55.86 16.37 3.98
N GLU A 780 -56.17 15.08 4.18
CA GLU A 780 -57.55 14.68 4.46
C GLU A 780 -58.10 15.43 5.67
N ASP A 781 -57.35 15.41 6.78
CA ASP A 781 -57.78 16.12 7.98
C ASP A 781 -57.81 17.62 7.77
N ILE A 782 -56.91 18.15 6.93
CA ILE A 782 -56.98 19.56 6.57
C ILE A 782 -58.18 19.83 5.68
N SER A 783 -58.40 18.98 4.68
CA SER A 783 -59.54 19.19 3.78
C SER A 783 -60.86 18.95 4.48
N SER A 784 -60.96 17.88 5.26
CA SER A 784 -62.19 17.59 5.98
C SER A 784 -62.25 18.42 7.25
N PRO A 785 -63.27 19.27 7.43
CA PRO A 785 -63.39 20.14 8.61
C PRO A 785 -63.54 19.35 9.90
N GLY B 323 39.24 10.67 -41.84
CA GLY B 323 37.81 10.94 -41.79
C GLY B 323 37.18 10.54 -40.46
N ASN B 324 37.13 11.49 -39.52
CA ASN B 324 36.54 11.28 -38.21
C ASN B 324 37.24 10.12 -37.49
N LYS B 325 38.52 10.37 -37.17
CA LYS B 325 39.38 9.42 -36.46
C LYS B 325 38.64 8.63 -35.37
N LEU B 326 37.75 9.30 -34.65
CA LEU B 326 36.98 8.60 -33.62
C LEU B 326 36.03 7.57 -34.22
N PHE B 327 35.50 7.83 -35.41
CA PHE B 327 34.65 6.84 -36.07
C PHE B 327 35.46 5.64 -36.52
N ASN B 328 36.68 5.85 -37.00
CA ASN B 328 37.54 4.73 -37.37
C ASN B 328 37.93 3.92 -36.14
N ILE B 329 38.18 4.59 -35.01
CA ILE B 329 38.46 3.87 -33.77
C ILE B 329 37.27 3.01 -33.37
N ALA B 330 36.06 3.58 -33.45
CA ALA B 330 34.86 2.81 -33.13
C ALA B 330 34.69 1.63 -34.06
N GLN B 331 34.97 1.83 -35.35
CA GLN B 331 34.87 0.74 -36.32
C GLN B 331 35.84 -0.38 -35.99
N ARG B 332 37.07 -0.04 -35.62
CA ARG B 332 38.05 -1.07 -35.28
C ARG B 332 37.64 -1.82 -34.01
N ILE B 333 37.19 -1.10 -32.99
CA ILE B 333 36.77 -1.74 -31.75
C ILE B 333 35.59 -2.66 -32.01
N LEU B 334 34.68 -2.25 -32.90
CA LEU B 334 33.55 -3.11 -33.26
C LEU B 334 34.00 -4.31 -34.08
N ASP B 335 35.04 -4.15 -34.90
CA ASP B 335 35.53 -5.27 -35.70
C ASP B 335 36.25 -6.30 -34.83
N THR B 336 36.82 -5.88 -33.70
CA THR B 336 37.38 -6.87 -32.78
C THR B 336 36.31 -7.75 -32.14
N ASN B 337 35.03 -7.39 -32.28
CA ASN B 337 33.91 -8.18 -31.78
C ASN B 337 33.98 -8.36 -30.26
N SER B 338 34.24 -7.27 -29.55
CA SER B 338 34.33 -7.31 -28.10
C SER B 338 33.08 -6.77 -27.41
N VAL B 339 32.17 -6.15 -28.15
CA VAL B 339 30.91 -5.67 -27.60
C VAL B 339 29.77 -6.32 -28.38
N LEU B 340 28.74 -6.76 -27.67
CA LEU B 340 27.58 -7.37 -28.27
C LEU B 340 26.32 -6.86 -27.59
N LEU B 341 25.21 -6.92 -28.31
CA LEU B 341 23.90 -6.52 -27.81
C LEU B 341 23.04 -7.76 -27.64
N THR B 342 22.49 -7.95 -26.45
CA THR B 342 21.75 -9.15 -26.11
C THR B 342 20.27 -8.98 -26.40
N GLU B 343 19.51 -10.05 -26.17
CA GLU B 343 18.07 -10.02 -26.44
C GLU B 343 17.29 -9.28 -25.36
N ARG B 344 17.87 -9.08 -24.19
CA ARG B 344 17.21 -8.35 -23.11
C ARG B 344 17.51 -6.86 -23.14
N GLY B 345 18.35 -6.40 -24.06
CA GLY B 345 18.72 -5.01 -24.15
C GLY B 345 20.02 -4.64 -23.46
N ASP B 346 20.79 -5.62 -23.02
CA ASP B 346 22.04 -5.36 -22.32
C ASP B 346 23.20 -5.33 -23.29
N HIS B 347 24.27 -4.65 -22.90
CA HIS B 347 25.51 -4.61 -23.65
C HIS B 347 26.56 -5.42 -22.89
N ILE B 348 27.00 -6.53 -23.48
CA ILE B 348 27.96 -7.42 -22.87
C ILE B 348 29.33 -7.16 -23.49
N VAL B 349 30.32 -6.91 -22.64
CA VAL B 349 31.66 -6.55 -23.09
C VAL B 349 32.64 -7.62 -22.63
N TRP B 350 33.77 -7.69 -23.33
CA TRP B 350 34.77 -8.74 -23.12
C TRP B 350 36.04 -8.09 -22.59
N ILE B 351 36.14 -7.98 -21.26
CA ILE B 351 37.34 -7.50 -20.60
C ILE B 351 37.90 -8.64 -19.75
N ASN B 352 39.21 -8.87 -19.86
CA ASN B 352 39.91 -9.85 -19.03
C ASN B 352 39.31 -11.25 -19.18
N ASN B 353 39.20 -11.70 -20.43
CA ASN B 353 38.82 -13.08 -20.75
C ASN B 353 37.49 -13.48 -20.12
N SER B 354 36.52 -12.56 -20.14
CA SER B 354 35.19 -12.88 -19.64
C SER B 354 34.19 -11.90 -20.23
N TRP B 355 32.96 -12.36 -20.41
CA TRP B 355 31.86 -11.52 -20.89
C TRP B 355 31.16 -10.91 -19.68
N LYS B 356 31.41 -9.63 -19.43
CA LYS B 356 30.82 -8.91 -18.33
C LYS B 356 29.69 -8.02 -18.83
N PHE B 357 28.78 -7.68 -17.93
CA PHE B 357 27.73 -6.72 -18.25
C PHE B 357 27.25 -6.07 -16.97
N ASN B 358 26.74 -4.85 -17.09
CA ASN B 358 26.27 -4.08 -15.95
C ASN B 358 25.19 -3.13 -16.47
N SER B 359 23.95 -3.34 -16.02
CA SER B 359 22.82 -2.62 -16.60
C SER B 359 22.84 -1.14 -16.22
N GLU B 360 23.14 -0.84 -14.96
CA GLU B 360 23.10 0.53 -14.47
C GLU B 360 24.48 1.18 -14.45
N GLU B 361 25.46 0.57 -15.11
CA GLU B 361 26.78 1.17 -15.24
C GLU B 361 27.50 0.54 -16.43
N PRO B 362 27.29 1.07 -17.64
CA PRO B 362 27.90 0.44 -18.83
C PRO B 362 29.41 0.43 -18.76
N LEU B 363 29.99 -0.62 -19.35
CA LEU B 363 31.44 -0.85 -19.30
C LEU B 363 32.11 -0.58 -20.64
N ILE B 364 31.43 0.11 -21.56
CA ILE B 364 31.99 0.29 -22.89
C ILE B 364 33.21 1.20 -22.85
N THR B 365 33.18 2.23 -22.01
CA THR B 365 34.35 3.11 -21.90
C THR B 365 35.52 2.39 -21.23
N LYS B 366 35.24 1.50 -20.28
CA LYS B 366 36.29 0.64 -19.73
C LYS B 366 36.91 -0.22 -20.82
N LEU B 367 36.06 -0.80 -21.68
CA LEU B 367 36.58 -1.60 -22.78
C LEU B 367 37.44 -0.77 -23.71
N ILE B 368 37.01 0.46 -24.01
CA ILE B 368 37.77 1.33 -24.90
C ILE B 368 39.14 1.63 -24.31
N LEU B 369 39.18 2.00 -23.04
CA LEU B 369 40.46 2.31 -22.40
C LEU B 369 41.37 1.10 -22.34
N SER B 370 40.81 -0.09 -22.09
CA SER B 370 41.64 -1.29 -22.04
C SER B 370 42.15 -1.68 -23.43
N ILE B 371 41.29 -1.60 -24.44
CA ILE B 371 41.64 -1.99 -25.80
C ILE B 371 42.55 -0.99 -26.48
N ARG B 372 42.74 0.20 -25.91
CA ARG B 372 43.62 1.20 -26.50
C ARG B 372 45.01 0.67 -26.84
N HIS B 373 45.41 -0.47 -26.28
CA HIS B 373 46.73 -1.02 -26.56
C HIS B 373 46.82 -1.62 -27.95
N GLN B 374 45.76 -2.30 -28.39
CA GLN B 374 45.80 -3.02 -29.67
C GLN B 374 45.72 -2.09 -30.88
N LEU B 375 45.19 -0.89 -30.72
CA LEU B 375 45.05 0.05 -31.82
C LEU B 375 46.41 0.62 -32.19
N PRO B 376 46.53 1.21 -33.40
CA PRO B 376 47.81 1.83 -33.79
C PRO B 376 48.25 2.95 -32.86
N LYS B 377 49.46 3.47 -33.10
CA LYS B 377 50.02 4.47 -32.19
C LYS B 377 49.22 5.77 -32.21
N GLU B 378 48.77 6.20 -33.39
CA GLU B 378 48.06 7.46 -33.49
C GLU B 378 46.63 7.38 -32.96
N TYR B 379 46.06 6.19 -32.87
CA TYR B 379 44.73 6.00 -32.31
C TYR B 379 44.75 5.75 -30.80
N SER B 380 45.93 5.62 -30.20
CA SER B 380 46.04 5.28 -28.80
C SER B 380 46.10 6.49 -27.89
N SER B 381 46.70 7.59 -28.35
CA SER B 381 46.73 8.81 -27.55
C SER B 381 45.39 9.53 -27.54
N GLU B 382 44.46 9.15 -28.39
CA GLU B 382 43.14 9.78 -28.42
C GLU B 382 42.20 9.22 -27.36
N LEU B 383 42.54 8.07 -26.78
CA LEU B 383 41.65 7.39 -25.86
C LEU B 383 41.97 7.67 -24.40
N LEU B 384 42.84 8.64 -24.14
CA LEU B 384 43.15 9.09 -22.79
C LEU B 384 42.29 10.26 -22.34
N CYS B 385 41.34 10.68 -23.17
CA CYS B 385 40.42 11.78 -22.86
C CYS B 385 39.03 11.21 -22.65
N PRO B 386 38.40 11.42 -21.49
CA PRO B 386 37.07 10.83 -21.27
C PRO B 386 36.01 11.28 -22.27
N ARG B 387 36.10 12.53 -22.76
CA ARG B 387 35.15 13.01 -23.75
C ARG B 387 35.26 12.24 -25.05
N LYS B 388 36.49 11.97 -25.50
CA LYS B 388 36.66 11.20 -26.72
C LYS B 388 36.22 9.75 -26.54
N ARG B 389 36.44 9.18 -25.35
CA ARG B 389 35.94 7.84 -25.08
C ARG B 389 34.42 7.80 -25.11
N LYS B 390 33.77 8.84 -24.61
CA LYS B 390 32.32 8.89 -24.66
C LYS B 390 31.81 9.05 -26.10
N THR B 391 32.52 9.81 -26.92
CA THR B 391 32.15 9.92 -28.33
C THR B 391 32.29 8.59 -29.05
N VAL B 392 33.39 7.88 -28.80
CA VAL B 392 33.58 6.55 -29.40
C VAL B 392 32.48 5.60 -28.93
N GLU B 393 32.10 5.69 -27.65
CA GLU B 393 31.03 4.84 -27.15
C GLU B 393 29.70 5.16 -27.83
N ALA B 394 29.43 6.44 -28.08
CA ALA B 394 28.21 6.79 -28.79
C ALA B 394 28.20 6.22 -30.21
N ASN B 395 29.33 6.31 -30.91
CA ASN B 395 29.43 5.69 -32.22
C ASN B 395 29.17 4.19 -32.15
N ILE B 396 29.77 3.52 -31.16
CA ILE B 396 29.62 2.08 -31.02
C ILE B 396 28.16 1.72 -30.75
N ARG B 397 27.50 2.48 -29.89
CA ARG B 397 26.10 2.21 -29.56
C ARG B 397 25.20 2.42 -30.77
N ASP B 398 25.50 3.40 -31.61
CA ASP B 398 24.72 3.56 -32.84
C ASP B 398 25.04 2.50 -33.88
N MET B 399 26.21 1.88 -33.82
CA MET B 399 26.57 0.84 -34.79
C MET B 399 25.91 -0.50 -34.51
N LEU B 400 25.52 -0.76 -33.26
CA LEU B 400 24.99 -2.07 -32.87
C LEU B 400 23.48 -2.06 -33.05
N VAL B 401 23.00 -2.81 -34.05
CA VAL B 401 21.59 -2.89 -34.37
C VAL B 401 21.00 -4.25 -34.01
N ASP B 402 21.62 -5.33 -34.46
CA ASP B 402 21.08 -6.67 -34.31
C ASP B 402 21.48 -7.28 -32.97
N SER B 403 20.54 -7.96 -32.33
CA SER B 403 20.76 -8.63 -31.07
C SER B 403 21.27 -10.06 -31.30
N VAL B 404 21.81 -10.65 -30.25
CA VAL B 404 22.35 -12.01 -30.28
C VAL B 404 21.78 -12.79 -29.10
N GLU B 405 22.13 -14.06 -29.04
CA GLU B 405 21.70 -14.96 -27.98
C GLU B 405 22.91 -15.43 -27.18
N THR B 406 22.73 -15.58 -25.87
CA THR B 406 23.82 -15.94 -24.97
C THR B 406 23.42 -17.15 -24.14
N ASP B 407 24.43 -17.88 -23.65
CA ASP B 407 24.25 -19.02 -22.77
C ASP B 407 23.42 -20.12 -23.44
N THR B 408 23.89 -20.56 -24.61
CA THR B 408 23.24 -21.62 -25.36
C THR B 408 24.00 -22.93 -25.29
N TYR B 409 25.15 -22.97 -24.62
CA TYR B 409 25.94 -24.18 -24.51
C TYR B 409 25.76 -24.78 -23.14
N PRO B 410 25.15 -25.97 -23.01
CA PRO B 410 24.89 -26.51 -21.67
C PRO B 410 26.07 -27.30 -21.10
N ASP B 411 27.00 -27.72 -21.96
CA ASP B 411 28.11 -28.57 -21.55
C ASP B 411 29.39 -27.79 -21.33
N LYS B 412 29.28 -26.56 -20.84
CA LYS B 412 30.44 -25.72 -20.55
C LYS B 412 30.33 -25.15 -19.14
N LEU B 413 31.48 -24.93 -18.52
CA LEU B 413 31.53 -24.35 -17.17
C LEU B 413 32.41 -23.11 -17.20
N PRO B 414 31.85 -21.91 -17.05
CA PRO B 414 32.64 -20.70 -17.19
C PRO B 414 33.28 -20.23 -15.90
N PHE B 415 34.54 -19.81 -16.00
CA PHE B 415 35.30 -19.20 -14.93
C PHE B 415 35.56 -17.73 -15.28
N LYS B 416 36.34 -17.07 -14.43
CA LYS B 416 36.71 -15.68 -14.68
C LYS B 416 37.85 -15.52 -15.67
N ASN B 417 38.53 -16.61 -16.02
CA ASN B 417 39.67 -16.53 -16.93
C ASN B 417 39.63 -17.62 -18.01
N GLY B 418 38.45 -18.09 -18.37
CA GLY B 418 38.33 -19.10 -19.40
C GLY B 418 37.09 -19.92 -19.23
N VAL B 419 36.96 -20.91 -20.12
CA VAL B 419 35.81 -21.81 -20.16
C VAL B 419 36.33 -23.24 -20.19
N LEU B 420 35.81 -24.08 -19.30
CA LEU B 420 36.23 -25.46 -19.16
C LEU B 420 35.21 -26.37 -19.86
N ASP B 421 35.68 -27.19 -20.78
CA ASP B 421 34.81 -28.08 -21.54
C ASP B 421 34.53 -29.32 -20.70
N LEU B 422 33.28 -29.48 -20.25
CA LEU B 422 32.93 -30.58 -19.37
C LEU B 422 33.03 -31.92 -20.09
N VAL B 423 32.62 -31.99 -21.36
CA VAL B 423 32.57 -33.26 -22.07
C VAL B 423 33.98 -33.82 -22.26
N ASP B 424 34.95 -32.95 -22.53
CA ASP B 424 36.32 -33.38 -22.77
C ASP B 424 37.22 -33.22 -21.57
N GLY B 425 37.12 -32.11 -20.84
CA GLY B 425 37.99 -31.83 -19.72
C GLY B 425 39.08 -30.81 -19.98
N MET B 426 39.13 -30.24 -21.18
CA MET B 426 40.15 -29.25 -21.50
C MET B 426 39.72 -27.87 -21.03
N PHE B 427 40.69 -26.96 -21.00
CA PHE B 427 40.47 -25.58 -20.57
C PHE B 427 40.84 -24.64 -21.71
N TYR B 428 39.91 -23.78 -22.10
CA TYR B 428 40.11 -22.82 -23.18
C TYR B 428 40.25 -21.42 -22.61
N SER B 429 41.23 -20.68 -23.13
CA SER B 429 41.46 -19.30 -22.71
C SER B 429 41.55 -18.41 -23.94
N GLY B 430 40.97 -17.22 -23.83
CA GLY B 430 41.03 -16.26 -24.92
C GLY B 430 39.98 -16.46 -26.00
N ASP B 431 40.39 -16.33 -27.25
CA ASP B 431 39.44 -16.46 -28.36
C ASP B 431 38.80 -17.84 -28.41
N ASP B 432 39.46 -18.86 -27.88
CA ASP B 432 38.84 -20.18 -27.81
C ASP B 432 37.61 -20.15 -26.91
N ALA B 433 37.70 -19.46 -25.78
CA ALA B 433 36.56 -19.30 -24.88
C ALA B 433 35.60 -18.21 -25.32
N LYS B 434 36.02 -17.37 -26.25
CA LYS B 434 35.16 -16.26 -26.70
C LYS B 434 33.88 -16.77 -27.35
N LYS B 435 33.98 -17.85 -28.12
CA LYS B 435 32.85 -18.30 -28.93
C LYS B 435 31.64 -18.62 -28.07
N TYR B 436 31.84 -19.31 -26.95
CA TYR B 436 30.74 -19.63 -26.04
C TYR B 436 30.42 -18.38 -25.23
N THR B 437 29.31 -17.72 -25.56
CA THR B 437 28.92 -16.47 -24.91
C THR B 437 28.29 -16.77 -23.56
N CYS B 438 29.11 -17.31 -22.66
CA CYS B 438 28.69 -17.63 -21.31
C CYS B 438 28.78 -16.37 -20.46
N THR B 439 27.64 -15.74 -20.21
CA THR B 439 27.62 -14.47 -19.49
C THR B 439 27.91 -14.66 -18.00
N VAL B 440 27.33 -15.67 -17.37
CA VAL B 440 27.60 -15.93 -15.96
C VAL B 440 28.94 -16.63 -15.82
N SER B 441 29.44 -16.68 -14.59
CA SER B 441 30.72 -17.32 -14.31
C SER B 441 30.76 -17.69 -12.83
N THR B 442 31.72 -18.55 -12.48
CA THR B 442 31.92 -18.90 -11.09
C THR B 442 32.39 -17.70 -10.28
N GLY B 443 33.09 -16.77 -10.91
CA GLY B 443 33.58 -15.59 -10.23
C GLY B 443 35.04 -15.62 -9.84
N PHE B 444 35.73 -16.75 -10.03
CA PHE B 444 37.14 -16.88 -9.68
C PHE B 444 37.87 -17.52 -10.85
N LYS B 445 39.16 -17.78 -10.64
CA LYS B 445 40.04 -18.29 -11.69
C LYS B 445 40.25 -19.79 -11.55
N PHE B 446 40.55 -20.42 -12.67
CA PHE B 446 40.82 -21.86 -12.73
C PHE B 446 42.32 -22.08 -12.72
N ASP B 447 42.79 -22.98 -11.85
CA ASP B 447 44.21 -23.26 -11.68
C ASP B 447 44.48 -24.70 -12.09
N ASP B 448 45.14 -24.86 -13.24
CA ASP B 448 45.52 -26.20 -13.69
C ASP B 448 46.55 -26.84 -12.78
N THR B 449 47.26 -26.03 -11.97
CA THR B 449 48.25 -26.58 -11.05
C THR B 449 47.62 -27.34 -9.89
N LYS B 450 46.32 -27.14 -9.64
CA LYS B 450 45.63 -27.82 -8.55
C LYS B 450 44.52 -28.75 -9.02
N PHE B 451 44.10 -28.66 -10.28
CA PHE B 451 43.05 -29.53 -10.82
C PHE B 451 43.65 -30.90 -11.19
N VAL B 452 44.17 -31.57 -10.17
CA VAL B 452 44.92 -32.80 -10.36
C VAL B 452 44.29 -33.92 -9.52
N GLU B 453 44.51 -35.15 -9.95
CA GLU B 453 43.85 -36.29 -9.33
C GLU B 453 44.44 -36.61 -7.96
N ASP B 454 45.77 -36.61 -7.84
CA ASP B 454 46.44 -37.03 -6.62
C ASP B 454 46.95 -35.82 -5.85
N SER B 455 46.57 -35.74 -4.58
CA SER B 455 46.95 -34.66 -3.67
C SER B 455 46.50 -35.02 -2.26
N PRO B 456 47.22 -34.58 -1.22
CA PRO B 456 46.73 -34.85 0.15
C PRO B 456 45.38 -34.23 0.43
N GLU B 457 45.12 -33.05 -0.12
CA GLU B 457 43.82 -32.42 0.06
C GLU B 457 42.72 -33.23 -0.62
N MET B 458 43.04 -33.84 -1.75
CA MET B 458 42.11 -34.76 -2.39
C MET B 458 41.80 -35.94 -1.47
N GLU B 459 42.82 -36.44 -0.77
CA GLU B 459 42.58 -37.52 0.19
C GLU B 459 41.68 -37.07 1.32
N GLU B 460 41.88 -35.86 1.85
CA GLU B 460 41.01 -35.34 2.89
C GLU B 460 39.57 -35.23 2.40
N LEU B 461 39.38 -34.70 1.19
CA LEU B 461 38.04 -34.56 0.64
C LEU B 461 37.39 -35.92 0.42
N MET B 462 38.17 -36.90 -0.06
CA MET B 462 37.64 -38.24 -0.25
C MET B 462 37.20 -38.85 1.07
N ASN B 463 38.00 -38.67 2.12
CA ASN B 463 37.63 -39.17 3.43
C ASN B 463 36.33 -38.51 3.92
N ILE B 464 36.21 -37.20 3.74
CA ILE B 464 35.01 -36.49 4.20
C ILE B 464 33.79 -36.99 3.43
N ILE B 465 33.91 -37.12 2.11
CA ILE B 465 32.77 -37.54 1.28
C ILE B 465 32.36 -38.96 1.64
N ASN B 466 33.33 -39.87 1.79
CA ASN B 466 33.00 -41.24 2.16
C ASN B 466 32.43 -41.33 3.57
N ASP B 467 32.78 -40.40 4.45
CA ASP B 467 32.12 -40.34 5.75
C ASP B 467 30.68 -39.88 5.63
N ILE B 468 30.42 -38.90 4.75
CA ILE B 468 29.06 -38.42 4.57
C ILE B 468 28.20 -39.48 3.91
N GLN B 469 28.72 -40.14 2.87
CA GLN B 469 28.01 -41.22 2.17
C GLN B 469 28.86 -42.49 2.22
N PRO B 470 28.55 -43.40 3.14
CA PRO B 470 29.26 -44.69 3.17
C PRO B 470 29.01 -45.47 1.90
N LEU B 471 30.02 -46.25 1.50
CA LEU B 471 29.99 -47.00 0.25
C LEU B 471 29.51 -48.43 0.42
N THR B 472 28.64 -48.70 1.38
CA THR B 472 28.11 -50.03 1.57
C THR B 472 27.07 -50.36 0.50
N ASP B 473 26.60 -51.61 0.50
CA ASP B 473 25.62 -52.03 -0.48
C ASP B 473 24.24 -51.42 -0.21
N GLU B 474 23.89 -51.23 1.07
CA GLU B 474 22.60 -50.65 1.41
C GLU B 474 22.50 -49.17 1.03
N ASN B 475 23.64 -48.50 0.87
CA ASN B 475 23.67 -47.09 0.49
C ASN B 475 24.04 -46.91 -0.97
N LYS B 476 24.04 -47.99 -1.76
CA LYS B 476 24.49 -47.91 -3.15
C LYS B 476 23.56 -47.01 -3.97
N LYS B 477 22.25 -47.28 -3.93
CA LYS B 477 21.31 -46.48 -4.69
C LYS B 477 21.27 -45.04 -4.22
N ASN B 478 21.26 -44.84 -2.90
CA ASN B 478 21.22 -43.50 -2.34
C ASN B 478 22.50 -42.72 -2.66
N ARG B 479 23.65 -43.38 -2.56
CA ARG B 479 24.91 -42.73 -2.92
C ARG B 479 24.94 -42.37 -4.40
N GLU B 480 24.45 -43.28 -5.25
CA GLU B 480 24.41 -43.00 -6.69
C GLU B 480 23.52 -41.79 -6.98
N LEU B 481 22.34 -41.73 -6.34
CA LEU B 481 21.45 -40.59 -6.53
C LEU B 481 22.10 -39.30 -6.03
N TYR B 482 22.79 -39.38 -4.89
CA TYR B 482 23.48 -38.21 -4.34
C TYR B 482 24.52 -37.67 -5.30
N GLU B 483 25.38 -38.55 -5.82
CA GLU B 483 26.46 -38.08 -6.68
C GLU B 483 25.93 -37.62 -8.03
N LYS B 484 24.89 -38.28 -8.54
CA LYS B 484 24.27 -37.82 -9.78
C LYS B 484 23.67 -36.42 -9.62
N THR B 485 22.92 -36.20 -8.53
CA THR B 485 22.32 -34.90 -8.30
C THR B 485 23.38 -33.82 -8.13
N LEU B 486 24.45 -34.13 -7.39
CA LEU B 486 25.51 -33.14 -7.21
C LEU B 486 26.19 -32.81 -8.53
N SER B 487 26.50 -33.82 -9.34
CA SER B 487 27.20 -33.57 -10.59
C SER B 487 26.31 -32.89 -11.63
N SER B 488 24.98 -33.00 -11.48
CA SER B 488 24.09 -32.33 -12.43
C SER B 488 24.09 -30.82 -12.26
N CYS B 489 24.70 -30.27 -11.21
CA CYS B 489 24.70 -28.84 -10.96
C CYS B 489 25.66 -28.08 -11.88
N LEU B 490 26.47 -28.78 -12.67
CA LEU B 490 27.40 -28.11 -13.58
C LEU B 490 26.79 -27.82 -14.94
N CYS B 491 25.80 -28.60 -15.36
CA CYS B 491 25.22 -28.46 -16.69
C CYS B 491 24.28 -27.25 -16.74
N GLY B 492 24.46 -26.42 -17.77
CA GLY B 492 23.65 -25.23 -17.92
C GLY B 492 22.41 -25.43 -18.77
N ALA B 493 21.56 -26.37 -18.36
CA ALA B 493 20.32 -26.65 -19.05
C ALA B 493 19.22 -26.83 -18.01
N THR B 494 17.98 -26.81 -18.48
CA THR B 494 16.83 -26.96 -17.59
C THR B 494 16.67 -28.42 -17.16
N LYS B 495 16.43 -28.62 -15.87
CA LYS B 495 16.27 -29.96 -15.31
C LYS B 495 14.81 -30.20 -14.98
N GLY B 496 14.39 -31.47 -15.08
CA GLY B 496 13.01 -31.83 -14.94
C GLY B 496 12.56 -32.39 -13.62
N CYS B 497 13.37 -32.30 -12.57
CA CYS B 497 13.01 -32.88 -11.28
C CYS B 497 13.60 -32.04 -10.16
N LEU B 498 13.01 -32.19 -8.96
CA LEU B 498 13.46 -31.52 -7.76
C LEU B 498 13.88 -32.57 -6.74
N THR B 499 14.99 -32.32 -6.06
CA THR B 499 15.57 -33.29 -5.13
C THR B 499 15.50 -32.76 -3.71
N PHE B 500 15.09 -33.61 -2.78
CA PHE B 500 15.00 -33.27 -1.36
C PHE B 500 16.22 -33.82 -0.64
N PHE B 501 16.99 -32.92 -0.03
CA PHE B 501 18.11 -33.31 0.83
C PHE B 501 17.56 -33.61 2.22
N PHE B 502 16.92 -34.77 2.34
CA PHE B 502 16.27 -35.15 3.58
C PHE B 502 17.29 -35.78 4.52
N GLY B 503 17.31 -35.31 5.76
CA GLY B 503 18.19 -35.89 6.76
C GLY B 503 18.01 -35.18 8.08
N GLU B 504 18.52 -35.81 9.13
CA GLU B 504 18.49 -35.23 10.46
C GLU B 504 19.63 -34.22 10.61
N THR B 505 19.71 -33.60 11.77
CA THR B 505 20.75 -32.62 12.02
C THR B 505 22.13 -33.27 12.08
N ALA B 506 23.15 -32.49 11.70
CA ALA B 506 24.54 -32.95 11.68
C ALA B 506 24.70 -34.22 10.84
N THR B 507 24.20 -34.16 9.60
CA THR B 507 24.31 -35.28 8.68
C THR B 507 25.06 -34.93 7.40
N GLY B 508 25.55 -33.70 7.25
CA GLY B 508 26.31 -33.31 6.09
C GLY B 508 25.55 -32.49 5.06
N LYS B 509 24.30 -32.12 5.34
CA LYS B 509 23.57 -31.27 4.40
C LYS B 509 24.24 -29.91 4.25
N SER B 510 24.51 -29.25 5.37
CA SER B 510 25.17 -27.95 5.32
C SER B 510 26.59 -28.08 4.79
N THR B 511 27.30 -29.14 5.18
CA THR B 511 28.66 -29.34 4.69
C THR B 511 28.67 -29.54 3.18
N THR B 512 27.75 -30.35 2.65
CA THR B 512 27.66 -30.53 1.21
C THR B 512 27.29 -29.23 0.52
N LYS B 513 26.37 -28.46 1.10
CA LYS B 513 25.98 -27.18 0.52
C LYS B 513 27.17 -26.23 0.43
N ARG B 514 27.96 -26.15 1.50
CA ARG B 514 29.09 -25.21 1.50
C ARG B 514 30.21 -25.71 0.59
N LEU B 515 30.44 -27.01 0.53
CA LEU B 515 31.42 -27.55 -0.42
C LEU B 515 31.01 -27.23 -1.85
N LEU B 516 29.74 -27.43 -2.18
CA LEU B 516 29.25 -27.12 -3.52
C LEU B 516 29.37 -25.64 -3.82
N LYS B 517 29.04 -24.78 -2.84
CA LYS B 517 29.16 -23.34 -3.03
C LYS B 517 30.61 -22.96 -3.31
N SER B 518 31.55 -23.49 -2.53
CA SER B 518 32.95 -23.20 -2.77
C SER B 518 33.41 -23.71 -4.12
N ALA B 519 32.85 -24.85 -4.57
CA ALA B 519 33.28 -25.43 -5.83
C ALA B 519 32.78 -24.63 -7.03
N ILE B 520 31.52 -24.19 -7.00
CA ILE B 520 30.90 -23.60 -8.19
C ILE B 520 30.72 -22.09 -8.07
N GLY B 521 31.26 -21.46 -7.03
CA GLY B 521 31.38 -20.01 -7.03
C GLY B 521 30.04 -19.30 -7.10
N ASP B 522 29.95 -18.34 -8.03
CA ASP B 522 28.79 -17.47 -8.15
C ASP B 522 27.61 -18.12 -8.85
N LEU B 523 27.80 -19.27 -9.48
CA LEU B 523 26.69 -19.99 -10.10
C LEU B 523 25.75 -20.62 -9.09
N PHE B 524 26.01 -20.42 -7.80
CA PHE B 524 25.21 -20.99 -6.71
C PHE B 524 24.52 -19.84 -6.00
N VAL B 525 23.19 -19.93 -5.89
CA VAL B 525 22.40 -18.92 -5.22
C VAL B 525 21.54 -19.59 -4.16
N GLU B 526 21.21 -18.83 -3.12
CA GLU B 526 20.37 -19.30 -2.03
C GLU B 526 19.17 -18.36 -1.92
N THR B 527 18.01 -18.82 -2.36
CA THR B 527 16.80 -18.03 -2.35
C THR B 527 15.93 -18.39 -1.14
N GLY B 528 14.94 -17.56 -0.89
CA GLY B 528 13.99 -17.83 0.16
C GLY B 528 12.99 -18.89 -0.26
N GLN B 529 11.95 -19.04 0.55
CA GLN B 529 10.91 -20.01 0.27
C GLN B 529 9.60 -19.35 -0.16
N THR B 530 9.66 -18.08 -0.59
CA THR B 530 8.54 -17.48 -1.30
C THR B 530 8.33 -18.13 -2.66
N ILE B 531 9.34 -18.85 -3.17
CA ILE B 531 9.23 -19.52 -4.46
C ILE B 531 8.56 -20.88 -4.36
N LEU B 532 8.21 -21.33 -3.17
CA LEU B 532 7.58 -22.63 -2.99
C LEU B 532 6.21 -22.58 -2.34
N THR B 533 5.87 -21.49 -1.66
CA THR B 533 4.60 -21.39 -0.96
C THR B 533 3.77 -20.17 -1.31
N ASP B 534 4.31 -19.22 -2.08
CA ASP B 534 3.59 -18.01 -2.46
C ASP B 534 3.53 -17.92 -3.98
N VAL B 535 2.55 -17.15 -4.46
CA VAL B 535 2.39 -16.96 -5.89
C VAL B 535 3.62 -16.25 -6.45
N LEU B 536 4.13 -16.75 -7.58
CA LEU B 536 5.38 -16.27 -8.12
C LEU B 536 5.23 -14.92 -8.81
N ASP B 537 4.14 -14.71 -9.53
CA ASP B 537 4.01 -13.51 -10.36
C ASP B 537 3.78 -12.28 -9.52
N LYS B 538 2.65 -12.23 -8.81
CA LYS B 538 2.28 -11.15 -7.89
C LYS B 538 2.73 -9.78 -8.37
N GLY B 539 3.37 -9.02 -7.48
CA GLY B 539 4.03 -7.78 -7.84
C GLY B 539 5.50 -8.03 -8.08
N PRO B 540 6.34 -7.03 -7.80
CA PRO B 540 7.78 -7.23 -7.91
C PRO B 540 8.24 -8.34 -6.97
N ASN B 541 9.16 -9.17 -7.46
CA ASN B 541 9.66 -10.32 -6.71
C ASN B 541 11.10 -10.58 -7.09
N PRO B 542 12.05 -9.97 -6.36
CA PRO B 542 13.46 -10.24 -6.63
C PRO B 542 13.96 -11.56 -6.05
N PHE B 543 13.12 -12.28 -5.29
CA PHE B 543 13.52 -13.59 -4.79
C PHE B 543 13.52 -14.62 -5.91
N ILE B 544 12.74 -14.40 -6.96
CA ILE B 544 12.66 -15.34 -8.07
C ILE B 544 13.28 -14.79 -9.35
N ALA B 545 13.59 -13.50 -9.40
CA ALA B 545 14.35 -12.94 -10.51
C ALA B 545 15.85 -13.08 -10.31
N ASN B 546 16.28 -13.63 -9.19
CA ASN B 546 17.70 -13.85 -8.90
C ASN B 546 18.18 -15.23 -9.29
N MET B 547 17.31 -16.08 -9.83
CA MET B 547 17.70 -17.38 -10.35
C MET B 547 17.76 -17.38 -11.87
N HIS B 548 18.14 -16.25 -12.46
CA HIS B 548 18.32 -16.13 -13.89
C HIS B 548 19.70 -16.66 -14.25
N LEU B 549 19.74 -17.84 -14.87
CA LEU B 549 20.93 -18.55 -15.35
C LEU B 549 21.75 -19.17 -14.22
N LYS B 550 21.23 -19.21 -12.99
CA LYS B 550 21.94 -19.87 -11.91
C LYS B 550 21.85 -21.38 -12.09
N ARG B 551 23.00 -22.06 -12.01
CA ARG B 551 23.06 -23.48 -12.29
C ARG B 551 22.75 -24.35 -11.07
N SER B 552 22.61 -23.76 -9.89
CA SER B 552 22.21 -24.50 -8.70
C SER B 552 21.51 -23.55 -7.74
N VAL B 553 20.25 -23.84 -7.43
CA VAL B 553 19.47 -23.05 -6.48
C VAL B 553 19.18 -23.93 -5.27
N PHE B 554 19.51 -23.43 -4.09
CA PHE B 554 19.38 -24.18 -2.85
C PHE B 554 18.33 -23.52 -1.97
N CYS B 555 17.32 -24.30 -1.57
CA CYS B 555 16.32 -23.86 -0.62
C CYS B 555 16.48 -24.68 0.66
N SER B 556 16.87 -24.01 1.74
CA SER B 556 17.09 -24.67 3.02
C SER B 556 16.11 -24.10 4.04
N GLU B 557 16.14 -24.69 5.23
CA GLU B 557 15.29 -24.29 6.36
C GLU B 557 13.82 -24.33 5.96
N LEU B 558 13.36 -25.54 5.67
CA LEU B 558 11.95 -25.75 5.36
C LEU B 558 11.11 -25.36 6.57
N PRO B 559 10.04 -24.56 6.40
CA PRO B 559 9.17 -24.25 7.53
C PRO B 559 8.30 -25.46 7.84
N ASP B 560 8.85 -26.38 8.62
CA ASP B 560 8.30 -27.73 8.80
C ASP B 560 6.81 -27.70 9.04
N PHE B 561 6.07 -28.30 8.11
CA PHE B 561 4.61 -28.36 8.17
C PHE B 561 4.10 -29.43 9.12
N ALA B 562 4.98 -30.03 9.92
CA ALA B 562 4.53 -30.92 10.98
C ALA B 562 3.69 -30.17 12.02
N CYS B 563 3.93 -28.87 12.15
CA CYS B 563 3.13 -28.01 13.02
C CYS B 563 2.24 -27.14 12.14
N SER B 564 0.95 -27.13 12.42
CA SER B 564 0.02 -26.32 11.65
C SER B 564 0.26 -24.84 11.88
N GLY B 565 -0.04 -24.03 10.87
CA GLY B 565 0.16 -22.59 10.96
C GLY B 565 1.16 -22.08 9.94
N SER B 566 1.64 -22.98 9.08
CA SER B 566 2.59 -22.64 8.03
C SER B 566 2.01 -22.98 6.66
N LYS B 567 2.45 -22.24 5.66
CA LYS B 567 1.96 -22.47 4.30
C LYS B 567 2.49 -23.79 3.75
N LYS B 568 1.64 -24.49 3.01
CA LYS B 568 2.02 -25.76 2.40
C LYS B 568 2.71 -25.52 1.06
N ILE B 569 3.27 -26.58 0.50
CA ILE B 569 3.91 -26.51 -0.81
C ILE B 569 2.84 -26.61 -1.88
N ARG B 570 2.81 -25.62 -2.77
CA ARG B 570 1.86 -25.62 -3.87
C ARG B 570 2.40 -26.48 -5.01
N SER B 571 1.65 -27.50 -5.40
CA SER B 571 2.04 -28.30 -6.57
C SER B 571 2.14 -27.42 -7.82
N ASP B 572 1.36 -26.34 -7.87
CA ASP B 572 1.47 -25.39 -8.96
C ASP B 572 2.89 -24.83 -9.01
N ASN B 573 3.44 -24.46 -7.86
CA ASN B 573 4.80 -23.92 -7.82
C ASN B 573 5.83 -24.96 -8.24
N ILE B 574 5.66 -26.21 -7.79
CA ILE B 574 6.59 -27.27 -8.18
C ILE B 574 6.58 -27.46 -9.69
N LYS B 575 5.40 -27.48 -10.29
CA LYS B 575 5.30 -27.60 -11.74
C LYS B 575 5.84 -26.37 -12.45
N LYS B 576 5.72 -25.20 -11.83
CA LYS B 576 6.26 -23.98 -12.43
C LYS B 576 7.78 -23.96 -12.42
N LEU B 577 8.41 -24.54 -11.40
CA LEU B 577 9.86 -24.47 -11.27
C LEU B 577 10.59 -25.45 -12.15
N THR B 578 9.89 -26.24 -12.96
CA THR B 578 10.50 -27.17 -13.89
C THR B 578 10.50 -26.67 -15.32
N GLU B 579 9.51 -25.88 -15.71
CA GLU B 579 9.42 -25.37 -17.07
C GLU B 579 10.61 -24.46 -17.39
N PRO B 580 11.00 -24.38 -18.67
CA PRO B 580 12.29 -23.73 -19.01
C PRO B 580 12.33 -22.23 -18.75
N CYS B 581 11.21 -21.57 -18.50
CA CYS B 581 11.20 -20.14 -18.23
C CYS B 581 10.32 -19.87 -17.02
N VAL B 582 10.90 -19.23 -16.00
CA VAL B 582 10.21 -18.95 -14.75
C VAL B 582 9.76 -17.50 -14.75
N ILE B 583 8.48 -17.28 -14.44
CA ILE B 583 7.90 -15.95 -14.44
C ILE B 583 8.32 -15.21 -13.16
N GLY B 584 8.45 -13.90 -13.27
CA GLY B 584 8.84 -13.08 -12.13
C GLY B 584 9.70 -11.90 -12.53
N ARG B 585 9.51 -10.76 -11.88
CA ARG B 585 10.22 -9.55 -12.25
C ARG B 585 10.84 -8.90 -11.02
N PRO B 586 11.95 -8.17 -11.21
CA PRO B 586 12.55 -7.46 -10.07
C PRO B 586 11.89 -6.12 -9.82
N CYS B 587 12.43 -5.35 -8.88
CA CYS B 587 11.92 -4.01 -8.61
C CYS B 587 12.43 -3.04 -9.66
N PHE B 588 11.56 -2.11 -10.06
CA PHE B 588 11.87 -1.06 -11.05
C PHE B 588 12.24 -1.63 -12.42
N SER B 589 11.86 -2.88 -12.70
CA SER B 589 12.26 -3.54 -13.93
C SER B 589 11.04 -4.11 -14.63
N ASN B 590 11.10 -4.15 -15.97
CA ASN B 590 10.03 -4.64 -16.80
C ASN B 590 10.33 -5.99 -17.46
N LYS B 591 11.40 -6.65 -17.05
CA LYS B 591 11.74 -7.98 -17.57
C LYS B 591 11.03 -9.03 -16.74
N ILE B 592 10.20 -9.85 -17.39
CA ILE B 592 9.30 -10.76 -16.70
C ILE B 592 9.83 -12.19 -16.78
N ASN B 593 10.51 -12.52 -17.87
CA ASN B 593 10.94 -13.89 -18.13
C ASN B 593 12.40 -14.10 -17.73
N ASN B 594 12.66 -15.20 -17.05
CA ASN B 594 14.01 -15.60 -16.65
C ASN B 594 14.27 -17.03 -17.13
N ARG B 595 15.50 -17.28 -17.55
CA ARG B 595 15.89 -18.61 -18.01
C ARG B 595 16.23 -19.50 -16.81
N ASN B 596 15.78 -20.75 -16.87
CA ASN B 596 15.84 -21.66 -15.73
C ASN B 596 16.87 -22.76 -16.02
N HIS B 597 18.09 -22.58 -15.53
CA HIS B 597 19.13 -23.59 -15.59
C HIS B 597 19.34 -24.30 -14.26
N ALA B 598 18.50 -24.02 -13.28
CA ALA B 598 18.79 -24.37 -11.90
C ALA B 598 18.46 -25.82 -11.59
N THR B 599 19.31 -26.44 -10.76
CA THR B 599 18.99 -27.71 -10.11
C THR B 599 18.49 -27.40 -8.70
N ILE B 600 17.20 -27.57 -8.49
CA ILE B 600 16.57 -27.15 -7.23
C ILE B 600 16.78 -28.25 -6.20
N ILE B 601 17.42 -27.90 -5.09
CA ILE B 601 17.63 -28.82 -3.97
C ILE B 601 16.96 -28.21 -2.74
N ILE B 602 16.12 -28.99 -2.09
CA ILE B 602 15.35 -28.52 -0.93
C ILE B 602 15.83 -29.30 0.28
N ASP B 603 16.35 -28.57 1.27
CA ASP B 603 16.79 -29.19 2.51
C ASP B 603 15.63 -29.22 3.49
N THR B 604 15.46 -30.35 4.16
CA THR B 604 14.35 -30.51 5.10
C THR B 604 14.73 -31.55 6.14
N ASN B 605 14.31 -31.30 7.39
CA ASN B 605 14.52 -32.25 8.47
C ASN B 605 13.39 -33.26 8.61
N TYR B 606 12.28 -33.05 7.90
CA TYR B 606 11.12 -33.93 7.99
C TYR B 606 10.53 -34.11 6.60
N LYS B 607 9.68 -35.11 6.46
CA LYS B 607 9.01 -35.34 5.19
C LYS B 607 8.02 -34.21 4.91
N PRO B 608 7.94 -33.73 3.68
CA PRO B 608 7.06 -32.60 3.36
C PRO B 608 5.64 -33.07 3.03
N VAL B 609 4.73 -32.10 3.06
CA VAL B 609 3.32 -32.32 2.72
C VAL B 609 2.96 -31.39 1.57
N PHE B 610 2.15 -31.90 0.65
CA PHE B 610 1.69 -31.15 -0.51
C PHE B 610 0.19 -30.95 -0.40
N ASP B 611 -0.27 -29.77 -0.83
CA ASP B 611 -1.70 -29.46 -0.73
C ASP B 611 -2.53 -30.42 -1.57
N ARG B 612 -2.07 -30.72 -2.78
CA ARG B 612 -2.76 -31.67 -3.66
C ARG B 612 -1.72 -32.55 -4.34
N ILE B 613 -1.97 -33.86 -4.36
CA ILE B 613 -1.09 -34.83 -4.99
C ILE B 613 -1.80 -35.38 -6.22
N ASP B 614 -1.12 -35.38 -7.36
CA ASP B 614 -1.67 -35.94 -8.59
C ASP B 614 -0.55 -36.62 -9.35
N ASN B 615 -0.83 -37.00 -10.59
CA ASN B 615 0.19 -37.67 -11.41
C ASN B 615 1.25 -36.70 -11.92
N ALA B 616 0.95 -35.40 -11.97
CA ALA B 616 1.96 -34.43 -12.35
C ALA B 616 2.96 -34.21 -11.22
N LEU B 617 2.48 -34.18 -9.98
CA LEU B 617 3.37 -34.00 -8.85
C LEU B 617 4.15 -35.27 -8.55
N MET B 618 3.67 -36.42 -9.03
CA MET B 618 4.34 -37.70 -8.80
C MET B 618 5.48 -37.94 -9.78
N ARG B 619 5.68 -37.07 -10.76
CA ARG B 619 6.68 -37.26 -11.79
C ARG B 619 7.83 -36.27 -11.69
N ARG B 620 7.89 -35.47 -10.62
CA ARG B 620 8.92 -34.45 -10.51
C ARG B 620 9.51 -34.34 -9.11
N ILE B 621 9.51 -35.42 -8.34
CA ILE B 621 10.03 -35.41 -6.97
C ILE B 621 11.01 -36.56 -6.80
N ALA B 622 12.20 -36.25 -6.30
CA ALA B 622 13.21 -37.26 -5.98
C ALA B 622 13.75 -36.99 -4.57
N VAL B 623 14.14 -38.06 -3.89
CA VAL B 623 14.57 -37.97 -2.49
C VAL B 623 15.87 -38.72 -2.31
N VAL B 624 16.84 -38.08 -1.67
CA VAL B 624 18.10 -38.70 -1.26
C VAL B 624 18.25 -38.52 0.24
N ARG B 625 18.58 -39.61 0.93
CA ARG B 625 18.54 -39.66 2.39
C ARG B 625 19.95 -39.68 2.98
N PHE B 626 20.08 -39.07 4.15
CA PHE B 626 21.34 -39.02 4.91
C PHE B 626 21.14 -39.70 6.26
N ARG B 627 22.08 -40.57 6.64
CA ARG B 627 21.97 -41.31 7.89
C ARG B 627 23.22 -41.29 8.76
N THR B 628 24.29 -40.62 8.34
CA THR B 628 25.53 -40.58 9.10
C THR B 628 25.53 -39.37 10.02
N HIS B 629 25.88 -39.58 11.29
CA HIS B 629 25.85 -38.53 12.30
C HIS B 629 27.26 -38.20 12.77
N PHE B 630 27.52 -36.90 12.91
CA PHE B 630 28.78 -36.40 13.46
C PHE B 630 28.48 -35.67 14.76
N SER B 631 29.17 -36.03 15.83
CA SER B 631 28.89 -35.47 17.14
C SER B 631 30.15 -35.47 17.99
N GLN B 632 30.13 -34.62 19.02
CA GLN B 632 31.21 -34.58 19.99
C GLN B 632 31.18 -35.83 20.86
N PRO B 633 32.30 -36.17 21.51
CA PRO B 633 32.32 -37.37 22.36
C PRO B 633 31.29 -37.35 23.49
N SER B 634 30.84 -36.18 23.92
CA SER B 634 29.87 -36.12 25.01
C SER B 634 28.56 -36.77 24.61
N GLY B 635 28.08 -36.51 23.40
CA GLY B 635 26.80 -37.01 22.96
C GLY B 635 26.88 -38.26 22.11
N ARG B 636 27.96 -39.03 22.25
CA ARG B 636 28.15 -40.22 21.44
C ARG B 636 27.10 -41.28 21.75
N GLU B 637 26.93 -41.61 23.04
CA GLU B 637 26.01 -42.69 23.41
C GLU B 637 24.57 -42.34 23.07
N ALA B 638 24.17 -41.09 23.31
CA ALA B 638 22.81 -40.67 23.00
C ALA B 638 22.52 -40.81 21.51
N ALA B 639 23.48 -40.42 20.66
CA ALA B 639 23.31 -40.60 19.23
C ALA B 639 23.27 -42.08 18.85
N GLU B 640 24.12 -42.89 19.48
CA GLU B 640 24.16 -44.32 19.17
C GLU B 640 22.93 -45.07 19.69
N ASN B 641 22.12 -44.45 20.54
CA ASN B 641 20.88 -45.05 21.02
C ASN B 641 19.68 -44.58 20.21
N ASN B 642 19.86 -44.28 18.93
CA ASN B 642 18.79 -43.82 18.07
C ASN B 642 18.84 -44.56 16.74
N ASP B 643 17.66 -44.92 16.22
CA ASP B 643 17.59 -45.64 14.96
C ASP B 643 17.81 -44.74 13.75
N ALA B 644 17.66 -43.42 13.90
CA ALA B 644 17.80 -42.52 12.77
C ALA B 644 19.21 -42.52 12.21
N TYR B 645 20.21 -42.74 13.04
CA TYR B 645 21.61 -42.72 12.63
C TYR B 645 22.12 -44.15 12.51
N ASP B 646 22.86 -44.42 11.42
CA ASP B 646 23.49 -45.71 11.20
C ASP B 646 24.97 -45.70 11.54
N LYS B 647 25.55 -44.53 11.80
CA LYS B 647 26.97 -44.41 12.06
C LYS B 647 27.24 -43.08 12.74
N VAL B 648 28.07 -43.12 13.79
CA VAL B 648 28.43 -41.94 14.55
C VAL B 648 29.94 -41.74 14.45
N LYS B 649 30.36 -40.53 14.08
CA LYS B 649 31.76 -40.19 13.94
C LYS B 649 32.06 -38.93 14.73
N LEU B 650 33.34 -38.61 14.85
CA LEU B 650 33.80 -37.48 15.64
C LEU B 650 33.81 -36.20 14.80
N LEU B 651 33.36 -35.11 15.41
CA LEU B 651 33.28 -33.83 14.72
C LEU B 651 34.67 -33.26 14.48
N ASP B 652 34.77 -32.43 13.43
CA ASP B 652 35.98 -31.68 13.11
C ASP B 652 35.70 -30.20 13.31
N GLU B 653 36.54 -29.54 14.11
CA GLU B 653 36.29 -28.14 14.47
C GLU B 653 36.83 -27.15 13.46
N GLY B 654 38.01 -27.42 12.90
CA GLY B 654 38.57 -26.56 11.87
C GLY B 654 38.06 -26.82 10.48
N LEU B 655 37.15 -27.79 10.33
CA LEU B 655 36.60 -28.11 9.01
C LEU B 655 35.85 -26.93 8.43
N ASP B 656 35.06 -26.25 9.25
CA ASP B 656 34.32 -25.08 8.76
C ASP B 656 35.26 -24.00 8.28
N GLY B 657 36.33 -23.75 9.03
CA GLY B 657 37.30 -22.73 8.62
C GLY B 657 38.02 -23.09 7.33
N LYS B 658 38.47 -24.35 7.21
CA LYS B 658 39.20 -24.73 6.01
C LYS B 658 38.27 -24.80 4.80
N ILE B 659 36.97 -25.06 5.02
CA ILE B 659 36.01 -24.99 3.93
C ILE B 659 35.79 -23.54 3.51
N GLN B 660 35.68 -22.64 4.50
CA GLN B 660 35.53 -21.22 4.20
C GLN B 660 36.78 -20.63 3.56
N ASN B 661 37.93 -21.29 3.68
CA ASN B 661 39.16 -20.83 3.07
C ASN B 661 39.31 -21.29 1.62
N ASN B 662 38.27 -21.90 1.04
CA ASN B 662 38.30 -22.39 -0.34
C ASN B 662 39.43 -23.39 -0.56
N ARG B 663 39.68 -24.23 0.46
CA ARG B 663 40.74 -25.22 0.34
C ARG B 663 40.32 -26.38 -0.56
N TYR B 664 39.07 -26.84 -0.43
CA TYR B 664 38.56 -27.99 -1.16
C TYR B 664 37.97 -27.61 -2.52
N ARG B 665 38.22 -26.37 -2.98
CA ARG B 665 37.56 -25.86 -4.17
C ARG B 665 37.85 -26.71 -5.39
N PHE B 666 39.12 -26.78 -5.80
CA PHE B 666 39.45 -27.50 -7.03
C PHE B 666 39.34 -29.01 -6.85
N ALA B 667 39.53 -29.51 -5.63
CA ALA B 667 39.33 -30.94 -5.39
C ALA B 667 37.88 -31.34 -5.63
N PHE B 668 36.93 -30.59 -5.07
CA PHE B 668 35.53 -30.88 -5.31
C PHE B 668 35.15 -30.62 -6.76
N LEU B 669 35.77 -29.62 -7.40
CA LEU B 669 35.53 -29.40 -8.82
C LEU B 669 35.94 -30.60 -9.64
N TYR B 670 37.11 -31.18 -9.35
CA TYR B 670 37.56 -32.37 -10.07
C TYR B 670 36.64 -33.55 -9.79
N LEU B 671 36.20 -33.72 -8.54
CA LEU B 671 35.28 -34.79 -8.22
C LEU B 671 33.99 -34.66 -9.01
N LEU B 672 33.43 -33.45 -9.06
CA LEU B 672 32.17 -33.23 -9.79
C LEU B 672 32.36 -33.46 -11.28
N VAL B 673 33.49 -33.02 -11.84
CA VAL B 673 33.75 -33.23 -13.26
C VAL B 673 33.87 -34.72 -13.56
N LYS B 674 34.57 -35.46 -12.70
CA LYS B 674 34.69 -36.90 -12.91
C LYS B 674 33.33 -37.59 -12.84
N TRP B 675 32.50 -37.22 -11.87
CA TRP B 675 31.17 -37.80 -11.78
C TRP B 675 30.33 -37.46 -12.99
N TYR B 676 30.41 -36.21 -13.47
CA TYR B 676 29.65 -35.81 -14.65
C TYR B 676 30.08 -36.62 -15.87
N LYS B 677 31.40 -36.78 -16.05
CA LYS B 677 31.89 -37.56 -17.18
C LYS B 677 31.47 -39.02 -17.07
N LYS B 678 31.42 -39.54 -15.84
CA LYS B 678 30.91 -40.90 -15.65
C LYS B 678 29.45 -41.00 -16.05
N TYR B 679 28.65 -40.00 -15.72
CA TYR B 679 27.23 -40.00 -16.04
C TYR B 679 26.89 -39.18 -17.29
N HIS B 680 27.88 -38.86 -18.12
CA HIS B 680 27.62 -38.10 -19.35
C HIS B 680 27.28 -39.08 -20.46
N ILE B 681 26.02 -39.52 -20.45
CA ILE B 681 25.42 -40.13 -21.62
C ILE B 681 24.97 -38.97 -22.50
N PRO B 682 24.79 -39.16 -23.82
CA PRO B 682 24.55 -38.01 -24.71
C PRO B 682 23.47 -37.04 -24.25
N ILE B 683 22.57 -37.48 -23.38
CA ILE B 683 21.54 -36.63 -22.82
C ILE B 683 21.58 -36.75 -21.30
N MET B 684 21.57 -35.62 -20.61
CA MET B 684 21.52 -35.59 -19.15
C MET B 684 20.09 -35.36 -18.70
N LYS B 685 19.54 -36.32 -17.97
CA LYS B 685 18.16 -36.26 -17.50
C LYS B 685 18.10 -36.71 -16.06
N LEU B 686 17.27 -36.03 -15.27
CA LEU B 686 17.05 -36.36 -13.87
C LEU B 686 15.76 -37.16 -13.74
N TYR B 687 15.83 -38.29 -13.00
CA TYR B 687 14.70 -39.19 -12.91
C TYR B 687 14.10 -39.16 -11.51
N PRO B 688 12.77 -39.05 -11.40
CA PRO B 688 12.13 -39.01 -10.09
C PRO B 688 12.16 -40.36 -9.39
N THR B 689 12.01 -40.30 -8.06
CA THR B 689 11.99 -41.48 -7.21
C THR B 689 10.73 -41.41 -6.35
N PRO B 690 9.57 -41.78 -6.91
CA PRO B 690 8.31 -41.63 -6.16
C PRO B 690 8.17 -42.53 -4.95
N GLU B 691 8.98 -43.59 -4.84
CA GLU B 691 8.78 -44.58 -3.79
C GLU B 691 9.34 -44.14 -2.44
N GLU B 692 10.00 -43.00 -2.36
CA GLU B 692 10.67 -42.58 -1.13
C GLU B 692 9.91 -41.47 -0.39
N ILE B 693 8.60 -41.34 -0.61
CA ILE B 693 7.80 -40.34 0.07
C ILE B 693 6.56 -41.04 0.65
N PRO B 694 6.31 -40.94 1.96
CA PRO B 694 5.11 -41.58 2.52
C PRO B 694 3.81 -41.04 1.95
N ASP B 695 3.74 -39.76 1.61
CA ASP B 695 2.50 -39.19 1.07
C ASP B 695 2.16 -39.78 -0.29
N PHE B 696 3.17 -40.18 -1.05
CA PHE B 696 2.98 -40.70 -2.40
C PHE B 696 2.56 -42.17 -2.41
N ALA B 697 2.64 -42.86 -1.29
CA ALA B 697 2.41 -44.31 -1.27
C ALA B 697 0.98 -44.66 -1.65
N PHE B 698 0.01 -43.87 -1.17
CA PHE B 698 -1.40 -44.20 -1.42
C PHE B 698 -1.73 -44.15 -2.90
N TYR B 699 -1.26 -43.12 -3.61
CA TYR B 699 -1.57 -42.99 -5.03
C TYR B 699 -0.77 -44.00 -5.85
N LEU B 700 0.42 -44.39 -5.40
CA LEU B 700 1.18 -45.41 -6.09
C LEU B 700 0.46 -46.76 -6.05
N LYS B 701 -0.17 -47.08 -4.92
CA LYS B 701 -0.83 -48.37 -4.75
C LYS B 701 -2.13 -48.46 -5.52
N ILE B 702 -2.86 -47.34 -5.67
CA ILE B 702 -4.14 -47.36 -6.35
C ILE B 702 -3.97 -47.78 -7.81
N GLY B 703 -2.96 -47.22 -8.48
CA GLY B 703 -2.67 -47.61 -9.84
C GLY B 703 -2.31 -49.08 -10.00
N THR B 704 -1.86 -49.71 -8.92
CA THR B 704 -1.54 -51.14 -8.91
C THR B 704 -2.65 -51.98 -8.28
N LEU B 705 -3.79 -51.37 -7.94
CA LEU B 705 -4.90 -52.07 -7.33
C LEU B 705 -6.22 -51.89 -8.05
N LEU B 706 -6.35 -50.91 -8.92
CA LEU B 706 -7.57 -50.68 -9.68
C LEU B 706 -7.24 -50.53 -11.15
N VAL B 707 -7.95 -51.29 -11.99
CA VAL B 707 -7.83 -51.21 -13.43
C VAL B 707 -9.18 -50.81 -14.01
N SER B 708 -9.15 -49.87 -14.95
CA SER B 708 -10.35 -49.24 -15.47
C SER B 708 -11.23 -50.20 -16.25
N SER B 709 -12.54 -50.06 -16.08
CA SER B 709 -13.52 -50.81 -16.86
C SER B 709 -13.56 -50.28 -18.29
N SER B 710 -13.62 -51.19 -19.26
CA SER B 710 -13.64 -50.82 -20.66
C SER B 710 -14.60 -51.76 -21.39
N VAL B 711 -14.61 -51.66 -22.72
CA VAL B 711 -15.49 -52.50 -23.53
C VAL B 711 -15.06 -53.96 -23.50
N LYS B 712 -13.83 -54.25 -23.07
CA LYS B 712 -13.37 -55.63 -23.01
C LYS B 712 -14.13 -56.42 -21.94
N HIS B 713 -14.69 -55.75 -20.94
CA HIS B 713 -15.40 -56.40 -19.85
C HIS B 713 -16.88 -56.60 -20.14
N ILE B 714 -17.34 -56.24 -21.34
CA ILE B 714 -18.76 -56.46 -21.69
C ILE B 714 -19.16 -57.93 -21.60
N PRO B 715 -18.39 -58.91 -22.19
CA PRO B 715 -18.77 -60.32 -22.09
C PRO B 715 -18.38 -60.98 -20.77
N LEU B 716 -18.56 -60.26 -19.67
CA LEU B 716 -18.28 -60.80 -18.35
C LEU B 716 -19.33 -60.42 -17.31
N MET B 717 -20.42 -59.75 -17.71
CA MET B 717 -21.44 -59.33 -16.76
C MET B 717 -22.32 -60.49 -16.30
N THR B 718 -22.21 -61.66 -16.93
CA THR B 718 -22.99 -62.81 -16.50
C THR B 718 -22.61 -63.25 -15.09
N ASP B 719 -21.31 -63.28 -14.80
CA ASP B 719 -20.82 -63.68 -13.49
C ASP B 719 -20.51 -62.50 -12.57
N LEU B 720 -20.32 -61.30 -13.13
CA LEU B 720 -19.99 -60.15 -12.30
C LEU B 720 -21.21 -59.58 -11.57
N SER B 721 -22.42 -59.97 -11.98
CA SER B 721 -23.60 -59.48 -11.29
C SER B 721 -23.70 -60.02 -9.87
N LYS B 722 -23.21 -61.25 -9.66
CA LYS B 722 -23.24 -61.84 -8.32
C LYS B 722 -22.27 -61.17 -7.36
N LYS B 723 -21.32 -60.38 -7.87
CA LYS B 723 -20.36 -59.68 -7.05
C LYS B 723 -20.86 -58.29 -6.63
N GLY B 724 -22.08 -57.93 -6.98
CA GLY B 724 -22.63 -56.62 -6.67
C GLY B 724 -22.55 -55.62 -7.80
N TYR B 725 -21.78 -55.92 -8.84
CA TYR B 725 -21.67 -55.00 -9.97
C TYR B 725 -22.95 -55.03 -10.80
N ILE B 726 -23.34 -53.86 -11.32
CA ILE B 726 -24.49 -53.73 -12.19
C ILE B 726 -24.04 -53.10 -13.50
N LEU B 727 -24.82 -53.35 -14.55
CA LEU B 727 -24.49 -52.93 -15.90
C LEU B 727 -25.36 -51.74 -16.30
N TYR B 728 -24.74 -50.73 -16.90
CA TYR B 728 -25.45 -49.54 -17.37
C TYR B 728 -24.82 -49.10 -18.68
N ASP B 729 -25.60 -49.17 -19.75
CA ASP B 729 -25.15 -48.89 -21.13
C ASP B 729 -23.76 -49.47 -21.39
N ASN B 730 -23.66 -50.78 -21.19
CA ASN B 730 -22.43 -51.55 -21.44
C ASN B 730 -21.26 -51.00 -20.62
N VAL B 731 -21.54 -50.58 -19.39
CA VAL B 731 -20.53 -50.11 -18.46
C VAL B 731 -20.78 -50.77 -17.10
N VAL B 732 -19.73 -51.33 -16.51
CA VAL B 732 -19.83 -52.01 -15.22
C VAL B 732 -19.59 -51.00 -14.11
N THR B 733 -20.47 -50.98 -13.12
CA THR B 733 -20.43 -50.01 -12.04
C THR B 733 -20.34 -50.73 -10.70
N LEU B 734 -19.85 -50.01 -9.68
CA LEU B 734 -19.70 -50.53 -8.33
C LEU B 734 -20.36 -49.58 -7.34
N PRO B 735 -21.25 -50.08 -6.47
CA PRO B 735 -21.84 -49.22 -5.46
C PRO B 735 -20.82 -48.74 -4.44
N LEU B 736 -21.12 -47.59 -3.83
CA LEU B 736 -20.20 -46.98 -2.87
C LEU B 736 -20.00 -47.86 -1.64
N THR B 737 -21.09 -48.44 -1.12
CA THR B 737 -20.96 -49.28 0.08
C THR B 737 -20.13 -50.52 -0.19
N THR B 738 -20.39 -51.18 -1.31
CA THR B 738 -19.60 -52.35 -1.68
C THR B 738 -18.15 -51.96 -1.94
N PHE B 739 -17.93 -50.79 -2.55
CA PHE B 739 -16.57 -50.31 -2.78
C PHE B 739 -15.83 -50.12 -1.46
N GLN B 740 -16.48 -49.51 -0.47
CA GLN B 740 -15.86 -49.34 0.83
C GLN B 740 -15.59 -50.68 1.49
N GLN B 741 -16.54 -51.61 1.41
CA GLN B 741 -16.36 -52.91 2.05
C GLN B 741 -15.19 -53.67 1.43
N LYS B 742 -15.03 -53.57 0.11
CA LYS B 742 -13.94 -54.28 -0.55
C LYS B 742 -12.59 -53.59 -0.29
N ILE B 743 -12.58 -52.25 -0.29
CA ILE B 743 -11.32 -51.53 -0.10
C ILE B 743 -10.87 -51.55 1.36
N SER B 744 -11.77 -51.84 2.30
CA SER B 744 -11.36 -51.93 3.69
C SER B 744 -10.44 -53.11 3.96
N LYS B 745 -10.37 -54.07 3.05
CA LYS B 745 -9.50 -55.22 3.22
C LYS B 745 -8.03 -54.90 2.98
N TYR B 746 -7.73 -53.87 2.19
CA TYR B 746 -6.37 -53.45 1.92
C TYR B 746 -5.98 -52.19 2.68
N PHE B 747 -6.74 -51.11 2.51
CA PHE B 747 -6.57 -49.89 3.29
C PHE B 747 -7.72 -49.76 4.28
N ASN B 748 -7.39 -49.63 5.56
CA ASN B 748 -8.40 -49.49 6.58
C ASN B 748 -8.95 -48.06 6.56
N SER B 749 -9.85 -47.75 7.52
CA SER B 749 -10.67 -46.56 7.42
C SER B 749 -9.95 -45.30 7.90
N ARG B 750 -9.53 -45.29 9.16
CA ARG B 750 -9.17 -44.04 9.82
C ARG B 750 -7.96 -43.37 9.17
N LEU B 751 -6.86 -44.10 9.01
CA LEU B 751 -5.60 -43.50 8.58
C LEU B 751 -5.68 -42.97 7.16
N PHE B 752 -6.18 -43.79 6.23
CA PHE B 752 -6.26 -43.41 4.83
C PHE B 752 -7.63 -42.84 4.45
N GLY B 753 -8.40 -42.37 5.42
CA GLY B 753 -9.76 -41.91 5.14
C GLY B 753 -9.78 -40.70 4.22
N HIS B 754 -8.92 -39.71 4.51
CA HIS B 754 -8.89 -38.51 3.69
C HIS B 754 -8.49 -38.83 2.25
N ASP B 755 -7.46 -39.66 2.08
CA ASP B 755 -7.02 -40.01 0.74
C ASP B 755 -8.07 -40.83 -0.01
N ILE B 756 -8.73 -41.76 0.68
CA ILE B 756 -9.78 -42.55 0.05
C ILE B 756 -10.93 -41.68 -0.38
N GLU B 757 -11.36 -40.75 0.48
CA GLU B 757 -12.44 -39.84 0.13
C GLU B 757 -12.04 -38.95 -1.03
N SER B 758 -10.78 -38.49 -1.05
CA SER B 758 -10.30 -37.67 -2.16
C SER B 758 -10.37 -38.44 -3.47
N PHE B 759 -9.90 -39.69 -3.47
CA PHE B 759 -9.97 -40.51 -4.67
C PHE B 759 -11.42 -40.73 -5.11
N ILE B 760 -12.30 -41.00 -4.15
CA ILE B 760 -13.70 -41.27 -4.48
C ILE B 760 -14.34 -40.06 -5.12
N ASN B 761 -14.15 -38.88 -4.52
CA ASN B 761 -14.76 -37.68 -5.07
C ASN B 761 -14.06 -37.16 -6.32
N ARG B 762 -12.83 -37.60 -6.58
CA ARG B 762 -12.12 -37.19 -7.78
C ARG B 762 -12.20 -38.20 -8.91
N HIS B 763 -12.82 -39.36 -8.69
CA HIS B 763 -12.87 -40.40 -9.71
C HIS B 763 -14.23 -41.07 -9.84
N LYS B 764 -15.28 -40.52 -9.26
CA LYS B 764 -16.60 -41.14 -9.33
C LYS B 764 -17.44 -40.53 -10.43
N LYS B 765 -18.50 -41.24 -10.80
CA LYS B 765 -19.43 -40.84 -11.84
C LYS B 765 -20.86 -40.93 -11.32
N PHE B 766 -21.76 -40.20 -11.98
CA PHE B 766 -23.17 -40.19 -11.62
C PHE B 766 -24.01 -40.63 -12.81
N ALA B 767 -24.61 -41.82 -12.70
CA ALA B 767 -25.64 -42.22 -13.65
C ALA B 767 -26.88 -41.36 -13.51
N ASN B 768 -27.27 -41.08 -12.27
CA ASN B 768 -28.30 -40.08 -11.96
C ASN B 768 -27.88 -39.40 -10.66
N VAL B 769 -28.69 -38.44 -10.22
CA VAL B 769 -28.35 -37.69 -9.02
C VAL B 769 -28.48 -38.56 -7.77
N SER B 770 -29.52 -39.41 -7.73
CA SER B 770 -29.76 -40.21 -6.53
C SER B 770 -28.71 -41.31 -6.37
N ASP B 771 -28.34 -41.97 -7.47
CA ASP B 771 -27.40 -43.09 -7.42
C ASP B 771 -26.11 -42.71 -8.10
N GLU B 772 -25.00 -42.85 -7.39
CA GLU B 772 -23.67 -42.58 -7.91
C GLU B 772 -22.84 -43.87 -7.90
N TYR B 773 -21.93 -43.98 -8.86
CA TYR B 773 -21.15 -45.20 -9.01
C TYR B 773 -19.74 -44.84 -9.47
N LEU B 774 -18.94 -45.87 -9.71
CA LEU B 774 -17.56 -45.72 -10.15
C LEU B 774 -17.31 -46.65 -11.33
N GLN B 775 -16.63 -46.14 -12.36
CA GLN B 775 -16.16 -47.00 -13.44
C GLN B 775 -14.81 -47.62 -13.09
N TYR B 776 -14.75 -48.22 -11.91
CA TYR B 776 -13.52 -48.79 -11.37
C TYR B 776 -13.81 -50.18 -10.82
N ILE B 777 -13.19 -51.18 -11.41
CA ILE B 777 -13.28 -52.56 -10.94
C ILE B 777 -11.92 -52.94 -10.36
N PHE B 778 -11.93 -53.49 -9.15
CA PHE B 778 -10.69 -53.82 -8.47
C PHE B 778 -9.90 -54.83 -9.27
N ILE B 779 -8.57 -54.69 -9.25
CA ILE B 779 -7.70 -55.61 -9.98
C ILE B 779 -7.94 -57.04 -9.49
N GLU B 780 -8.11 -57.21 -8.17
CA GLU B 780 -8.42 -58.54 -7.63
C GLU B 780 -9.71 -59.09 -8.22
N ASP B 781 -10.64 -58.23 -8.62
CA ASP B 781 -11.90 -58.71 -9.18
C ASP B 781 -11.76 -59.22 -10.60
N ILE B 782 -10.78 -58.71 -11.36
CA ILE B 782 -10.59 -59.22 -12.71
C ILE B 782 -9.40 -60.18 -12.78
N SER B 783 -8.40 -60.01 -11.90
CA SER B 783 -7.36 -61.02 -11.78
C SER B 783 -7.94 -62.36 -11.38
N SER B 784 -8.90 -62.35 -10.45
CA SER B 784 -9.69 -63.53 -10.17
C SER B 784 -10.85 -63.59 -11.15
N PRO B 785 -11.01 -64.66 -11.93
CA PRO B 785 -12.11 -64.78 -12.90
C PRO B 785 -13.49 -64.75 -12.25
N GLY C 323 20.75 25.96 -47.55
CA GLY C 323 20.93 26.43 -46.18
C GLY C 323 20.61 25.38 -45.14
N ASN C 324 21.43 25.31 -44.09
CA ASN C 324 21.24 24.36 -43.00
C ASN C 324 21.23 22.92 -43.52
N LYS C 325 22.40 22.52 -44.03
CA LYS C 325 22.66 21.17 -44.53
C LYS C 325 21.99 20.07 -43.71
N LEU C 326 22.01 20.20 -42.38
CA LEU C 326 21.41 19.16 -41.54
C LEU C 326 19.90 19.15 -41.67
N PHE C 327 19.29 20.30 -41.94
CA PHE C 327 17.85 20.31 -42.22
C PHE C 327 17.54 19.61 -43.54
N ASN C 328 18.40 19.79 -44.55
CA ASN C 328 18.22 19.07 -45.80
C ASN C 328 18.35 17.57 -45.59
N ILE C 329 19.31 17.15 -44.77
CA ILE C 329 19.45 15.72 -44.47
C ILE C 329 18.20 15.20 -43.78
N ALA C 330 17.67 15.94 -42.82
CA ALA C 330 16.45 15.53 -42.14
C ALA C 330 15.28 15.44 -43.11
N GLN C 331 15.18 16.40 -44.03
CA GLN C 331 14.11 16.37 -45.03
C GLN C 331 14.24 15.15 -45.94
N ARG C 332 15.45 14.80 -46.35
CA ARG C 332 15.65 13.61 -47.18
C ARG C 332 15.28 12.34 -46.43
N ILE C 333 15.74 12.22 -45.18
CA ILE C 333 15.42 11.02 -44.39
C ILE C 333 13.92 10.93 -44.15
N LEU C 334 13.24 12.07 -44.04
CA LEU C 334 11.78 12.06 -43.95
C LEU C 334 11.13 11.67 -45.27
N ASP C 335 11.73 12.06 -46.40
CA ASP C 335 11.17 11.73 -47.69
C ASP C 335 11.30 10.25 -48.00
N THR C 336 12.33 9.59 -47.47
CA THR C 336 12.43 8.14 -47.67
C THR C 336 11.33 7.38 -46.94
N ASN C 337 10.60 8.01 -46.03
CA ASN C 337 9.46 7.41 -45.35
C ASN C 337 9.91 6.20 -44.51
N SER C 338 10.85 6.44 -43.61
CA SER C 338 11.40 5.40 -42.76
C SER C 338 11.13 5.60 -41.28
N VAL C 339 10.70 6.78 -40.85
CA VAL C 339 10.33 7.05 -39.47
C VAL C 339 8.88 7.47 -39.45
N LEU C 340 8.10 6.87 -38.56
CA LEU C 340 6.70 7.19 -38.41
C LEU C 340 6.39 7.42 -36.94
N LEU C 341 5.36 8.22 -36.69
CA LEU C 341 4.88 8.47 -35.34
C LEU C 341 3.59 7.70 -35.14
N THR C 342 3.56 6.84 -34.14
CA THR C 342 2.39 6.02 -33.89
C THR C 342 1.41 6.75 -32.97
N GLU C 343 0.14 6.31 -33.03
CA GLU C 343 -0.90 6.96 -32.24
C GLU C 343 -0.61 6.90 -30.75
N ARG C 344 0.13 5.89 -30.31
CA ARG C 344 0.54 5.81 -28.91
C ARG C 344 1.67 6.78 -28.57
N GLY C 345 2.32 7.34 -29.57
CA GLY C 345 3.43 8.26 -29.34
C GLY C 345 4.81 7.67 -29.54
N ASP C 346 4.91 6.46 -30.10
CA ASP C 346 6.19 5.82 -30.31
C ASP C 346 6.70 6.08 -31.72
N HIS C 347 8.01 6.18 -31.85
CA HIS C 347 8.66 6.39 -33.14
C HIS C 347 9.14 5.05 -33.66
N ILE C 348 8.53 4.57 -34.74
CA ILE C 348 8.87 3.29 -35.35
C ILE C 348 9.79 3.55 -36.53
N VAL C 349 10.87 2.78 -36.62
CA VAL C 349 11.88 2.98 -37.66
C VAL C 349 12.01 1.70 -38.47
N TRP C 350 12.55 1.85 -39.66
CA TRP C 350 12.66 0.76 -40.64
C TRP C 350 14.14 0.46 -40.86
N ILE C 351 14.69 -0.44 -40.05
CA ILE C 351 16.07 -0.89 -40.18
C ILE C 351 16.05 -2.40 -40.40
N ASN C 352 16.88 -2.86 -41.34
CA ASN C 352 17.05 -4.28 -41.62
C ASN C 352 15.74 -4.96 -41.99
N ASN C 353 15.00 -4.31 -42.90
CA ASN C 353 13.78 -4.89 -43.48
C ASN C 353 12.73 -5.22 -42.42
N SER C 354 12.58 -4.36 -41.42
CA SER C 354 11.57 -4.56 -40.40
C SER C 354 11.31 -3.24 -39.68
N TRP C 355 10.08 -3.07 -39.19
CA TRP C 355 9.72 -1.91 -38.39
C TRP C 355 9.98 -2.23 -36.92
N LYS C 356 10.83 -1.43 -36.28
CA LYS C 356 11.16 -1.61 -34.87
C LYS C 356 10.92 -0.31 -34.12
N PHE C 357 10.53 -0.44 -32.85
CA PHE C 357 10.42 0.70 -31.97
C PHE C 357 10.91 0.30 -30.59
N ASN C 358 11.65 1.21 -29.94
CA ASN C 358 12.19 0.98 -28.61
C ASN C 358 12.17 2.31 -27.86
N SER C 359 11.49 2.34 -26.72
CA SER C 359 11.34 3.59 -25.99
C SER C 359 12.63 3.95 -25.23
N GLU C 360 13.30 2.96 -24.65
CA GLU C 360 14.44 3.23 -23.79
C GLU C 360 15.75 3.40 -24.56
N GLU C 361 15.86 2.83 -25.75
CA GLU C 361 17.03 3.02 -26.61
C GLU C 361 16.57 3.46 -27.99
N PRO C 362 16.24 4.74 -28.15
CA PRO C 362 15.68 5.21 -29.42
C PRO C 362 16.61 4.94 -30.60
N LEU C 363 16.00 4.62 -31.74
CA LEU C 363 16.70 4.11 -32.90
C LEU C 363 16.74 5.09 -34.06
N ILE C 364 16.34 6.35 -33.84
CA ILE C 364 16.40 7.32 -34.94
C ILE C 364 17.84 7.60 -35.33
N THR C 365 18.73 7.67 -34.35
CA THR C 365 20.15 7.89 -34.65
C THR C 365 20.76 6.68 -35.35
N LYS C 366 20.35 5.47 -34.97
CA LYS C 366 20.76 4.28 -35.69
C LYS C 366 20.28 4.32 -37.14
N LEU C 367 19.05 4.76 -37.36
CA LEU C 367 18.54 4.87 -38.72
C LEU C 367 19.33 5.88 -39.52
N ILE C 368 19.67 7.02 -38.91
CA ILE C 368 20.46 8.03 -39.62
C ILE C 368 21.80 7.46 -40.03
N LEU C 369 22.49 6.79 -39.08
CA LEU C 369 23.79 6.23 -39.37
C LEU C 369 23.72 5.17 -40.47
N SER C 370 22.69 4.34 -40.45
CA SER C 370 22.58 3.27 -41.45
C SER C 370 22.19 3.83 -42.81
N ILE C 371 21.31 4.84 -42.82
CA ILE C 371 20.85 5.43 -44.07
C ILE C 371 21.88 6.35 -44.71
N ARG C 372 22.95 6.69 -43.98
CA ARG C 372 23.98 7.57 -44.51
C ARG C 372 24.52 7.14 -45.87
N HIS C 373 24.26 5.90 -46.28
CA HIS C 373 24.76 5.40 -47.56
C HIS C 373 23.91 5.81 -48.76
N GLN C 374 22.69 6.31 -48.54
CA GLN C 374 21.82 6.68 -49.64
C GLN C 374 21.79 8.17 -49.91
N LEU C 375 22.35 8.98 -49.03
CA LEU C 375 22.47 10.41 -49.26
C LEU C 375 23.67 10.68 -50.17
N PRO C 376 23.72 11.86 -50.79
CA PRO C 376 24.87 12.20 -51.64
C PRO C 376 26.19 12.14 -50.87
N LYS C 377 27.29 12.19 -51.61
CA LYS C 377 28.61 12.09 -51.01
C LYS C 377 28.89 13.26 -50.08
N GLU C 378 28.32 14.43 -50.37
CA GLU C 378 28.53 15.60 -49.53
C GLU C 378 27.77 15.53 -48.21
N TYR C 379 26.72 14.71 -48.13
CA TYR C 379 25.92 14.61 -46.91
C TYR C 379 26.34 13.46 -46.01
N SER C 380 27.02 12.45 -46.55
CA SER C 380 27.34 11.26 -45.79
C SER C 380 28.46 11.48 -44.77
N SER C 381 29.30 12.50 -44.97
CA SER C 381 30.41 12.73 -44.06
C SER C 381 29.98 13.44 -42.79
N GLU C 382 28.82 14.10 -42.78
CA GLU C 382 28.35 14.79 -41.59
C GLU C 382 27.66 13.85 -40.62
N LEU C 383 27.34 12.64 -41.04
CA LEU C 383 26.62 11.69 -40.20
C LEU C 383 27.53 10.77 -39.41
N LEU C 384 28.83 11.06 -39.41
CA LEU C 384 29.80 10.32 -38.60
C LEU C 384 30.04 10.97 -37.25
N CYS C 385 29.41 12.10 -36.97
CA CYS C 385 29.53 12.79 -35.69
C CYS C 385 28.24 12.64 -34.91
N PRO C 386 28.29 12.17 -33.66
CA PRO C 386 27.05 11.97 -32.90
C PRO C 386 26.26 13.26 -32.65
N ARG C 387 26.95 14.40 -32.53
CA ARG C 387 26.25 15.66 -32.31
C ARG C 387 25.39 16.03 -33.51
N LYS C 388 25.93 15.87 -34.72
CA LYS C 388 25.16 16.18 -35.92
C LYS C 388 24.01 15.21 -36.12
N ARG C 389 24.20 13.94 -35.76
CA ARG C 389 23.10 12.98 -35.80
C ARG C 389 22.01 13.35 -34.81
N LYS C 390 22.38 13.85 -33.63
CA LYS C 390 21.37 14.31 -32.67
C LYS C 390 20.62 15.53 -33.20
N THR C 391 21.31 16.44 -33.88
CA THR C 391 20.66 17.59 -34.47
C THR C 391 19.66 17.16 -35.55
N VAL C 392 20.07 16.22 -36.40
CA VAL C 392 19.16 15.71 -37.44
C VAL C 392 17.97 15.00 -36.79
N GLU C 393 18.21 14.29 -35.69
CA GLU C 393 17.11 13.64 -34.98
C GLU C 393 16.14 14.67 -34.41
N ALA C 394 16.65 15.79 -33.89
CA ALA C 394 15.77 16.84 -33.39
C ALA C 394 14.91 17.42 -34.51
N ASN C 395 15.51 17.67 -35.67
CA ASN C 395 14.74 18.16 -36.82
C ASN C 395 13.67 17.16 -37.23
N ILE C 396 14.03 15.87 -37.28
CA ILE C 396 13.07 14.83 -37.66
C ILE C 396 11.93 14.77 -36.67
N ARG C 397 12.24 14.84 -35.37
CA ARG C 397 11.21 14.81 -34.34
C ARG C 397 10.27 16.00 -34.46
N ASP C 398 10.79 17.18 -34.80
CA ASP C 398 9.93 18.32 -35.02
C ASP C 398 9.16 18.25 -36.33
N MET C 399 9.54 17.39 -37.26
CA MET C 399 8.84 17.30 -38.52
C MET C 399 7.69 16.30 -38.52
N LEU C 400 7.61 15.41 -37.53
CA LEU C 400 6.59 14.37 -37.51
C LEU C 400 5.42 14.83 -36.65
N VAL C 401 4.37 15.32 -37.30
CA VAL C 401 3.18 15.82 -36.61
C VAL C 401 2.04 14.81 -36.64
N ASP C 402 1.69 14.31 -37.83
CA ASP C 402 0.58 13.40 -37.97
C ASP C 402 0.95 11.99 -37.54
N SER C 403 -0.05 11.23 -37.12
CA SER C 403 0.12 9.83 -36.73
C SER C 403 -0.47 8.92 -37.80
N VAL C 404 0.12 7.72 -37.91
CA VAL C 404 -0.28 6.73 -38.88
C VAL C 404 -0.94 5.56 -38.15
N GLU C 405 -1.49 4.64 -38.92
CA GLU C 405 -2.15 3.45 -38.39
C GLU C 405 -1.28 2.23 -38.65
N THR C 406 -1.12 1.38 -37.63
CA THR C 406 -0.21 0.26 -37.67
C THR C 406 -0.94 -1.04 -37.33
N ASP C 407 -0.45 -2.14 -37.88
CA ASP C 407 -0.96 -3.48 -37.59
C ASP C 407 -2.44 -3.61 -37.91
N THR C 408 -2.84 -3.05 -39.04
CA THR C 408 -4.22 -3.10 -39.49
C THR C 408 -4.51 -4.26 -40.43
N TYR C 409 -3.50 -5.06 -40.78
CA TYR C 409 -3.71 -6.21 -41.65
C TYR C 409 -3.75 -7.47 -40.80
N PRO C 410 -4.88 -8.15 -40.69
CA PRO C 410 -4.97 -9.30 -39.77
C PRO C 410 -4.54 -10.64 -40.32
N ASP C 411 -4.20 -10.73 -41.61
CA ASP C 411 -3.84 -12.01 -42.22
C ASP C 411 -2.41 -12.01 -42.73
N LYS C 412 -1.54 -11.22 -42.10
CA LYS C 412 -0.13 -11.17 -42.46
C LYS C 412 0.70 -11.61 -41.28
N LEU C 413 1.53 -12.63 -41.47
CA LEU C 413 2.42 -13.10 -40.42
C LEU C 413 3.77 -12.46 -40.61
N PRO C 414 4.22 -11.60 -39.70
CA PRO C 414 5.49 -10.89 -39.90
C PRO C 414 6.69 -11.67 -39.40
N PHE C 415 7.73 -11.69 -40.21
CA PHE C 415 8.99 -12.35 -39.90
C PHE C 415 10.10 -11.30 -39.78
N LYS C 416 11.31 -11.78 -39.48
CA LYS C 416 12.44 -10.87 -39.29
C LYS C 416 12.90 -10.23 -40.60
N ASN C 417 12.64 -10.88 -41.74
CA ASN C 417 13.10 -10.36 -43.02
C ASN C 417 11.97 -10.14 -44.02
N GLY C 418 10.72 -10.30 -43.61
CA GLY C 418 9.61 -10.09 -44.51
C GLY C 418 8.29 -10.43 -43.87
N VAL C 419 7.24 -10.33 -44.67
CA VAL C 419 5.87 -10.58 -44.24
C VAL C 419 5.29 -11.67 -45.12
N LEU C 420 4.73 -12.71 -44.51
CA LEU C 420 4.16 -13.85 -45.22
C LEU C 420 2.64 -13.68 -45.30
N ASP C 421 2.12 -13.73 -46.52
CA ASP C 421 0.68 -13.62 -46.74
C ASP C 421 0.04 -14.98 -46.50
N LEU C 422 -0.88 -15.04 -45.52
CA LEU C 422 -1.52 -16.30 -45.18
C LEU C 422 -2.58 -16.71 -46.19
N VAL C 423 -3.30 -15.75 -46.78
CA VAL C 423 -4.36 -16.08 -47.72
C VAL C 423 -3.82 -16.53 -49.07
N ASP C 424 -2.53 -16.36 -49.32
CA ASP C 424 -1.92 -16.75 -50.60
C ASP C 424 -0.73 -17.66 -50.45
N GLY C 425 0.06 -17.50 -49.39
CA GLY C 425 1.26 -18.28 -49.21
C GLY C 425 2.51 -17.69 -49.84
N MET C 426 2.48 -16.43 -50.23
CA MET C 426 3.61 -15.78 -50.88
C MET C 426 4.35 -14.90 -49.87
N PHE C 427 5.68 -14.91 -49.96
CA PHE C 427 6.53 -14.20 -49.02
C PHE C 427 7.02 -12.89 -49.65
N TYR C 428 6.81 -11.78 -48.96
CA TYR C 428 7.21 -10.47 -49.43
C TYR C 428 8.46 -9.99 -48.68
N SER C 429 9.21 -9.09 -49.30
CA SER C 429 10.39 -8.53 -48.68
C SER C 429 10.66 -7.14 -49.22
N GLY C 430 11.39 -6.35 -48.44
CA GLY C 430 11.75 -5.01 -48.88
C GLY C 430 10.56 -4.06 -48.87
N ASP C 431 10.50 -3.21 -49.89
CA ASP C 431 9.39 -2.27 -50.02
C ASP C 431 8.06 -2.98 -50.18
N ASP C 432 8.06 -4.23 -50.66
CA ASP C 432 6.82 -5.00 -50.72
C ASP C 432 6.27 -5.25 -49.32
N ALA C 433 7.14 -5.59 -48.37
CA ALA C 433 6.75 -5.80 -46.99
C ALA C 433 6.69 -4.51 -46.19
N LYS C 434 7.14 -3.39 -46.77
CA LYS C 434 7.12 -2.12 -46.06
C LYS C 434 5.72 -1.57 -45.89
N LYS C 435 4.82 -1.85 -46.83
CA LYS C 435 3.48 -1.26 -46.79
C LYS C 435 2.72 -1.70 -45.54
N TYR C 436 2.81 -2.97 -45.17
CA TYR C 436 2.20 -3.45 -43.94
C TYR C 436 3.07 -3.02 -42.76
N THR C 437 2.55 -2.11 -41.94
CA THR C 437 3.30 -1.60 -40.80
C THR C 437 3.13 -2.55 -39.61
N CYS C 438 3.79 -3.70 -39.72
CA CYS C 438 3.77 -4.70 -38.66
C CYS C 438 4.96 -4.47 -37.74
N THR C 439 4.69 -4.02 -36.52
CA THR C 439 5.73 -3.65 -35.58
C THR C 439 6.14 -4.79 -34.66
N VAL C 440 5.55 -5.97 -34.82
CA VAL C 440 6.00 -7.17 -34.14
C VAL C 440 6.49 -8.15 -35.18
N SER C 441 7.27 -9.14 -34.74
CA SER C 441 7.79 -10.14 -35.65
C SER C 441 8.12 -11.39 -34.86
N THR C 442 8.22 -12.51 -35.57
CA THR C 442 8.56 -13.77 -34.93
C THR C 442 9.98 -13.78 -34.39
N GLY C 443 10.86 -12.90 -34.90
CA GLY C 443 12.21 -12.79 -34.42
C GLY C 443 13.23 -13.62 -35.17
N PHE C 444 12.80 -14.53 -36.04
CA PHE C 444 13.70 -15.33 -36.85
C PHE C 444 13.39 -15.10 -38.33
N LYS C 445 14.34 -15.50 -39.17
CA LYS C 445 14.24 -15.29 -40.60
C LYS C 445 13.51 -16.44 -41.27
N PHE C 446 12.85 -16.13 -42.38
CA PHE C 446 12.06 -17.10 -43.11
C PHE C 446 12.95 -17.88 -44.09
N ASP C 447 12.71 -19.19 -44.17
CA ASP C 447 13.48 -20.07 -45.04
C ASP C 447 12.51 -20.83 -45.93
N ASP C 448 12.48 -20.47 -47.21
CA ASP C 448 11.55 -21.10 -48.14
C ASP C 448 11.90 -22.57 -48.38
N THR C 449 13.20 -22.89 -48.36
CA THR C 449 13.63 -24.26 -48.64
C THR C 449 13.12 -25.23 -47.60
N LYS C 450 13.10 -24.83 -46.33
CA LYS C 450 12.54 -25.68 -45.28
C LYS C 450 11.02 -25.59 -45.20
N PHE C 451 10.41 -24.60 -45.83
CA PHE C 451 8.96 -24.42 -45.82
C PHE C 451 8.31 -25.21 -46.95
N VAL C 452 8.49 -26.53 -46.90
CA VAL C 452 8.04 -27.43 -47.95
C VAL C 452 7.15 -28.52 -47.36
N GLU C 453 6.36 -29.13 -48.25
CA GLU C 453 5.39 -30.13 -47.83
C GLU C 453 6.03 -31.48 -47.50
N ASP C 454 7.12 -31.84 -48.18
CA ASP C 454 7.73 -33.15 -48.02
C ASP C 454 9.14 -33.00 -47.44
N SER C 455 9.40 -33.72 -46.35
CA SER C 455 10.70 -33.73 -45.70
C SER C 455 10.68 -34.79 -44.60
N PRO C 456 11.85 -35.33 -44.23
CA PRO C 456 11.88 -36.22 -43.06
C PRO C 456 11.37 -35.55 -41.78
N GLU C 457 11.72 -34.27 -41.60
CA GLU C 457 11.17 -33.52 -40.48
C GLU C 457 9.66 -33.45 -40.56
N MET C 458 9.11 -33.34 -41.77
CA MET C 458 7.67 -33.31 -41.95
C MET C 458 7.05 -34.61 -41.46
N GLU C 459 7.61 -35.74 -41.85
CA GLU C 459 7.08 -37.04 -41.43
C GLU C 459 7.18 -37.20 -39.91
N GLU C 460 8.33 -36.82 -39.33
CA GLU C 460 8.48 -36.92 -37.89
C GLU C 460 7.44 -36.08 -37.16
N LEU C 461 7.31 -34.80 -37.56
CA LEU C 461 6.37 -33.92 -36.90
C LEU C 461 4.93 -34.40 -37.06
N MET C 462 4.58 -34.87 -38.26
CA MET C 462 3.25 -35.41 -38.47
C MET C 462 3.00 -36.62 -37.57
N ASN C 463 4.02 -37.45 -37.38
CA ASN C 463 3.89 -38.58 -36.48
C ASN C 463 3.60 -38.13 -35.05
N ILE C 464 4.33 -37.13 -34.56
CA ILE C 464 4.10 -36.67 -33.19
C ILE C 464 2.72 -36.04 -33.05
N ILE C 465 2.31 -35.22 -34.02
CA ILE C 465 0.98 -34.60 -33.93
C ILE C 465 -0.12 -35.64 -34.01
N ASN C 466 0.06 -36.68 -34.81
CA ASN C 466 -0.91 -37.77 -34.85
C ASN C 466 -0.96 -38.50 -33.51
N ASP C 467 0.20 -38.70 -32.88
CA ASP C 467 0.23 -39.37 -31.59
C ASP C 467 -0.48 -38.55 -30.51
N ILE C 468 -0.22 -37.24 -30.47
CA ILE C 468 -0.81 -36.41 -29.42
C ILE C 468 -2.33 -36.36 -29.55
N GLN C 469 -2.82 -36.15 -30.76
CA GLN C 469 -4.26 -36.14 -31.02
C GLN C 469 -4.55 -37.16 -32.12
N PRO C 470 -5.12 -38.32 -31.80
CA PRO C 470 -5.37 -39.33 -32.82
C PRO C 470 -6.45 -38.89 -33.80
N LEU C 471 -6.39 -39.48 -34.99
CA LEU C 471 -7.34 -39.22 -36.06
C LEU C 471 -8.57 -40.13 -35.98
N THR C 472 -8.86 -40.69 -34.81
CA THR C 472 -9.98 -41.60 -34.66
C THR C 472 -11.31 -40.83 -34.74
N ASP C 473 -12.37 -41.55 -35.12
CA ASP C 473 -13.67 -40.92 -35.25
C ASP C 473 -14.23 -40.47 -33.90
N GLU C 474 -13.72 -41.01 -32.81
CA GLU C 474 -14.08 -40.50 -31.49
C GLU C 474 -13.30 -39.25 -31.13
N ASN C 475 -12.29 -38.88 -31.92
CA ASN C 475 -11.48 -37.69 -31.70
C ASN C 475 -11.60 -36.70 -32.86
N LYS C 476 -12.66 -36.79 -33.66
CA LYS C 476 -12.77 -35.93 -34.83
C LYS C 476 -13.04 -34.48 -34.43
N LYS C 477 -14.12 -34.24 -33.69
CA LYS C 477 -14.48 -32.88 -33.32
C LYS C 477 -13.43 -32.26 -32.39
N ASN C 478 -12.91 -33.05 -31.46
CA ASN C 478 -11.88 -32.54 -30.55
C ASN C 478 -10.62 -32.15 -31.32
N ARG C 479 -10.17 -33.00 -32.25
CA ARG C 479 -9.01 -32.64 -33.06
C ARG C 479 -9.30 -31.40 -33.90
N GLU C 480 -10.50 -31.31 -34.46
CA GLU C 480 -10.86 -30.16 -35.29
C GLU C 480 -10.77 -28.87 -34.50
N LEU C 481 -11.34 -28.85 -33.29
CA LEU C 481 -11.19 -27.68 -32.44
C LEU C 481 -9.73 -27.44 -32.08
N TYR C 482 -8.97 -28.52 -31.89
CA TYR C 482 -7.56 -28.39 -31.54
C TYR C 482 -6.79 -27.63 -32.61
N GLU C 483 -6.88 -28.06 -33.87
CA GLU C 483 -6.09 -27.35 -34.87
C GLU C 483 -6.76 -26.08 -35.36
N LYS C 484 -8.07 -25.90 -35.17
CA LYS C 484 -8.67 -24.58 -35.39
C LYS C 484 -8.08 -23.56 -34.43
N THR C 485 -8.03 -23.90 -33.14
CA THR C 485 -7.44 -23.00 -32.16
C THR C 485 -5.96 -22.79 -32.44
N LEU C 486 -5.24 -23.85 -32.82
CA LEU C 486 -3.82 -23.69 -33.10
C LEU C 486 -3.58 -22.80 -34.31
N SER C 487 -4.40 -22.94 -35.36
CA SER C 487 -4.21 -22.14 -36.57
C SER C 487 -4.65 -20.70 -36.37
N SER C 488 -5.59 -20.46 -35.45
CA SER C 488 -6.00 -19.08 -35.18
C SER C 488 -4.88 -18.24 -34.57
N CYS C 489 -3.79 -18.86 -34.12
CA CYS C 489 -2.68 -18.12 -33.52
C CYS C 489 -1.91 -17.29 -34.54
N LEU C 490 -2.13 -17.51 -35.83
CA LEU C 490 -1.49 -16.70 -36.87
C LEU C 490 -2.27 -15.45 -37.21
N CYS C 491 -3.53 -15.33 -36.77
CA CYS C 491 -4.37 -14.21 -37.13
C CYS C 491 -4.10 -13.03 -36.21
N GLY C 492 -3.84 -11.87 -36.79
CA GLY C 492 -3.59 -10.67 -36.02
C GLY C 492 -4.83 -9.84 -35.77
N ALA C 493 -5.78 -10.40 -35.02
CA ALA C 493 -7.03 -9.72 -34.72
C ALA C 493 -7.56 -10.25 -33.40
N THR C 494 -8.51 -9.52 -32.82
CA THR C 494 -9.07 -9.90 -31.53
C THR C 494 -9.93 -11.14 -31.67
N LYS C 495 -9.76 -12.07 -30.74
CA LYS C 495 -10.55 -13.30 -30.70
C LYS C 495 -11.56 -13.23 -29.56
N GLY C 496 -12.64 -13.98 -29.70
CA GLY C 496 -13.77 -13.88 -28.79
C GLY C 496 -13.88 -14.93 -27.71
N CYS C 497 -12.97 -15.91 -27.67
CA CYS C 497 -13.07 -16.99 -26.71
C CYS C 497 -11.72 -17.25 -26.05
N LEU C 498 -11.76 -17.93 -24.91
CA LEU C 498 -10.57 -18.41 -24.22
C LEU C 498 -10.55 -19.93 -24.25
N THR C 499 -9.36 -20.50 -24.34
CA THR C 499 -9.19 -21.93 -24.49
C THR C 499 -8.41 -22.51 -23.31
N PHE C 500 -8.93 -23.59 -22.74
CA PHE C 500 -8.26 -24.34 -21.70
C PHE C 500 -7.90 -25.71 -22.25
N PHE C 501 -6.61 -26.05 -22.23
CA PHE C 501 -6.18 -27.40 -22.57
C PHE C 501 -6.25 -28.25 -21.32
N PHE C 502 -7.35 -28.98 -21.16
CA PHE C 502 -7.54 -29.86 -20.02
C PHE C 502 -6.98 -31.24 -20.33
N GLY C 503 -6.36 -31.85 -19.33
CA GLY C 503 -5.79 -33.16 -19.50
C GLY C 503 -4.79 -33.47 -18.41
N GLU C 504 -4.33 -34.72 -18.42
CA GLU C 504 -3.40 -35.21 -17.43
C GLU C 504 -1.96 -34.90 -17.85
N THR C 505 -1.02 -35.18 -16.96
CA THR C 505 0.37 -34.92 -17.24
C THR C 505 0.91 -35.93 -18.25
N ALA C 506 2.07 -35.59 -18.82
CA ALA C 506 2.76 -36.43 -19.81
C ALA C 506 1.82 -36.81 -20.95
N THR C 507 1.07 -35.82 -21.44
CA THR C 507 0.08 -36.03 -22.48
C THR C 507 0.37 -35.28 -23.77
N GLY C 508 1.18 -34.23 -23.73
CA GLY C 508 1.52 -33.47 -24.91
C GLY C 508 1.22 -31.98 -24.84
N LYS C 509 0.68 -31.47 -23.74
CA LYS C 509 0.41 -30.04 -23.64
C LYS C 509 1.69 -29.23 -23.69
N SER C 510 2.73 -29.67 -22.98
CA SER C 510 4.00 -28.95 -22.98
C SER C 510 4.70 -29.08 -24.34
N THR C 511 4.62 -30.25 -24.96
CA THR C 511 5.21 -30.43 -26.28
C THR C 511 4.51 -29.54 -27.31
N THR C 512 3.17 -29.47 -27.26
CA THR C 512 2.43 -28.59 -28.15
C THR C 512 2.79 -27.13 -27.89
N LYS C 513 2.90 -26.75 -26.62
CA LYS C 513 3.25 -25.36 -26.29
C LYS C 513 4.62 -25.00 -26.83
N ARG C 514 5.61 -25.88 -26.65
CA ARG C 514 6.96 -25.57 -27.11
C ARG C 514 7.06 -25.62 -28.62
N LEU C 515 6.33 -26.53 -29.26
CA LEU C 515 6.28 -26.56 -30.72
C LEU C 515 5.71 -25.27 -31.28
N LEU C 516 4.59 -24.80 -30.69
CA LEU C 516 3.99 -23.56 -31.14
C LEU C 516 4.91 -22.38 -30.86
N LYS C 517 5.60 -22.39 -29.72
CA LYS C 517 6.54 -21.32 -29.42
C LYS C 517 7.65 -21.25 -30.45
N SER C 518 8.23 -22.41 -30.78
CA SER C 518 9.28 -22.44 -31.81
C SER C 518 8.74 -22.01 -33.16
N ALA C 519 7.49 -22.37 -33.47
CA ALA C 519 6.93 -22.02 -34.77
C ALA C 519 6.69 -20.52 -34.91
N ILE C 520 6.08 -19.90 -33.91
CA ILE C 520 5.59 -18.53 -34.04
C ILE C 520 6.48 -17.53 -33.30
N GLY C 521 7.62 -17.96 -32.78
CA GLY C 521 8.64 -17.01 -32.36
C GLY C 521 8.19 -16.04 -31.29
N ASP C 522 8.50 -14.75 -31.51
CA ASP C 522 8.27 -13.71 -30.51
C ASP C 522 6.81 -13.33 -30.38
N LEU C 523 5.96 -13.73 -31.33
CA LEU C 523 4.53 -13.43 -31.23
C LEU C 523 3.89 -14.31 -30.16
N PHE C 524 4.70 -15.15 -29.52
CA PHE C 524 4.25 -16.00 -28.43
C PHE C 524 4.74 -15.43 -27.11
N VAL C 525 3.85 -15.35 -26.13
CA VAL C 525 4.15 -14.79 -24.83
C VAL C 525 3.62 -15.70 -23.74
N GLU C 526 4.44 -15.92 -22.72
CA GLU C 526 4.02 -16.60 -21.49
C GLU C 526 3.89 -15.53 -20.41
N THR C 527 2.68 -15.34 -19.90
CA THR C 527 2.41 -14.35 -18.87
C THR C 527 1.96 -15.05 -17.59
N GLY C 528 1.60 -14.26 -16.58
CA GLY C 528 1.31 -14.77 -15.27
C GLY C 528 -0.17 -15.00 -15.02
N GLN C 529 -0.43 -15.58 -13.84
CA GLN C 529 -1.79 -15.81 -13.36
C GLN C 529 -2.51 -14.52 -13.00
N THR C 530 -1.78 -13.41 -12.93
CA THR C 530 -2.38 -12.14 -12.49
C THR C 530 -3.47 -11.67 -13.44
N ILE C 531 -3.28 -11.88 -14.74
CA ILE C 531 -4.17 -11.33 -15.77
C ILE C 531 -5.57 -11.94 -15.69
N LEU C 532 -5.75 -12.90 -14.79
CA LEU C 532 -7.03 -13.59 -14.64
C LEU C 532 -7.75 -13.26 -13.35
N THR C 533 -7.08 -13.39 -12.20
CA THR C 533 -7.73 -13.21 -10.91
C THR C 533 -7.39 -11.90 -10.22
N ASP C 534 -6.51 -11.08 -10.79
CA ASP C 534 -6.10 -9.82 -10.19
C ASP C 534 -6.68 -8.65 -10.95
N VAL C 535 -6.70 -7.48 -10.31
CA VAL C 535 -7.19 -6.28 -10.96
C VAL C 535 -6.25 -5.90 -12.09
N LEU C 536 -6.83 -5.60 -13.26
CA LEU C 536 -6.02 -5.26 -14.41
C LEU C 536 -5.46 -3.84 -14.34
N ASP C 537 -6.18 -2.91 -13.72
CA ASP C 537 -5.69 -1.53 -13.65
C ASP C 537 -4.54 -1.41 -12.66
N LYS C 538 -4.83 -1.63 -11.37
CA LYS C 538 -3.85 -1.60 -10.29
C LYS C 538 -2.83 -0.47 -10.45
N GLY C 539 -1.56 -0.78 -10.23
CA GLY C 539 -0.49 0.13 -10.57
C GLY C 539 0.10 -0.22 -11.92
N PRO C 540 1.35 0.16 -12.16
CA PRO C 540 2.04 -0.32 -13.38
C PRO C 540 2.03 -1.84 -13.42
N ASN C 541 1.62 -2.38 -14.56
CA ASN C 541 1.41 -3.83 -14.73
C ASN C 541 2.13 -4.30 -15.97
N PRO C 542 3.43 -4.58 -15.87
CA PRO C 542 4.15 -5.14 -17.03
C PRO C 542 3.64 -6.49 -17.47
N PHE C 543 2.95 -7.23 -16.60
CA PHE C 543 2.41 -8.54 -16.97
C PHE C 543 1.30 -8.44 -17.99
N ILE C 544 0.74 -7.25 -18.22
CA ILE C 544 -0.22 -7.03 -19.29
C ILE C 544 0.32 -6.10 -20.36
N ALA C 545 1.21 -5.16 -20.01
CA ALA C 545 1.77 -4.24 -20.98
C ALA C 545 2.65 -4.93 -22.01
N ASN C 546 3.05 -6.18 -21.77
CA ASN C 546 3.85 -6.92 -22.74
C ASN C 546 3.00 -7.69 -23.75
N MET C 547 1.69 -7.79 -23.54
CA MET C 547 0.79 -8.44 -24.47
C MET C 547 0.35 -7.52 -25.59
N HIS C 548 1.07 -6.43 -25.82
CA HIS C 548 0.74 -5.49 -26.89
C HIS C 548 1.08 -6.10 -28.23
N LEU C 549 0.07 -6.41 -29.03
CA LEU C 549 0.20 -6.94 -30.39
C LEU C 549 0.74 -8.35 -30.42
N LYS C 550 0.52 -9.15 -29.39
CA LYS C 550 0.99 -10.52 -29.35
C LYS C 550 -0.11 -11.47 -29.80
N ARG C 551 0.21 -12.35 -30.74
CA ARG C 551 -0.80 -13.17 -31.38
C ARG C 551 -1.11 -14.46 -30.62
N SER C 552 -0.43 -14.73 -29.51
CA SER C 552 -0.78 -15.86 -28.66
C SER C 552 -0.29 -15.57 -27.25
N VAL C 553 -1.09 -15.98 -26.26
CA VAL C 553 -0.77 -15.76 -24.86
C VAL C 553 -1.02 -17.05 -24.12
N PHE C 554 -0.03 -17.53 -23.39
CA PHE C 554 -0.10 -18.80 -22.66
C PHE C 554 0.20 -18.53 -21.20
N CYS C 555 -0.84 -18.50 -20.37
CA CYS C 555 -0.71 -18.42 -18.92
C CYS C 555 -0.97 -19.82 -18.38
N SER C 556 0.10 -20.58 -18.20
CA SER C 556 0.01 -21.98 -17.82
C SER C 556 -0.06 -22.12 -16.30
N GLU C 557 -0.12 -23.39 -15.86
CA GLU C 557 -0.07 -23.75 -14.45
C GLU C 557 -1.21 -23.08 -13.66
N LEU C 558 -2.42 -23.49 -14.01
CA LEU C 558 -3.60 -23.03 -13.29
C LEU C 558 -3.52 -23.48 -11.83
N PRO C 559 -3.74 -22.58 -10.87
CA PRO C 559 -3.74 -22.99 -9.46
C PRO C 559 -5.03 -23.71 -9.09
N ASP C 560 -5.04 -25.04 -9.26
CA ASP C 560 -6.21 -25.87 -9.07
C ASP C 560 -7.07 -25.42 -7.88
N PHE C 561 -8.35 -25.22 -8.15
CA PHE C 561 -9.28 -24.67 -7.17
C PHE C 561 -10.05 -25.75 -6.41
N ALA C 562 -9.77 -27.03 -6.65
CA ALA C 562 -10.41 -28.08 -5.89
C ALA C 562 -10.08 -27.98 -4.41
N CYS C 563 -8.82 -27.69 -4.09
CA CYS C 563 -8.41 -27.44 -2.71
C CYS C 563 -8.71 -25.99 -2.38
N SER C 564 -9.33 -25.75 -1.22
CA SER C 564 -9.66 -24.39 -0.80
C SER C 564 -8.39 -23.57 -0.63
N GLY C 565 -8.41 -22.36 -1.18
CA GLY C 565 -7.27 -21.47 -1.09
C GLY C 565 -6.82 -20.91 -2.42
N SER C 566 -7.60 -21.20 -3.48
CA SER C 566 -7.30 -20.71 -4.81
C SER C 566 -8.38 -19.73 -5.24
N LYS C 567 -7.96 -18.53 -5.63
CA LYS C 567 -8.91 -17.48 -6.00
C LYS C 567 -9.57 -17.81 -7.33
N LYS C 568 -10.89 -17.71 -7.38
CA LYS C 568 -11.65 -18.00 -8.59
C LYS C 568 -11.45 -16.90 -9.61
N ILE C 569 -11.43 -17.30 -10.88
CA ILE C 569 -11.21 -16.34 -11.97
C ILE C 569 -12.44 -15.44 -12.09
N ARG C 570 -12.20 -14.13 -12.13
CA ARG C 570 -13.29 -13.17 -12.20
C ARG C 570 -13.85 -13.12 -13.62
N SER C 571 -15.18 -13.23 -13.73
CA SER C 571 -15.82 -13.11 -15.03
C SER C 571 -15.62 -11.71 -15.62
N ASP C 572 -15.40 -10.71 -14.77
CA ASP C 572 -15.09 -9.38 -15.28
C ASP C 572 -13.80 -9.42 -16.09
N ASN C 573 -12.79 -10.14 -15.60
CA ASN C 573 -11.54 -10.26 -16.35
C ASN C 573 -11.76 -10.99 -17.68
N ILE C 574 -12.59 -12.03 -17.67
CA ILE C 574 -12.88 -12.75 -18.92
C ILE C 574 -13.53 -11.82 -19.93
N LYS C 575 -14.50 -11.02 -19.46
CA LYS C 575 -15.16 -10.07 -20.34
C LYS C 575 -14.18 -9.03 -20.88
N LYS C 576 -13.27 -8.56 -20.02
CA LYS C 576 -12.33 -7.52 -20.42
C LYS C 576 -11.31 -8.04 -21.42
N LEU C 577 -10.88 -9.29 -21.26
CA LEU C 577 -9.86 -9.84 -22.15
C LEU C 577 -10.34 -9.91 -23.60
N THR C 578 -11.65 -10.11 -23.80
CA THR C 578 -12.19 -10.19 -25.16
C THR C 578 -12.25 -8.83 -25.83
N GLU C 579 -12.34 -7.75 -25.06
CA GLU C 579 -12.42 -6.42 -25.64
C GLU C 579 -11.13 -6.08 -26.39
N PRO C 580 -11.22 -5.38 -27.53
CA PRO C 580 -10.04 -5.19 -28.40
C PRO C 580 -8.95 -4.32 -27.82
N CYS C 581 -9.04 -3.97 -26.54
CA CYS C 581 -7.97 -3.25 -25.87
C CYS C 581 -7.91 -3.69 -24.41
N VAL C 582 -6.75 -3.45 -23.79
CA VAL C 582 -6.56 -3.70 -22.37
C VAL C 582 -5.84 -2.51 -21.75
N ILE C 583 -5.92 -2.43 -20.43
CA ILE C 583 -5.30 -1.36 -19.65
C ILE C 583 -4.06 -1.91 -18.97
N GLY C 584 -2.92 -1.28 -19.24
CA GLY C 584 -1.67 -1.68 -18.64
C GLY C 584 -0.55 -0.71 -18.97
N ARG C 585 0.29 -0.40 -17.99
CA ARG C 585 1.36 0.56 -18.19
C ARG C 585 2.70 -0.05 -17.79
N PRO C 586 3.76 0.23 -18.54
CA PRO C 586 5.10 -0.18 -18.12
C PRO C 586 5.67 0.85 -17.13
N CYS C 587 6.78 0.48 -16.52
CA CYS C 587 7.46 1.38 -15.59
C CYS C 587 8.15 2.50 -16.35
N PHE C 588 8.09 3.71 -15.79
CA PHE C 588 8.72 4.90 -16.39
C PHE C 588 8.18 5.16 -17.79
N SER C 589 6.86 5.01 -17.97
CA SER C 589 6.25 5.21 -19.27
C SER C 589 4.80 5.60 -19.08
N ASN C 590 4.22 6.17 -20.14
CA ASN C 590 2.85 6.67 -20.09
C ASN C 590 1.96 6.14 -21.22
N LYS C 591 2.21 4.94 -21.72
CA LYS C 591 1.33 4.32 -22.71
C LYS C 591 0.47 3.26 -22.04
N ILE C 592 -0.84 3.47 -22.04
CA ILE C 592 -1.77 2.68 -21.25
C ILE C 592 -2.65 1.78 -22.11
N ASN C 593 -2.67 1.98 -23.43
CA ASN C 593 -3.53 1.22 -24.32
C ASN C 593 -2.71 0.17 -25.06
N ASN C 594 -3.03 -1.10 -24.84
CA ASN C 594 -2.36 -2.20 -25.52
C ASN C 594 -3.39 -2.97 -26.35
N ARG C 595 -3.07 -3.20 -27.61
CA ARG C 595 -3.97 -3.94 -28.48
C ARG C 595 -4.02 -5.40 -28.07
N ASN C 596 -5.15 -6.04 -28.33
CA ASN C 596 -5.40 -7.42 -27.91
C ASN C 596 -5.58 -8.29 -29.15
N HIS C 597 -4.46 -8.81 -29.66
CA HIS C 597 -4.46 -9.76 -30.77
C HIS C 597 -4.30 -11.19 -30.30
N ALA C 598 -4.41 -11.44 -29.00
CA ALA C 598 -3.97 -12.70 -28.41
C ALA C 598 -5.05 -13.76 -28.45
N THR C 599 -4.63 -15.00 -28.67
CA THR C 599 -5.46 -16.18 -28.46
C THR C 599 -5.11 -16.73 -27.10
N ILE C 600 -5.95 -16.45 -26.11
CA ILE C 600 -5.64 -16.81 -24.73
C ILE C 600 -5.82 -18.32 -24.57
N ILE C 601 -4.71 -19.02 -24.32
CA ILE C 601 -4.72 -20.45 -24.06
C ILE C 601 -4.16 -20.68 -22.67
N ILE C 602 -4.91 -21.39 -21.82
CA ILE C 602 -4.55 -21.59 -20.43
C ILE C 602 -4.31 -23.08 -20.22
N ASP C 603 -3.10 -23.43 -19.82
CA ASP C 603 -2.80 -24.82 -19.48
C ASP C 603 -3.38 -25.14 -18.11
N THR C 604 -3.94 -26.34 -17.98
CA THR C 604 -4.54 -26.74 -16.71
C THR C 604 -4.64 -28.25 -16.64
N ASN C 605 -4.87 -28.75 -15.43
CA ASN C 605 -5.16 -30.15 -15.18
C ASN C 605 -6.52 -30.34 -14.50
N TYR C 606 -7.22 -29.24 -14.19
CA TYR C 606 -8.48 -29.30 -13.48
C TYR C 606 -9.44 -28.29 -14.08
N LYS C 607 -10.73 -28.51 -13.84
CA LYS C 607 -11.76 -27.64 -14.41
C LYS C 607 -11.73 -26.27 -13.75
N PRO C 608 -11.65 -25.19 -14.53
CA PRO C 608 -11.68 -23.85 -13.92
C PRO C 608 -13.03 -23.54 -13.28
N VAL C 609 -12.99 -22.70 -12.25
CA VAL C 609 -14.17 -22.32 -11.50
C VAL C 609 -14.21 -20.81 -11.38
N PHE C 610 -15.34 -20.21 -11.70
CA PHE C 610 -15.54 -18.77 -11.64
C PHE C 610 -16.46 -18.42 -10.47
N ASP C 611 -16.31 -17.18 -9.99
CA ASP C 611 -17.13 -16.73 -8.87
C ASP C 611 -18.60 -16.61 -9.26
N ARG C 612 -18.89 -15.94 -10.38
CA ARG C 612 -20.25 -15.74 -10.84
C ARG C 612 -20.40 -16.33 -12.23
N ILE C 613 -21.49 -17.06 -12.44
CA ILE C 613 -21.78 -17.73 -13.71
C ILE C 613 -23.08 -17.17 -14.27
N ASP C 614 -23.04 -16.71 -15.51
CA ASP C 614 -24.21 -16.15 -16.17
C ASP C 614 -24.10 -16.41 -17.67
N ASN C 615 -25.11 -15.94 -18.41
CA ASN C 615 -25.14 -16.20 -19.85
C ASN C 615 -24.08 -15.38 -20.59
N ALA C 616 -23.64 -14.25 -20.01
CA ALA C 616 -22.58 -13.48 -20.64
C ALA C 616 -21.28 -14.27 -20.71
N LEU C 617 -20.93 -14.93 -19.61
CA LEU C 617 -19.75 -15.80 -19.60
C LEU C 617 -19.97 -17.05 -20.44
N MET C 618 -21.22 -17.38 -20.73
CA MET C 618 -21.54 -18.64 -21.41
C MET C 618 -20.99 -18.69 -22.82
N ARG C 619 -20.71 -17.54 -23.43
CA ARG C 619 -20.38 -17.46 -24.85
C ARG C 619 -18.91 -17.18 -25.09
N ARG C 620 -18.03 -17.46 -24.12
CA ARG C 620 -16.63 -17.06 -24.23
C ARG C 620 -15.67 -18.15 -23.76
N ILE C 621 -16.13 -19.39 -23.62
CA ILE C 621 -15.32 -20.47 -23.07
C ILE C 621 -15.20 -21.59 -24.09
N ALA C 622 -13.95 -21.99 -24.38
CA ALA C 622 -13.65 -23.12 -25.24
C ALA C 622 -12.67 -24.04 -24.53
N VAL C 623 -12.78 -25.35 -24.79
CA VAL C 623 -11.97 -26.34 -24.10
C VAL C 623 -11.51 -27.41 -25.09
N VAL C 624 -10.24 -27.79 -25.00
CA VAL C 624 -9.67 -28.88 -25.78
C VAL C 624 -9.02 -29.86 -24.81
N ARG C 625 -9.02 -31.14 -25.16
CA ARG C 625 -8.52 -32.18 -24.28
C ARG C 625 -7.46 -33.01 -24.98
N PHE C 626 -6.57 -33.59 -24.16
CA PHE C 626 -5.51 -34.47 -24.61
C PHE C 626 -5.63 -35.78 -23.86
N ARG C 627 -5.59 -36.91 -24.57
CA ARG C 627 -5.80 -38.21 -23.96
C ARG C 627 -4.85 -39.27 -24.53
N THR C 628 -3.57 -38.92 -24.65
CA THR C 628 -2.57 -39.89 -25.09
C THR C 628 -1.33 -39.75 -24.23
N HIS C 629 -0.87 -40.88 -23.66
CA HIS C 629 0.20 -40.90 -22.69
C HIS C 629 1.55 -41.20 -23.34
N PHE C 630 2.60 -40.70 -22.71
CA PHE C 630 3.98 -40.99 -23.10
C PHE C 630 4.77 -41.29 -21.83
N SER C 631 5.20 -42.54 -21.67
CA SER C 631 5.82 -42.98 -20.42
C SER C 631 6.92 -43.98 -20.69
N GLN C 632 7.77 -44.16 -19.68
CA GLN C 632 8.83 -45.14 -19.73
C GLN C 632 8.24 -46.55 -19.66
N PRO C 633 9.00 -47.57 -20.09
CA PRO C 633 8.46 -48.95 -20.06
C PRO C 633 8.08 -49.42 -18.67
N SER C 634 8.66 -48.86 -17.61
CA SER C 634 8.35 -49.30 -16.26
C SER C 634 6.90 -49.03 -15.89
N GLY C 635 6.37 -47.87 -16.27
CA GLY C 635 5.01 -47.50 -15.92
C GLY C 635 3.99 -47.75 -17.00
N ARG C 636 4.33 -48.64 -17.94
CA ARG C 636 3.45 -48.90 -19.08
C ARG C 636 2.11 -49.48 -18.65
N GLU C 637 2.12 -50.45 -17.72
CA GLU C 637 0.90 -51.17 -17.37
C GLU C 637 -0.11 -50.24 -16.69
N ALA C 638 0.36 -49.35 -15.82
CA ALA C 638 -0.56 -48.43 -15.15
C ALA C 638 -1.25 -47.51 -16.15
N ALA C 639 -0.50 -47.02 -17.14
CA ALA C 639 -1.10 -46.23 -18.20
C ALA C 639 -2.09 -47.05 -19.02
N GLU C 640 -1.75 -48.31 -19.29
CA GLU C 640 -2.67 -49.19 -20.00
C GLU C 640 -3.95 -49.45 -19.20
N ASN C 641 -3.90 -49.31 -17.87
CA ASN C 641 -5.02 -49.65 -17.00
C ASN C 641 -5.67 -48.43 -16.38
N ASN C 642 -5.85 -47.36 -17.16
CA ASN C 642 -6.44 -46.13 -16.67
C ASN C 642 -7.56 -45.67 -17.60
N ASP C 643 -8.62 -45.11 -17.00
CA ASP C 643 -9.69 -44.48 -17.78
C ASP C 643 -9.20 -43.20 -18.46
N ALA C 644 -8.31 -42.46 -17.81
CA ALA C 644 -7.91 -41.13 -18.27
C ALA C 644 -7.16 -41.16 -19.59
N TYR C 645 -6.65 -42.31 -20.02
CA TYR C 645 -5.78 -42.38 -21.17
C TYR C 645 -6.32 -43.38 -22.18
N ASP C 646 -6.38 -42.97 -23.45
CA ASP C 646 -6.88 -43.82 -24.51
C ASP C 646 -5.77 -44.35 -25.41
N LYS C 647 -4.52 -43.95 -25.19
CA LYS C 647 -3.41 -44.48 -25.95
C LYS C 647 -2.13 -44.29 -25.14
N VAL C 648 -1.25 -45.29 -25.18
CA VAL C 648 0.00 -45.29 -24.44
C VAL C 648 1.14 -45.49 -25.42
N LYS C 649 2.19 -44.67 -25.29
CA LYS C 649 3.33 -44.72 -26.18
C LYS C 649 4.59 -44.52 -25.33
N LEU C 650 5.70 -45.10 -25.77
CA LEU C 650 6.95 -44.99 -25.03
C LEU C 650 7.55 -43.60 -25.20
N LEU C 651 8.01 -43.02 -24.10
CA LEU C 651 8.52 -41.65 -24.12
C LEU C 651 9.78 -41.54 -24.97
N ASP C 652 9.92 -40.40 -25.63
CA ASP C 652 11.11 -40.07 -26.40
C ASP C 652 11.99 -39.13 -25.57
N GLU C 653 13.21 -39.57 -25.26
CA GLU C 653 14.04 -38.86 -24.30
C GLU C 653 14.65 -37.58 -24.87
N GLY C 654 15.06 -37.60 -26.13
CA GLY C 654 15.65 -36.42 -26.75
C GLY C 654 14.68 -35.50 -27.45
N LEU C 655 13.38 -35.77 -27.32
CA LEU C 655 12.37 -34.95 -28.00
C LEU C 655 12.40 -33.51 -27.51
N ASP C 656 12.50 -33.32 -26.20
CA ASP C 656 12.56 -31.97 -25.65
C ASP C 656 13.80 -31.24 -26.13
N GLY C 657 14.94 -31.94 -26.19
CA GLY C 657 16.16 -31.31 -26.68
C GLY C 657 16.05 -30.87 -28.13
N LYS C 658 15.53 -31.76 -28.99
CA LYS C 658 15.43 -31.39 -30.40
C LYS C 658 14.38 -30.30 -30.62
N ILE C 659 13.32 -30.29 -29.82
CA ILE C 659 12.35 -29.20 -29.91
C ILE C 659 12.99 -27.88 -29.50
N GLN C 660 13.78 -27.89 -28.42
CA GLN C 660 14.48 -26.68 -28.00
C GLN C 660 15.49 -26.25 -29.06
N ASN C 661 16.01 -27.20 -29.84
CA ASN C 661 16.95 -26.89 -30.91
C ASN C 661 16.28 -26.27 -32.13
N ASN C 662 14.98 -26.00 -32.08
CA ASN C 662 14.23 -25.37 -33.18
C ASN C 662 14.34 -26.20 -34.47
N ARG C 663 14.25 -27.52 -34.33
CA ARG C 663 14.33 -28.40 -35.48
C ARG C 663 13.02 -28.43 -36.27
N TYR C 664 11.88 -28.39 -35.58
CA TYR C 664 10.57 -28.56 -36.20
C TYR C 664 9.88 -27.23 -36.44
N ARG C 665 10.62 -26.12 -36.40
CA ARG C 665 10.05 -24.79 -36.48
C ARG C 665 9.26 -24.60 -37.78
N PHE C 666 9.93 -24.69 -38.92
CA PHE C 666 9.27 -24.44 -40.19
C PHE C 666 8.28 -25.53 -40.55
N ALA C 667 8.51 -26.75 -40.07
CA ALA C 667 7.53 -27.81 -40.30
C ALA C 667 6.20 -27.49 -39.61
N PHE C 668 6.25 -27.10 -38.34
CA PHE C 668 5.01 -26.72 -37.66
C PHE C 668 4.43 -25.44 -38.25
N LEU C 669 5.28 -24.53 -38.74
CA LEU C 669 4.78 -23.35 -39.42
C LEU C 669 3.97 -23.73 -40.65
N TYR C 670 4.47 -24.67 -41.44
CA TYR C 670 3.72 -25.14 -42.61
C TYR C 670 2.43 -25.82 -42.19
N LEU C 671 2.46 -26.62 -41.12
CA LEU C 671 1.24 -27.24 -40.63
C LEU C 671 0.19 -26.18 -40.28
N LEU C 672 0.59 -25.16 -39.52
CA LEU C 672 -0.35 -24.13 -39.11
C LEU C 672 -0.87 -23.35 -40.30
N VAL C 673 0.00 -23.05 -41.28
CA VAL C 673 -0.44 -22.30 -42.46
C VAL C 673 -1.43 -23.13 -43.28
N LYS C 674 -1.17 -24.43 -43.43
CA LYS C 674 -2.11 -25.28 -44.16
C LYS C 674 -3.44 -25.37 -43.44
N TRP C 675 -3.42 -25.44 -42.10
CA TRP C 675 -4.67 -25.47 -41.36
C TRP C 675 -5.44 -24.16 -41.52
N TYR C 676 -4.73 -23.04 -41.49
CA TYR C 676 -5.37 -21.74 -41.69
C TYR C 676 -6.01 -21.65 -43.07
N LYS C 677 -5.28 -22.12 -44.10
CA LYS C 677 -5.83 -22.12 -45.46
C LYS C 677 -7.05 -23.02 -45.56
N LYS C 678 -7.02 -24.17 -44.88
CA LYS C 678 -8.17 -25.06 -44.91
C LYS C 678 -9.38 -24.45 -44.21
N TYR C 679 -9.15 -23.66 -43.16
CA TYR C 679 -10.21 -22.94 -42.46
C TYR C 679 -10.33 -21.49 -42.90
N HIS C 680 -9.89 -21.17 -44.12
CA HIS C 680 -9.84 -19.78 -44.58
C HIS C 680 -11.14 -19.40 -45.26
N ILE C 681 -12.20 -19.35 -44.46
CA ILE C 681 -13.42 -18.69 -44.92
C ILE C 681 -13.13 -17.19 -44.86
N PRO C 682 -13.80 -16.37 -45.68
CA PRO C 682 -13.48 -14.96 -45.71
C PRO C 682 -13.47 -14.28 -44.36
N ILE C 683 -14.06 -14.89 -43.34
CA ILE C 683 -14.05 -14.38 -41.97
C ILE C 683 -13.60 -15.54 -41.08
N MET C 684 -12.73 -15.24 -40.12
CA MET C 684 -12.23 -16.24 -39.19
C MET C 684 -12.72 -15.89 -37.79
N LYS C 685 -13.75 -16.59 -37.33
CA LYS C 685 -14.35 -16.36 -36.03
C LYS C 685 -14.27 -17.63 -35.20
N LEU C 686 -13.94 -17.47 -33.92
CA LEU C 686 -13.84 -18.59 -32.99
C LEU C 686 -15.19 -18.85 -32.34
N TYR C 687 -15.49 -20.13 -32.11
CA TYR C 687 -16.79 -20.52 -31.58
C TYR C 687 -16.62 -21.18 -30.22
N PRO C 688 -17.50 -20.87 -29.26
CA PRO C 688 -17.35 -21.42 -27.91
C PRO C 688 -17.97 -22.81 -27.79
N THR C 689 -17.50 -23.54 -26.78
CA THR C 689 -18.01 -24.87 -26.46
C THR C 689 -18.57 -24.86 -25.05
N PRO C 690 -19.90 -24.77 -24.87
CA PRO C 690 -20.47 -24.70 -23.52
C PRO C 690 -20.69 -26.06 -22.87
N GLU C 691 -20.83 -27.10 -23.69
CA GLU C 691 -21.24 -28.41 -23.20
C GLU C 691 -20.19 -29.09 -22.31
N GLU C 692 -18.90 -28.80 -22.51
CA GLU C 692 -17.84 -29.58 -21.89
C GLU C 692 -17.30 -28.95 -20.61
N ILE C 693 -18.15 -28.29 -19.82
CA ILE C 693 -17.74 -27.72 -18.53
C ILE C 693 -18.71 -28.20 -17.46
N PRO C 694 -18.25 -28.92 -16.44
CA PRO C 694 -19.18 -29.36 -15.38
C PRO C 694 -19.84 -28.21 -14.63
N ASP C 695 -19.12 -27.10 -14.42
CA ASP C 695 -19.72 -25.95 -13.76
C ASP C 695 -20.87 -25.38 -14.56
N PHE C 696 -20.83 -25.53 -15.88
CA PHE C 696 -21.80 -24.94 -16.78
C PHE C 696 -23.03 -25.80 -17.00
N ALA C 697 -23.08 -27.00 -16.40
CA ALA C 697 -24.20 -27.91 -16.62
C ALA C 697 -25.50 -27.33 -16.08
N PHE C 698 -25.44 -26.67 -14.92
CA PHE C 698 -26.66 -26.22 -14.25
C PHE C 698 -27.39 -25.15 -15.06
N TYR C 699 -26.65 -24.13 -15.52
CA TYR C 699 -27.29 -23.03 -16.22
C TYR C 699 -27.78 -23.46 -17.60
N LEU C 700 -27.08 -24.41 -18.23
CA LEU C 700 -27.48 -24.88 -19.55
C LEU C 700 -28.85 -25.53 -19.53
N LYS C 701 -29.10 -26.41 -18.56
CA LYS C 701 -30.39 -27.09 -18.49
C LYS C 701 -31.49 -26.12 -18.10
N ILE C 702 -31.19 -25.15 -17.23
CA ILE C 702 -32.20 -24.17 -16.84
C ILE C 702 -32.63 -23.32 -18.02
N GLY C 703 -31.66 -22.91 -18.87
CA GLY C 703 -31.99 -22.11 -20.03
C GLY C 703 -32.92 -22.79 -21.00
N THR C 704 -32.96 -24.12 -20.99
CA THR C 704 -33.86 -24.90 -21.82
C THR C 704 -35.18 -25.22 -21.13
N LEU C 705 -35.41 -24.69 -19.92
CA LEU C 705 -36.60 -25.00 -19.14
C LEU C 705 -37.51 -23.81 -18.87
N LEU C 706 -36.98 -22.61 -18.75
CA LEU C 706 -37.78 -21.43 -18.41
C LEU C 706 -37.55 -20.32 -19.42
N VAL C 707 -38.55 -19.46 -19.54
CA VAL C 707 -38.45 -18.19 -20.25
C VAL C 707 -38.96 -17.09 -19.32
N SER C 708 -38.52 -15.86 -19.57
CA SER C 708 -38.89 -14.76 -18.71
C SER C 708 -40.34 -14.35 -18.93
N SER C 709 -40.86 -13.55 -18.00
CA SER C 709 -42.22 -13.03 -18.14
C SER C 709 -42.34 -12.22 -19.42
N SER C 710 -43.23 -12.66 -20.32
CA SER C 710 -43.28 -12.15 -21.68
C SER C 710 -44.70 -11.68 -21.98
N VAL C 711 -44.97 -11.44 -23.26
CA VAL C 711 -46.25 -10.91 -23.72
C VAL C 711 -47.11 -12.05 -24.25
N LYS C 712 -46.95 -13.24 -23.68
CA LYS C 712 -47.65 -14.43 -24.15
C LYS C 712 -48.81 -14.89 -23.27
N HIS C 713 -49.16 -14.16 -22.20
CA HIS C 713 -49.87 -14.81 -21.10
C HIS C 713 -51.18 -14.13 -20.68
N ILE C 714 -51.83 -13.36 -21.53
CA ILE C 714 -53.18 -12.90 -21.17
C ILE C 714 -54.20 -14.01 -21.45
N PRO C 715 -54.34 -14.54 -22.69
CA PRO C 715 -55.39 -15.55 -22.91
C PRO C 715 -54.91 -16.95 -22.55
N LEU C 716 -54.20 -17.06 -21.44
CA LEU C 716 -53.80 -18.35 -20.91
C LEU C 716 -53.93 -18.39 -19.38
N MET C 717 -54.32 -17.28 -18.75
CA MET C 717 -54.47 -17.24 -17.30
C MET C 717 -55.54 -18.19 -16.80
N THR C 718 -56.43 -18.65 -17.66
CA THR C 718 -57.47 -19.59 -17.26
C THR C 718 -56.87 -20.92 -16.81
N ASP C 719 -55.86 -21.40 -17.53
CA ASP C 719 -55.31 -22.73 -17.28
C ASP C 719 -54.05 -22.73 -16.42
N LEU C 720 -53.25 -21.65 -16.45
CA LEU C 720 -52.07 -21.61 -15.59
C LEU C 720 -52.44 -21.43 -14.12
N SER C 721 -53.68 -21.02 -13.84
CA SER C 721 -54.13 -20.93 -12.45
C SER C 721 -54.11 -22.30 -11.78
N LYS C 722 -54.52 -23.35 -12.51
CA LYS C 722 -54.40 -24.70 -12.00
C LYS C 722 -52.95 -25.12 -11.84
N LYS C 723 -52.03 -24.45 -12.56
CA LYS C 723 -50.62 -24.74 -12.43
C LYS C 723 -49.97 -24.01 -11.25
N GLY C 724 -50.74 -23.19 -10.53
CA GLY C 724 -50.26 -22.45 -9.39
C GLY C 724 -49.99 -20.99 -9.66
N TYR C 725 -49.94 -20.59 -10.93
CA TYR C 725 -49.69 -19.20 -11.26
C TYR C 725 -50.87 -18.32 -10.86
N ILE C 726 -50.56 -17.06 -10.52
CA ILE C 726 -51.58 -16.07 -10.19
C ILE C 726 -51.43 -14.90 -11.15
N LEU C 727 -52.50 -14.13 -11.29
CA LEU C 727 -52.55 -12.98 -12.18
C LEU C 727 -52.50 -11.70 -11.35
N TYR C 728 -51.37 -10.99 -11.44
CA TYR C 728 -51.17 -9.72 -10.76
C TYR C 728 -51.00 -8.64 -11.81
N ASP C 729 -51.89 -7.63 -11.78
CA ASP C 729 -51.97 -6.56 -12.78
C ASP C 729 -51.78 -7.11 -14.20
N ASN C 730 -52.40 -8.25 -14.48
CA ASN C 730 -52.29 -8.94 -15.76
C ASN C 730 -50.85 -9.34 -16.06
N VAL C 731 -50.07 -9.62 -15.03
CA VAL C 731 -48.73 -10.18 -15.15
C VAL C 731 -48.72 -11.50 -14.40
N VAL C 732 -48.34 -12.57 -15.09
CA VAL C 732 -48.41 -13.91 -14.53
C VAL C 732 -47.19 -14.15 -13.64
N THR C 733 -47.43 -14.53 -12.38
CA THR C 733 -46.38 -14.80 -11.43
C THR C 733 -46.65 -16.13 -10.75
N LEU C 734 -45.56 -16.78 -10.30
CA LEU C 734 -45.61 -18.08 -9.63
C LEU C 734 -45.07 -17.98 -8.21
N PRO C 735 -45.78 -18.52 -7.23
CA PRO C 735 -45.26 -18.52 -5.85
C PRO C 735 -44.08 -19.47 -5.71
N LEU C 736 -43.31 -19.23 -4.64
CA LEU C 736 -42.09 -20.00 -4.42
C LEU C 736 -42.38 -21.47 -4.20
N THR C 737 -43.42 -21.79 -3.43
CA THR C 737 -43.74 -23.19 -3.15
C THR C 737 -44.15 -23.93 -4.40
N THR C 738 -44.99 -23.30 -5.24
CA THR C 738 -45.39 -23.92 -6.50
C THR C 738 -44.19 -24.14 -7.42
N PHE C 739 -43.31 -23.14 -7.50
CA PHE C 739 -42.09 -23.27 -8.29
C PHE C 739 -41.25 -24.43 -7.81
N GLN C 740 -41.11 -24.56 -6.48
CA GLN C 740 -40.32 -25.65 -5.90
C GLN C 740 -40.93 -26.99 -6.26
N GLN C 741 -42.23 -27.15 -6.02
CA GLN C 741 -42.85 -28.47 -6.22
C GLN C 741 -43.02 -28.79 -7.70
N LYS C 742 -42.86 -27.80 -8.59
CA LYS C 742 -42.92 -28.10 -10.01
C LYS C 742 -41.53 -28.34 -10.60
N ILE C 743 -40.50 -27.72 -10.04
CA ILE C 743 -39.16 -27.85 -10.60
C ILE C 743 -38.32 -28.93 -9.93
N SER C 744 -38.74 -29.44 -8.77
CA SER C 744 -37.98 -30.48 -8.11
C SER C 744 -37.98 -31.79 -8.88
N LYS C 745 -38.89 -31.96 -9.84
CA LYS C 745 -38.98 -33.20 -10.60
C LYS C 745 -37.87 -33.35 -11.63
N TYR C 746 -37.09 -32.30 -11.89
CA TYR C 746 -36.02 -32.35 -12.87
C TYR C 746 -34.63 -32.33 -12.28
N PHE C 747 -34.48 -31.82 -11.04
CA PHE C 747 -33.20 -31.77 -10.36
C PHE C 747 -33.37 -32.29 -8.94
N ASN C 748 -32.34 -32.94 -8.42
CA ASN C 748 -32.39 -33.46 -7.06
C ASN C 748 -31.94 -32.40 -6.07
N SER C 749 -32.33 -32.61 -4.81
CA SER C 749 -32.11 -31.61 -3.77
C SER C 749 -30.65 -31.61 -3.29
N ARG C 750 -30.00 -32.77 -3.26
CA ARG C 750 -28.73 -32.87 -2.56
C ARG C 750 -27.56 -32.37 -3.41
N LEU C 751 -27.30 -33.03 -4.54
CA LEU C 751 -26.11 -32.71 -5.32
C LEU C 751 -26.16 -31.30 -5.89
N PHE C 752 -27.33 -30.87 -6.37
CA PHE C 752 -27.51 -29.52 -6.88
C PHE C 752 -28.10 -28.59 -5.82
N GLY C 753 -27.80 -28.83 -4.55
CA GLY C 753 -28.41 -28.03 -3.50
C GLY C 753 -28.01 -26.57 -3.57
N HIS C 754 -26.70 -26.30 -3.68
CA HIS C 754 -26.24 -24.92 -3.77
C HIS C 754 -26.75 -24.26 -5.04
N ASP C 755 -26.76 -25.00 -6.15
CA ASP C 755 -27.23 -24.44 -7.41
C ASP C 755 -28.70 -24.04 -7.32
N ILE C 756 -29.53 -24.92 -6.76
CA ILE C 756 -30.96 -24.63 -6.65
C ILE C 756 -31.20 -23.48 -5.68
N GLU C 757 -30.50 -23.47 -4.54
CA GLU C 757 -30.67 -22.39 -3.59
C GLU C 757 -30.26 -21.05 -4.19
N SER C 758 -29.14 -21.02 -4.91
CA SER C 758 -28.69 -19.79 -5.55
C SER C 758 -29.69 -19.33 -6.60
N PHE C 759 -30.23 -20.27 -7.39
CA PHE C 759 -31.23 -19.92 -8.37
C PHE C 759 -32.45 -19.29 -7.71
N ILE C 760 -33.00 -19.96 -6.70
CA ILE C 760 -34.23 -19.47 -6.07
C ILE C 760 -34.02 -18.18 -5.29
N ASN C 761 -32.80 -17.91 -4.81
CA ASN C 761 -32.61 -16.64 -4.10
C ASN C 761 -32.21 -15.50 -5.02
N ARG C 762 -31.56 -15.79 -6.15
CA ARG C 762 -31.22 -14.77 -7.12
C ARG C 762 -32.36 -14.49 -8.10
N HIS C 763 -33.41 -15.32 -8.10
CA HIS C 763 -34.55 -15.12 -8.98
C HIS C 763 -35.80 -14.66 -8.25
N LYS C 764 -35.83 -14.78 -6.92
CA LYS C 764 -37.05 -14.51 -6.15
C LYS C 764 -37.42 -13.04 -6.21
N LYS C 765 -38.71 -12.77 -6.34
CA LYS C 765 -39.28 -11.43 -6.32
C LYS C 765 -40.31 -11.35 -5.19
N PHE C 766 -40.39 -10.17 -4.58
CA PHE C 766 -41.26 -9.97 -3.42
C PHE C 766 -42.45 -9.11 -3.80
N ALA C 767 -43.65 -9.65 -3.57
CA ALA C 767 -44.87 -8.84 -3.63
C ALA C 767 -44.96 -7.90 -2.44
N ASN C 768 -44.46 -8.32 -1.28
CA ASN C 768 -44.32 -7.49 -0.10
C ASN C 768 -43.16 -8.03 0.72
N VAL C 769 -43.05 -7.57 1.96
CA VAL C 769 -41.94 -8.01 2.82
C VAL C 769 -42.05 -9.50 3.11
N SER C 770 -43.27 -9.98 3.39
CA SER C 770 -43.44 -11.36 3.81
C SER C 770 -43.53 -12.32 2.63
N ASP C 771 -44.47 -12.09 1.72
CA ASP C 771 -44.73 -13.01 0.62
C ASP C 771 -43.82 -12.71 -0.56
N GLU C 772 -43.54 -13.75 -1.35
CA GLU C 772 -42.67 -13.63 -2.51
C GLU C 772 -43.19 -14.53 -3.63
N TYR C 773 -42.80 -14.20 -4.86
CA TYR C 773 -43.23 -14.96 -6.03
C TYR C 773 -42.15 -14.85 -7.11
N LEU C 774 -42.45 -15.38 -8.29
CA LEU C 774 -41.50 -15.43 -9.40
C LEU C 774 -42.18 -14.95 -10.66
N GLN C 775 -41.49 -14.07 -11.41
CA GLN C 775 -41.97 -13.66 -12.74
C GLN C 775 -41.33 -14.53 -13.82
N TYR C 776 -41.44 -15.84 -13.63
CA TYR C 776 -40.85 -16.82 -14.54
C TYR C 776 -41.85 -17.95 -14.79
N ILE C 777 -41.93 -18.38 -16.04
CA ILE C 777 -42.81 -19.46 -16.45
C ILE C 777 -41.98 -20.50 -17.19
N PHE C 778 -42.13 -21.77 -16.81
CA PHE C 778 -41.43 -22.83 -17.52
C PHE C 778 -41.98 -22.98 -18.93
N ILE C 779 -41.12 -23.47 -19.83
CA ILE C 779 -41.51 -23.68 -21.22
C ILE C 779 -42.61 -24.73 -21.31
N GLU C 780 -42.57 -25.74 -20.43
CA GLU C 780 -43.57 -26.80 -20.48
C GLU C 780 -44.97 -26.28 -20.23
N ASP C 781 -45.13 -25.35 -19.28
CA ASP C 781 -46.45 -24.79 -19.01
C ASP C 781 -46.95 -23.98 -20.19
N ILE C 782 -46.07 -23.20 -20.83
CA ILE C 782 -46.49 -22.41 -21.98
C ILE C 782 -46.88 -23.31 -23.14
N SER C 783 -46.10 -24.37 -23.38
CA SER C 783 -46.46 -25.31 -24.43
C SER C 783 -47.77 -26.03 -24.10
N SER C 784 -47.96 -26.37 -22.83
CA SER C 784 -49.20 -27.02 -22.42
C SER C 784 -50.37 -26.06 -22.56
N PRO C 785 -51.47 -26.47 -23.22
CA PRO C 785 -52.66 -25.62 -23.40
C PRO C 785 -53.33 -25.25 -22.08
N GLY D 323 46.98 31.86 -7.40
CA GLY D 323 46.62 30.55 -7.92
C GLY D 323 45.21 30.12 -7.55
N ASN D 324 44.30 30.16 -8.53
CA ASN D 324 42.92 29.75 -8.36
C ASN D 324 42.25 30.55 -7.24
N LYS D 325 42.08 31.84 -7.53
CA LYS D 325 41.37 32.79 -6.67
C LYS D 325 40.14 32.18 -6.00
N LEU D 326 39.38 31.37 -6.73
CA LEU D 326 38.19 30.75 -6.17
C LEU D 326 38.54 29.75 -5.08
N PHE D 327 39.68 29.07 -5.21
CA PHE D 327 40.12 28.17 -4.15
C PHE D 327 40.52 28.93 -2.90
N ASN D 328 41.16 30.09 -3.06
CA ASN D 328 41.48 30.90 -1.90
C ASN D 328 40.22 31.44 -1.23
N ILE D 329 39.23 31.85 -2.02
CA ILE D 329 37.95 32.29 -1.45
C ILE D 329 37.30 31.15 -0.67
N ALA D 330 37.28 29.95 -1.24
CA ALA D 330 36.71 28.80 -0.55
C ALA D 330 37.48 28.49 0.72
N GLN D 331 38.81 28.62 0.69
CA GLN D 331 39.61 28.39 1.88
C GLN D 331 39.28 29.39 2.98
N ARG D 332 39.10 30.66 2.62
CA ARG D 332 38.71 31.66 3.62
C ARG D 332 37.33 31.36 4.20
N ILE D 333 36.36 31.04 3.34
CA ILE D 333 35.01 30.74 3.81
C ILE D 333 35.02 29.49 4.68
N LEU D 334 35.94 28.56 4.43
CA LEU D 334 36.04 27.37 5.27
C LEU D 334 36.70 27.71 6.60
N ASP D 335 37.68 28.61 6.60
CA ASP D 335 38.31 29.04 7.83
C ASP D 335 37.33 29.79 8.73
N THR D 336 36.36 30.49 8.14
CA THR D 336 35.39 31.22 8.95
C THR D 336 34.42 30.30 9.69
N ASN D 337 34.41 29.01 9.39
CA ASN D 337 33.63 28.01 10.14
C ASN D 337 32.14 28.24 10.04
N SER D 338 31.63 28.46 8.82
CA SER D 338 30.21 28.74 8.61
C SER D 338 29.44 27.59 7.98
N VAL D 339 30.12 26.56 7.46
CA VAL D 339 29.45 25.41 6.86
C VAL D 339 29.96 24.16 7.56
N LEU D 340 29.04 23.26 7.91
CA LEU D 340 29.40 22.00 8.55
C LEU D 340 28.62 20.87 7.90
N LEU D 341 29.17 19.67 7.97
CA LEU D 341 28.56 18.47 7.41
C LEU D 341 28.07 17.59 8.56
N THR D 342 26.85 17.08 8.44
CA THR D 342 26.25 16.25 9.47
C THR D 342 26.22 14.79 9.03
N GLU D 343 25.94 13.91 10.00
CA GLU D 343 25.83 12.49 9.69
C GLU D 343 24.66 12.20 8.77
N ARG D 344 23.60 13.01 8.84
CA ARG D 344 22.42 12.81 8.01
C ARG D 344 22.69 13.11 6.54
N GLY D 345 23.83 13.72 6.21
CA GLY D 345 24.15 14.10 4.86
C GLY D 345 23.89 15.55 4.53
N ASP D 346 23.21 16.28 5.41
CA ASP D 346 22.87 17.67 5.13
C ASP D 346 24.03 18.59 5.48
N HIS D 347 24.10 19.71 4.78
CA HIS D 347 25.03 20.78 5.09
C HIS D 347 24.25 21.87 5.83
N ILE D 348 24.72 22.23 7.01
CA ILE D 348 24.09 23.27 7.84
C ILE D 348 24.95 24.51 7.76
N VAL D 349 24.35 25.62 7.33
CA VAL D 349 25.06 26.87 7.15
C VAL D 349 24.59 27.87 8.21
N TRP D 350 25.34 28.96 8.35
CA TRP D 350 25.13 29.96 9.39
C TRP D 350 24.85 31.29 8.73
N ILE D 351 23.58 31.52 8.41
CA ILE D 351 23.13 32.77 7.80
C ILE D 351 22.19 33.47 8.76
N ASN D 352 22.42 34.76 9.01
CA ASN D 352 21.55 35.58 9.84
C ASN D 352 21.44 35.02 11.26
N ASN D 353 22.59 34.66 11.83
CA ASN D 353 22.69 34.29 13.24
C ASN D 353 21.81 33.11 13.60
N SER D 354 21.83 32.07 12.76
CA SER D 354 21.08 30.84 13.03
C SER D 354 21.56 29.75 12.09
N TRP D 355 21.71 28.55 12.61
CA TRP D 355 22.12 27.40 11.80
C TRP D 355 20.91 26.88 11.04
N LYS D 356 20.74 27.34 9.80
CA LYS D 356 19.66 26.89 8.94
C LYS D 356 20.20 25.90 7.91
N PHE D 357 19.28 25.12 7.34
CA PHE D 357 19.64 24.20 6.28
C PHE D 357 18.39 23.87 5.48
N ASN D 358 18.59 23.16 4.37
CA ASN D 358 17.49 22.74 3.52
C ASN D 358 18.00 21.62 2.62
N SER D 359 17.27 20.50 2.62
CA SER D 359 17.75 19.33 1.89
C SER D 359 17.56 19.48 0.38
N GLU D 360 16.44 20.09 -0.04
CA GLU D 360 16.10 20.19 -1.45
C GLU D 360 16.61 21.47 -2.10
N GLU D 361 17.25 22.36 -1.36
CA GLU D 361 17.78 23.61 -1.92
C GLU D 361 18.89 24.09 -1.01
N PRO D 362 20.13 23.69 -1.29
CA PRO D 362 21.25 24.06 -0.41
C PRO D 362 21.50 25.56 -0.38
N LEU D 363 21.96 26.03 0.77
CA LEU D 363 22.12 27.45 1.05
C LEU D 363 23.57 27.91 0.96
N ILE D 364 24.46 27.09 0.40
CA ILE D 364 25.87 27.45 0.41
C ILE D 364 26.12 28.67 -0.46
N THR D 365 25.41 28.80 -1.58
CA THR D 365 25.59 29.95 -2.44
C THR D 365 25.00 31.22 -1.81
N LYS D 366 23.90 31.09 -1.08
CA LYS D 366 23.40 32.21 -0.29
C LYS D 366 24.43 32.66 0.72
N LEU D 367 25.07 31.71 1.41
CA LEU D 367 26.09 32.07 2.38
C LEU D 367 27.28 32.75 1.70
N ILE D 368 27.68 32.25 0.53
CA ILE D 368 28.79 32.86 -0.20
C ILE D 368 28.46 34.32 -0.54
N LEU D 369 27.27 34.55 -1.08
CA LEU D 369 26.89 35.91 -1.46
C LEU D 369 26.82 36.82 -0.24
N SER D 370 26.26 36.33 0.87
CA SER D 370 26.16 37.17 2.06
C SER D 370 27.52 37.45 2.67
N ILE D 371 28.42 36.46 2.68
CA ILE D 371 29.74 36.60 3.28
C ILE D 371 30.72 37.36 2.41
N ARG D 372 30.38 37.61 1.14
CA ARG D 372 31.26 38.33 0.24
C ARG D 372 31.75 39.67 0.80
N HIS D 373 31.10 40.19 1.83
CA HIS D 373 31.51 41.49 2.38
C HIS D 373 32.76 41.36 3.24
N GLN D 374 32.88 40.28 4.00
CA GLN D 374 34.03 40.14 4.91
C GLN D 374 35.33 39.92 4.15
N LEU D 375 35.25 39.37 2.94
CA LEU D 375 36.45 39.10 2.16
C LEU D 375 37.08 40.40 1.69
N PRO D 376 38.36 40.36 1.31
CA PRO D 376 39.02 41.56 0.76
C PRO D 376 38.29 42.10 -0.47
N LYS D 377 38.70 43.31 -0.87
CA LYS D 377 38.00 44.01 -1.94
C LYS D 377 38.11 43.29 -3.27
N GLU D 378 39.32 42.82 -3.62
CA GLU D 378 39.51 42.17 -4.91
C GLU D 378 38.89 40.78 -4.97
N TYR D 379 38.51 40.20 -3.83
CA TYR D 379 37.84 38.92 -3.80
C TYR D 379 36.33 39.04 -3.84
N SER D 380 35.79 40.20 -3.51
CA SER D 380 34.33 40.36 -3.41
C SER D 380 33.67 40.44 -4.77
N SER D 381 34.29 41.15 -5.73
CA SER D 381 33.69 41.31 -7.04
C SER D 381 33.66 40.00 -7.83
N GLU D 382 34.36 38.98 -7.37
CA GLU D 382 34.31 37.68 -8.03
C GLU D 382 32.99 36.95 -7.72
N LEU D 383 32.38 37.25 -6.59
CA LEU D 383 31.22 36.49 -6.11
C LEU D 383 29.89 37.07 -6.59
N LEU D 384 29.91 37.88 -7.64
CA LEU D 384 28.69 38.43 -8.22
C LEU D 384 28.25 37.67 -9.48
N CYS D 385 28.87 36.53 -9.76
CA CYS D 385 28.48 35.67 -10.86
C CYS D 385 28.03 34.32 -10.30
N PRO D 386 26.86 33.82 -10.70
CA PRO D 386 26.41 32.51 -10.17
C PRO D 386 27.35 31.36 -10.51
N ARG D 387 28.03 31.41 -11.66
CA ARG D 387 28.96 30.35 -12.02
C ARG D 387 30.12 30.28 -11.04
N LYS D 388 30.69 31.43 -10.68
CA LYS D 388 31.81 31.44 -9.75
C LYS D 388 31.38 31.02 -8.34
N ARG D 389 30.16 31.39 -7.94
CA ARG D 389 29.65 30.91 -6.66
C ARG D 389 29.43 29.41 -6.68
N LYS D 390 29.02 28.85 -7.82
CA LYS D 390 28.90 27.40 -7.93
C LYS D 390 30.26 26.72 -7.84
N THR D 391 31.29 27.32 -8.44
CA THR D 391 32.63 26.75 -8.34
C THR D 391 33.13 26.80 -6.90
N VAL D 392 32.91 27.91 -6.20
CA VAL D 392 33.31 28.01 -4.79
C VAL D 392 32.56 26.99 -3.95
N GLU D 393 31.27 26.79 -4.23
CA GLU D 393 30.49 25.79 -3.51
C GLU D 393 31.02 24.39 -3.75
N ALA D 394 31.43 24.09 -4.98
CA ALA D 394 32.02 22.77 -5.26
C ALA D 394 33.31 22.57 -4.49
N ASN D 395 34.17 23.60 -4.46
CA ASN D 395 35.40 23.52 -3.67
C ASN D 395 35.09 23.26 -2.21
N ILE D 396 34.13 24.00 -1.66
CA ILE D 396 33.77 23.85 -0.24
C ILE D 396 33.25 22.44 0.03
N ARG D 397 32.39 21.93 -0.85
CA ARG D 397 31.87 20.58 -0.66
C ARG D 397 32.98 19.55 -0.69
N ASP D 398 33.99 19.74 -1.55
CA ASP D 398 35.10 18.80 -1.58
C ASP D 398 36.01 18.92 -0.37
N MET D 399 36.04 20.10 0.26
CA MET D 399 36.92 20.27 1.42
C MET D 399 36.32 19.69 2.70
N LEU D 400 35.00 19.60 2.81
CA LEU D 400 34.35 19.14 4.03
C LEU D 400 34.33 17.61 4.03
N VAL D 401 35.26 17.01 4.76
CA VAL D 401 35.36 15.55 4.80
C VAL D 401 34.72 14.98 6.06
N ASP D 402 34.93 15.61 7.20
CA ASP D 402 34.52 15.06 8.49
C ASP D 402 33.20 15.68 8.95
N SER D 403 32.35 14.84 9.55
CA SER D 403 31.03 15.26 10.01
C SER D 403 31.07 15.66 11.48
N VAL D 404 30.09 16.47 11.87
CA VAL D 404 29.95 16.97 13.24
C VAL D 404 28.55 16.67 13.73
N GLU D 405 28.40 16.72 15.06
CA GLU D 405 27.12 16.43 15.72
C GLU D 405 26.41 17.74 16.06
N THR D 406 25.10 17.75 15.86
CA THR D 406 24.25 18.90 16.15
C THR D 406 23.35 18.61 17.34
N ASP D 407 23.07 19.67 18.10
CA ASP D 407 22.17 19.61 19.25
C ASP D 407 22.68 18.61 20.31
N THR D 408 23.87 18.89 20.82
CA THR D 408 24.48 18.07 21.85
C THR D 408 24.34 18.67 23.25
N TYR D 409 24.10 19.97 23.35
CA TYR D 409 23.99 20.62 24.65
C TYR D 409 22.56 20.49 25.17
N PRO D 410 22.34 19.88 26.33
CA PRO D 410 20.97 19.71 26.82
C PRO D 410 20.45 20.90 27.60
N ASP D 411 21.34 21.68 28.20
CA ASP D 411 20.94 22.78 29.07
C ASP D 411 20.85 24.11 28.34
N LYS D 412 20.68 24.10 27.02
CA LYS D 412 20.62 25.31 26.22
C LYS D 412 19.25 25.43 25.57
N LEU D 413 18.63 26.61 25.70
CA LEU D 413 17.34 26.89 25.08
C LEU D 413 17.55 27.83 23.91
N PRO D 414 17.44 27.37 22.67
CA PRO D 414 17.77 28.24 21.53
C PRO D 414 16.63 29.18 21.14
N PHE D 415 16.88 30.48 21.24
CA PHE D 415 15.89 31.48 20.88
C PHE D 415 16.09 31.90 19.42
N LYS D 416 15.39 32.96 19.01
CA LYS D 416 15.52 33.43 17.63
C LYS D 416 16.86 34.12 17.41
N ASN D 417 17.33 34.89 18.39
CA ASN D 417 18.54 35.67 18.26
C ASN D 417 19.60 35.27 19.28
N GLY D 418 19.72 33.98 19.57
CA GLY D 418 20.74 33.51 20.48
C GLY D 418 20.29 32.24 21.19
N VAL D 419 21.05 31.90 22.23
CA VAL D 419 20.81 30.72 23.04
C VAL D 419 20.90 31.13 24.51
N LEU D 420 19.95 30.65 25.32
CA LEU D 420 19.92 30.97 26.74
C LEU D 420 20.55 29.85 27.54
N ASP D 421 21.45 30.21 28.45
CA ASP D 421 22.14 29.23 29.30
C ASP D 421 21.33 29.06 30.59
N LEU D 422 20.59 27.96 30.68
CA LEU D 422 19.78 27.72 31.88
C LEU D 422 20.65 27.46 33.10
N VAL D 423 21.87 26.94 32.91
CA VAL D 423 22.75 26.67 34.04
C VAL D 423 23.13 27.96 34.74
N ASP D 424 23.26 29.06 34.00
CA ASP D 424 23.67 30.34 34.54
C ASP D 424 22.57 31.38 34.49
N GLY D 425 21.87 31.49 33.36
CA GLY D 425 20.89 32.53 33.15
C GLY D 425 21.33 33.60 32.16
N MET D 426 22.57 33.57 31.70
CA MET D 426 23.07 34.54 30.74
C MET D 426 22.50 34.27 29.35
N PHE D 427 22.66 35.24 28.46
CA PHE D 427 22.17 35.15 27.09
C PHE D 427 23.33 35.40 26.13
N TYR D 428 23.29 34.71 24.99
CA TYR D 428 24.35 34.80 23.99
C TYR D 428 23.74 35.24 22.66
N SER D 429 24.60 35.71 21.76
CA SER D 429 24.15 36.14 20.44
C SER D 429 25.32 36.11 19.47
N GLY D 430 25.02 35.79 18.21
CA GLY D 430 26.04 35.82 17.18
C GLY D 430 27.08 34.72 17.38
N ASP D 431 28.36 35.11 17.29
CA ASP D 431 29.44 34.14 17.40
C ASP D 431 29.44 33.45 18.76
N ASP D 432 28.98 34.14 19.81
CA ASP D 432 28.85 33.50 21.10
C ASP D 432 27.84 32.36 21.06
N ALA D 433 26.78 32.50 20.26
CA ALA D 433 25.81 31.44 20.07
C ALA D 433 26.21 30.47 18.97
N LYS D 434 27.29 30.75 18.25
CA LYS D 434 27.69 29.89 17.14
C LYS D 434 28.14 28.51 17.60
N LYS D 435 28.82 28.44 18.75
CA LYS D 435 29.43 27.18 19.17
C LYS D 435 28.39 26.09 19.40
N TYR D 436 27.27 26.43 20.03
CA TYR D 436 26.20 25.46 20.24
C TYR D 436 25.43 25.32 18.94
N THR D 437 25.60 24.18 18.27
CA THR D 437 24.92 23.92 17.00
C THR D 437 23.47 23.57 17.28
N CYS D 438 22.62 24.58 17.34
CA CYS D 438 21.19 24.41 17.58
C CYS D 438 20.44 24.72 16.30
N THR D 439 19.78 23.70 15.73
CA THR D 439 19.03 23.85 14.50
C THR D 439 17.55 24.10 14.73
N VAL D 440 17.11 24.22 15.97
CA VAL D 440 15.74 24.56 16.31
C VAL D 440 15.74 25.87 17.08
N SER D 441 14.55 26.45 17.23
CA SER D 441 14.43 27.72 17.92
C SER D 441 13.01 27.89 18.43
N THR D 442 12.86 28.74 19.44
CA THR D 442 11.53 29.05 19.96
C THR D 442 10.71 29.91 19.01
N GLY D 443 11.37 30.52 18.02
CA GLY D 443 10.67 31.28 16.99
C GLY D 443 10.44 32.74 17.31
N PHE D 444 10.76 33.20 18.53
CA PHE D 444 10.55 34.58 18.90
C PHE D 444 11.78 35.14 19.60
N LYS D 445 11.89 36.46 19.59
CA LYS D 445 13.05 37.15 20.14
C LYS D 445 13.11 36.98 21.66
N PHE D 446 14.27 37.31 22.22
CA PHE D 446 14.46 37.36 23.66
C PHE D 446 14.62 38.81 24.09
N ASP D 447 13.52 39.42 24.55
CA ASP D 447 13.53 40.80 25.02
C ASP D 447 13.93 40.79 26.49
N ASP D 448 15.15 41.22 26.76
CA ASP D 448 15.67 41.19 28.13
C ASP D 448 14.93 42.13 29.07
N THR D 449 14.30 43.18 28.53
CA THR D 449 13.57 44.11 29.39
C THR D 449 12.38 43.45 30.04
N LYS D 450 11.78 42.46 29.39
CA LYS D 450 10.63 41.74 29.95
C LYS D 450 11.05 40.55 30.81
N PHE D 451 12.33 40.20 30.84
CA PHE D 451 12.83 39.06 31.62
C PHE D 451 13.21 39.48 33.03
N VAL D 452 12.27 40.12 33.73
CA VAL D 452 12.54 40.68 35.06
C VAL D 452 11.52 40.12 36.05
N GLU D 453 11.81 40.34 37.33
CA GLU D 453 10.93 39.91 38.40
C GLU D 453 9.98 41.01 38.87
N ASP D 454 10.42 42.26 38.83
CA ASP D 454 9.63 43.39 39.31
C ASP D 454 8.89 44.00 38.12
N SER D 455 7.66 43.53 37.90
CA SER D 455 6.76 44.04 36.87
C SER D 455 5.37 43.46 37.13
N PRO D 456 4.30 44.21 36.87
CA PRO D 456 2.95 43.72 37.21
C PRO D 456 2.62 42.37 36.60
N GLU D 457 3.18 42.09 35.42
CA GLU D 457 3.00 40.78 34.79
C GLU D 457 3.39 39.67 35.75
N MET D 458 4.43 39.89 36.55
CA MET D 458 4.91 38.85 37.46
C MET D 458 3.84 38.46 38.47
N GLU D 459 3.29 39.45 39.19
CA GLU D 459 2.28 39.12 40.19
C GLU D 459 0.99 38.60 39.57
N GLU D 460 0.56 39.17 38.43
CA GLU D 460 -0.68 38.65 37.86
C GLU D 460 -0.51 37.20 37.38
N LEU D 461 0.64 36.88 36.77
CA LEU D 461 0.91 35.51 36.37
C LEU D 461 1.03 34.60 37.58
N MET D 462 1.64 35.09 38.66
CA MET D 462 1.74 34.29 39.87
C MET D 462 0.36 33.99 40.44
N ASN D 463 -0.54 34.97 40.42
CA ASN D 463 -1.91 34.73 40.87
C ASN D 463 -2.62 33.73 39.98
N ILE D 464 -2.39 33.81 38.67
CA ILE D 464 -2.99 32.86 37.73
C ILE D 464 -2.50 31.44 38.04
N ILE D 465 -1.21 31.29 38.26
CA ILE D 465 -0.67 29.98 38.60
C ILE D 465 -1.21 29.50 39.94
N ASN D 466 -1.34 30.42 40.90
CA ASN D 466 -1.78 30.06 42.24
C ASN D 466 -3.22 29.55 42.23
N ASP D 467 -4.11 30.20 41.47
CA ASP D 467 -5.47 29.68 41.41
C ASP D 467 -5.61 28.55 40.41
N ILE D 468 -4.60 28.31 39.55
CA ILE D 468 -4.53 27.04 38.84
C ILE D 468 -4.06 25.94 39.78
N GLN D 469 -3.02 26.21 40.55
CA GLN D 469 -2.43 25.24 41.48
C GLN D 469 -2.28 25.89 42.85
N PRO D 470 -3.16 25.58 43.80
CA PRO D 470 -3.05 26.18 45.13
C PRO D 470 -1.78 25.75 45.84
N LEU D 471 -1.29 26.61 46.72
CA LEU D 471 -0.09 26.34 47.51
C LEU D 471 -0.41 25.66 48.83
N THR D 472 -1.55 24.97 48.93
CA THR D 472 -1.96 24.36 50.17
C THR D 472 -1.05 23.20 50.54
N ASP D 473 -1.05 22.85 51.83
CA ASP D 473 -0.21 21.76 52.31
C ASP D 473 -0.64 20.41 51.73
N GLU D 474 -1.93 20.23 51.47
CA GLU D 474 -2.41 19.00 50.85
C GLU D 474 -1.93 18.85 49.41
N ASN D 475 -1.61 19.96 48.75
CA ASN D 475 -1.21 19.95 47.35
C ASN D 475 0.31 20.10 47.20
N LYS D 476 1.06 20.09 48.31
CA LYS D 476 2.50 20.34 48.26
C LYS D 476 3.21 19.37 47.34
N LYS D 477 2.95 18.06 47.50
CA LYS D 477 3.56 17.07 46.62
C LYS D 477 3.10 17.27 45.18
N ASN D 478 1.80 17.50 44.98
CA ASN D 478 1.29 17.71 43.64
C ASN D 478 1.86 18.97 43.00
N ARG D 479 1.97 20.05 43.79
CA ARG D 479 2.57 21.27 43.27
C ARG D 479 4.04 21.06 42.91
N GLU D 480 4.76 20.31 43.74
CA GLU D 480 6.16 20.01 43.46
C GLU D 480 6.30 19.23 42.16
N LEU D 481 5.47 18.20 41.98
CA LEU D 481 5.53 17.40 40.77
C LEU D 481 5.15 18.22 39.53
N TYR D 482 4.12 19.06 39.66
CA TYR D 482 3.72 19.92 38.56
C TYR D 482 4.84 20.88 38.18
N GLU D 483 5.49 21.47 39.18
CA GLU D 483 6.60 22.39 38.91
C GLU D 483 7.74 21.67 38.20
N LYS D 484 8.12 20.50 38.70
CA LYS D 484 9.24 19.77 38.10
C LYS D 484 8.91 19.37 36.66
N THR D 485 7.71 18.84 36.43
CA THR D 485 7.34 18.41 35.10
C THR D 485 7.29 19.58 34.14
N LEU D 486 6.75 20.71 34.57
CA LEU D 486 6.71 21.89 33.69
C LEU D 486 8.10 22.41 33.39
N SER D 487 8.97 22.44 34.40
CA SER D 487 10.32 22.96 34.20
C SER D 487 11.19 22.04 33.36
N SER D 488 10.88 20.74 33.32
CA SER D 488 11.67 19.82 32.51
C SER D 488 11.52 20.08 31.01
N CYS D 489 10.56 20.89 30.59
CA CYS D 489 10.31 21.12 29.18
C CYS D 489 11.41 21.89 28.49
N LEU D 490 12.34 22.49 29.23
CA LEU D 490 13.39 23.29 28.62
C LEU D 490 14.67 22.49 28.34
N CYS D 491 14.95 21.47 29.15
CA CYS D 491 16.17 20.69 28.96
C CYS D 491 16.12 19.90 27.67
N GLY D 492 17.16 20.02 26.86
CA GLY D 492 17.23 19.31 25.60
C GLY D 492 17.89 17.95 25.71
N ALA D 493 17.23 17.04 26.42
CA ALA D 493 17.74 15.68 26.60
C ALA D 493 16.56 14.72 26.53
N THR D 494 16.78 13.48 26.91
CA THR D 494 15.74 12.46 26.92
C THR D 494 15.37 12.13 28.36
N LYS D 495 14.07 12.04 28.61
CA LYS D 495 13.52 11.78 29.94
C LYS D 495 12.87 10.41 29.96
N GLY D 496 13.12 9.67 31.03
CA GLY D 496 12.72 8.28 31.14
C GLY D 496 11.33 8.02 31.69
N CYS D 497 10.52 9.05 31.91
CA CYS D 497 9.19 8.87 32.48
C CYS D 497 8.16 9.65 31.68
N LEU D 498 6.94 9.13 31.67
CA LEU D 498 5.79 9.81 31.10
C LEU D 498 4.96 10.44 32.22
N THR D 499 4.08 11.37 31.84
CA THR D 499 3.29 12.10 32.82
C THR D 499 1.88 12.32 32.28
N PHE D 500 0.88 11.99 33.08
CA PHE D 500 -0.52 12.31 32.77
C PHE D 500 -0.97 13.49 33.61
N PHE D 501 -1.48 14.52 32.95
CA PHE D 501 -2.12 15.64 33.65
C PHE D 501 -3.59 15.29 33.83
N PHE D 502 -3.84 14.33 34.71
CA PHE D 502 -5.19 13.87 34.97
C PHE D 502 -5.97 14.95 35.71
N GLY D 503 -7.01 15.48 35.06
CA GLY D 503 -7.80 16.54 35.65
C GLY D 503 -9.19 16.64 35.05
N GLU D 504 -10.13 17.15 35.83
CA GLU D 504 -11.50 17.30 35.39
C GLU D 504 -11.64 18.58 34.56
N THR D 505 -12.84 18.79 34.01
CA THR D 505 -13.04 19.87 33.06
C THR D 505 -12.91 21.24 33.72
N ALA D 506 -12.38 22.20 32.97
CA ALA D 506 -12.23 23.59 33.41
C ALA D 506 -11.45 23.68 34.73
N THR D 507 -10.36 22.92 34.80
CA THR D 507 -9.50 22.93 35.98
C THR D 507 -8.12 23.52 35.70
N GLY D 508 -7.94 24.19 34.57
CA GLY D 508 -6.71 24.88 34.26
C GLY D 508 -5.75 24.13 33.35
N LYS D 509 -6.10 22.93 32.89
CA LYS D 509 -5.20 22.17 32.03
C LYS D 509 -4.94 22.90 30.72
N SER D 510 -6.01 23.37 30.05
CA SER D 510 -5.83 24.12 28.82
C SER D 510 -5.12 25.44 29.07
N THR D 511 -5.36 26.06 30.22
CA THR D 511 -4.65 27.29 30.57
C THR D 511 -3.15 27.03 30.69
N THR D 512 -2.77 25.95 31.37
CA THR D 512 -1.35 25.63 31.45
C THR D 512 -0.78 25.27 30.08
N LYS D 513 -1.60 24.64 29.22
CA LYS D 513 -1.13 24.32 27.88
C LYS D 513 -0.82 25.59 27.09
N ARG D 514 -1.75 26.56 27.11
CA ARG D 514 -1.50 27.79 26.36
C ARG D 514 -0.38 28.62 26.99
N LEU D 515 -0.24 28.59 28.32
CA LEU D 515 0.87 29.26 28.96
C LEU D 515 2.20 28.67 28.50
N LEU D 516 2.30 27.33 28.50
CA LEU D 516 3.53 26.68 28.06
C LEU D 516 3.83 26.97 26.61
N LYS D 517 2.80 26.95 25.76
CA LYS D 517 3.01 27.27 24.35
C LYS D 517 3.51 28.70 24.18
N SER D 518 2.88 29.66 24.86
CA SER D 518 3.32 31.04 24.76
C SER D 518 4.72 31.22 25.33
N ALA D 519 5.12 30.36 26.27
CA ALA D 519 6.44 30.48 26.88
C ALA D 519 7.54 29.95 25.97
N ILE D 520 7.33 28.76 25.39
CA ILE D 520 8.42 28.10 24.68
C ILE D 520 8.15 28.01 23.17
N GLY D 521 7.25 28.84 22.64
CA GLY D 521 7.20 29.06 21.20
C GLY D 521 7.00 27.80 20.39
N ASP D 522 7.84 27.63 19.36
CA ASP D 522 7.66 26.55 18.40
C ASP D 522 8.04 25.20 19.00
N LEU D 523 8.99 25.17 19.94
CA LEU D 523 9.43 23.92 20.52
C LEU D 523 8.28 23.12 21.10
N PHE D 524 7.25 23.81 21.60
CA PHE D 524 6.03 23.14 22.03
C PHE D 524 5.22 22.76 20.80
N VAL D 525 4.94 21.47 20.64
CA VAL D 525 4.13 20.96 19.55
C VAL D 525 2.90 20.29 20.14
N GLU D 526 1.76 20.51 19.49
CA GLU D 526 0.49 19.97 19.93
C GLU D 526 0.01 18.93 18.92
N THR D 527 -0.30 17.73 19.42
CA THR D 527 -0.74 16.64 18.57
C THR D 527 -2.07 16.09 19.10
N GLY D 528 -2.79 15.41 18.22
CA GLY D 528 -4.05 14.82 18.59
C GLY D 528 -3.88 13.54 19.37
N GLN D 529 -5.03 12.96 19.75
CA GLN D 529 -5.03 11.72 20.51
C GLN D 529 -4.59 10.51 19.69
N THR D 530 -4.44 10.66 18.38
CA THR D 530 -4.12 9.52 17.52
C THR D 530 -2.80 8.88 17.89
N ILE D 531 -1.85 9.66 18.42
CA ILE D 531 -0.54 9.10 18.76
C ILE D 531 -0.62 8.08 19.88
N LEU D 532 -1.68 8.11 20.69
CA LEU D 532 -1.88 7.11 21.72
C LEU D 532 -2.76 5.95 21.26
N THR D 533 -3.34 6.05 20.06
CA THR D 533 -4.26 5.03 19.57
C THR D 533 -3.85 4.41 18.24
N ASP D 534 -2.76 4.86 17.64
CA ASP D 534 -2.31 4.33 16.36
C ASP D 534 -0.88 3.82 16.47
N VAL D 535 -0.49 3.00 15.49
CA VAL D 535 0.86 2.44 15.47
C VAL D 535 1.86 3.53 15.12
N LEU D 536 3.09 3.35 15.58
CA LEU D 536 4.13 4.37 15.38
C LEU D 536 4.89 4.18 14.07
N ASP D 537 5.51 3.01 13.90
CA ASP D 537 6.38 2.82 12.74
C ASP D 537 5.56 2.66 11.46
N LYS D 538 4.82 1.56 11.36
CA LYS D 538 4.05 1.21 10.17
C LYS D 538 4.81 1.51 8.88
N GLY D 539 4.18 2.21 7.96
CA GLY D 539 4.84 2.71 6.77
C GLY D 539 5.22 4.17 6.94
N PRO D 540 4.59 5.05 6.17
CA PRO D 540 4.79 6.49 6.37
C PRO D 540 4.07 6.96 7.61
N ASN D 541 4.76 7.78 8.41
CA ASN D 541 4.18 8.30 9.64
C ASN D 541 4.85 9.60 10.05
N PRO D 542 4.29 10.75 9.69
CA PRO D 542 4.92 12.03 10.05
C PRO D 542 4.64 12.48 11.47
N PHE D 543 3.68 11.85 12.16
CA PHE D 543 3.39 12.23 13.55
C PHE D 543 4.59 12.02 14.45
N ILE D 544 5.45 11.06 14.13
CA ILE D 544 6.71 10.88 14.85
C ILE D 544 7.82 11.71 14.24
N ALA D 545 7.75 12.04 12.95
CA ALA D 545 8.68 12.96 12.34
C ALA D 545 8.34 14.42 12.59
N ASN D 546 7.15 14.70 13.13
CA ASN D 546 6.79 16.07 13.50
C ASN D 546 7.33 16.45 14.87
N MET D 547 7.47 15.48 15.76
CA MET D 547 8.04 15.66 17.09
C MET D 547 9.57 15.64 17.07
N HIS D 548 10.19 15.79 15.90
CA HIS D 548 11.64 15.80 15.79
C HIS D 548 12.23 16.98 16.55
N LEU D 549 13.05 16.68 17.56
CA LEU D 549 13.79 17.66 18.34
C LEU D 549 12.87 18.61 19.12
N LYS D 550 11.57 18.36 19.09
CA LYS D 550 10.66 19.14 19.90
C LYS D 550 10.90 18.84 21.38
N ARG D 551 10.93 19.89 22.20
CA ARG D 551 11.24 19.74 23.61
C ARG D 551 10.00 19.50 24.46
N SER D 552 8.80 19.55 23.88
CA SER D 552 7.59 19.22 24.62
C SER D 552 6.51 18.83 23.62
N VAL D 553 6.21 17.53 23.54
CA VAL D 553 5.07 17.04 22.78
C VAL D 553 3.88 16.94 23.70
N PHE D 554 2.71 17.32 23.21
CA PHE D 554 1.51 17.40 24.02
C PHE D 554 0.37 16.64 23.34
N CYS D 555 -0.38 15.89 24.15
CA CYS D 555 -1.55 15.17 23.69
C CYS D 555 -2.75 15.60 24.53
N SER D 556 -3.79 16.10 23.87
CA SER D 556 -4.97 16.61 24.55
C SER D 556 -6.22 15.99 23.94
N GLU D 557 -7.33 16.11 24.67
CA GLU D 557 -8.62 15.54 24.29
C GLU D 557 -8.50 14.02 24.11
N LEU D 558 -8.21 13.36 25.23
CA LEU D 558 -8.04 11.92 25.23
C LEU D 558 -9.33 11.23 24.78
N PRO D 559 -9.25 10.17 23.97
CA PRO D 559 -10.46 9.42 23.62
C PRO D 559 -10.88 8.49 24.75
N ASP D 560 -11.65 9.03 25.69
CA ASP D 560 -11.98 8.35 26.94
C ASP D 560 -12.45 6.92 26.72
N PHE D 561 -11.87 6.00 27.50
CA PHE D 561 -12.28 4.60 27.50
C PHE D 561 -13.35 4.31 28.54
N ALA D 562 -13.86 5.35 29.21
CA ALA D 562 -14.96 5.16 30.15
C ALA D 562 -16.17 4.56 29.45
N CYS D 563 -16.46 5.02 28.23
CA CYS D 563 -17.46 4.39 27.38
C CYS D 563 -16.77 3.32 26.55
N SER D 564 -17.15 2.06 26.76
CA SER D 564 -16.49 0.95 26.08
C SER D 564 -16.67 1.06 24.57
N GLY D 565 -15.58 0.88 23.83
CA GLY D 565 -15.62 0.97 22.39
C GLY D 565 -14.45 1.74 21.80
N SER D 566 -13.53 2.15 22.67
CA SER D 566 -12.35 2.90 22.26
C SER D 566 -11.09 2.08 22.49
N LYS D 567 -10.08 2.31 21.64
CA LYS D 567 -8.83 1.59 21.75
C LYS D 567 -8.17 1.87 23.09
N LYS D 568 -7.67 0.81 23.72
CA LYS D 568 -6.96 0.94 24.98
C LYS D 568 -5.58 1.57 24.76
N ILE D 569 -5.04 2.17 25.81
CA ILE D 569 -3.70 2.74 25.75
C ILE D 569 -2.71 1.59 25.62
N ARG D 570 -2.09 1.47 24.44
CA ARG D 570 -1.20 0.35 24.17
C ARG D 570 0.12 0.54 24.91
N SER D 571 0.46 -0.43 25.75
CA SER D 571 1.66 -0.31 26.58
C SER D 571 2.94 -0.31 25.74
N ASP D 572 2.92 -1.00 24.59
CA ASP D 572 4.11 -1.03 23.75
C ASP D 572 4.50 0.38 23.29
N ASN D 573 3.51 1.22 22.99
CA ASN D 573 3.79 2.60 22.65
C ASN D 573 4.46 3.32 23.81
N ILE D 574 4.04 3.02 25.05
CA ILE D 574 4.62 3.68 26.21
C ILE D 574 6.07 3.24 26.40
N LYS D 575 6.36 1.96 26.15
CA LYS D 575 7.75 1.51 26.18
C LYS D 575 8.57 2.18 25.07
N LYS D 576 7.98 2.33 23.89
CA LYS D 576 8.74 2.87 22.75
C LYS D 576 9.05 4.36 22.92
N LEU D 577 8.07 5.14 23.39
CA LEU D 577 8.21 6.59 23.40
C LEU D 577 9.31 7.07 24.35
N THR D 578 9.62 6.30 25.39
CA THR D 578 10.64 6.70 26.35
C THR D 578 12.06 6.52 25.82
N GLU D 579 12.24 5.85 24.67
CA GLU D 579 13.58 5.61 24.16
C GLU D 579 14.06 6.80 23.33
N PRO D 580 15.38 7.03 23.27
CA PRO D 580 15.89 8.21 22.57
C PRO D 580 15.60 8.22 21.08
N CYS D 581 15.33 7.08 20.46
CA CYS D 581 15.10 7.00 19.03
C CYS D 581 13.82 6.21 18.76
N VAL D 582 13.13 6.58 17.68
CA VAL D 582 11.90 5.93 17.26
C VAL D 582 12.05 5.52 15.80
N ILE D 583 11.34 4.46 15.42
CA ILE D 583 11.39 3.90 14.07
C ILE D 583 10.21 4.41 13.27
N GLY D 584 10.47 4.90 12.07
CA GLY D 584 9.42 5.41 11.21
C GLY D 584 9.94 6.34 10.13
N ARG D 585 9.26 6.41 9.00
CA ARG D 585 9.71 7.21 7.87
C ARG D 585 8.62 8.13 7.39
N PRO D 586 8.97 9.26 6.78
CA PRO D 586 7.96 10.13 6.16
C PRO D 586 7.63 9.68 4.74
N CYS D 587 6.79 10.44 4.05
CA CYS D 587 6.44 10.14 2.67
C CYS D 587 7.56 10.59 1.74
N PHE D 588 7.79 9.80 0.68
CA PHE D 588 8.84 10.07 -0.30
C PHE D 588 10.20 10.22 0.38
N SER D 589 10.50 9.29 1.28
CA SER D 589 11.75 9.33 2.03
C SER D 589 12.16 7.92 2.42
N ASN D 590 13.45 7.77 2.75
CA ASN D 590 14.00 6.49 3.17
C ASN D 590 14.54 6.49 4.60
N LYS D 591 14.80 7.66 5.19
CA LYS D 591 15.28 7.70 6.56
C LYS D 591 14.20 7.20 7.51
N ILE D 592 14.62 6.39 8.49
CA ILE D 592 13.67 5.68 9.34
C ILE D 592 13.94 5.93 10.82
N ASN D 593 14.50 7.10 11.16
CA ASN D 593 14.78 7.40 12.55
C ASN D 593 14.64 8.89 12.80
N ASN D 594 14.11 9.23 13.97
CA ASN D 594 13.99 10.61 14.44
C ASN D 594 14.49 10.70 15.87
N ARG D 595 14.72 11.92 16.32
CA ARG D 595 15.22 12.15 17.66
C ARG D 595 14.06 12.42 18.62
N ASN D 596 14.29 12.09 19.90
CA ASN D 596 13.26 12.17 20.94
C ASN D 596 13.78 13.04 22.08
N HIS D 597 13.56 14.34 21.97
CA HIS D 597 13.85 15.30 23.03
C HIS D 597 12.57 15.75 23.72
N ALA D 598 11.53 14.95 23.64
CA ALA D 598 10.19 15.36 24.05
C ALA D 598 9.97 15.13 25.53
N THR D 599 9.05 15.91 26.09
CA THR D 599 8.51 15.69 27.43
C THR D 599 7.01 15.48 27.26
N ILE D 600 6.59 14.23 27.27
CA ILE D 600 5.23 13.86 26.88
C ILE D 600 4.30 14.05 28.07
N ILE D 601 3.27 14.87 27.88
CA ILE D 601 2.23 15.10 28.87
C ILE D 601 0.89 14.85 28.20
N ILE D 602 0.04 14.05 28.84
CA ILE D 602 -1.24 13.63 28.28
C ILE D 602 -2.36 14.30 29.06
N ASP D 603 -3.34 14.84 28.32
CA ASP D 603 -4.49 15.49 28.92
C ASP D 603 -5.70 14.56 28.82
N THR D 604 -6.40 14.37 29.94
CA THR D 604 -7.55 13.51 29.98
C THR D 604 -8.51 13.97 31.05
N ASN D 605 -9.82 13.93 30.74
CA ASN D 605 -10.86 14.22 31.69
C ASN D 605 -11.36 12.99 32.43
N TYR D 606 -10.90 11.81 32.05
CA TYR D 606 -11.36 10.56 32.64
C TYR D 606 -10.15 9.70 33.02
N LYS D 607 -10.40 8.69 33.83
CA LYS D 607 -9.32 7.83 34.31
C LYS D 607 -8.77 7.00 33.16
N PRO D 608 -7.48 7.08 32.85
CA PRO D 608 -6.92 6.30 31.75
C PRO D 608 -6.87 4.82 32.10
N VAL D 609 -7.19 3.98 31.11
CA VAL D 609 -7.20 2.53 31.27
C VAL D 609 -6.36 1.93 30.15
N PHE D 610 -5.43 1.04 30.52
CA PHE D 610 -4.52 0.41 29.57
C PHE D 610 -4.93 -1.02 29.32
N ASP D 611 -4.50 -1.55 28.17
CA ASP D 611 -4.81 -2.93 27.82
C ASP D 611 -4.01 -3.92 28.65
N ARG D 612 -2.71 -3.68 28.81
CA ARG D 612 -1.82 -4.62 29.49
C ARG D 612 -1.00 -3.86 30.52
N ILE D 613 -0.85 -4.47 31.70
CA ILE D 613 -0.09 -3.90 32.80
C ILE D 613 0.95 -4.91 33.24
N ASP D 614 2.20 -4.46 33.36
CA ASP D 614 3.28 -5.30 33.84
C ASP D 614 4.29 -4.43 34.58
N ASN D 615 5.20 -5.09 35.30
CA ASN D 615 6.14 -4.35 36.15
C ASN D 615 7.03 -3.41 35.34
N ALA D 616 7.30 -3.74 34.08
CA ALA D 616 8.11 -2.85 33.25
C ALA D 616 7.42 -1.52 33.01
N LEU D 617 6.10 -1.56 32.80
CA LEU D 617 5.34 -0.35 32.54
C LEU D 617 5.27 0.56 33.76
N MET D 618 5.49 0.03 34.96
CA MET D 618 5.31 0.78 36.19
C MET D 618 6.52 1.60 36.60
N ARG D 619 7.62 1.51 35.85
CA ARG D 619 8.80 2.32 36.12
C ARG D 619 8.95 3.49 35.15
N ARG D 620 7.94 3.74 34.31
CA ARG D 620 7.98 4.84 33.37
C ARG D 620 6.70 5.67 33.43
N ILE D 621 6.00 5.66 34.56
CA ILE D 621 4.67 6.27 34.64
C ILE D 621 4.59 7.12 35.91
N ALA D 622 4.10 8.34 35.77
CA ALA D 622 3.77 9.20 36.90
C ALA D 622 2.62 10.10 36.47
N VAL D 623 1.87 10.60 37.46
CA VAL D 623 0.68 11.41 37.18
C VAL D 623 0.72 12.68 38.03
N VAL D 624 0.04 13.71 37.53
CA VAL D 624 -0.17 14.97 38.24
C VAL D 624 -1.65 15.29 38.18
N ARG D 625 -2.25 15.58 39.33
CA ARG D 625 -3.69 15.74 39.45
C ARG D 625 -4.04 17.20 39.74
N PHE D 626 -5.17 17.65 39.17
CA PHE D 626 -5.68 19.00 39.37
C PHE D 626 -6.99 18.92 40.14
N ARG D 627 -7.12 19.73 41.18
CA ARG D 627 -8.31 19.71 42.04
C ARG D 627 -8.81 21.13 42.31
N THR D 628 -8.90 21.94 41.26
CA THR D 628 -9.39 23.31 41.40
C THR D 628 -10.25 23.68 40.21
N HIS D 629 -11.53 23.92 40.46
CA HIS D 629 -12.50 24.21 39.41
C HIS D 629 -12.83 25.70 39.40
N PHE D 630 -12.81 26.29 38.20
CA PHE D 630 -13.38 27.60 37.97
C PHE D 630 -14.76 27.40 37.34
N SER D 631 -15.81 27.75 38.08
CA SER D 631 -17.17 27.53 37.62
C SER D 631 -17.93 28.86 37.62
N GLN D 632 -18.88 28.97 36.70
CA GLN D 632 -19.67 30.18 36.57
C GLN D 632 -20.57 30.35 37.80
N PRO D 633 -21.00 31.58 38.08
CA PRO D 633 -21.88 31.79 39.25
C PRO D 633 -23.17 30.99 39.21
N SER D 634 -23.66 30.67 38.02
CA SER D 634 -24.86 29.84 37.92
C SER D 634 -24.62 28.45 38.49
N GLY D 635 -23.46 27.86 38.21
CA GLY D 635 -23.14 26.52 38.67
C GLY D 635 -22.22 26.47 39.86
N ARG D 636 -22.20 27.54 40.66
CA ARG D 636 -21.30 27.58 41.81
C ARG D 636 -21.65 26.52 42.85
N GLU D 637 -22.94 26.27 43.07
CA GLU D 637 -23.33 25.34 44.13
C GLU D 637 -22.83 23.93 43.83
N ALA D 638 -22.93 23.49 42.58
CA ALA D 638 -22.49 22.15 42.22
C ALA D 638 -20.99 21.98 42.44
N ALA D 639 -20.19 22.89 41.88
CA ALA D 639 -18.74 22.77 42.00
C ALA D 639 -18.29 22.92 43.44
N GLU D 640 -18.85 23.89 44.17
CA GLU D 640 -18.52 24.07 45.58
C GLU D 640 -18.91 22.85 46.41
N ASN D 641 -19.96 22.14 46.02
CA ASN D 641 -20.41 20.96 46.72
C ASN D 641 -19.91 19.67 46.10
N ASN D 642 -19.01 19.74 45.12
CA ASN D 642 -18.53 18.56 44.41
C ASN D 642 -17.29 17.99 45.10
N ASP D 643 -17.25 16.66 45.23
CA ASP D 643 -16.11 16.02 45.88
C ASP D 643 -14.86 16.07 45.01
N ALA D 644 -15.02 16.23 43.70
CA ALA D 644 -13.87 16.29 42.81
C ALA D 644 -13.00 17.51 43.05
N TYR D 645 -13.61 18.66 43.34
CA TYR D 645 -12.88 19.91 43.49
C TYR D 645 -12.73 20.23 44.98
N ASP D 646 -11.50 20.45 45.41
CA ASP D 646 -11.24 20.84 46.79
C ASP D 646 -11.37 22.35 47.02
N LYS D 647 -11.42 23.14 45.95
CA LYS D 647 -11.55 24.58 46.07
C LYS D 647 -12.06 25.13 44.74
N VAL D 648 -12.98 26.09 44.82
CA VAL D 648 -13.65 26.63 43.65
C VAL D 648 -13.46 28.15 43.64
N LYS D 649 -13.09 28.69 42.48
CA LYS D 649 -12.88 30.12 42.29
C LYS D 649 -13.71 30.62 41.12
N LEU D 650 -13.49 31.88 40.75
CA LEU D 650 -14.26 32.56 39.71
C LEU D 650 -13.51 32.55 38.39
N LEU D 651 -14.20 33.03 37.36
CA LEU D 651 -13.68 33.04 35.99
C LEU D 651 -13.15 34.42 35.61
N ASP D 652 -12.20 34.41 34.67
CA ASP D 652 -11.71 35.62 34.04
C ASP D 652 -11.77 35.45 32.53
N GLU D 653 -12.61 36.26 31.88
CA GLU D 653 -12.84 36.11 30.45
C GLU D 653 -11.67 36.59 29.60
N GLY D 654 -11.03 37.69 29.99
CA GLY D 654 -9.92 38.23 29.23
C GLY D 654 -8.60 37.54 29.43
N LEU D 655 -8.55 36.53 30.31
CA LEU D 655 -7.31 35.80 30.55
C LEU D 655 -6.84 35.10 29.28
N ASP D 656 -7.76 34.45 28.57
CA ASP D 656 -7.39 33.79 27.32
C ASP D 656 -6.93 34.81 26.28
N GLY D 657 -7.58 35.96 26.23
CA GLY D 657 -7.17 36.99 25.28
C GLY D 657 -5.76 37.51 25.56
N LYS D 658 -5.46 37.78 26.82
CA LYS D 658 -4.13 38.29 27.14
C LYS D 658 -3.07 37.20 27.01
N ILE D 659 -3.45 35.93 27.19
CA ILE D 659 -2.51 34.84 26.92
C ILE D 659 -2.20 34.77 25.43
N GLN D 660 -3.25 34.79 24.59
CA GLN D 660 -3.04 34.81 23.15
C GLN D 660 -2.28 36.04 22.71
N ASN D 661 -2.34 37.13 23.48
CA ASN D 661 -1.51 38.30 23.24
C ASN D 661 -0.06 38.07 23.62
N ASN D 662 0.26 36.92 24.23
CA ASN D 662 1.61 36.61 24.68
C ASN D 662 2.12 37.64 25.69
N ARG D 663 1.22 38.08 26.57
CA ARG D 663 1.62 39.02 27.61
C ARG D 663 2.49 38.35 28.67
N TYR D 664 2.17 37.11 29.02
CA TYR D 664 2.87 36.38 30.07
C TYR D 664 4.03 35.53 29.54
N ARG D 665 4.43 35.72 28.29
CA ARG D 665 5.43 34.86 27.69
C ARG D 665 6.75 34.89 28.47
N PHE D 666 7.31 36.07 28.66
CA PHE D 666 8.59 36.17 29.34
C PHE D 666 8.46 35.95 30.84
N ALA D 667 7.33 36.33 31.44
CA ALA D 667 7.13 36.05 32.85
C ALA D 667 7.10 34.56 33.12
N PHE D 668 6.39 33.80 32.28
CA PHE D 668 6.37 32.35 32.44
C PHE D 668 7.73 31.74 32.09
N LEU D 669 8.46 32.33 31.14
CA LEU D 669 9.81 31.87 30.89
C LEU D 669 10.69 32.04 32.11
N TYR D 670 10.58 33.19 32.79
CA TYR D 670 11.32 33.41 34.03
C TYR D 670 10.92 32.41 35.09
N LEU D 671 9.62 32.14 35.23
CA LEU D 671 9.17 31.17 36.22
C LEU D 671 9.73 29.79 35.94
N LEU D 672 9.69 29.36 34.68
CA LEU D 672 10.20 28.05 34.31
C LEU D 672 11.70 27.95 34.52
N VAL D 673 12.45 29.01 34.18
CA VAL D 673 13.89 28.98 34.38
C VAL D 673 14.23 28.99 35.87
N LYS D 674 13.45 29.71 36.68
CA LYS D 674 13.66 29.69 38.13
C LYS D 674 13.41 28.29 38.70
N TRP D 675 12.33 27.63 38.26
CA TRP D 675 12.08 26.26 38.69
C TRP D 675 13.20 25.34 38.23
N TYR D 676 13.70 25.55 37.01
CA TYR D 676 14.83 24.78 36.51
C TYR D 676 16.03 24.93 37.43
N LYS D 677 16.41 26.18 37.74
CA LYS D 677 17.56 26.43 38.61
C LYS D 677 17.34 25.79 39.98
N LYS D 678 16.11 25.85 40.49
CA LYS D 678 15.79 25.16 41.73
C LYS D 678 15.95 23.65 41.59
N TYR D 679 15.80 23.11 40.38
CA TYR D 679 15.94 21.69 40.13
C TYR D 679 17.08 21.37 39.18
N HIS D 680 18.01 22.32 38.97
CA HIS D 680 19.14 22.13 38.06
C HIS D 680 20.34 21.48 38.73
N ILE D 681 20.12 20.75 39.81
CA ILE D 681 21.13 19.91 40.45
C ILE D 681 21.84 19.11 39.37
N PRO D 682 23.15 18.79 39.54
CA PRO D 682 23.96 18.28 38.43
C PRO D 682 23.30 17.22 37.56
N ILE D 683 22.36 16.47 38.12
CA ILE D 683 21.58 15.48 37.36
C ILE D 683 20.12 15.86 37.42
N MET D 684 19.50 16.09 36.27
CA MET D 684 18.07 16.34 36.16
C MET D 684 17.40 15.09 35.60
N LYS D 685 16.64 14.40 36.43
CA LYS D 685 16.01 13.15 36.06
C LYS D 685 14.60 13.09 36.65
N LEU D 686 13.61 12.79 35.81
CA LEU D 686 12.24 12.69 36.28
C LEU D 686 12.03 11.40 37.04
N TYR D 687 11.34 11.50 38.18
CA TYR D 687 11.11 10.34 39.03
C TYR D 687 9.63 9.97 39.05
N PRO D 688 9.30 8.69 38.84
CA PRO D 688 7.90 8.28 38.81
C PRO D 688 7.25 8.30 40.18
N THR D 689 5.92 8.35 40.17
CA THR D 689 5.11 8.34 41.39
C THR D 689 4.10 7.19 41.25
N PRO D 690 4.52 5.96 41.52
CA PRO D 690 3.64 4.81 41.25
C PRO D 690 2.47 4.66 42.22
N GLU D 691 2.44 5.40 43.32
CA GLU D 691 1.38 5.25 44.30
C GLU D 691 0.09 5.96 43.91
N GLU D 692 0.10 6.75 42.83
CA GLU D 692 -1.03 7.59 42.46
C GLU D 692 -1.82 7.04 41.28
N ILE D 693 -1.73 5.74 41.01
CA ILE D 693 -2.48 5.15 39.91
C ILE D 693 -3.31 3.97 40.44
N PRO D 694 -4.53 3.77 39.92
CA PRO D 694 -5.36 2.67 40.44
C PRO D 694 -5.04 1.31 39.84
N ASP D 695 -4.55 1.26 38.61
CA ASP D 695 -4.21 -0.03 38.01
C ASP D 695 -3.00 -0.66 38.68
N PHE D 696 -2.19 0.14 39.37
CA PHE D 696 -1.08 -0.36 40.16
C PHE D 696 -1.50 -0.73 41.59
N ALA D 697 -2.73 -0.40 41.99
CA ALA D 697 -3.15 -0.65 43.36
C ALA D 697 -3.08 -2.13 43.71
N PHE D 698 -3.52 -2.99 42.78
CA PHE D 698 -3.39 -4.42 42.99
C PHE D 698 -1.92 -4.84 43.03
N TYR D 699 -1.15 -4.42 42.02
CA TYR D 699 0.22 -4.90 41.90
C TYR D 699 1.13 -4.34 42.98
N LEU D 700 0.89 -3.11 43.42
CA LEU D 700 1.70 -2.55 44.51
C LEU D 700 1.53 -3.36 45.79
N LYS D 701 0.28 -3.70 46.13
CA LYS D 701 0.04 -4.40 47.38
C LYS D 701 0.50 -5.86 47.30
N ILE D 702 0.21 -6.54 46.20
CA ILE D 702 0.67 -7.92 46.06
C ILE D 702 2.18 -7.97 45.96
N GLY D 703 2.81 -6.92 45.44
CA GLY D 703 4.26 -6.84 45.51
C GLY D 703 4.76 -6.80 46.94
N THR D 704 4.00 -6.14 47.82
CA THR D 704 4.24 -6.17 49.25
C THR D 704 3.50 -7.31 49.94
N LEU D 705 2.82 -8.17 49.18
CA LEU D 705 2.10 -9.30 49.75
C LEU D 705 2.50 -10.63 49.14
N LEU D 706 3.58 -10.67 48.35
CA LEU D 706 4.02 -11.93 47.75
C LEU D 706 5.53 -11.97 47.70
N VAL D 707 6.11 -12.93 48.43
CA VAL D 707 7.52 -13.28 48.30
C VAL D 707 7.62 -14.80 48.23
N SER D 708 8.49 -15.28 47.35
CA SER D 708 8.61 -16.71 47.10
C SER D 708 9.52 -17.36 48.14
N SER D 709 9.44 -18.69 48.20
CA SER D 709 10.21 -19.46 49.17
C SER D 709 11.69 -19.48 48.80
N SER D 710 12.54 -19.23 49.79
CA SER D 710 13.99 -19.24 49.60
C SER D 710 14.59 -20.49 50.25
N VAL D 711 15.92 -20.54 50.24
CA VAL D 711 16.62 -21.64 50.89
C VAL D 711 16.38 -21.63 52.39
N LYS D 712 16.26 -20.43 52.97
CA LYS D 712 15.99 -20.32 54.41
C LYS D 712 14.60 -20.85 54.77
N HIS D 713 13.68 -20.90 53.81
CA HIS D 713 12.34 -21.42 54.06
C HIS D 713 12.27 -22.94 53.96
N ILE D 714 13.38 -23.61 53.63
CA ILE D 714 13.36 -25.07 53.57
C ILE D 714 13.08 -25.70 54.93
N PRO D 715 13.75 -25.30 56.04
CA PRO D 715 13.48 -25.98 57.32
C PRO D 715 12.24 -25.46 58.03
N LEU D 716 11.17 -25.20 57.27
CA LEU D 716 9.86 -24.94 57.86
C LEU D 716 8.74 -25.57 57.05
N MET D 717 9.06 -26.52 56.16
CA MET D 717 8.06 -27.11 55.28
C MET D 717 7.02 -27.92 56.03
N THR D 718 7.32 -28.36 57.25
CA THR D 718 6.34 -29.12 58.03
C THR D 718 5.11 -28.28 58.33
N ASP D 719 5.30 -27.01 58.69
CA ASP D 719 4.20 -26.13 59.03
C ASP D 719 3.53 -25.52 57.80
N LEU D 720 4.26 -25.38 56.69
CA LEU D 720 3.72 -24.75 55.49
C LEU D 720 2.86 -25.69 54.67
N SER D 721 2.85 -27.00 54.98
CA SER D 721 2.07 -27.94 54.19
C SER D 721 0.57 -27.74 54.40
N LYS D 722 0.17 -27.18 55.55
CA LYS D 722 -1.25 -26.96 55.82
C LYS D 722 -1.82 -25.77 55.05
N LYS D 723 -0.96 -24.90 54.51
CA LYS D 723 -1.46 -23.76 53.75
C LYS D 723 -2.09 -24.19 52.44
N GLY D 724 -1.73 -25.35 51.92
CA GLY D 724 -2.27 -25.87 50.68
C GLY D 724 -1.31 -25.85 49.52
N TYR D 725 -0.11 -25.32 49.69
CA TYR D 725 0.86 -25.29 48.61
C TYR D 725 1.30 -26.71 48.26
N ILE D 726 1.47 -26.97 46.96
CA ILE D 726 1.93 -28.26 46.47
C ILE D 726 3.24 -28.04 45.74
N LEU D 727 4.05 -29.10 45.69
CA LEU D 727 5.42 -29.02 45.20
C LEU D 727 5.56 -29.81 43.90
N TYR D 728 6.27 -29.23 42.93
CA TYR D 728 6.55 -29.88 41.65
C TYR D 728 7.89 -29.36 41.16
N ASP D 729 8.76 -30.28 40.74
CA ASP D 729 10.12 -29.99 40.26
C ASP D 729 10.83 -28.97 41.14
N ASN D 730 10.70 -29.17 42.45
CA ASN D 730 11.31 -28.30 43.46
C ASN D 730 10.87 -26.85 43.32
N VAL D 731 9.64 -26.64 42.87
CA VAL D 731 9.05 -25.31 42.73
C VAL D 731 7.75 -25.29 43.52
N VAL D 732 7.66 -24.39 44.49
CA VAL D 732 6.47 -24.29 45.33
C VAL D 732 5.37 -23.58 44.56
N THR D 733 4.15 -24.09 44.68
CA THR D 733 3.00 -23.56 43.94
C THR D 733 1.73 -23.86 44.72
N LEU D 734 0.66 -23.14 44.39
CA LEU D 734 -0.59 -23.17 45.16
C LEU D 734 -1.79 -23.34 44.24
N PRO D 735 -2.63 -24.34 44.46
CA PRO D 735 -3.82 -24.52 43.62
C PRO D 735 -4.75 -23.32 43.64
N LEU D 736 -5.72 -23.34 42.72
CA LEU D 736 -6.54 -22.16 42.46
C LEU D 736 -7.48 -21.86 43.63
N THR D 737 -8.19 -22.87 44.13
CA THR D 737 -9.23 -22.61 45.12
C THR D 737 -8.64 -22.06 46.40
N THR D 738 -7.53 -22.65 46.87
CA THR D 738 -6.91 -22.18 48.10
C THR D 738 -6.37 -20.76 47.94
N PHE D 739 -5.74 -20.47 46.80
CA PHE D 739 -5.22 -19.12 46.57
C PHE D 739 -6.34 -18.10 46.53
N GLN D 740 -7.45 -18.43 45.86
CA GLN D 740 -8.59 -17.52 45.84
C GLN D 740 -9.15 -17.29 47.24
N GLN D 741 -9.26 -18.37 48.03
CA GLN D 741 -9.77 -18.24 49.39
C GLN D 741 -8.87 -17.35 50.23
N LYS D 742 -7.56 -17.50 50.09
CA LYS D 742 -6.63 -16.71 50.90
C LYS D 742 -6.59 -15.25 50.43
N ILE D 743 -6.68 -15.02 49.12
CA ILE D 743 -6.60 -13.65 48.59
C ILE D 743 -7.91 -12.89 48.77
N SER D 744 -9.03 -13.58 48.97
CA SER D 744 -10.29 -12.87 49.19
C SER D 744 -10.28 -12.06 50.47
N LYS D 745 -9.36 -12.35 51.40
CA LYS D 745 -9.32 -11.62 52.66
C LYS D 745 -8.91 -10.16 52.47
N TYR D 746 -7.87 -9.91 51.67
CA TYR D 746 -7.39 -8.56 51.43
C TYR D 746 -8.05 -7.90 50.22
N PHE D 747 -8.00 -8.56 49.07
CA PHE D 747 -8.61 -8.04 47.84
C PHE D 747 -9.91 -8.81 47.59
N ASN D 748 -11.01 -8.08 47.48
CA ASN D 748 -12.29 -8.71 47.20
C ASN D 748 -12.28 -9.32 45.81
N SER D 749 -12.89 -10.51 45.69
CA SER D 749 -12.88 -11.22 44.42
C SER D 749 -13.62 -10.45 43.33
N ARG D 750 -14.76 -9.85 43.67
CA ARG D 750 -15.56 -9.16 42.66
C ARG D 750 -14.86 -7.89 42.17
N LEU D 751 -14.34 -7.08 43.10
CA LEU D 751 -13.66 -5.86 42.70
C LEU D 751 -12.42 -6.14 41.86
N PHE D 752 -11.80 -7.31 42.07
CA PHE D 752 -10.60 -7.70 41.35
C PHE D 752 -10.80 -9.03 40.61
N GLY D 753 -11.96 -9.23 40.00
CA GLY D 753 -12.21 -10.47 39.27
C GLY D 753 -11.25 -10.71 38.14
N HIS D 754 -11.31 -9.86 37.11
CA HIS D 754 -10.40 -9.99 35.98
C HIS D 754 -8.95 -9.82 36.43
N ASP D 755 -8.70 -8.97 37.43
CA ASP D 755 -7.34 -8.80 37.94
C ASP D 755 -6.78 -10.12 38.44
N ILE D 756 -7.53 -10.81 39.30
CA ILE D 756 -7.06 -12.07 39.86
C ILE D 756 -6.95 -13.14 38.78
N GLU D 757 -7.93 -13.22 37.88
CA GLU D 757 -7.87 -14.24 36.83
C GLU D 757 -6.67 -14.02 35.90
N SER D 758 -6.43 -12.77 35.50
CA SER D 758 -5.29 -12.48 34.64
C SER D 758 -3.97 -12.68 35.38
N PHE D 759 -3.91 -12.29 36.65
CA PHE D 759 -2.71 -12.51 37.44
C PHE D 759 -2.41 -14.00 37.56
N ILE D 760 -3.46 -14.81 37.70
CA ILE D 760 -3.30 -16.27 37.75
C ILE D 760 -2.72 -16.72 36.42
N ASN D 761 -3.48 -16.54 35.33
CA ASN D 761 -3.05 -17.08 34.04
C ASN D 761 -1.75 -16.44 33.54
N ARG D 762 -1.27 -15.40 34.21
CA ARG D 762 0.01 -14.77 33.92
C ARG D 762 1.14 -15.44 34.71
N HIS D 763 0.92 -15.66 36.01
CA HIS D 763 1.95 -16.19 36.89
C HIS D 763 1.68 -17.63 37.34
N LYS D 764 0.60 -18.26 36.88
CA LYS D 764 0.30 -19.61 37.32
C LYS D 764 1.10 -20.63 36.52
N LYS D 765 1.59 -21.65 37.22
CA LYS D 765 2.11 -22.86 36.61
C LYS D 765 1.04 -23.94 36.78
N PHE D 766 1.21 -25.09 36.14
CA PHE D 766 0.26 -26.18 36.33
C PHE D 766 0.74 -27.10 37.43
N ALA D 767 -0.18 -27.93 37.95
CA ALA D 767 0.25 -28.97 38.86
C ALA D 767 1.26 -29.82 38.11
N ASN D 768 0.81 -30.48 37.05
CA ASN D 768 1.73 -30.97 36.04
C ASN D 768 1.34 -30.61 34.61
N VAL D 769 0.06 -30.65 34.24
CA VAL D 769 -0.34 -30.33 32.87
C VAL D 769 -1.46 -29.30 32.82
N SER D 770 -2.61 -29.63 33.42
CA SER D 770 -3.84 -28.89 33.18
C SER D 770 -4.40 -28.17 34.41
N ASP D 771 -3.86 -28.45 35.60
CA ASP D 771 -4.34 -27.78 36.80
C ASP D 771 -3.79 -26.36 36.85
N GLU D 772 -4.34 -25.54 37.75
CA GLU D 772 -3.93 -24.15 37.92
C GLU D 772 -3.20 -24.03 39.24
N TYR D 773 -2.03 -23.40 39.22
CA TYR D 773 -1.19 -23.31 40.40
C TYR D 773 -0.24 -22.13 40.29
N LEU D 774 -0.29 -21.23 41.26
CA LEU D 774 0.46 -19.98 41.21
C LEU D 774 1.83 -20.16 41.88
N GLN D 775 2.87 -19.70 41.17
CA GLN D 775 4.24 -19.71 41.69
C GLN D 775 4.51 -18.51 42.59
N TYR D 776 3.65 -18.31 43.58
CA TYR D 776 3.74 -17.15 44.47
C TYR D 776 3.25 -17.54 45.85
N ILE D 777 4.03 -17.21 46.87
CA ILE D 777 3.65 -17.43 48.26
C ILE D 777 3.30 -16.09 48.88
N PHE D 778 2.14 -16.02 49.52
CA PHE D 778 1.68 -14.78 50.11
C PHE D 778 2.58 -14.33 51.25
N ILE D 779 2.84 -13.02 51.32
CA ILE D 779 3.44 -12.45 52.52
C ILE D 779 2.47 -12.57 53.68
N GLU D 780 1.17 -12.37 53.42
CA GLU D 780 0.17 -12.58 54.46
C GLU D 780 0.16 -14.03 54.92
N ASP D 781 0.68 -14.94 54.10
CA ASP D 781 0.94 -16.30 54.54
C ASP D 781 2.37 -16.50 55.03
N ILE D 782 3.24 -15.49 54.87
CA ILE D 782 4.62 -15.56 55.33
C ILE D 782 4.88 -14.62 56.50
N SER D 783 4.40 -13.38 56.41
CA SER D 783 4.48 -12.48 57.55
C SER D 783 3.68 -13.04 58.73
N SER D 784 2.50 -13.58 58.46
CA SER D 784 1.78 -14.37 59.45
C SER D 784 2.19 -15.83 59.31
N PRO D 785 2.82 -16.43 60.33
CA PRO D 785 3.34 -17.80 60.29
C PRO D 785 2.30 -18.83 59.87
N GLY E 323 29.60 47.53 -12.68
CA GLY E 323 30.07 46.19 -12.37
C GLY E 323 28.97 45.15 -12.30
N ASN E 324 29.01 44.21 -13.24
CA ASN E 324 28.06 43.10 -13.31
C ASN E 324 26.62 43.63 -13.45
N LYS E 325 26.37 44.22 -14.62
CA LYS E 325 25.06 44.73 -15.01
C LYS E 325 23.90 43.85 -14.58
N LEU E 326 24.05 42.53 -14.69
CA LEU E 326 22.98 41.62 -14.32
C LEU E 326 22.74 41.64 -12.81
N PHE E 327 23.79 41.83 -12.02
CA PHE E 327 23.60 41.98 -10.58
C PHE E 327 22.88 43.28 -10.24
N ASN E 328 23.15 44.35 -10.98
CA ASN E 328 22.41 45.59 -10.77
C ASN E 328 20.94 45.41 -11.14
N ILE E 329 20.66 44.69 -12.22
CA ILE E 329 19.28 44.42 -12.60
C ILE E 329 18.58 43.63 -11.50
N ALA E 330 19.25 42.60 -10.97
CA ALA E 330 18.66 41.81 -9.89
C ALA E 330 18.43 42.66 -8.65
N GLN E 331 19.37 43.55 -8.32
CA GLN E 331 19.21 44.42 -7.17
C GLN E 331 18.01 45.34 -7.34
N ARG E 332 17.83 45.91 -8.54
CA ARG E 332 16.68 46.77 -8.77
C ARG E 332 15.36 46.00 -8.68
N ILE E 333 15.31 44.80 -9.29
CA ILE E 333 14.10 44.01 -9.23
C ILE E 333 13.78 43.61 -7.80
N LEU E 334 14.80 43.42 -6.97
CA LEU E 334 14.55 43.19 -5.54
C LEU E 334 14.05 44.45 -4.86
N ASP E 335 14.60 45.61 -5.24
CA ASP E 335 14.18 46.87 -4.63
C ASP E 335 12.77 47.27 -5.04
N THR E 336 12.20 46.66 -6.07
CA THR E 336 10.80 46.87 -6.39
C THR E 336 9.86 46.07 -5.50
N ASN E 337 10.39 45.17 -4.67
CA ASN E 337 9.61 44.41 -3.70
C ASN E 337 8.56 43.51 -4.36
N SER E 338 8.93 42.91 -5.50
CA SER E 338 7.98 42.10 -6.26
C SER E 338 8.07 40.61 -5.98
N VAL E 339 9.20 40.12 -5.45
CA VAL E 339 9.39 38.71 -5.17
C VAL E 339 9.55 38.53 -3.67
N LEU E 340 8.91 37.49 -3.13
CA LEU E 340 9.01 37.18 -1.71
C LEU E 340 9.17 35.67 -1.54
N LEU E 341 9.82 35.29 -0.45
CA LEU E 341 10.02 33.89 -0.11
C LEU E 341 9.07 33.50 1.01
N THR E 342 8.34 32.41 0.83
CA THR E 342 7.33 31.98 1.78
C THR E 342 7.90 30.93 2.73
N GLU E 343 7.19 30.76 3.85
CA GLU E 343 7.62 29.80 4.87
C GLU E 343 7.53 28.36 4.39
N ARG E 344 6.78 28.11 3.32
CA ARG E 344 6.64 26.76 2.77
C ARG E 344 7.75 26.40 1.81
N GLY E 345 8.66 27.33 1.52
CA GLY E 345 9.77 27.08 0.61
C GLY E 345 9.55 27.51 -0.82
N ASP E 346 8.48 28.25 -1.10
CA ASP E 346 8.17 28.70 -2.45
C ASP E 346 8.39 30.20 -2.56
N HIS E 347 8.18 30.72 -3.77
CA HIS E 347 8.29 32.15 -4.05
C HIS E 347 6.96 32.65 -4.57
N ILE E 348 6.55 33.83 -4.12
CA ILE E 348 5.33 34.47 -4.59
C ILE E 348 5.71 35.74 -5.33
N VAL E 349 5.31 35.83 -6.59
CA VAL E 349 5.65 36.95 -7.45
C VAL E 349 4.40 37.77 -7.72
N TRP E 350 4.60 39.03 -8.06
CA TRP E 350 3.54 40.01 -8.25
C TRP E 350 3.45 40.35 -9.73
N ILE E 351 2.69 39.55 -10.48
CA ILE E 351 2.45 39.79 -11.89
C ILE E 351 0.95 40.02 -12.09
N ASN E 352 0.61 41.02 -12.89
CA ASN E 352 -0.78 41.32 -13.25
C ASN E 352 -1.62 41.62 -12.01
N ASN E 353 -1.01 42.29 -11.03
CA ASN E 353 -1.70 42.77 -9.84
C ASN E 353 -2.33 41.63 -9.05
N SER E 354 -1.52 40.62 -8.72
CA SER E 354 -1.93 39.53 -7.86
C SER E 354 -0.69 38.71 -7.50
N TRP E 355 -0.68 38.18 -6.28
CA TRP E 355 0.44 37.38 -5.80
C TRP E 355 0.26 35.95 -6.26
N LYS E 356 0.80 35.63 -7.43
CA LYS E 356 0.77 34.28 -7.96
C LYS E 356 1.99 33.49 -7.51
N PHE E 357 1.85 32.18 -7.49
CA PHE E 357 2.99 31.31 -7.21
C PHE E 357 2.69 29.92 -7.76
N ASN E 358 3.72 29.32 -8.35
CA ASN E 358 3.61 27.97 -8.88
C ASN E 358 4.78 27.15 -8.40
N SER E 359 4.52 25.94 -7.92
CA SER E 359 5.60 25.07 -7.45
C SER E 359 6.27 24.33 -8.61
N GLU E 360 5.50 23.98 -9.63
CA GLU E 360 6.02 23.24 -10.77
C GLU E 360 6.55 24.12 -11.88
N GLU E 361 6.41 25.44 -11.77
CA GLU E 361 6.95 26.36 -12.76
C GLU E 361 7.14 27.75 -12.16
N PRO E 362 8.33 28.07 -11.64
CA PRO E 362 8.55 29.39 -11.07
C PRO E 362 8.33 30.49 -12.09
N LEU E 363 7.78 31.61 -11.64
CA LEU E 363 7.42 32.72 -12.51
C LEU E 363 8.39 33.89 -12.39
N ILE E 364 9.60 33.65 -11.88
CA ILE E 364 10.54 34.74 -11.70
C ILE E 364 10.97 35.30 -13.04
N THR E 365 11.18 34.44 -14.04
CA THR E 365 11.57 34.92 -15.36
C THR E 365 10.41 35.65 -16.05
N LYS E 366 9.18 35.22 -15.81
CA LYS E 366 8.02 35.97 -16.28
C LYS E 366 8.00 37.37 -15.67
N LEU E 367 8.27 37.45 -14.37
CA LEU E 367 8.30 38.76 -13.72
C LEU E 367 9.41 39.63 -14.30
N ILE E 368 10.58 39.05 -14.54
CA ILE E 368 11.69 39.82 -15.11
C ILE E 368 11.31 40.37 -16.47
N LEU E 369 10.75 39.52 -17.33
CA LEU E 369 10.37 39.98 -18.67
C LEU E 369 9.31 41.07 -18.61
N SER E 370 8.33 40.92 -17.71
CA SER E 370 7.25 41.91 -17.64
C SER E 370 7.72 43.20 -17.00
N ILE E 371 8.71 43.15 -16.10
CA ILE E 371 9.19 44.33 -15.40
C ILE E 371 10.29 45.06 -16.15
N ARG E 372 10.84 44.46 -17.21
CA ARG E 372 11.90 45.11 -17.96
C ARG E 372 11.58 46.54 -18.40
N HIS E 373 10.31 46.95 -18.36
CA HIS E 373 9.94 48.28 -18.82
C HIS E 373 10.33 49.38 -17.83
N GLN E 374 10.24 49.10 -16.53
CA GLN E 374 10.53 50.12 -15.52
C GLN E 374 12.02 50.39 -15.39
N LEU E 375 12.87 49.42 -15.73
CA LEU E 375 14.30 49.59 -15.58
C LEU E 375 14.83 50.60 -16.60
N PRO E 376 16.03 51.14 -16.38
CA PRO E 376 16.61 52.10 -17.32
C PRO E 376 16.71 51.55 -18.74
N LYS E 377 17.04 52.46 -19.66
CA LYS E 377 17.01 52.12 -21.09
C LYS E 377 18.02 51.04 -21.43
N GLU E 378 19.24 51.12 -20.90
CA GLU E 378 20.26 50.14 -21.23
C GLU E 378 20.04 48.81 -20.55
N TYR E 379 19.28 48.77 -19.46
CA TYR E 379 18.94 47.51 -18.81
C TYR E 379 17.78 46.81 -19.48
N SER E 380 17.03 47.49 -20.34
CA SER E 380 15.83 46.89 -20.92
C SER E 380 16.18 45.87 -21.98
N SER E 381 17.16 46.17 -22.84
CA SER E 381 17.51 45.28 -23.94
C SER E 381 18.28 44.05 -23.48
N GLU E 382 18.88 44.11 -22.28
CA GLU E 382 19.60 42.95 -21.75
C GLU E 382 18.66 41.83 -21.33
N LEU E 383 17.38 42.14 -21.08
CA LEU E 383 16.43 41.18 -20.57
C LEU E 383 15.60 40.52 -21.66
N LEU E 384 16.09 40.53 -22.90
CA LEU E 384 15.42 39.86 -24.00
C LEU E 384 16.02 38.50 -24.31
N CYS E 385 17.04 38.06 -23.55
CA CYS E 385 17.66 36.78 -23.75
C CYS E 385 17.32 35.85 -22.60
N PRO E 386 16.85 34.63 -22.86
CA PRO E 386 16.52 33.72 -21.75
C PRO E 386 17.71 33.39 -20.85
N ARG E 387 18.92 33.37 -21.40
CA ARG E 387 20.10 33.09 -20.60
C ARG E 387 20.31 34.15 -19.52
N LYS E 388 20.25 35.42 -19.91
CA LYS E 388 20.45 36.50 -18.95
C LYS E 388 19.31 36.58 -17.95
N ARG E 389 18.09 36.26 -18.39
CA ARG E 389 16.98 36.21 -17.44
C ARG E 389 17.19 35.10 -16.42
N LYS E 390 17.74 33.96 -16.85
CA LYS E 390 18.04 32.88 -15.90
C LYS E 390 19.14 33.30 -14.93
N THR E 391 20.13 34.05 -15.41
CA THR E 391 21.18 34.55 -14.52
C THR E 391 20.61 35.52 -13.47
N VAL E 392 19.76 36.44 -13.91
CA VAL E 392 19.14 37.38 -12.97
C VAL E 392 18.25 36.63 -11.97
N GLU E 393 17.55 35.58 -12.43
CA GLU E 393 16.76 34.78 -11.52
C GLU E 393 17.62 34.06 -10.50
N ALA E 394 18.80 33.58 -10.91
CA ALA E 394 19.71 32.95 -9.95
C ALA E 394 20.17 33.95 -8.91
N ASN E 395 20.51 35.16 -9.33
CA ASN E 395 20.90 36.19 -8.37
C ASN E 395 19.77 36.50 -7.40
N ILE E 396 18.54 36.62 -7.91
CA ILE E 396 17.39 36.91 -7.06
C ILE E 396 17.16 35.79 -6.06
N ARG E 397 17.27 34.55 -6.51
CA ARG E 397 17.11 33.41 -5.59
C ARG E 397 18.19 33.41 -4.53
N ASP E 398 19.41 33.86 -4.87
CA ASP E 398 20.46 33.94 -3.86
C ASP E 398 20.26 35.09 -2.88
N MET E 399 19.57 36.15 -3.31
CA MET E 399 19.41 37.32 -2.46
C MET E 399 18.30 37.18 -1.42
N LEU E 400 17.41 36.20 -1.57
CA LEU E 400 16.27 36.03 -0.68
C LEU E 400 16.63 34.98 0.37
N VAL E 401 16.80 35.44 1.62
CA VAL E 401 17.19 34.56 2.73
C VAL E 401 16.04 34.34 3.70
N ASP E 402 15.41 35.41 4.17
CA ASP E 402 14.38 35.33 5.18
C ASP E 402 13.01 35.07 4.55
N SER E 403 12.09 34.57 5.36
CA SER E 403 10.75 34.22 4.92
C SER E 403 9.77 35.35 5.23
N VAL E 404 8.58 35.23 4.66
CA VAL E 404 7.49 36.17 4.87
C VAL E 404 6.21 35.39 5.11
N GLU E 405 5.24 36.05 5.73
CA GLU E 405 3.97 35.43 6.08
C GLU E 405 2.87 35.98 5.18
N THR E 406 2.06 35.09 4.62
CA THR E 406 1.01 35.46 3.68
C THR E 406 -0.35 35.36 4.36
N ASP E 407 -1.24 36.29 4.00
CA ASP E 407 -2.61 36.33 4.49
C ASP E 407 -2.65 36.39 6.02
N THR E 408 -2.12 37.50 6.53
CA THR E 408 -2.06 37.75 7.96
C THR E 408 -2.99 38.86 8.42
N TYR E 409 -3.79 39.44 7.53
CA TYR E 409 -4.66 40.55 7.86
C TYR E 409 -6.11 40.11 7.81
N PRO E 410 -6.84 40.10 8.92
CA PRO E 410 -8.24 39.63 8.92
C PRO E 410 -9.29 40.71 8.65
N ASP E 411 -8.89 41.97 8.49
CA ASP E 411 -9.81 43.07 8.24
C ASP E 411 -9.76 43.52 6.78
N LYS E 412 -9.33 42.64 5.88
CA LYS E 412 -9.16 42.99 4.48
C LYS E 412 -10.03 42.10 3.62
N LEU E 413 -10.57 42.67 2.55
CA LEU E 413 -11.37 41.92 1.58
C LEU E 413 -10.66 41.97 0.23
N PRO E 414 -10.06 40.88 -0.23
CA PRO E 414 -9.32 40.94 -1.49
C PRO E 414 -10.19 40.73 -2.72
N PHE E 415 -10.07 41.64 -3.69
CA PHE E 415 -10.79 41.57 -4.94
C PHE E 415 -9.81 41.37 -6.10
N LYS E 416 -10.36 41.16 -7.29
CA LYS E 416 -9.55 40.93 -8.46
C LYS E 416 -8.74 42.16 -8.87
N ASN E 417 -9.29 43.36 -8.66
CA ASN E 417 -8.63 44.60 -9.08
C ASN E 417 -8.14 45.42 -7.91
N GLY E 418 -8.13 44.86 -6.70
CA GLY E 418 -7.66 45.60 -5.54
C GLY E 418 -8.05 44.91 -4.26
N VAL E 419 -7.96 45.65 -3.16
CA VAL E 419 -8.28 45.16 -1.83
C VAL E 419 -9.16 46.20 -1.14
N LEU E 420 -10.25 45.75 -0.53
CA LEU E 420 -11.16 46.61 0.21
C LEU E 420 -10.83 46.55 1.69
N ASP E 421 -10.76 47.72 2.32
CA ASP E 421 -10.48 47.81 3.76
C ASP E 421 -11.80 47.79 4.52
N LEU E 422 -12.01 46.77 5.35
CA LEU E 422 -13.21 46.73 6.16
C LEU E 422 -13.16 47.74 7.29
N VAL E 423 -11.98 48.01 7.84
CA VAL E 423 -11.84 49.00 8.90
C VAL E 423 -12.10 50.42 8.44
N ASP E 424 -11.72 50.76 7.21
CA ASP E 424 -11.78 52.13 6.72
C ASP E 424 -12.86 52.30 5.66
N GLY E 425 -12.90 51.41 4.67
CA GLY E 425 -13.88 51.49 3.59
C GLY E 425 -13.35 51.98 2.27
N MET E 426 -12.13 52.53 2.24
CA MET E 426 -11.52 52.97 0.99
C MET E 426 -11.00 51.77 0.20
N PHE E 427 -11.11 51.87 -1.12
CA PHE E 427 -10.62 50.82 -2.00
C PHE E 427 -9.15 51.04 -2.32
N TYR E 428 -8.38 49.97 -2.31
CA TYR E 428 -6.94 50.02 -2.59
C TYR E 428 -6.63 49.46 -3.97
N SER E 429 -5.46 49.83 -4.48
CA SER E 429 -4.98 49.30 -5.75
C SER E 429 -3.47 49.49 -5.80
N GLY E 430 -2.83 48.74 -6.69
CA GLY E 430 -1.39 48.86 -6.86
C GLY E 430 -0.64 48.52 -5.59
N ASP E 431 0.31 49.38 -5.23
CA ASP E 431 1.10 49.16 -4.03
C ASP E 431 0.24 49.14 -2.78
N ASP E 432 -0.88 49.87 -2.79
CA ASP E 432 -1.76 49.92 -1.62
C ASP E 432 -2.33 48.55 -1.30
N ALA E 433 -2.74 47.81 -2.33
CA ALA E 433 -3.11 46.41 -2.15
C ALA E 433 -1.90 45.49 -2.08
N LYS E 434 -0.73 45.97 -2.48
CA LYS E 434 0.48 45.16 -2.45
C LYS E 434 1.05 45.00 -1.05
N LYS E 435 0.85 45.99 -0.17
CA LYS E 435 1.39 45.90 1.18
C LYS E 435 0.91 44.64 1.90
N TYR E 436 -0.29 44.17 1.60
CA TYR E 436 -0.83 42.95 2.17
C TYR E 436 -0.74 41.84 1.12
N THR E 437 -0.09 40.74 1.49
CA THR E 437 0.14 39.64 0.56
C THR E 437 -1.05 38.69 0.61
N CYS E 438 -2.13 39.09 -0.05
CA CYS E 438 -3.33 38.28 -0.15
C CYS E 438 -3.24 37.39 -1.38
N THR E 439 -3.26 36.07 -1.17
CA THR E 439 -3.13 35.10 -2.24
C THR E 439 -4.48 34.53 -2.69
N VAL E 440 -5.59 35.12 -2.24
CA VAL E 440 -6.92 34.70 -2.65
C VAL E 440 -7.71 35.94 -3.06
N SER E 441 -8.78 35.72 -3.82
CA SER E 441 -9.61 36.81 -4.28
C SER E 441 -11.06 36.35 -4.34
N THR E 442 -11.97 37.34 -4.33
CA THR E 442 -13.38 37.03 -4.47
C THR E 442 -13.70 36.48 -5.86
N GLY E 443 -12.88 36.80 -6.85
CA GLY E 443 -13.07 36.32 -8.20
C GLY E 443 -13.64 37.32 -9.18
N PHE E 444 -14.11 38.48 -8.70
CA PHE E 444 -14.71 39.48 -9.57
C PHE E 444 -14.14 40.86 -9.24
N LYS E 445 -14.14 41.73 -10.24
CA LYS E 445 -13.70 43.10 -10.04
C LYS E 445 -14.69 43.86 -9.17
N PHE E 446 -14.20 44.90 -8.50
CA PHE E 446 -15.02 45.71 -7.62
C PHE E 446 -15.50 46.96 -8.36
N ASP E 447 -16.80 47.22 -8.28
CA ASP E 447 -17.42 48.35 -8.97
C ASP E 447 -17.78 49.42 -7.94
N ASP E 448 -17.02 50.52 -7.93
CA ASP E 448 -17.31 51.61 -7.01
C ASP E 448 -18.50 52.44 -7.44
N THR E 449 -18.90 52.37 -8.71
CA THR E 449 -20.06 53.12 -9.17
C THR E 449 -21.36 52.57 -8.60
N LYS E 450 -21.37 51.31 -8.17
CA LYS E 450 -22.56 50.70 -7.58
C LYS E 450 -22.41 50.48 -6.08
N PHE E 451 -21.32 50.94 -5.48
CA PHE E 451 -21.10 50.79 -4.04
C PHE E 451 -21.63 52.02 -3.30
N VAL E 452 -22.89 52.33 -3.57
CA VAL E 452 -23.58 53.48 -3.00
C VAL E 452 -24.89 52.99 -2.40
N GLU E 453 -25.43 53.78 -1.49
CA GLU E 453 -26.57 53.36 -0.67
C GLU E 453 -27.92 53.57 -1.34
N ASP E 454 -27.97 54.09 -2.56
CA ASP E 454 -29.23 54.36 -3.23
C ASP E 454 -29.23 53.76 -4.63
N SER E 455 -30.21 52.87 -4.90
CA SER E 455 -30.49 52.29 -6.21
C SER E 455 -31.73 51.42 -6.09
N PRO E 456 -32.52 51.24 -7.17
CA PRO E 456 -33.66 50.27 -7.09
C PRO E 456 -33.29 48.81 -6.82
N GLU E 457 -32.10 48.34 -7.23
CA GLU E 457 -31.60 47.07 -6.72
C GLU E 457 -31.47 47.12 -5.21
N MET E 458 -30.98 48.24 -4.67
CA MET E 458 -30.87 48.38 -3.22
C MET E 458 -32.24 48.46 -2.57
N GLU E 459 -33.22 49.07 -3.24
CA GLU E 459 -34.59 49.07 -2.73
C GLU E 459 -35.10 47.65 -2.55
N GLU E 460 -35.03 46.85 -3.61
CA GLU E 460 -35.41 45.45 -3.49
C GLU E 460 -34.56 44.73 -2.44
N LEU E 461 -33.29 45.15 -2.31
CA LEU E 461 -32.37 44.48 -1.39
C LEU E 461 -32.84 44.63 0.06
N MET E 462 -33.07 45.87 0.51
CA MET E 462 -33.41 45.94 1.92
C MET E 462 -34.86 45.54 2.14
N ASN E 463 -35.71 45.61 1.09
CA ASN E 463 -37.05 45.06 1.22
C ASN E 463 -36.99 43.56 1.53
N ILE E 464 -36.17 42.83 0.77
CA ILE E 464 -36.01 41.40 1.00
C ILE E 464 -35.35 41.14 2.34
N ILE E 465 -34.39 41.98 2.72
CA ILE E 465 -33.70 41.81 4.00
C ILE E 465 -34.68 41.95 5.16
N ASN E 466 -35.52 42.99 5.11
CA ASN E 466 -36.52 43.19 6.15
C ASN E 466 -37.56 42.09 6.15
N ASP E 467 -37.92 41.58 4.97
CA ASP E 467 -38.84 40.46 4.90
C ASP E 467 -38.26 39.22 5.59
N ILE E 468 -36.98 38.94 5.36
CA ILE E 468 -36.35 37.76 5.95
C ILE E 468 -36.27 37.91 7.47
N GLN E 469 -35.87 39.09 7.94
CA GLN E 469 -35.75 39.35 9.37
C GLN E 469 -36.52 40.61 9.73
N PRO E 470 -37.69 40.51 10.36
CA PRO E 470 -38.43 41.70 10.75
C PRO E 470 -37.70 42.51 11.82
N LEU E 471 -37.90 43.83 11.77
CA LEU E 471 -37.31 44.75 12.73
C LEU E 471 -38.18 44.95 13.97
N THR E 472 -39.05 43.99 14.28
CA THR E 472 -39.95 44.12 15.41
C THR E 472 -39.20 44.03 16.73
N ASP E 473 -39.85 44.48 17.80
CA ASP E 473 -39.24 44.46 19.12
C ASP E 473 -38.98 43.04 19.60
N GLU E 474 -39.89 42.11 19.30
CA GLU E 474 -39.69 40.72 19.69
C GLU E 474 -38.52 40.07 18.97
N ASN E 475 -38.07 40.65 17.87
CA ASN E 475 -36.97 40.11 17.09
C ASN E 475 -35.69 40.93 17.23
N LYS E 476 -35.64 41.85 18.19
CA LYS E 476 -34.47 42.72 18.34
C LYS E 476 -33.21 41.92 18.64
N LYS E 477 -33.28 41.02 19.62
CA LYS E 477 -32.14 40.15 19.91
C LYS E 477 -31.84 39.24 18.73
N ASN E 478 -32.89 38.68 18.12
CA ASN E 478 -32.68 37.83 16.95
C ASN E 478 -32.07 38.61 15.80
N ARG E 479 -32.56 39.84 15.56
CA ARG E 479 -31.98 40.66 14.51
C ARG E 479 -30.52 40.96 14.80
N GLU E 480 -30.19 41.30 16.04
CA GLU E 480 -28.81 41.61 16.39
C GLU E 480 -27.89 40.41 16.17
N LEU E 481 -28.31 39.23 16.63
CA LEU E 481 -27.43 38.07 16.54
C LEU E 481 -27.31 37.57 15.10
N TYR E 482 -28.42 37.60 14.36
CA TYR E 482 -28.37 37.26 12.93
C TYR E 482 -27.50 38.23 12.16
N GLU E 483 -27.57 39.52 12.51
CA GLU E 483 -26.72 40.52 11.88
C GLU E 483 -25.25 40.27 12.18
N LYS E 484 -24.94 39.89 13.43
CA LYS E 484 -23.57 39.55 13.78
C LYS E 484 -23.08 38.35 12.97
N THR E 485 -23.92 37.32 12.86
CA THR E 485 -23.52 36.14 12.10
C THR E 485 -23.28 36.47 10.64
N LEU E 486 -24.16 37.28 10.03
CA LEU E 486 -23.95 37.64 8.63
C LEU E 486 -22.77 38.60 8.45
N SER E 487 -22.45 39.37 9.48
CA SER E 487 -21.31 40.28 9.36
C SER E 487 -19.98 39.57 9.51
N SER E 488 -19.94 38.48 10.29
CA SER E 488 -18.66 37.88 10.64
C SER E 488 -18.08 36.97 9.57
N CYS E 489 -18.70 36.85 8.39
CA CYS E 489 -18.15 35.95 7.37
C CYS E 489 -17.09 36.62 6.49
N LEU E 490 -16.73 37.87 6.77
CA LEU E 490 -15.66 38.54 6.03
C LEU E 490 -14.36 38.62 6.82
N CYS E 491 -14.39 38.34 8.12
CA CYS E 491 -13.19 38.37 8.94
C CYS E 491 -12.25 37.24 8.55
N GLY E 492 -10.98 37.58 8.31
CA GLY E 492 -10.00 36.59 7.92
C GLY E 492 -9.26 36.00 9.09
N ALA E 493 -10.00 35.44 10.05
CA ALA E 493 -9.41 34.82 11.22
C ALA E 493 -10.28 33.66 11.65
N THR E 494 -9.74 32.82 12.52
CA THR E 494 -10.45 31.63 12.95
C THR E 494 -11.57 31.99 13.93
N LYS E 495 -12.75 31.44 13.69
CA LYS E 495 -13.88 31.57 14.60
C LYS E 495 -14.05 30.27 15.37
N GLY E 496 -14.12 30.38 16.70
CA GLY E 496 -14.12 29.22 17.56
C GLY E 496 -15.47 28.62 17.87
N CYS E 497 -16.53 29.07 17.20
CA CYS E 497 -17.88 28.57 17.47
C CYS E 497 -18.60 28.30 16.16
N LEU E 498 -19.59 27.42 16.23
CA LEU E 498 -20.45 27.08 15.11
C LEU E 498 -21.86 27.56 15.42
N THR E 499 -22.47 28.23 14.46
CA THR E 499 -23.81 28.79 14.63
C THR E 499 -24.83 28.02 13.80
N PHE E 500 -26.04 27.89 14.33
CA PHE E 500 -27.12 27.18 13.66
C PHE E 500 -28.18 28.16 13.20
N PHE E 501 -28.55 28.06 11.93
CA PHE E 501 -29.63 28.86 11.35
C PHE E 501 -30.92 28.07 11.57
N PHE E 502 -31.39 28.06 12.82
CA PHE E 502 -32.61 27.36 13.17
C PHE E 502 -33.80 27.97 12.45
N GLY E 503 -34.82 27.14 12.24
CA GLY E 503 -36.02 27.60 11.59
C GLY E 503 -36.62 26.58 10.65
N GLU E 504 -37.83 26.85 10.19
CA GLU E 504 -38.57 25.90 9.35
C GLU E 504 -38.08 25.97 7.91
N THR E 505 -38.82 25.36 7.00
CA THR E 505 -38.46 25.36 5.59
C THR E 505 -38.84 26.67 4.93
N ALA E 506 -38.02 27.09 3.97
CA ALA E 506 -38.26 28.29 3.15
C ALA E 506 -38.40 29.53 4.02
N THR E 507 -37.65 29.58 5.12
CA THR E 507 -37.67 30.72 6.02
C THR E 507 -36.78 31.86 5.53
N GLY E 508 -36.43 31.89 4.25
CA GLY E 508 -35.49 32.85 3.73
C GLY E 508 -34.04 32.44 3.83
N LYS E 509 -33.76 31.25 4.35
CA LYS E 509 -32.39 30.79 4.49
C LYS E 509 -31.73 30.61 3.12
N SER E 510 -32.44 30.00 2.17
CA SER E 510 -31.86 29.77 0.85
C SER E 510 -31.66 31.07 0.08
N THR E 511 -32.64 31.98 0.16
CA THR E 511 -32.51 33.26 -0.54
C THR E 511 -31.32 34.05 -0.03
N THR E 512 -31.22 34.21 1.30
CA THR E 512 -30.09 34.92 1.88
C THR E 512 -28.78 34.19 1.62
N LYS E 513 -28.81 32.86 1.60
CA LYS E 513 -27.60 32.08 1.32
C LYS E 513 -27.08 32.37 -0.07
N ARG E 514 -27.93 32.25 -1.09
CA ARG E 514 -27.47 32.51 -2.45
C ARG E 514 -27.12 33.98 -2.66
N LEU E 515 -27.84 34.89 -1.99
CA LEU E 515 -27.53 36.30 -2.12
C LEU E 515 -26.16 36.61 -1.52
N LEU E 516 -25.83 36.01 -0.37
CA LEU E 516 -24.51 36.18 0.21
C LEU E 516 -23.43 35.54 -0.65
N LYS E 517 -23.72 34.38 -1.23
CA LYS E 517 -22.77 33.76 -2.15
C LYS E 517 -22.46 34.69 -3.31
N SER E 518 -23.50 35.31 -3.89
CA SER E 518 -23.27 36.28 -4.95
C SER E 518 -22.48 37.47 -4.45
N ALA E 519 -22.80 37.96 -3.25
CA ALA E 519 -22.16 39.17 -2.74
C ALA E 519 -20.68 38.95 -2.45
N ILE E 520 -20.30 37.73 -2.11
CA ILE E 520 -18.92 37.47 -1.68
C ILE E 520 -18.06 36.81 -2.75
N GLY E 521 -18.62 35.96 -3.61
CA GLY E 521 -17.82 35.39 -4.68
C GLY E 521 -17.12 34.12 -4.25
N ASP E 522 -15.87 33.96 -4.70
CA ASP E 522 -15.13 32.73 -4.47
C ASP E 522 -14.84 32.48 -2.99
N LEU E 523 -14.90 33.50 -2.15
CA LEU E 523 -14.71 33.31 -0.72
C LEU E 523 -15.87 32.55 -0.06
N PHE E 524 -16.97 32.35 -0.78
CA PHE E 524 -18.10 31.58 -0.30
C PHE E 524 -18.02 30.17 -0.89
N VAL E 525 -18.23 29.16 -0.04
CA VAL E 525 -18.23 27.78 -0.47
C VAL E 525 -19.36 27.04 0.23
N GLU E 526 -20.07 26.20 -0.52
CA GLU E 526 -21.15 25.37 -0.01
C GLU E 526 -20.66 23.94 0.15
N THR E 527 -21.07 23.30 1.24
CA THR E 527 -20.82 21.88 1.45
C THR E 527 -22.14 21.18 1.76
N GLY E 528 -22.08 19.86 1.74
CA GLY E 528 -23.24 19.04 2.10
C GLY E 528 -23.34 18.85 3.60
N GLN E 529 -23.52 17.60 4.01
CA GLN E 529 -23.65 17.25 5.42
C GLN E 529 -22.49 16.41 5.92
N THR E 530 -21.57 16.01 5.04
CA THR E 530 -20.45 15.16 5.44
C THR E 530 -19.52 15.86 6.42
N ILE E 531 -19.61 17.19 6.53
CA ILE E 531 -18.82 17.93 7.50
C ILE E 531 -19.45 17.81 8.88
N LEU E 532 -20.65 17.23 8.94
CA LEU E 532 -21.36 17.12 10.21
C LEU E 532 -21.74 15.69 10.58
N THR E 533 -22.19 14.89 9.61
CA THR E 533 -22.66 13.55 9.90
C THR E 533 -21.66 12.46 9.54
N ASP E 534 -20.48 12.82 9.04
CA ASP E 534 -19.47 11.86 8.64
C ASP E 534 -18.11 12.28 9.19
N VAL E 535 -17.19 11.32 9.22
CA VAL E 535 -15.86 11.57 9.78
C VAL E 535 -15.11 12.57 8.90
N LEU E 536 -14.54 13.58 9.54
CA LEU E 536 -13.81 14.62 8.81
C LEU E 536 -12.46 14.10 8.32
N ASP E 537 -11.61 13.67 9.26
CA ASP E 537 -10.25 13.27 8.94
C ASP E 537 -10.24 12.14 7.92
N LYS E 538 -10.76 10.97 8.30
CA LYS E 538 -10.84 9.80 7.44
C LYS E 538 -9.58 9.62 6.60
N GLY E 539 -9.73 9.69 5.28
CA GLY E 539 -8.60 9.68 4.39
C GLY E 539 -8.46 11.00 3.67
N PRO E 540 -8.31 10.96 2.33
CA PRO E 540 -8.25 12.20 1.56
C PRO E 540 -9.64 12.73 1.28
N ASN E 541 -9.88 14.00 1.62
CA ASN E 541 -11.21 14.60 1.48
C ASN E 541 -11.05 16.10 1.26
N PRO E 542 -11.15 16.56 0.00
CA PRO E 542 -11.30 17.99 -0.27
C PRO E 542 -12.39 18.65 0.56
N PHE E 543 -13.45 17.89 0.87
CA PHE E 543 -14.56 18.40 1.67
C PHE E 543 -14.13 18.85 3.06
N ILE E 544 -12.90 18.56 3.48
CA ILE E 544 -12.29 19.21 4.63
C ILE E 544 -11.09 20.07 4.25
N ALA E 545 -10.70 20.07 2.96
CA ALA E 545 -9.55 20.82 2.49
C ALA E 545 -9.90 21.91 1.48
N ASN E 546 -11.11 21.91 0.94
CA ASN E 546 -11.50 22.92 -0.03
C ASN E 546 -11.68 24.31 0.58
N MET E 547 -11.69 24.42 1.90
CA MET E 547 -11.82 25.73 2.56
C MET E 547 -10.48 26.27 3.02
N HIS E 548 -9.43 26.06 2.24
CA HIS E 548 -8.13 26.64 2.54
C HIS E 548 -8.19 28.14 2.26
N LEU E 549 -8.16 28.93 3.32
CA LEU E 549 -8.33 30.39 3.29
C LEU E 549 -9.72 30.84 2.84
N LYS E 550 -10.72 29.97 2.95
CA LYS E 550 -12.09 30.41 2.68
C LYS E 550 -12.61 31.23 3.85
N ARG E 551 -13.70 31.97 3.59
CA ARG E 551 -14.21 32.92 4.57
C ARG E 551 -15.62 32.62 5.06
N SER E 552 -16.33 31.67 4.45
CA SER E 552 -17.66 31.32 4.91
C SER E 552 -18.05 29.97 4.32
N VAL E 553 -18.69 29.15 5.15
CA VAL E 553 -19.14 27.82 4.77
C VAL E 553 -20.58 27.66 5.24
N PHE E 554 -21.45 27.22 4.33
CA PHE E 554 -22.87 27.07 4.61
C PHE E 554 -23.29 25.65 4.31
N CYS E 555 -23.83 24.96 5.32
CA CYS E 555 -24.40 23.63 5.15
C CYS E 555 -25.90 23.75 5.32
N SER E 556 -26.66 23.35 4.29
CA SER E 556 -28.08 23.62 4.24
C SER E 556 -28.88 22.32 4.29
N GLU E 557 -30.07 22.41 4.91
CA GLU E 557 -31.04 21.31 4.97
C GLU E 557 -30.44 20.06 5.62
N LEU E 558 -30.14 20.20 6.91
CA LEU E 558 -29.57 19.13 7.72
C LEU E 558 -30.47 17.88 7.70
N PRO E 559 -29.94 16.69 8.07
CA PRO E 559 -30.79 15.45 7.93
C PRO E 559 -31.85 15.16 8.97
N ASP E 560 -32.95 15.88 8.85
CA ASP E 560 -33.81 16.26 9.97
C ASP E 560 -33.93 15.21 11.06
N PHE E 561 -33.73 15.63 12.30
CA PHE E 561 -33.70 14.74 13.46
C PHE E 561 -35.07 14.37 13.99
N ALA E 562 -36.14 14.94 13.41
CA ALA E 562 -37.47 14.53 13.79
C ALA E 562 -37.74 13.09 13.36
N CYS E 563 -37.45 12.76 12.11
CA CYS E 563 -37.63 11.41 11.60
C CYS E 563 -36.38 10.60 11.95
N SER E 564 -36.56 9.59 12.79
CA SER E 564 -35.45 8.75 13.21
C SER E 564 -34.95 7.91 12.03
N GLY E 565 -33.64 7.69 11.96
CA GLY E 565 -33.06 6.91 10.89
C GLY E 565 -31.90 7.60 10.21
N SER E 566 -31.59 8.81 10.65
CA SER E 566 -30.49 9.59 10.08
C SER E 566 -29.27 9.54 10.99
N LYS E 567 -28.10 9.69 10.40
CA LYS E 567 -26.86 9.67 11.16
C LYS E 567 -26.78 10.90 12.06
N LYS E 568 -26.31 10.69 13.29
CA LYS E 568 -26.22 11.79 14.24
C LYS E 568 -24.91 12.55 14.08
N ILE E 569 -24.91 13.79 14.59
CA ILE E 569 -23.74 14.66 14.47
C ILE E 569 -22.64 14.15 15.39
N ARG E 570 -21.43 14.04 14.84
CA ARG E 570 -20.28 13.52 15.59
C ARG E 570 -19.65 14.63 16.42
N SER E 571 -19.38 14.34 17.70
CA SER E 571 -18.77 15.32 18.58
C SER E 571 -17.27 15.49 18.31
N ASP E 572 -16.57 14.41 17.97
CA ASP E 572 -15.14 14.51 17.67
C ASP E 572 -14.91 15.40 16.46
N ASN E 573 -15.80 15.32 15.47
CA ASN E 573 -15.68 16.19 14.30
C ASN E 573 -15.81 17.66 14.68
N ILE E 574 -16.76 17.98 15.57
CA ILE E 574 -16.93 19.36 16.00
C ILE E 574 -15.73 19.82 16.81
N LYS E 575 -15.16 18.94 17.64
CA LYS E 575 -13.92 19.28 18.33
C LYS E 575 -12.80 19.55 17.34
N LYS E 576 -12.75 18.78 16.25
CA LYS E 576 -11.75 19.00 15.21
C LYS E 576 -11.94 20.35 14.53
N LEU E 577 -13.20 20.75 14.29
CA LEU E 577 -13.51 21.92 13.47
C LEU E 577 -13.24 23.25 14.17
N THR E 578 -13.33 23.31 15.49
CA THR E 578 -13.33 24.59 16.20
C THR E 578 -11.93 25.07 16.58
N GLU E 579 -10.86 24.35 16.20
CA GLU E 579 -9.57 24.86 16.64
C GLU E 579 -8.98 25.86 15.65
N PRO E 580 -8.23 26.84 16.17
CA PRO E 580 -7.42 27.69 15.31
C PRO E 580 -6.76 26.97 14.15
N CYS E 581 -6.01 25.91 14.42
CA CYS E 581 -5.38 25.08 13.40
C CYS E 581 -6.20 23.81 13.22
N VAL E 582 -6.92 23.72 12.12
CA VAL E 582 -7.74 22.55 11.82
C VAL E 582 -6.83 21.46 11.24
N ILE E 583 -6.71 20.35 11.98
CA ILE E 583 -5.89 19.24 11.51
C ILE E 583 -6.61 18.52 10.38
N GLY E 584 -5.92 18.32 9.27
CA GLY E 584 -6.50 17.69 8.10
C GLY E 584 -5.67 17.90 6.86
N ARG E 585 -5.56 16.90 6.01
CA ARG E 585 -4.70 17.01 4.85
C ARG E 585 -5.49 16.84 3.56
N PRO E 586 -5.16 17.60 2.52
CA PRO E 586 -5.81 17.41 1.21
C PRO E 586 -5.29 16.18 0.51
N CYS E 587 -5.73 15.95 -0.73
CA CYS E 587 -5.20 14.85 -1.51
C CYS E 587 -3.77 15.14 -1.93
N PHE E 588 -2.85 14.25 -1.53
CA PHE E 588 -1.45 14.33 -1.91
C PHE E 588 -0.77 15.60 -1.40
N SER E 589 -1.32 16.17 -0.33
CA SER E 589 -0.75 17.35 0.31
C SER E 589 -0.62 17.10 1.80
N ASN E 590 0.50 17.53 2.37
CA ASN E 590 0.81 17.29 3.77
C ASN E 590 0.54 18.49 4.67
N LYS E 591 -0.14 19.52 4.17
CA LYS E 591 -0.45 20.68 4.98
C LYS E 591 -1.56 20.37 5.98
N ILE E 592 -1.19 19.76 7.10
CA ILE E 592 -2.17 19.40 8.14
C ILE E 592 -2.58 20.59 9.00
N ASN E 593 -2.07 21.78 8.72
CA ASN E 593 -2.44 22.99 9.44
C ASN E 593 -3.34 23.82 8.52
N ASN E 594 -4.64 23.54 8.57
CA ASN E 594 -5.62 24.22 7.71
C ASN E 594 -6.06 25.51 8.40
N ARG E 595 -5.56 26.63 7.90
CA ARG E 595 -5.93 27.93 8.45
C ARG E 595 -7.35 28.27 8.01
N ASN E 596 -8.29 28.25 8.96
CA ASN E 596 -9.69 28.52 8.67
C ASN E 596 -9.98 29.99 8.99
N HIS E 597 -10.54 30.70 8.01
CA HIS E 597 -11.01 32.05 8.19
C HIS E 597 -12.53 32.15 8.11
N ALA E 598 -13.22 31.01 8.19
CA ALA E 598 -14.64 30.94 7.90
C ALA E 598 -15.44 30.70 9.18
N THR E 599 -16.61 31.32 9.24
CA THR E 599 -17.59 31.03 10.29
C THR E 599 -18.54 29.98 9.76
N ILE E 600 -18.47 28.77 10.32
CA ILE E 600 -19.29 27.66 9.85
C ILE E 600 -20.73 27.91 10.30
N ILE E 601 -21.62 28.17 9.35
CA ILE E 601 -23.03 28.41 9.62
C ILE E 601 -23.81 27.17 9.23
N ILE E 602 -24.68 26.73 10.14
CA ILE E 602 -25.45 25.51 9.97
C ILE E 602 -26.91 25.88 9.70
N ASP E 603 -27.44 25.38 8.59
CA ASP E 603 -28.83 25.61 8.21
C ASP E 603 -29.65 24.37 8.56
N THR E 604 -30.61 24.52 9.47
CA THR E 604 -31.34 23.38 10.00
C THR E 604 -32.84 23.65 9.96
N ASN E 605 -33.61 22.59 10.16
CA ASN E 605 -35.05 22.66 10.26
C ASN E 605 -35.58 22.34 11.65
N TYR E 606 -34.79 21.70 12.50
CA TYR E 606 -35.19 21.36 13.86
C TYR E 606 -34.04 21.68 14.81
N LYS E 607 -34.33 21.63 16.10
CA LYS E 607 -33.32 21.96 17.10
C LYS E 607 -32.19 20.94 17.03
N PRO E 608 -30.94 21.37 17.22
CA PRO E 608 -29.81 20.45 17.09
C PRO E 608 -29.81 19.39 18.17
N VAL E 609 -29.18 18.25 17.85
CA VAL E 609 -28.98 17.16 18.80
C VAL E 609 -27.53 16.72 18.70
N PHE E 610 -26.87 16.56 19.85
CA PHE E 610 -25.50 16.07 19.93
C PHE E 610 -25.49 14.72 20.63
N ASP E 611 -24.75 13.77 20.05
CA ASP E 611 -24.65 12.45 20.65
C ASP E 611 -23.96 12.51 22.01
N ARG E 612 -22.88 13.28 22.10
CA ARG E 612 -22.13 13.46 23.34
C ARG E 612 -22.12 14.92 23.73
N ILE E 613 -22.42 15.20 24.99
CA ILE E 613 -22.54 16.56 25.49
C ILE E 613 -21.63 16.72 26.70
N ASP E 614 -20.85 17.80 26.72
CA ASP E 614 -19.99 18.12 27.85
C ASP E 614 -19.85 19.64 27.93
N ASN E 615 -18.92 20.10 28.75
CA ASN E 615 -18.75 21.53 28.95
C ASN E 615 -18.10 22.20 27.73
N ALA E 616 -17.54 21.40 26.82
CA ALA E 616 -16.87 21.98 25.66
C ALA E 616 -17.87 22.53 24.64
N LEU E 617 -19.09 22.00 24.64
CA LEU E 617 -20.05 22.40 23.60
C LEU E 617 -20.61 23.80 23.87
N MET E 618 -20.97 24.11 25.12
CA MET E 618 -21.72 25.32 25.39
C MET E 618 -20.95 26.59 25.03
N ARG E 619 -19.62 26.49 24.97
CA ARG E 619 -18.78 27.63 24.60
C ARG E 619 -18.64 27.77 23.08
N ARG E 620 -19.24 26.88 22.30
CA ARG E 620 -19.08 26.89 20.86
C ARG E 620 -20.40 26.69 20.11
N ILE E 621 -21.53 27.01 20.73
CA ILE E 621 -22.84 26.79 20.14
C ILE E 621 -23.65 28.07 20.19
N ALA E 622 -24.23 28.45 19.06
CA ALA E 622 -25.10 29.62 18.97
C ALA E 622 -26.21 29.33 17.96
N VAL E 623 -27.35 29.98 18.13
CA VAL E 623 -28.56 29.66 17.38
C VAL E 623 -29.12 30.93 16.74
N VAL E 624 -29.47 30.82 15.46
CA VAL E 624 -30.18 31.87 14.73
C VAL E 624 -31.50 31.27 14.26
N ARG E 625 -32.60 31.99 14.49
CA ARG E 625 -33.93 31.46 14.20
C ARG E 625 -34.65 32.30 13.14
N PHE E 626 -35.33 31.59 12.23
CA PHE E 626 -36.11 32.20 11.16
C PHE E 626 -37.45 31.47 11.07
N ARG E 627 -38.52 32.23 10.81
CA ARG E 627 -39.87 31.69 10.84
C ARG E 627 -40.69 32.18 9.64
N THR E 628 -40.14 32.07 8.43
CA THR E 628 -40.80 32.55 7.22
C THR E 628 -41.14 31.37 6.31
N HIS E 629 -41.89 31.63 5.24
CA HIS E 629 -42.18 30.63 4.23
C HIS E 629 -42.53 31.31 2.91
N PHE E 630 -42.29 30.59 1.81
CA PHE E 630 -42.69 31.02 0.48
C PHE E 630 -43.41 29.87 -0.20
N SER E 631 -44.56 30.17 -0.81
CA SER E 631 -45.36 29.15 -1.47
C SER E 631 -46.23 29.77 -2.55
N GLN E 632 -46.66 28.92 -3.48
CA GLN E 632 -47.53 29.36 -4.57
C GLN E 632 -48.92 29.67 -4.05
N PRO E 633 -49.69 30.49 -4.76
CA PRO E 633 -51.06 30.79 -4.32
C PRO E 633 -52.01 29.60 -4.44
N SER E 634 -51.62 28.56 -5.19
CA SER E 634 -52.46 27.37 -5.29
C SER E 634 -52.65 26.70 -3.94
N GLY E 635 -51.57 26.60 -3.16
CA GLY E 635 -51.65 26.05 -1.82
C GLY E 635 -51.53 27.12 -0.76
N ARG E 636 -52.11 28.30 -1.03
CA ARG E 636 -52.03 29.40 -0.08
C ARG E 636 -52.78 29.07 1.21
N GLU E 637 -54.00 28.55 1.10
CA GLU E 637 -54.75 28.16 2.29
C GLU E 637 -54.05 27.05 3.05
N ALA E 638 -53.52 26.06 2.32
CA ALA E 638 -52.77 24.98 2.96
C ALA E 638 -51.53 25.52 3.65
N ALA E 639 -50.85 26.48 3.04
CA ALA E 639 -49.69 27.09 3.67
C ALA E 639 -50.08 27.95 4.87
N GLU E 640 -51.32 28.43 4.91
CA GLU E 640 -51.77 29.22 6.05
C GLU E 640 -52.50 28.39 7.10
N ASN E 641 -52.67 27.08 6.89
CA ASN E 641 -53.48 26.26 7.76
C ASN E 641 -52.76 24.98 8.21
N ASN E 642 -51.52 25.10 8.70
CA ASN E 642 -50.84 23.95 9.29
C ASN E 642 -50.05 24.40 10.52
N ASP E 643 -49.21 23.51 11.05
CA ASP E 643 -48.83 23.59 12.46
C ASP E 643 -47.90 24.77 12.78
N ALA E 644 -46.68 24.79 12.22
CA ALA E 644 -45.60 25.52 12.89
C ALA E 644 -44.77 26.37 11.92
N TYR E 645 -45.42 27.21 11.12
CA TYR E 645 -44.74 28.37 10.54
C TYR E 645 -45.17 29.62 11.29
N ASP E 646 -44.56 30.75 10.92
CA ASP E 646 -44.99 32.05 11.43
C ASP E 646 -45.27 33.06 10.32
N LYS E 647 -44.83 32.81 9.10
CA LYS E 647 -45.03 33.74 8.00
C LYS E 647 -44.98 32.96 6.69
N VAL E 648 -45.86 33.32 5.76
CA VAL E 648 -45.96 32.66 4.46
C VAL E 648 -45.95 33.72 3.38
N LYS E 649 -45.08 33.55 2.38
CA LYS E 649 -44.99 34.49 1.28
C LYS E 649 -45.13 33.79 -0.06
N LEU E 650 -44.85 34.50 -1.14
CA LEU E 650 -45.05 34.00 -2.50
C LEU E 650 -43.72 33.53 -3.10
N LEU E 651 -43.72 32.33 -3.67
CA LEU E 651 -42.55 31.82 -4.35
C LEU E 651 -42.31 32.59 -5.65
N ASP E 652 -41.03 32.76 -5.98
CA ASP E 652 -40.61 33.46 -7.18
C ASP E 652 -39.79 32.51 -8.05
N GLU E 653 -40.29 32.21 -9.25
CA GLU E 653 -39.58 31.31 -10.14
C GLU E 653 -38.36 31.98 -10.77
N GLY E 654 -38.44 33.28 -11.04
CA GLY E 654 -37.31 34.03 -11.57
C GLY E 654 -36.31 34.48 -10.55
N LEU E 655 -36.54 34.14 -9.27
CA LEU E 655 -35.60 34.54 -8.22
C LEU E 655 -34.24 33.89 -8.42
N ASP E 656 -34.22 32.62 -8.85
CA ASP E 656 -32.94 31.94 -9.08
C ASP E 656 -32.13 32.64 -10.17
N GLY E 657 -32.78 33.00 -11.28
CA GLY E 657 -32.07 33.73 -12.32
C GLY E 657 -31.65 35.12 -11.89
N LYS E 658 -32.49 35.78 -11.08
CA LYS E 658 -32.16 37.12 -10.61
C LYS E 658 -30.93 37.09 -9.70
N ILE E 659 -30.85 36.10 -8.82
CA ILE E 659 -29.65 35.97 -7.99
C ILE E 659 -28.46 35.52 -8.82
N GLN E 660 -28.68 34.70 -9.84
CA GLN E 660 -27.59 34.24 -10.69
C GLN E 660 -26.97 35.41 -11.47
N ASN E 661 -27.79 36.35 -11.92
CA ASN E 661 -27.30 37.45 -12.74
C ASN E 661 -26.69 38.59 -11.92
N ASN E 662 -26.60 38.43 -10.59
CA ASN E 662 -25.75 39.27 -9.73
C ASN E 662 -26.12 40.75 -9.81
N ARG E 663 -27.30 41.07 -9.29
CA ARG E 663 -27.80 42.44 -9.25
C ARG E 663 -27.66 43.10 -7.89
N TYR E 664 -27.64 42.33 -6.80
CA TYR E 664 -27.57 42.87 -5.45
C TYR E 664 -26.18 42.76 -4.83
N ARG E 665 -25.16 42.44 -5.63
CA ARG E 665 -23.81 42.21 -5.10
C ARG E 665 -23.30 43.39 -4.30
N PHE E 666 -23.09 44.52 -4.97
CA PHE E 666 -22.49 45.67 -4.31
C PHE E 666 -23.46 46.32 -3.32
N ALA E 667 -24.76 46.17 -3.54
CA ALA E 667 -25.73 46.66 -2.58
C ALA E 667 -25.58 45.96 -1.24
N PHE E 668 -25.57 44.62 -1.25
CA PHE E 668 -25.35 43.92 0.02
C PHE E 668 -23.91 44.07 0.49
N LEU E 669 -22.96 44.36 -0.40
CA LEU E 669 -21.61 44.66 0.06
C LEU E 669 -21.59 45.92 0.90
N TYR E 670 -22.31 46.97 0.46
CA TYR E 670 -22.45 48.18 1.27
C TYR E 670 -23.18 47.88 2.58
N LEU E 671 -24.28 47.12 2.50
CA LEU E 671 -25.02 46.81 3.71
C LEU E 671 -24.16 46.02 4.69
N LEU E 672 -23.37 45.08 4.19
CA LEU E 672 -22.49 44.29 5.03
C LEU E 672 -21.35 45.11 5.59
N VAL E 673 -20.85 46.10 4.85
CA VAL E 673 -19.80 46.93 5.40
C VAL E 673 -20.36 47.81 6.53
N LYS E 674 -21.60 48.31 6.39
CA LYS E 674 -22.22 49.00 7.53
C LYS E 674 -22.44 48.06 8.70
N TRP E 675 -22.88 46.82 8.42
CA TRP E 675 -23.10 45.86 9.49
C TRP E 675 -21.81 45.57 10.24
N TYR E 676 -20.74 45.30 9.50
CA TYR E 676 -19.43 45.03 10.10
C TYR E 676 -18.94 46.25 10.87
N LYS E 677 -19.08 47.44 10.29
CA LYS E 677 -18.56 48.65 10.94
C LYS E 677 -19.30 48.94 12.24
N LYS E 678 -20.64 48.85 12.23
CA LYS E 678 -21.39 49.03 13.46
C LYS E 678 -21.08 47.92 14.45
N TYR E 679 -20.64 46.77 13.95
CA TYR E 679 -20.15 45.70 14.81
C TYR E 679 -18.62 45.68 14.89
N HIS E 680 -17.95 46.71 14.38
CA HIS E 680 -16.50 46.79 14.36
C HIS E 680 -15.92 47.45 15.60
N ILE E 681 -16.60 47.32 16.74
CA ILE E 681 -16.00 47.65 18.03
C ILE E 681 -14.65 46.94 18.07
N PRO E 682 -13.62 47.51 18.72
CA PRO E 682 -12.23 47.29 18.29
C PRO E 682 -11.87 45.89 17.79
N ILE E 683 -12.49 44.85 18.33
CA ILE E 683 -12.17 43.48 17.95
C ILE E 683 -13.44 42.73 17.62
N MET E 684 -13.35 41.85 16.62
CA MET E 684 -14.43 40.93 16.28
C MET E 684 -14.48 39.80 17.31
N LYS E 685 -15.61 39.69 18.01
CA LYS E 685 -15.84 38.59 18.93
C LYS E 685 -17.19 37.95 18.63
N LEU E 686 -17.25 36.63 18.80
CA LEU E 686 -18.49 35.87 18.69
C LEU E 686 -18.81 35.23 20.04
N TYR E 687 -20.04 35.41 20.50
CA TYR E 687 -20.46 34.91 21.81
C TYR E 687 -21.53 33.84 21.64
N PRO E 688 -21.27 32.61 22.05
CA PRO E 688 -22.32 31.58 22.06
C PRO E 688 -23.50 31.95 22.94
N THR E 689 -24.64 31.30 22.67
CA THR E 689 -25.87 31.48 23.43
C THR E 689 -26.37 30.11 23.86
N PRO E 690 -25.82 29.54 24.92
CA PRO E 690 -26.22 28.19 25.34
C PRO E 690 -27.66 28.08 25.83
N GLU E 691 -28.28 29.20 26.22
CA GLU E 691 -29.61 29.18 26.82
C GLU E 691 -30.69 28.70 25.87
N GLU E 692 -30.43 28.64 24.57
CA GLU E 692 -31.41 28.23 23.58
C GLU E 692 -31.31 26.74 23.21
N ILE E 693 -30.47 25.99 23.89
CA ILE E 693 -30.12 24.63 23.48
C ILE E 693 -30.88 23.64 24.36
N PRO E 694 -31.95 23.00 23.84
CA PRO E 694 -32.55 21.90 24.55
C PRO E 694 -31.60 20.78 24.93
N ASP E 695 -30.49 20.59 24.22
CA ASP E 695 -29.56 19.51 24.57
C ASP E 695 -29.00 19.70 25.97
N PHE E 696 -28.73 20.95 26.36
CA PHE E 696 -28.26 21.26 27.70
C PHE E 696 -29.38 21.37 28.71
N ALA E 697 -30.65 21.33 28.27
CA ALA E 697 -31.76 21.48 29.20
C ALA E 697 -31.71 20.43 30.32
N PHE E 698 -31.17 19.26 30.02
CA PHE E 698 -30.91 18.26 31.04
C PHE E 698 -29.51 18.41 31.65
N TYR E 699 -28.56 18.93 30.87
CA TYR E 699 -27.19 19.10 31.37
C TYR E 699 -27.01 20.42 32.11
N LEU E 700 -27.67 21.49 31.66
CA LEU E 700 -27.67 22.72 32.45
C LEU E 700 -28.47 22.54 33.74
N LYS E 701 -29.41 21.59 33.75
CA LYS E 701 -30.19 21.31 34.94
C LYS E 701 -29.33 20.71 36.05
N ILE E 702 -28.29 19.96 35.69
CA ILE E 702 -27.37 19.43 36.69
C ILE E 702 -26.39 20.53 37.09
N GLY E 703 -26.46 21.67 36.39
CA GLY E 703 -25.68 22.82 36.78
C GLY E 703 -26.50 23.77 37.64
N THR E 704 -27.79 23.50 37.74
CA THR E 704 -28.70 24.32 38.53
C THR E 704 -29.51 23.55 39.57
N LEU E 705 -29.91 22.31 39.28
CA LEU E 705 -30.76 21.54 40.17
C LEU E 705 -30.05 20.42 40.88
N LEU E 706 -29.33 19.56 40.16
CA LEU E 706 -28.61 18.44 40.75
C LEU E 706 -27.19 18.87 41.08
N VAL E 707 -26.89 18.97 42.37
CA VAL E 707 -25.58 19.43 42.83
C VAL E 707 -24.98 18.37 43.75
N SER E 708 -23.70 18.06 43.51
CA SER E 708 -23.04 16.99 44.23
C SER E 708 -22.96 17.30 45.73
N SER E 709 -22.46 16.33 46.49
CA SER E 709 -22.28 16.47 47.93
C SER E 709 -20.84 16.16 48.29
N SER E 710 -20.28 16.97 49.19
CA SER E 710 -18.85 16.89 49.50
C SER E 710 -18.63 17.43 50.92
N VAL E 711 -17.38 17.73 51.24
CA VAL E 711 -17.00 18.18 52.58
C VAL E 711 -17.73 19.46 52.99
N LYS E 712 -18.29 20.19 52.04
CA LYS E 712 -19.10 21.36 52.39
C LYS E 712 -20.38 20.97 53.12
N HIS E 713 -20.78 19.70 53.07
CA HIS E 713 -21.93 19.20 53.80
C HIS E 713 -21.55 18.48 55.08
N ILE E 714 -20.35 18.74 55.60
CA ILE E 714 -19.91 18.06 56.82
C ILE E 714 -20.83 18.33 58.00
N PRO E 715 -21.21 19.61 58.33
CA PRO E 715 -22.13 19.86 59.45
C PRO E 715 -23.61 19.74 59.04
N LEU E 716 -23.94 18.64 58.34
CA LEU E 716 -25.28 18.44 57.83
C LEU E 716 -25.75 17.01 58.04
N MET E 717 -25.57 16.48 59.24
CA MET E 717 -25.82 15.05 59.47
C MET E 717 -27.30 14.73 59.55
N THR E 718 -28.10 15.62 60.14
CA THR E 718 -29.45 15.24 60.55
C THR E 718 -30.51 15.56 59.50
N ASP E 719 -30.59 16.82 59.07
CA ASP E 719 -31.79 17.31 58.41
C ASP E 719 -32.07 16.61 57.09
N LEU E 720 -31.04 16.40 56.26
CA LEU E 720 -31.28 15.89 54.91
C LEU E 720 -31.58 14.40 54.90
N SER E 721 -31.41 13.70 56.01
CA SER E 721 -31.68 12.26 56.02
C SER E 721 -33.18 11.95 55.96
N LYS E 722 -34.04 12.96 56.12
CA LYS E 722 -35.48 12.72 56.16
C LYS E 722 -36.12 12.76 54.77
N LYS E 723 -35.49 13.45 53.81
CA LYS E 723 -36.09 13.60 52.50
C LYS E 723 -35.99 12.33 51.66
N GLY E 724 -35.23 11.34 52.11
CA GLY E 724 -34.97 10.15 51.32
C GLY E 724 -33.48 9.97 51.14
N TYR E 725 -32.72 10.99 51.50
CA TYR E 725 -31.27 10.95 51.48
C TYR E 725 -30.74 10.29 52.75
N ILE E 726 -29.44 10.01 52.75
CA ILE E 726 -28.71 9.58 53.94
C ILE E 726 -27.41 10.38 54.01
N LEU E 727 -26.84 10.43 55.20
CA LEU E 727 -25.51 11.01 55.39
C LEU E 727 -24.51 9.86 55.47
N TYR E 728 -23.59 9.81 54.53
CA TYR E 728 -22.57 8.77 54.46
C TYR E 728 -21.20 9.45 54.51
N ASP E 729 -20.45 9.18 55.57
CA ASP E 729 -19.16 9.83 55.86
C ASP E 729 -19.22 11.33 55.57
N ASN E 730 -20.23 11.99 56.15
CA ASN E 730 -20.47 13.42 56.01
C ASN E 730 -20.76 13.81 54.57
N VAL E 731 -21.23 12.87 53.75
CA VAL E 731 -21.58 13.11 52.37
C VAL E 731 -22.99 12.58 52.13
N VAL E 732 -23.83 13.40 51.50
CA VAL E 732 -25.24 13.07 51.31
C VAL E 732 -25.42 12.38 49.97
N THR E 733 -26.13 11.25 49.98
CA THR E 733 -26.33 10.42 48.80
C THR E 733 -27.83 10.30 48.50
N LEU E 734 -28.14 9.60 47.41
CA LEU E 734 -29.51 9.38 46.97
C LEU E 734 -29.66 7.98 46.37
N PRO E 735 -30.61 7.19 46.85
CA PRO E 735 -30.76 5.82 46.33
C PRO E 735 -31.15 5.81 44.87
N LEU E 736 -30.77 4.72 44.19
CA LEU E 736 -30.99 4.61 42.75
C LEU E 736 -32.49 4.58 42.43
N THR E 737 -33.27 3.82 43.19
CA THR E 737 -34.72 3.83 42.98
C THR E 737 -35.32 5.19 43.32
N THR E 738 -34.86 5.78 44.43
CA THR E 738 -35.31 7.14 44.78
C THR E 738 -34.89 8.14 43.72
N PHE E 739 -33.67 8.01 43.19
CA PHE E 739 -33.23 8.91 42.13
C PHE E 739 -34.10 8.75 40.89
N GLN E 740 -34.45 7.52 40.53
CA GLN E 740 -35.32 7.28 39.38
C GLN E 740 -36.68 7.93 39.60
N GLN E 741 -37.27 7.73 40.78
CA GLN E 741 -38.59 8.31 41.06
C GLN E 741 -38.53 9.83 41.03
N LYS E 742 -37.49 10.43 41.60
CA LYS E 742 -37.40 11.88 41.64
C LYS E 742 -37.11 12.47 40.27
N ILE E 743 -36.26 11.80 39.47
CA ILE E 743 -35.96 12.30 38.14
C ILE E 743 -37.19 12.20 37.24
N SER E 744 -38.02 11.17 37.43
CA SER E 744 -39.25 11.06 36.65
C SER E 744 -40.20 12.23 36.90
N LYS E 745 -40.03 12.95 38.01
CA LYS E 745 -40.85 14.12 38.28
C LYS E 745 -40.46 15.31 37.41
N TYR E 746 -39.17 15.49 37.15
CA TYR E 746 -38.71 16.59 36.30
C TYR E 746 -38.69 16.18 34.83
N PHE E 747 -37.93 15.16 34.50
CA PHE E 747 -37.89 14.58 33.15
C PHE E 747 -38.44 13.16 33.27
N ASN E 748 -39.60 12.91 32.65
CA ASN E 748 -40.27 11.63 32.80
C ASN E 748 -39.34 10.49 32.41
N SER E 749 -39.31 9.44 33.25
CA SER E 749 -38.40 8.33 33.06
C SER E 749 -38.59 7.61 31.73
N ARG E 750 -39.68 7.88 31.01
CA ARG E 750 -39.87 7.35 29.67
C ARG E 750 -39.81 8.42 28.60
N LEU E 751 -40.42 9.59 28.82
CA LEU E 751 -40.44 10.63 27.81
C LEU E 751 -39.03 11.01 27.37
N PHE E 752 -38.11 11.16 28.32
CA PHE E 752 -36.70 11.35 28.05
C PHE E 752 -35.90 10.19 28.59
N GLY E 753 -36.43 8.98 28.40
CA GLY E 753 -35.83 7.80 29.02
C GLY E 753 -34.46 7.46 28.49
N HIS E 754 -34.27 7.57 27.18
CA HIS E 754 -32.96 7.29 26.59
C HIS E 754 -31.90 8.25 27.11
N ASP E 755 -32.23 9.54 27.16
CA ASP E 755 -31.30 10.54 27.68
C ASP E 755 -31.03 10.30 29.16
N ILE E 756 -32.07 9.94 29.93
CA ILE E 756 -31.89 9.67 31.36
C ILE E 756 -30.97 8.48 31.56
N GLU E 757 -31.16 7.41 30.78
CA GLU E 757 -30.29 6.25 30.89
C GLU E 757 -28.85 6.59 30.53
N SER E 758 -28.66 7.37 29.46
CA SER E 758 -27.31 7.78 29.06
C SER E 758 -26.64 8.59 30.17
N PHE E 759 -27.37 9.55 30.76
CA PHE E 759 -26.81 10.34 31.84
C PHE E 759 -26.51 9.49 33.06
N ILE E 760 -27.38 8.53 33.37
CA ILE E 760 -27.19 7.67 34.53
C ILE E 760 -25.92 6.83 34.36
N ASN E 761 -25.74 6.25 33.18
CA ASN E 761 -24.55 5.43 32.96
C ASN E 761 -23.30 6.26 32.65
N ARG E 762 -23.44 7.56 32.44
CA ARG E 762 -22.28 8.40 32.15
C ARG E 762 -21.76 9.16 33.37
N HIS E 763 -22.66 9.66 34.23
CA HIS E 763 -22.30 10.62 35.26
C HIS E 763 -22.53 10.10 36.68
N LYS E 764 -22.38 8.81 36.91
CA LYS E 764 -22.60 8.26 38.24
C LYS E 764 -21.27 8.01 38.95
N LYS E 765 -21.24 8.35 40.24
CA LYS E 765 -20.06 8.16 41.08
C LYS E 765 -20.17 6.86 41.87
N PHE E 766 -19.02 6.35 42.26
CA PHE E 766 -18.95 5.08 43.00
C PHE E 766 -18.11 5.26 44.25
N ALA E 767 -18.75 5.08 45.42
CA ALA E 767 -18.01 4.88 46.65
C ALA E 767 -17.70 3.42 46.90
N ASN E 768 -18.54 2.52 46.37
CA ASN E 768 -18.30 1.09 46.39
C ASN E 768 -19.16 0.48 45.30
N VAL E 769 -19.00 -0.84 45.10
CA VAL E 769 -19.74 -1.53 44.04
C VAL E 769 -21.24 -1.51 44.34
N SER E 770 -21.61 -1.80 45.59
CA SER E 770 -23.03 -1.92 45.92
C SER E 770 -23.69 -0.54 46.05
N ASP E 771 -23.20 0.27 46.97
CA ASP E 771 -23.80 1.58 47.24
C ASP E 771 -23.39 2.53 46.12
N GLU E 772 -24.06 2.43 44.98
CA GLU E 772 -23.85 3.31 43.85
C GLU E 772 -24.93 4.39 43.87
N TYR E 773 -24.62 5.51 44.52
CA TYR E 773 -25.59 6.58 44.71
C TYR E 773 -25.01 7.88 44.20
N LEU E 774 -25.86 8.65 43.52
CA LEU E 774 -25.48 9.95 42.98
C LEU E 774 -25.44 10.97 44.11
N GLN E 775 -24.41 11.80 44.10
CA GLN E 775 -24.18 12.76 45.18
C GLN E 775 -25.03 14.01 44.98
N TYR E 776 -25.88 14.00 43.96
CA TYR E 776 -26.61 15.18 43.53
C TYR E 776 -27.77 15.46 44.48
N ILE E 777 -27.90 16.72 44.88
CA ILE E 777 -28.83 17.15 45.91
C ILE E 777 -29.81 18.15 45.31
N PHE E 778 -31.09 17.99 45.63
CA PHE E 778 -32.10 18.93 45.17
C PHE E 778 -32.06 20.21 46.01
N ILE E 779 -32.48 21.32 45.39
CA ILE E 779 -32.50 22.60 46.08
C ILE E 779 -33.56 22.60 47.18
N GLU E 780 -34.63 21.83 47.00
CA GLU E 780 -35.77 21.90 47.91
C GLU E 780 -35.43 21.44 49.32
N ASP E 781 -34.52 20.47 49.46
CA ASP E 781 -34.23 19.90 50.78
C ASP E 781 -33.23 20.70 51.58
N ILE E 782 -32.33 21.44 50.93
CA ILE E 782 -31.32 22.20 51.65
C ILE E 782 -31.96 23.33 52.46
N SER E 783 -32.94 24.03 51.86
CA SER E 783 -33.58 25.14 52.56
C SER E 783 -34.34 24.66 53.78
N SER E 784 -34.91 23.45 53.72
CA SER E 784 -35.63 22.92 54.86
C SER E 784 -34.67 22.57 55.98
N PRO E 785 -34.85 23.10 57.20
CA PRO E 785 -33.97 22.83 58.34
C PRO E 785 -33.99 21.35 58.76
N GLY F 323 51.40 14.72 -22.53
CA GLY F 323 50.95 13.34 -22.50
C GLY F 323 49.75 13.13 -21.58
N ASN F 324 48.78 14.04 -21.66
CA ASN F 324 47.57 13.98 -20.85
C ASN F 324 47.91 13.97 -19.35
N LYS F 325 48.42 15.12 -18.91
CA LYS F 325 48.71 15.35 -17.49
C LYS F 325 47.66 14.73 -16.58
N LEU F 326 46.38 14.90 -16.91
CA LEU F 326 45.33 14.37 -16.06
C LEU F 326 45.32 12.85 -16.05
N PHE F 327 45.68 12.21 -17.16
CA PHE F 327 45.79 10.75 -17.16
C PHE F 327 46.97 10.28 -16.31
N ASN F 328 48.07 11.00 -16.35
CA ASN F 328 49.20 10.67 -15.47
C ASN F 328 48.83 10.83 -14.00
N ILE F 329 48.11 11.89 -13.67
CA ILE F 329 47.65 12.09 -12.30
C ILE F 329 46.75 10.94 -11.86
N ALA F 330 45.81 10.56 -12.73
CA ALA F 330 44.91 9.45 -12.39
C ALA F 330 45.68 8.15 -12.22
N GLN F 331 46.67 7.91 -13.08
CA GLN F 331 47.48 6.71 -12.95
C GLN F 331 48.25 6.69 -11.64
N ARG F 332 48.81 7.83 -11.24
CA ARG F 332 49.54 7.90 -9.99
C ARG F 332 48.63 7.65 -8.80
N ILE F 333 47.44 8.26 -8.82
CA ILE F 333 46.50 8.06 -7.73
C ILE F 333 46.07 6.60 -7.65
N LEU F 334 45.89 5.95 -8.80
CA LEU F 334 45.56 4.53 -8.79
C LEU F 334 46.71 3.70 -8.24
N ASP F 335 47.95 4.01 -8.63
CA ASP F 335 49.10 3.28 -8.12
C ASP F 335 49.28 3.49 -6.61
N THR F 336 48.80 4.60 -6.06
CA THR F 336 48.75 4.78 -4.63
C THR F 336 47.83 3.75 -3.96
N ASN F 337 46.84 3.24 -4.70
CA ASN F 337 45.95 2.17 -4.26
C ASN F 337 45.01 2.64 -3.14
N SER F 338 44.44 3.84 -3.30
CA SER F 338 43.50 4.39 -2.34
C SER F 338 42.05 4.26 -2.76
N VAL F 339 41.77 3.76 -3.96
CA VAL F 339 40.40 3.53 -4.43
C VAL F 339 40.27 2.07 -4.81
N LEU F 340 39.19 1.43 -4.34
CA LEU F 340 38.91 0.05 -4.67
C LEU F 340 37.45 -0.10 -5.04
N LEU F 341 37.16 -1.11 -5.86
CA LEU F 341 35.81 -1.42 -6.29
C LEU F 341 35.34 -2.66 -5.54
N THR F 342 34.15 -2.59 -4.96
CA THR F 342 33.64 -3.62 -4.08
C THR F 342 32.70 -4.55 -4.85
N GLU F 343 32.61 -5.80 -4.38
CA GLU F 343 31.74 -6.80 -5.02
C GLU F 343 30.30 -6.33 -5.07
N ARG F 344 29.89 -5.44 -4.17
CA ARG F 344 28.54 -4.90 -4.17
C ARG F 344 28.37 -3.74 -5.15
N GLY F 345 29.43 -3.33 -5.84
CA GLY F 345 29.35 -2.23 -6.77
C GLY F 345 29.65 -0.87 -6.19
N ASP F 346 30.43 -0.81 -5.11
CA ASP F 346 30.74 0.44 -4.43
C ASP F 346 32.19 0.82 -4.66
N HIS F 347 32.47 2.12 -4.62
CA HIS F 347 33.83 2.65 -4.69
C HIS F 347 34.20 3.12 -3.29
N ILE F 348 35.11 2.40 -2.64
CA ILE F 348 35.56 2.72 -1.29
C ILE F 348 36.87 3.48 -1.38
N VAL F 349 36.95 4.60 -0.68
CA VAL F 349 38.13 5.46 -0.72
C VAL F 349 38.76 5.50 0.66
N TRP F 350 40.02 5.91 0.70
CA TRP F 350 40.84 5.90 1.92
C TRP F 350 41.19 7.34 2.26
N ILE F 351 40.34 7.98 3.06
CA ILE F 351 40.56 9.35 3.52
C ILE F 351 40.57 9.34 5.04
N ASN F 352 41.56 10.00 5.63
CA ASN F 352 41.64 10.18 7.08
C ASN F 352 41.69 8.84 7.82
N ASN F 353 42.46 7.90 7.29
CA ASN F 353 42.75 6.63 7.96
C ASN F 353 41.49 5.80 8.19
N SER F 354 40.72 5.60 7.13
CA SER F 354 39.55 4.73 7.18
C SER F 354 39.01 4.56 5.77
N TRP F 355 38.44 3.39 5.51
CA TRP F 355 37.75 3.14 4.24
C TRP F 355 36.30 3.62 4.37
N LYS F 356 35.90 4.52 3.49
CA LYS F 356 34.57 5.10 3.51
C LYS F 356 33.93 4.95 2.14
N PHE F 357 32.61 4.94 2.12
CA PHE F 357 31.88 4.90 0.85
C PHE F 357 30.49 5.48 1.04
N ASN F 358 30.11 6.38 0.16
CA ASN F 358 28.75 6.89 0.08
C ASN F 358 28.19 6.49 -1.28
N SER F 359 27.04 5.83 -1.28
CA SER F 359 26.51 5.27 -2.51
C SER F 359 25.97 6.33 -3.45
N GLU F 360 25.41 7.41 -2.93
CA GLU F 360 24.88 8.48 -3.76
C GLU F 360 25.82 9.67 -3.88
N GLU F 361 26.80 9.81 -2.99
CA GLU F 361 27.72 10.94 -2.97
C GLU F 361 29.14 10.40 -3.01
N PRO F 362 29.65 10.07 -4.20
CA PRO F 362 31.01 9.53 -4.30
C PRO F 362 32.05 10.49 -3.75
N LEU F 363 33.08 9.92 -3.13
CA LEU F 363 34.12 10.68 -2.45
C LEU F 363 35.45 10.65 -3.20
N ILE F 364 35.43 10.28 -4.48
CA ILE F 364 36.67 10.21 -5.24
C ILE F 364 37.28 11.60 -5.40
N THR F 365 36.45 12.62 -5.59
CA THR F 365 36.98 13.98 -5.71
C THR F 365 37.53 14.48 -4.38
N LYS F 366 36.91 14.09 -3.27
CA LYS F 366 37.47 14.38 -1.95
C LYS F 366 38.84 13.74 -1.80
N LEU F 367 38.97 12.49 -2.22
CA LEU F 367 40.25 11.82 -2.14
C LEU F 367 41.30 12.51 -3.02
N ILE F 368 40.90 12.93 -4.22
CA ILE F 368 41.84 13.61 -5.12
C ILE F 368 42.35 14.90 -4.49
N LEU F 369 41.44 15.71 -3.96
CA LEU F 369 41.87 16.96 -3.33
C LEU F 369 42.75 16.71 -2.12
N SER F 370 42.40 15.70 -1.30
CA SER F 370 43.20 15.44 -0.10
C SER F 370 44.58 14.86 -0.45
N ILE F 371 44.67 14.09 -1.53
CA ILE F 371 45.92 13.45 -1.92
C ILE F 371 46.79 14.30 -2.80
N ARG F 372 46.29 15.45 -3.29
CA ARG F 372 47.10 16.34 -4.11
C ARG F 372 48.44 16.69 -3.48
N HIS F 373 48.60 16.51 -2.16
CA HIS F 373 49.84 16.90 -1.51
C HIS F 373 51.00 15.95 -1.81
N GLN F 374 50.71 14.69 -2.12
CA GLN F 374 51.75 13.70 -2.36
C GLN F 374 52.25 13.67 -3.79
N LEU F 375 51.58 14.36 -4.70
CA LEU F 375 52.00 14.40 -6.10
C LEU F 375 53.09 15.44 -6.29
N PRO F 376 53.85 15.38 -7.40
CA PRO F 376 54.84 16.41 -7.69
C PRO F 376 54.27 17.83 -7.67
N LYS F 377 55.16 18.82 -7.62
CA LYS F 377 54.72 20.20 -7.40
C LYS F 377 53.88 20.72 -8.57
N GLU F 378 54.24 20.36 -9.80
CA GLU F 378 53.49 20.84 -10.95
C GLU F 378 52.12 20.18 -11.08
N TYR F 379 51.96 18.97 -10.54
CA TYR F 379 50.68 18.27 -10.60
C TYR F 379 49.69 18.75 -9.55
N SER F 380 50.15 19.50 -8.55
CA SER F 380 49.26 19.91 -7.46
C SER F 380 48.32 21.03 -7.87
N SER F 381 48.80 22.00 -8.65
CA SER F 381 47.99 23.16 -9.00
C SER F 381 46.90 22.84 -10.00
N GLU F 382 46.91 21.65 -10.61
CA GLU F 382 45.85 21.27 -11.53
C GLU F 382 44.63 20.72 -10.80
N LEU F 383 44.77 20.36 -9.52
CA LEU F 383 43.68 19.76 -8.77
C LEU F 383 42.92 20.78 -7.93
N LEU F 384 43.12 22.06 -8.17
CA LEU F 384 42.35 23.11 -7.52
C LEU F 384 41.10 23.49 -8.29
N CYS F 385 40.89 22.92 -9.49
CA CYS F 385 39.73 23.19 -10.30
C CYS F 385 38.77 22.01 -10.24
N PRO F 386 37.49 22.22 -9.93
CA PRO F 386 36.56 21.09 -9.85
C PRO F 386 36.41 20.32 -11.16
N ARG F 387 36.51 21.01 -12.30
CA ARG F 387 36.38 20.33 -13.58
C ARG F 387 37.52 19.34 -13.81
N LYS F 388 38.74 19.74 -13.49
CA LYS F 388 39.87 18.84 -13.65
C LYS F 388 39.79 17.65 -12.70
N ARG F 389 39.29 17.88 -11.48
CA ARG F 389 39.08 16.77 -10.56
C ARG F 389 37.99 15.83 -11.07
N LYS F 390 36.97 16.36 -11.74
CA LYS F 390 35.95 15.48 -12.33
C LYS F 390 36.52 14.65 -13.48
N THR F 391 37.39 15.26 -14.29
CA THR F 391 38.07 14.49 -15.34
C THR F 391 38.92 13.37 -14.75
N VAL F 392 39.68 13.69 -13.69
CA VAL F 392 40.51 12.67 -13.04
C VAL F 392 39.64 11.57 -12.45
N GLU F 393 38.49 11.93 -11.88
CA GLU F 393 37.58 10.91 -11.36
C GLU F 393 37.05 10.02 -12.47
N ALA F 394 36.74 10.59 -13.63
CA ALA F 394 36.29 9.79 -14.76
C ALA F 394 37.38 8.80 -15.19
N ASN F 395 38.61 9.27 -15.29
CA ASN F 395 39.71 8.38 -15.65
C ASN F 395 39.87 7.26 -14.63
N ILE F 396 39.81 7.59 -13.34
CA ILE F 396 39.97 6.59 -12.30
C ILE F 396 38.86 5.56 -12.36
N ARG F 397 37.62 6.02 -12.59
CA ARG F 397 36.50 5.09 -12.70
C ARG F 397 36.67 4.16 -13.89
N ASP F 398 37.18 4.67 -15.00
CA ASP F 398 37.43 3.80 -16.16
C ASP F 398 38.55 2.80 -15.88
N MET F 399 39.53 3.17 -15.05
CA MET F 399 40.67 2.29 -14.80
C MET F 399 40.36 1.13 -13.86
N LEU F 400 39.28 1.20 -13.09
CA LEU F 400 38.98 0.17 -12.09
C LEU F 400 38.02 -0.84 -12.71
N VAL F 401 38.56 -2.00 -13.07
CA VAL F 401 37.81 -3.03 -13.78
C VAL F 401 37.36 -4.15 -12.85
N ASP F 402 38.26 -4.65 -12.02
CA ASP F 402 38.05 -5.86 -11.25
C ASP F 402 37.84 -5.49 -9.79
N SER F 403 36.92 -6.18 -9.13
CA SER F 403 36.50 -5.86 -7.77
C SER F 403 37.39 -6.54 -6.74
N VAL F 404 37.10 -6.32 -5.46
CA VAL F 404 37.85 -6.90 -4.36
C VAL F 404 36.88 -7.44 -3.31
N GLU F 405 37.44 -8.10 -2.31
CA GLU F 405 36.69 -8.60 -1.15
C GLU F 405 37.10 -7.82 0.09
N THR F 406 36.10 -7.41 0.87
CA THR F 406 36.32 -6.58 2.05
C THR F 406 35.90 -7.33 3.31
N ASP F 407 36.43 -6.87 4.44
CA ASP F 407 36.08 -7.38 5.76
C ASP F 407 36.30 -8.89 5.86
N THR F 408 37.47 -9.33 5.39
CA THR F 408 37.81 -10.75 5.41
C THR F 408 38.61 -11.16 6.64
N TYR F 409 39.05 -10.22 7.46
CA TYR F 409 39.85 -10.53 8.64
C TYR F 409 38.95 -10.57 9.86
N PRO F 410 38.84 -11.70 10.56
CA PRO F 410 37.93 -11.79 11.69
C PRO F 410 38.52 -11.35 13.02
N ASP F 411 39.86 -11.29 13.10
CA ASP F 411 40.55 -10.96 14.35
C ASP F 411 41.09 -9.54 14.35
N LYS F 412 40.36 -8.61 13.75
CA LYS F 412 40.75 -7.20 13.71
C LYS F 412 39.57 -6.35 14.17
N LEU F 413 39.85 -5.41 15.07
CA LEU F 413 38.81 -4.53 15.58
C LEU F 413 39.04 -3.12 15.03
N PRO F 414 38.21 -2.64 14.11
CA PRO F 414 38.50 -1.36 13.46
C PRO F 414 37.94 -0.15 14.19
N PHE F 415 38.78 0.85 14.41
CA PHE F 415 38.37 2.14 14.94
C PHE F 415 38.40 3.18 13.83
N LYS F 416 38.14 4.44 14.18
CA LYS F 416 38.10 5.50 13.19
C LYS F 416 39.49 6.04 12.84
N ASN F 417 40.54 5.59 13.52
CA ASN F 417 41.89 6.03 13.20
C ASN F 417 42.89 4.89 13.24
N GLY F 418 42.46 3.68 12.92
CA GLY F 418 43.37 2.56 12.87
C GLY F 418 42.64 1.26 13.12
N VAL F 419 43.41 0.17 13.05
CA VAL F 419 42.93 -1.18 13.27
C VAL F 419 43.69 -1.77 14.44
N LEU F 420 42.96 -2.26 15.43
CA LEU F 420 43.56 -2.87 16.62
C LEU F 420 43.61 -4.38 16.45
N ASP F 421 44.80 -4.95 16.44
CA ASP F 421 44.95 -6.39 16.38
C ASP F 421 44.56 -7.01 17.71
N LEU F 422 43.79 -8.10 17.64
CA LEU F 422 43.30 -8.74 18.85
C LEU F 422 44.21 -9.87 19.33
N VAL F 423 44.79 -10.62 18.39
CA VAL F 423 45.66 -11.73 18.79
C VAL F 423 46.90 -11.22 19.50
N ASP F 424 47.51 -10.15 18.98
CA ASP F 424 48.76 -9.62 19.51
C ASP F 424 48.54 -8.44 20.46
N GLY F 425 47.59 -7.56 20.16
CA GLY F 425 47.29 -6.42 21.01
C GLY F 425 47.82 -5.10 20.49
N MET F 426 48.66 -5.11 19.46
CA MET F 426 49.20 -3.87 18.92
C MET F 426 48.13 -3.10 18.14
N PHE F 427 48.32 -1.79 18.04
CA PHE F 427 47.41 -0.91 17.33
C PHE F 427 48.11 -0.39 16.08
N TYR F 428 47.48 -0.58 14.93
CA TYR F 428 48.06 -0.24 13.64
C TYR F 428 47.45 1.07 13.13
N SER F 429 48.20 1.74 12.25
CA SER F 429 47.74 2.99 11.66
C SER F 429 48.40 3.18 10.30
N GLY F 430 47.82 4.07 9.50
CA GLY F 430 48.38 4.34 8.18
C GLY F 430 48.20 3.16 7.25
N ASP F 431 49.26 2.86 6.49
CA ASP F 431 49.23 1.70 5.60
C ASP F 431 49.02 0.41 6.37
N ASP F 432 49.52 0.37 7.61
CA ASP F 432 49.35 -0.83 8.43
C ASP F 432 47.88 -1.10 8.72
N ALA F 433 47.10 -0.07 9.01
CA ALA F 433 45.66 -0.23 9.10
C ALA F 433 45.00 -0.35 7.74
N LYS F 434 45.71 0.05 6.68
CA LYS F 434 45.15 0.03 5.33
C LYS F 434 45.13 -1.36 4.71
N LYS F 435 46.12 -2.21 5.05
CA LYS F 435 46.18 -3.51 4.39
C LYS F 435 44.98 -4.39 4.72
N TYR F 436 44.26 -4.11 5.79
CA TYR F 436 43.00 -4.79 6.08
C TYR F 436 41.84 -3.90 5.64
N THR F 437 41.06 -4.38 4.68
CA THR F 437 39.94 -3.60 4.13
C THR F 437 38.75 -3.74 5.07
N CYS F 438 38.76 -2.90 6.11
CA CYS F 438 37.70 -2.89 7.13
C CYS F 438 36.82 -1.68 6.86
N THR F 439 35.69 -1.90 6.20
CA THR F 439 34.77 -0.81 5.89
C THR F 439 34.01 -0.35 7.13
N VAL F 440 33.53 -1.28 7.95
CA VAL F 440 32.85 -0.90 9.19
C VAL F 440 33.88 -0.43 10.21
N SER F 441 33.45 0.45 11.10
CA SER F 441 34.33 1.00 12.12
C SER F 441 33.56 1.10 13.43
N THR F 442 34.32 1.16 14.53
CA THR F 442 33.69 1.33 15.83
C THR F 442 32.90 2.63 15.92
N GLY F 443 33.36 3.67 15.23
CA GLY F 443 32.69 4.95 15.20
C GLY F 443 33.47 6.07 15.86
N PHE F 444 34.43 5.73 16.72
CA PHE F 444 35.22 6.74 17.42
C PHE F 444 36.70 6.41 17.25
N LYS F 445 37.54 7.24 17.85
CA LYS F 445 38.99 7.09 17.74
C LYS F 445 39.55 6.32 18.93
N PHE F 446 40.76 5.81 18.74
CA PHE F 446 41.43 4.99 19.74
C PHE F 446 42.52 5.80 20.43
N ASP F 447 42.56 5.71 21.75
CA ASP F 447 43.53 6.44 22.57
C ASP F 447 44.30 5.44 23.42
N ASP F 448 45.57 5.21 23.06
CA ASP F 448 46.40 4.29 23.83
C ASP F 448 46.73 4.83 25.21
N THR F 449 46.63 6.15 25.41
CA THR F 449 46.86 6.70 26.74
C THR F 449 45.82 6.22 27.73
N LYS F 450 44.56 6.16 27.31
CA LYS F 450 43.48 5.63 28.14
C LYS F 450 43.37 4.11 28.09
N PHE F 451 44.05 3.47 27.13
CA PHE F 451 44.06 2.02 27.02
C PHE F 451 45.17 1.46 27.92
N VAL F 452 44.94 1.58 29.22
CA VAL F 452 45.91 1.18 30.24
C VAL F 452 45.26 0.22 31.21
N GLU F 453 46.09 -0.56 31.89
CA GLU F 453 45.58 -1.60 32.79
C GLU F 453 45.29 -1.04 34.19
N ASP F 454 46.12 -0.13 34.68
CA ASP F 454 46.00 0.39 36.03
C ASP F 454 45.45 1.80 35.98
N SER F 455 44.32 2.02 36.67
CA SER F 455 43.64 3.30 36.75
C SER F 455 42.48 3.20 37.73
N PRO F 456 42.06 4.29 38.36
CA PRO F 456 40.83 4.23 39.18
C PRO F 456 39.61 3.84 38.36
N GLU F 457 39.59 4.20 37.08
CA GLU F 457 38.49 3.77 36.20
C GLU F 457 38.45 2.25 36.11
N MET F 458 39.60 1.61 35.95
CA MET F 458 39.64 0.16 35.90
C MET F 458 39.16 -0.46 37.20
N GLU F 459 39.55 0.11 38.34
CA GLU F 459 39.10 -0.42 39.63
C GLU F 459 37.59 -0.32 39.76
N GLU F 460 37.03 0.84 39.39
CA GLU F 460 35.57 1.01 39.46
C GLU F 460 34.86 0.03 38.53
N LEU F 461 35.36 -0.12 37.31
CA LEU F 461 34.73 -1.03 36.36
C LEU F 461 34.80 -2.46 36.82
N MET F 462 35.96 -2.89 37.34
CA MET F 462 36.10 -4.25 37.83
C MET F 462 35.20 -4.50 39.03
N ASN F 463 35.09 -3.52 39.93
CA ASN F 463 34.20 -3.66 41.08
C ASN F 463 32.75 -3.81 40.61
N ILE F 464 32.32 -2.99 39.66
CA ILE F 464 30.93 -3.08 39.22
C ILE F 464 30.69 -4.36 38.42
N ILE F 465 31.70 -4.87 37.70
CA ILE F 465 31.54 -6.12 36.97
C ILE F 465 31.41 -7.29 37.94
N ASN F 466 32.27 -7.33 38.95
CA ASN F 466 32.14 -8.36 39.98
C ASN F 466 30.83 -8.20 40.75
N ASP F 467 30.34 -6.97 40.85
CA ASP F 467 29.01 -6.73 41.41
C ASP F 467 27.92 -7.38 40.56
N ILE F 468 28.00 -7.21 39.23
CA ILE F 468 26.99 -7.77 38.35
C ILE F 468 27.02 -9.31 38.41
N GLN F 469 28.21 -9.89 38.33
CA GLN F 469 28.38 -11.34 38.39
C GLN F 469 29.43 -11.68 39.45
N PRO F 470 29.00 -11.99 40.68
CA PRO F 470 29.96 -12.43 41.70
C PRO F 470 30.78 -13.62 41.24
N LEU F 471 32.02 -13.68 41.72
CA LEU F 471 32.96 -14.74 41.37
C LEU F 471 32.87 -15.94 42.30
N THR F 472 31.72 -16.17 42.92
CA THR F 472 31.57 -17.28 43.84
C THR F 472 31.63 -18.61 43.09
N ASP F 473 31.77 -19.69 43.85
CA ASP F 473 31.91 -21.02 43.25
C ASP F 473 30.66 -21.41 42.47
N GLU F 474 29.48 -21.10 43.02
CA GLU F 474 28.23 -21.45 42.35
C GLU F 474 28.09 -20.73 41.01
N ASN F 475 28.67 -19.54 40.86
CA ASN F 475 28.53 -18.72 39.67
C ASN F 475 29.69 -18.94 38.71
N LYS F 476 30.62 -19.84 39.06
CA LYS F 476 31.86 -20.00 38.29
C LYS F 476 31.58 -20.29 36.82
N LYS F 477 30.76 -21.31 36.55
CA LYS F 477 30.45 -21.64 35.16
C LYS F 477 29.64 -20.55 34.50
N ASN F 478 28.69 -19.96 35.22
CA ASN F 478 27.91 -18.85 34.68
C ASN F 478 28.81 -17.64 34.41
N ARG F 479 29.76 -17.38 35.31
CA ARG F 479 30.69 -16.28 35.09
C ARG F 479 31.54 -16.51 33.86
N GLU F 480 32.05 -17.74 33.68
CA GLU F 480 32.84 -18.05 32.50
C GLU F 480 32.02 -17.90 31.22
N LEU F 481 30.77 -18.37 31.25
CA LEU F 481 29.90 -18.25 30.08
C LEU F 481 29.64 -16.79 29.75
N TYR F 482 29.36 -15.97 30.76
CA TYR F 482 29.17 -14.54 30.53
C TYR F 482 30.42 -13.89 29.96
N GLU F 483 31.58 -14.26 30.51
CA GLU F 483 32.86 -13.74 30.02
C GLU F 483 33.04 -14.07 28.54
N LYS F 484 32.86 -15.34 28.18
CA LYS F 484 33.09 -15.77 26.81
C LYS F 484 32.09 -15.13 25.85
N THR F 485 30.81 -15.08 26.23
CA THR F 485 29.80 -14.50 25.37
C THR F 485 30.05 -13.02 25.14
N LEU F 486 30.42 -12.28 26.19
CA LEU F 486 30.70 -10.86 26.02
C LEU F 486 31.97 -10.65 25.20
N SER F 487 32.98 -11.49 25.37
CA SER F 487 34.23 -11.33 24.64
C SER F 487 34.06 -11.63 23.16
N SER F 488 33.20 -12.60 22.83
CA SER F 488 33.06 -13.03 21.44
C SER F 488 32.46 -11.97 20.54
N CYS F 489 32.14 -10.80 21.09
CA CYS F 489 31.59 -9.70 20.32
C CYS F 489 32.64 -8.93 19.53
N LEU F 490 33.92 -9.26 19.69
CA LEU F 490 34.98 -8.59 18.97
C LEU F 490 35.34 -9.28 17.65
N CYS F 491 34.99 -10.55 17.50
CA CYS F 491 35.36 -11.32 16.33
C CYS F 491 34.39 -11.07 15.18
N GLY F 492 34.93 -10.87 13.99
CA GLY F 492 34.14 -10.72 12.79
C GLY F 492 33.92 -12.02 12.05
N ALA F 493 33.23 -12.97 12.69
CA ALA F 493 32.96 -14.27 12.09
C ALA F 493 31.57 -14.71 12.51
N THR F 494 31.02 -15.66 11.76
CA THR F 494 29.68 -16.15 12.06
C THR F 494 29.71 -17.03 13.31
N LYS F 495 28.80 -16.76 14.24
CA LYS F 495 28.70 -17.54 15.47
C LYS F 495 27.51 -18.49 15.36
N GLY F 496 27.76 -19.76 15.68
CA GLY F 496 26.78 -20.81 15.54
C GLY F 496 25.93 -21.09 16.75
N CYS F 497 25.87 -20.18 17.71
CA CYS F 497 25.08 -20.38 18.92
C CYS F 497 24.36 -19.10 19.29
N LEU F 498 23.27 -19.25 20.04
CA LEU F 498 22.48 -18.13 20.51
C LEU F 498 22.49 -18.11 22.04
N THR F 499 22.59 -16.91 22.61
CA THR F 499 22.72 -16.74 24.05
C THR F 499 21.51 -16.00 24.60
N PHE F 500 20.90 -16.57 25.63
CA PHE F 500 19.79 -15.95 26.34
C PHE F 500 20.30 -15.30 27.62
N PHE F 501 19.92 -14.04 27.84
CA PHE F 501 20.24 -13.35 29.08
C PHE F 501 19.01 -13.39 29.97
N PHE F 502 18.78 -14.57 30.57
CA PHE F 502 17.61 -14.80 31.40
C PHE F 502 17.89 -14.22 32.78
N GLY F 503 17.09 -13.23 33.18
CA GLY F 503 17.21 -12.67 34.51
C GLY F 503 16.04 -11.75 34.79
N GLU F 504 15.88 -11.43 36.08
CA GLU F 504 14.82 -10.56 36.52
C GLU F 504 15.16 -9.10 36.18
N THR F 505 14.23 -8.21 36.47
CA THR F 505 14.45 -6.79 36.22
C THR F 505 15.43 -6.20 37.23
N ALA F 506 16.09 -5.12 36.82
CA ALA F 506 17.05 -4.39 37.66
C ALA F 506 18.14 -5.33 38.17
N THR F 507 18.71 -6.11 37.25
CA THR F 507 19.72 -7.10 37.59
C THR F 507 21.08 -6.80 36.98
N GLY F 508 21.23 -5.67 36.29
CA GLY F 508 22.49 -5.31 35.68
C GLY F 508 22.64 -5.73 34.23
N LYS F 509 21.69 -6.48 33.68
CA LYS F 509 21.76 -6.85 32.27
C LYS F 509 21.73 -5.62 31.37
N SER F 510 20.88 -4.65 31.70
CA SER F 510 20.86 -3.40 30.96
C SER F 510 22.18 -2.66 31.11
N THR F 511 22.79 -2.72 32.30
CA THR F 511 24.09 -2.09 32.51
C THR F 511 25.17 -2.72 31.63
N THR F 512 25.17 -4.05 31.53
CA THR F 512 26.10 -4.71 30.62
C THR F 512 25.82 -4.33 29.17
N LYS F 513 24.53 -4.22 28.82
CA LYS F 513 24.17 -3.81 27.47
C LYS F 513 24.76 -2.45 27.12
N ARG F 514 24.56 -1.47 28.01
CA ARG F 514 25.05 -0.12 27.71
C ARG F 514 26.57 -0.05 27.78
N LEU F 515 27.20 -0.81 28.67
CA LEU F 515 28.66 -0.88 28.69
C LEU F 515 29.20 -1.40 27.37
N LEU F 516 28.61 -2.50 26.87
CA LEU F 516 29.05 -3.05 25.59
C LEU F 516 28.80 -2.08 24.45
N LYS F 517 27.66 -1.38 24.49
CA LYS F 517 27.38 -0.38 23.47
C LYS F 517 28.46 0.71 23.46
N SER F 518 28.74 1.27 24.64
CA SER F 518 29.75 2.33 24.73
C SER F 518 31.13 1.81 24.34
N ALA F 519 31.39 0.52 24.56
CA ALA F 519 32.69 -0.04 24.22
C ALA F 519 32.84 -0.20 22.70
N ILE F 520 31.94 -0.95 22.06
CA ILE F 520 32.13 -1.35 20.69
C ILE F 520 31.36 -0.44 19.71
N GLY F 521 30.86 0.70 20.17
CA GLY F 521 30.50 1.77 19.25
C GLY F 521 29.45 1.39 18.22
N ASP F 522 29.74 1.70 16.96
CA ASP F 522 28.77 1.55 15.87
C ASP F 522 28.66 0.12 15.33
N LEU F 523 29.58 -0.77 15.70
CA LEU F 523 29.38 -2.18 15.37
C LEU F 523 28.18 -2.77 16.08
N PHE F 524 27.67 -2.07 17.10
CA PHE F 524 26.53 -2.52 17.88
C PHE F 524 25.23 -2.06 17.21
N VAL F 525 24.19 -2.88 17.33
CA VAL F 525 22.87 -2.53 16.79
C VAL F 525 21.82 -3.16 17.68
N GLU F 526 20.79 -2.37 18.01
CA GLU F 526 19.62 -2.88 18.74
C GLU F 526 18.46 -2.94 17.77
N THR F 527 17.89 -4.13 17.60
CA THR F 527 16.83 -4.38 16.63
C THR F 527 15.65 -5.02 17.34
N GLY F 528 14.44 -4.59 16.99
CA GLY F 528 13.23 -5.12 17.57
C GLY F 528 13.05 -6.61 17.35
N GLN F 529 12.01 -7.19 17.96
CA GLN F 529 11.81 -8.63 17.97
C GLN F 529 10.92 -9.11 16.83
N THR F 530 10.84 -8.36 15.73
CA THR F 530 10.17 -8.89 14.55
C THR F 530 10.95 -10.05 13.96
N ILE F 531 12.27 -10.08 14.18
CA ILE F 531 13.10 -11.17 13.65
C ILE F 531 12.73 -12.49 14.31
N LEU F 532 12.48 -12.47 15.63
CA LEU F 532 12.27 -13.71 16.36
C LEU F 532 10.98 -14.43 15.98
N THR F 533 9.89 -13.71 15.76
CA THR F 533 8.58 -14.32 15.63
C THR F 533 7.92 -14.15 14.27
N ASP F 534 8.55 -13.44 13.34
CA ASP F 534 7.97 -13.21 12.03
C ASP F 534 8.88 -13.76 10.94
N VAL F 535 8.27 -14.06 9.79
CA VAL F 535 9.05 -14.58 8.67
C VAL F 535 10.03 -13.51 8.20
N LEU F 536 11.15 -13.98 7.63
CA LEU F 536 12.21 -13.07 7.21
C LEU F 536 12.18 -12.77 5.71
N ASP F 537 11.62 -13.67 4.91
CA ASP F 537 11.58 -13.43 3.47
C ASP F 537 10.55 -12.35 3.15
N LYS F 538 9.27 -12.62 3.41
CA LYS F 538 8.15 -11.69 3.26
C LYS F 538 8.33 -10.73 2.10
N GLY F 539 8.18 -9.44 2.37
CA GLY F 539 8.52 -8.39 1.44
C GLY F 539 9.83 -7.75 1.85
N PRO F 540 9.85 -6.42 1.88
CA PRO F 540 11.03 -5.73 2.44
C PRO F 540 11.14 -5.99 3.93
N ASN F 541 12.39 -6.08 4.40
CA ASN F 541 12.68 -6.37 5.81
C ASN F 541 13.89 -5.55 6.23
N PRO F 542 13.69 -4.29 6.62
CA PRO F 542 14.82 -3.47 7.06
C PRO F 542 15.41 -3.89 8.39
N PHE F 543 14.67 -4.64 9.21
CA PHE F 543 15.20 -5.07 10.51
C PHE F 543 16.28 -6.13 10.39
N ILE F 544 16.47 -6.71 9.21
CA ILE F 544 17.54 -7.67 8.98
C ILE F 544 18.58 -7.14 8.00
N ALA F 545 18.24 -6.18 7.15
CA ALA F 545 19.20 -5.57 6.24
C ALA F 545 20.20 -4.67 6.95
N ASN F 546 19.96 -4.34 8.21
CA ASN F 546 20.88 -3.52 8.99
C ASN F 546 21.88 -4.35 9.80
N MET F 547 21.65 -5.64 9.94
CA MET F 547 22.57 -6.52 10.67
C MET F 547 23.78 -6.91 9.83
N HIS F 548 23.83 -6.47 8.57
CA HIS F 548 24.98 -6.73 7.72
C HIS F 548 26.24 -6.16 8.36
N LEU F 549 27.19 -7.04 8.66
CA LEU F 549 28.54 -6.75 9.16
C LEU F 549 28.57 -6.23 10.58
N LYS F 550 27.43 -6.12 11.27
CA LYS F 550 27.45 -5.80 12.68
C LYS F 550 28.03 -6.97 13.47
N ARG F 551 28.87 -6.64 14.46
CA ARG F 551 29.54 -7.67 15.24
C ARG F 551 28.73 -8.15 16.44
N SER F 552 27.66 -7.44 16.81
CA SER F 552 26.84 -7.85 17.94
C SER F 552 25.53 -7.08 17.90
N VAL F 553 24.40 -7.79 17.97
CA VAL F 553 23.09 -7.17 18.04
C VAL F 553 22.35 -7.73 19.24
N PHE F 554 21.67 -6.86 19.98
CA PHE F 554 20.83 -7.22 21.12
C PHE F 554 19.37 -7.34 20.69
N CYS F 555 18.58 -7.95 21.58
CA CYS F 555 17.15 -8.14 21.32
C CYS F 555 16.46 -8.15 22.68
N SER F 556 15.92 -7.00 23.07
CA SER F 556 15.36 -6.82 24.40
C SER F 556 13.85 -6.71 24.35
N GLU F 557 13.25 -6.57 25.53
CA GLU F 557 11.81 -6.38 25.68
C GLU F 557 11.03 -7.55 25.06
N LEU F 558 11.20 -8.72 25.66
CA LEU F 558 10.54 -9.92 25.19
C LEU F 558 9.02 -9.74 25.23
N PRO F 559 8.32 -9.99 24.12
CA PRO F 559 6.85 -9.93 24.15
C PRO F 559 6.29 -11.18 24.79
N ASP F 560 6.21 -11.17 26.12
CA ASP F 560 6.00 -12.37 26.94
C ASP F 560 4.93 -13.28 26.37
N PHE F 561 5.33 -14.50 26.04
CA PHE F 561 4.42 -15.50 25.50
C PHE F 561 3.74 -16.33 26.58
N ALA F 562 4.03 -16.06 27.84
CA ALA F 562 3.34 -16.76 28.93
C ALA F 562 1.84 -16.48 28.88
N CYS F 563 1.46 -15.23 28.61
CA CYS F 563 0.07 -14.89 28.34
C CYS F 563 -0.22 -15.20 26.87
N SER F 564 -1.16 -16.11 26.64
CA SER F 564 -1.47 -16.54 25.28
C SER F 564 -2.04 -15.38 24.47
N GLY F 565 -1.70 -15.35 23.19
CA GLY F 565 -2.14 -14.29 22.30
C GLY F 565 -1.01 -13.61 21.56
N SER F 566 0.21 -14.06 21.82
CA SER F 566 1.40 -13.50 21.19
C SER F 566 2.07 -14.54 20.30
N LYS F 567 2.70 -14.06 19.23
CA LYS F 567 3.40 -14.94 18.31
C LYS F 567 4.58 -15.61 19.03
N LYS F 568 4.78 -16.90 18.72
CA LYS F 568 5.82 -17.68 19.35
C LYS F 568 7.13 -17.59 18.57
N ILE F 569 8.22 -17.95 19.23
CA ILE F 569 9.53 -17.94 18.59
C ILE F 569 9.58 -19.04 17.55
N ARG F 570 9.81 -18.66 16.30
CA ARG F 570 9.90 -19.63 15.21
C ARG F 570 11.26 -20.34 15.27
N SER F 571 11.22 -21.66 15.42
CA SER F 571 12.46 -22.43 15.45
C SER F 571 13.24 -22.31 14.14
N ASP F 572 12.53 -22.14 13.02
CA ASP F 572 13.21 -21.94 11.75
C ASP F 572 14.04 -20.66 11.76
N ASN F 573 13.54 -19.62 12.41
CA ASN F 573 14.30 -18.37 12.48
C ASN F 573 15.59 -18.57 13.27
N ILE F 574 15.54 -19.33 14.36
CA ILE F 574 16.75 -19.62 15.12
C ILE F 574 17.73 -20.45 14.29
N LYS F 575 17.21 -21.44 13.57
CA LYS F 575 18.06 -22.25 12.70
C LYS F 575 18.67 -21.39 11.59
N LYS F 576 17.99 -20.34 11.18
CA LYS F 576 18.40 -19.54 10.04
C LYS F 576 19.44 -18.49 10.45
N LEU F 577 19.23 -17.82 11.58
CA LEU F 577 20.12 -16.72 11.99
C LEU F 577 21.56 -17.18 12.22
N THR F 578 21.78 -18.47 12.45
CA THR F 578 23.13 -18.96 12.66
C THR F 578 23.92 -19.03 11.35
N GLU F 579 23.24 -19.22 10.23
CA GLU F 579 23.91 -19.45 8.95
C GLU F 579 24.79 -18.27 8.57
N PRO F 580 25.90 -18.52 7.87
CA PRO F 580 26.81 -17.41 7.53
C PRO F 580 26.19 -16.34 6.66
N CYS F 581 25.12 -16.65 5.93
CA CYS F 581 24.41 -15.67 5.12
C CYS F 581 22.94 -15.69 5.49
N VAL F 582 22.35 -14.51 5.64
CA VAL F 582 20.95 -14.36 5.98
C VAL F 582 20.21 -13.79 4.77
N ILE F 583 19.04 -14.35 4.49
CA ILE F 583 18.25 -13.98 3.32
C ILE F 583 17.28 -12.89 3.72
N GLY F 584 17.32 -11.77 3.00
CA GLY F 584 16.46 -10.64 3.28
C GLY F 584 16.88 -9.41 2.50
N ARG F 585 15.93 -8.55 2.17
CA ARG F 585 16.23 -7.41 1.32
C ARG F 585 15.74 -6.11 1.96
N PRO F 586 16.43 -5.01 1.72
CA PRO F 586 15.95 -3.71 2.23
C PRO F 586 14.78 -3.18 1.43
N CYS F 587 14.33 -1.97 1.76
CA CYS F 587 13.32 -1.31 0.95
C CYS F 587 13.94 -0.72 -0.30
N PHE F 588 13.26 -0.89 -1.43
CA PHE F 588 13.71 -0.38 -2.72
C PHE F 588 15.09 -0.95 -3.09
N SER F 589 15.24 -2.25 -2.90
CA SER F 589 16.52 -2.90 -3.18
C SER F 589 16.28 -4.32 -3.66
N ASN F 590 17.23 -4.84 -4.44
CA ASN F 590 17.18 -6.19 -4.98
C ASN F 590 18.15 -7.15 -4.30
N LYS F 591 19.07 -6.65 -3.47
CA LYS F 591 20.03 -7.51 -2.80
C LYS F 591 19.35 -8.26 -1.67
N ILE F 592 19.46 -9.60 -1.69
CA ILE F 592 18.72 -10.45 -0.77
C ILE F 592 19.62 -11.26 0.15
N ASN F 593 20.94 -11.07 0.09
CA ASN F 593 21.86 -11.82 0.93
C ASN F 593 22.76 -10.86 1.69
N ASN F 594 23.00 -11.17 2.97
CA ASN F 594 23.80 -10.34 3.86
C ASN F 594 24.88 -11.19 4.52
N ARG F 595 25.94 -10.52 4.98
CA ARG F 595 27.04 -11.19 5.66
C ARG F 595 26.81 -11.13 7.16
N ASN F 596 26.76 -12.30 7.79
CA ASN F 596 26.38 -12.43 9.21
C ASN F 596 27.64 -12.54 10.06
N HIS F 597 27.98 -11.45 10.74
CA HIS F 597 29.04 -11.45 11.74
C HIS F 597 28.52 -11.35 13.16
N ALA F 598 27.23 -11.15 13.34
CA ALA F 598 26.69 -10.72 14.62
C ALA F 598 26.71 -11.83 15.66
N THR F 599 26.88 -11.43 16.92
CA THR F 599 26.66 -12.29 18.07
C THR F 599 25.27 -11.99 18.61
N ILE F 600 24.40 -13.00 18.65
CA ILE F 600 23.00 -12.80 18.97
C ILE F 600 22.87 -12.92 20.49
N ILE F 601 22.42 -11.85 21.13
CA ILE F 601 22.13 -11.86 22.56
C ILE F 601 20.73 -11.29 22.74
N ILE F 602 19.90 -12.02 23.49
CA ILE F 602 18.49 -11.66 23.66
C ILE F 602 18.20 -11.46 25.15
N ASP F 603 17.63 -10.29 25.47
CA ASP F 603 17.38 -9.89 26.85
C ASP F 603 15.98 -10.35 27.25
N THR F 604 15.92 -11.37 28.11
CA THR F 604 14.68 -12.02 28.48
C THR F 604 14.48 -11.97 29.99
N ASN F 605 13.22 -11.86 30.42
CA ASN F 605 12.87 -11.88 31.83
C ASN F 605 11.95 -13.05 32.19
N TYR F 606 11.97 -14.12 31.43
CA TYR F 606 11.21 -15.33 31.74
C TYR F 606 11.79 -16.49 30.96
N LYS F 607 11.05 -17.59 30.92
CA LYS F 607 11.45 -18.74 30.11
C LYS F 607 10.68 -18.75 28.80
N PRO F 608 11.37 -18.69 27.66
CA PRO F 608 10.66 -18.62 26.37
C PRO F 608 10.12 -19.98 25.96
N VAL F 609 9.16 -19.92 25.03
CA VAL F 609 8.50 -21.11 24.50
C VAL F 609 8.61 -21.10 22.99
N PHE F 610 8.95 -22.26 22.42
CA PHE F 610 9.08 -22.42 20.98
C PHE F 610 7.94 -23.28 20.45
N ASP F 611 7.60 -23.06 19.18
CA ASP F 611 6.54 -23.85 18.55
C ASP F 611 6.90 -25.33 18.50
N ARG F 612 8.15 -25.64 18.16
CA ARG F 612 8.60 -27.02 18.04
C ARG F 612 10.01 -27.14 18.60
N ILE F 613 10.22 -28.18 19.40
CA ILE F 613 11.53 -28.48 19.98
C ILE F 613 12.07 -29.72 19.30
N ASP F 614 13.29 -29.63 18.78
CA ASP F 614 13.94 -30.74 18.12
C ASP F 614 15.43 -30.67 18.39
N ASN F 615 16.17 -31.64 17.84
CA ASN F 615 17.61 -31.71 18.09
C ASN F 615 18.36 -30.55 17.46
N ALA F 616 17.93 -30.10 16.28
CA ALA F 616 18.60 -28.98 15.62
C ALA F 616 18.47 -27.70 16.43
N LEU F 617 17.29 -27.46 17.02
CA LEU F 617 17.10 -26.27 17.85
C LEU F 617 17.93 -26.35 19.11
N MET F 618 17.99 -27.54 19.73
CA MET F 618 18.75 -27.72 20.96
C MET F 618 20.24 -27.48 20.79
N ARG F 619 20.74 -27.50 19.56
CA ARG F 619 22.17 -27.36 19.30
C ARG F 619 22.66 -25.92 19.40
N ARG F 620 21.78 -24.94 19.29
CA ARG F 620 22.19 -23.55 19.09
C ARG F 620 21.59 -22.62 20.14
N ILE F 621 21.45 -23.08 21.38
CA ILE F 621 20.89 -22.27 22.46
C ILE F 621 21.80 -22.36 23.68
N ALA F 622 22.18 -21.21 24.23
CA ALA F 622 22.92 -21.12 25.48
C ALA F 622 22.27 -20.08 26.36
N VAL F 623 22.40 -20.25 27.68
CA VAL F 623 21.73 -19.39 28.65
C VAL F 623 22.77 -18.86 29.63
N VAL F 624 22.81 -17.54 29.79
CA VAL F 624 23.59 -16.87 30.82
C VAL F 624 22.61 -16.18 31.75
N ARG F 625 22.63 -16.57 33.02
CA ARG F 625 21.65 -16.10 33.99
C ARG F 625 22.25 -15.07 34.93
N PHE F 626 21.40 -14.16 35.40
CA PHE F 626 21.79 -13.08 36.30
C PHE F 626 21.03 -13.25 37.61
N ARG F 627 21.76 -13.19 38.73
CA ARG F 627 21.16 -13.51 40.03
C ARG F 627 21.42 -12.46 41.10
N THR F 628 22.06 -11.33 40.76
CA THR F 628 22.37 -10.31 41.75
C THR F 628 21.45 -9.11 41.54
N HIS F 629 20.68 -8.78 42.58
CA HIS F 629 19.65 -7.75 42.50
C HIS F 629 20.17 -6.41 42.99
N PHE F 630 19.77 -5.34 42.30
CA PHE F 630 20.05 -3.99 42.70
C PHE F 630 18.74 -3.26 42.88
N SER F 631 18.51 -2.72 44.08
CA SER F 631 17.24 -2.06 44.39
C SER F 631 17.44 -1.04 45.49
N GLN F 632 16.41 -0.20 45.66
CA GLN F 632 16.45 0.84 46.67
C GLN F 632 16.38 0.24 48.07
N PRO F 633 16.88 0.96 49.08
CA PRO F 633 16.79 0.45 50.46
C PRO F 633 15.37 0.21 50.93
N SER F 634 14.39 0.87 50.33
CA SER F 634 13.00 0.66 50.73
C SER F 634 12.56 -0.78 50.47
N GLY F 635 12.93 -1.34 49.32
CA GLY F 635 12.55 -2.70 48.99
C GLY F 635 13.60 -3.72 49.38
N ARG F 636 14.49 -3.34 50.28
CA ARG F 636 15.58 -4.22 50.69
C ARG F 636 15.04 -5.46 51.39
N GLU F 637 14.07 -5.29 52.30
CA GLU F 637 13.57 -6.41 53.08
C GLU F 637 12.92 -7.48 52.21
N ALA F 638 12.05 -7.06 51.28
CA ALA F 638 11.37 -8.02 50.42
C ALA F 638 12.35 -8.75 49.52
N ALA F 639 13.34 -8.03 48.98
CA ALA F 639 14.34 -8.68 48.14
C ALA F 639 15.18 -9.68 48.93
N GLU F 640 15.57 -9.31 50.15
CA GLU F 640 16.31 -10.25 51.00
C GLU F 640 15.45 -11.42 51.43
N ASN F 641 14.12 -11.27 51.42
CA ASN F 641 13.21 -12.38 51.67
C ASN F 641 12.71 -13.01 50.37
N ASN F 642 13.54 -12.99 49.33
CA ASN F 642 13.19 -13.55 48.03
C ASN F 642 14.30 -14.51 47.58
N ASP F 643 13.92 -15.52 46.80
CA ASP F 643 14.87 -16.52 46.36
C ASP F 643 15.51 -16.17 45.03
N ALA F 644 14.85 -15.34 44.21
CA ALA F 644 15.37 -15.02 42.88
C ALA F 644 16.64 -14.20 42.93
N TYR F 645 16.96 -13.61 44.08
CA TYR F 645 18.13 -12.75 44.23
C TYR F 645 19.11 -13.42 45.19
N ASP F 646 20.28 -13.81 44.68
CA ASP F 646 21.29 -14.42 45.53
C ASP F 646 21.92 -13.40 46.46
N LYS F 647 22.07 -12.15 46.00
CA LYS F 647 22.66 -11.10 46.82
C LYS F 647 22.08 -9.77 46.37
N VAL F 648 21.55 -9.00 47.32
CA VAL F 648 20.90 -7.72 47.04
C VAL F 648 21.85 -6.60 47.49
N LYS F 649 22.11 -5.66 46.57
CA LYS F 649 22.99 -4.54 46.85
C LYS F 649 22.24 -3.24 46.59
N LEU F 650 22.91 -2.13 46.90
CA LEU F 650 22.30 -0.80 46.77
C LEU F 650 22.41 -0.29 45.34
N LEU F 651 21.32 0.29 44.84
CA LEU F 651 21.31 0.92 43.54
C LEU F 651 22.22 2.14 43.50
N ASP F 652 22.82 2.37 42.34
CA ASP F 652 23.61 3.56 42.08
C ASP F 652 22.84 4.43 41.08
N GLU F 653 22.85 5.74 41.29
CA GLU F 653 22.03 6.64 40.49
C GLU F 653 22.80 7.30 39.35
N GLY F 654 24.01 7.79 39.63
CA GLY F 654 24.83 8.37 38.57
C GLY F 654 25.48 7.36 37.66
N LEU F 655 25.22 6.07 37.89
CA LEU F 655 25.80 5.01 37.07
C LEU F 655 25.40 5.16 35.60
N ASP F 656 24.12 5.43 35.35
CA ASP F 656 23.65 5.58 33.98
C ASP F 656 24.31 6.76 33.28
N GLY F 657 24.41 7.91 33.97
CA GLY F 657 25.07 9.05 33.37
C GLY F 657 26.55 8.80 33.11
N LYS F 658 27.22 8.12 34.04
CA LYS F 658 28.64 7.81 33.84
C LYS F 658 28.84 6.88 32.66
N ILE F 659 27.94 5.90 32.48
CA ILE F 659 28.04 4.99 31.33
C ILE F 659 27.79 5.75 30.04
N GLN F 660 26.73 6.55 29.99
CA GLN F 660 26.43 7.31 28.77
C GLN F 660 27.46 8.39 28.48
N ASN F 661 28.31 8.74 29.45
CA ASN F 661 29.39 9.68 29.24
C ASN F 661 30.70 9.01 28.87
N ASN F 662 30.65 7.80 28.30
CA ASN F 662 31.82 7.03 27.85
C ASN F 662 32.97 7.09 28.86
N ARG F 663 32.62 6.96 30.13
CA ARG F 663 33.63 7.09 31.19
C ARG F 663 34.52 5.87 31.28
N TYR F 664 33.98 4.67 31.04
CA TYR F 664 34.72 3.43 31.16
C TYR F 664 34.91 2.72 29.83
N ARG F 665 34.90 3.48 28.72
CA ARG F 665 34.92 2.88 27.39
C ARG F 665 36.18 2.07 27.16
N PHE F 666 37.34 2.68 27.37
CA PHE F 666 38.59 1.97 27.10
C PHE F 666 38.90 0.93 28.17
N ALA F 667 38.42 1.14 29.40
CA ALA F 667 38.56 0.09 30.41
C ALA F 667 37.80 -1.16 30.00
N PHE F 668 36.57 -1.00 29.52
CA PHE F 668 35.83 -2.15 29.04
C PHE F 668 36.45 -2.76 27.79
N LEU F 669 37.02 -1.92 26.92
CA LEU F 669 37.72 -2.45 25.75
C LEU F 669 38.90 -3.33 26.16
N TYR F 670 39.69 -2.85 27.13
CA TYR F 670 40.81 -3.65 27.62
C TYR F 670 40.35 -4.94 28.26
N LEU F 671 39.28 -4.88 29.06
CA LEU F 671 38.76 -6.08 29.69
C LEU F 671 38.31 -7.09 28.65
N LEU F 672 37.60 -6.63 27.62
CA LEU F 672 37.11 -7.53 26.57
C LEU F 672 38.27 -8.13 25.79
N VAL F 673 39.30 -7.33 25.48
CA VAL F 673 40.44 -7.85 24.74
C VAL F 673 41.20 -8.88 25.57
N LYS F 674 41.36 -8.63 26.87
CA LYS F 674 42.00 -9.61 27.73
C LYS F 674 41.20 -10.91 27.79
N TRP F 675 39.87 -10.81 27.90
CA TRP F 675 39.04 -12.01 27.90
C TRP F 675 39.16 -12.76 26.58
N TYR F 676 39.18 -12.03 25.46
CA TYR F 676 39.34 -12.64 24.15
C TYR F 676 40.66 -13.41 24.09
N LYS F 677 41.74 -12.77 24.53
CA LYS F 677 43.04 -13.44 24.55
C LYS F 677 42.99 -14.69 25.43
N LYS F 678 42.26 -14.62 26.54
CA LYS F 678 42.06 -15.80 27.36
C LYS F 678 41.32 -16.90 26.61
N TYR F 679 40.47 -16.51 25.65
CA TYR F 679 39.71 -17.47 24.86
C TYR F 679 40.02 -17.36 23.36
N HIS F 680 41.26 -16.98 23.02
CA HIS F 680 41.70 -16.86 21.64
C HIS F 680 42.51 -18.06 21.17
N ILE F 681 42.25 -19.24 21.75
CA ILE F 681 42.83 -20.50 21.32
C ILE F 681 42.64 -20.63 19.80
N PRO F 682 43.49 -21.40 19.08
CA PRO F 682 43.60 -21.25 17.62
C PRO F 682 42.31 -21.00 16.85
N ILE F 683 41.19 -21.52 17.33
CA ILE F 683 39.88 -21.23 16.75
C ILE F 683 38.91 -20.84 17.85
N MET F 684 37.87 -20.10 17.48
CA MET F 684 36.80 -19.74 18.40
C MET F 684 35.51 -20.39 17.95
N LYS F 685 34.71 -20.84 18.93
CA LYS F 685 33.46 -21.52 18.62
C LYS F 685 32.60 -21.53 19.88
N LEU F 686 31.38 -21.01 19.77
CA LEU F 686 30.47 -20.96 20.89
C LEU F 686 29.79 -22.31 21.08
N TYR F 687 29.40 -22.60 22.33
CA TYR F 687 28.84 -23.89 22.68
C TYR F 687 27.46 -23.73 23.31
N PRO F 688 26.57 -24.69 23.14
CA PRO F 688 25.24 -24.62 23.74
C PRO F 688 25.21 -25.19 25.15
N THR F 689 24.18 -24.77 25.90
CA THR F 689 23.92 -25.26 27.25
C THR F 689 22.48 -25.73 27.32
N PRO F 690 22.18 -26.91 26.77
CA PRO F 690 20.78 -27.35 26.69
C PRO F 690 20.17 -27.70 28.05
N GLU F 691 20.99 -28.05 29.04
CA GLU F 691 20.47 -28.54 30.31
C GLU F 691 19.82 -27.44 31.15
N GLU F 692 19.94 -26.18 30.76
CA GLU F 692 19.43 -25.07 31.56
C GLU F 692 17.99 -24.68 31.21
N ILE F 693 17.37 -25.34 30.25
CA ILE F 693 16.04 -24.98 29.78
C ILE F 693 15.07 -26.10 30.15
N PRO F 694 14.08 -25.86 31.00
CA PRO F 694 13.08 -26.90 31.28
C PRO F 694 12.27 -27.32 30.07
N ASP F 695 12.11 -26.43 29.08
CA ASP F 695 11.38 -26.81 27.88
C ASP F 695 12.06 -27.95 27.13
N PHE F 696 13.38 -28.04 27.24
CA PHE F 696 14.13 -29.12 26.61
C PHE F 696 14.26 -30.35 27.51
N ALA F 697 13.70 -30.30 28.73
CA ALA F 697 13.88 -31.40 29.67
C ALA F 697 13.30 -32.70 29.13
N PHE F 698 12.14 -32.63 28.47
CA PHE F 698 11.57 -33.83 27.88
C PHE F 698 12.48 -34.39 26.79
N TYR F 699 12.88 -33.55 25.83
CA TYR F 699 13.70 -34.03 24.72
C TYR F 699 15.09 -34.43 25.18
N LEU F 700 15.64 -33.73 26.16
CA LEU F 700 16.95 -34.10 26.69
C LEU F 700 16.91 -35.48 27.36
N LYS F 701 15.88 -35.73 28.16
CA LYS F 701 15.83 -36.97 28.93
C LYS F 701 15.43 -38.17 28.09
N ILE F 702 14.54 -37.99 27.10
CA ILE F 702 14.12 -39.12 26.29
C ILE F 702 15.28 -39.72 25.50
N GLY F 703 16.25 -38.88 25.13
CA GLY F 703 17.48 -39.40 24.56
C GLY F 703 18.23 -40.30 25.52
N THR F 704 18.16 -39.99 26.81
CA THR F 704 18.72 -40.84 27.86
C THR F 704 17.68 -41.77 28.47
N LEU F 705 16.50 -41.88 27.86
CA LEU F 705 15.46 -42.77 28.34
C LEU F 705 14.91 -43.72 27.28
N LEU F 706 15.35 -43.58 26.02
CA LEU F 706 14.85 -44.42 24.95
C LEU F 706 15.99 -44.88 24.05
N VAL F 707 15.91 -46.14 23.62
CA VAL F 707 16.74 -46.66 22.53
C VAL F 707 15.81 -47.41 21.58
N SER F 708 15.89 -47.09 20.29
CA SER F 708 14.94 -47.61 19.32
C SER F 708 15.35 -49.01 18.88
N SER F 709 14.37 -49.74 18.34
CA SER F 709 14.58 -51.12 17.92
C SER F 709 15.62 -51.19 16.81
N SER F 710 16.50 -52.18 16.90
CA SER F 710 17.54 -52.41 15.90
C SER F 710 17.70 -53.92 15.73
N VAL F 711 18.72 -54.32 14.98
CA VAL F 711 18.98 -55.74 14.76
C VAL F 711 19.43 -56.40 16.06
N LYS F 712 20.18 -55.69 16.89
CA LYS F 712 20.72 -56.27 18.12
C LYS F 712 19.61 -56.64 19.12
N HIS F 713 18.45 -56.01 19.03
CA HIS F 713 17.36 -56.30 19.95
C HIS F 713 16.53 -57.51 19.54
N ILE F 714 16.80 -58.09 18.37
CA ILE F 714 16.03 -59.27 17.93
C ILE F 714 16.21 -60.46 18.85
N PRO F 715 17.47 -60.89 19.23
CA PRO F 715 17.64 -62.09 20.05
C PRO F 715 17.37 -61.87 21.54
N LEU F 716 16.27 -61.19 21.86
CA LEU F 716 15.85 -61.01 23.24
C LEU F 716 14.35 -61.20 23.44
N MET F 717 13.58 -61.44 22.38
CA MET F 717 12.13 -61.51 22.51
C MET F 717 11.66 -62.71 23.31
N THR F 718 12.53 -63.70 23.55
CA THR F 718 12.14 -64.87 24.33
C THR F 718 11.79 -64.49 25.77
N ASP F 719 12.64 -63.68 26.41
CA ASP F 719 12.39 -63.24 27.77
C ASP F 719 11.78 -61.85 27.84
N LEU F 720 11.96 -61.03 26.80
CA LEU F 720 11.45 -59.67 26.81
C LEU F 720 9.94 -59.61 26.60
N SER F 721 9.36 -60.60 25.92
CA SER F 721 7.93 -60.58 25.63
C SER F 721 7.07 -60.64 26.88
N LYS F 722 7.62 -61.14 28.00
CA LYS F 722 6.86 -61.16 29.24
C LYS F 722 6.58 -59.77 29.79
N LYS F 723 7.32 -58.76 29.32
CA LYS F 723 7.09 -57.39 29.74
C LYS F 723 5.83 -56.78 29.13
N GLY F 724 5.21 -57.46 28.16
CA GLY F 724 4.07 -56.93 27.46
C GLY F 724 4.32 -56.57 26.01
N TYR F 725 5.27 -57.22 25.35
CA TYR F 725 5.65 -56.89 23.98
C TYR F 725 5.23 -57.98 23.01
N ILE F 726 5.22 -57.64 21.72
CA ILE F 726 4.93 -58.56 20.65
C ILE F 726 5.98 -58.39 19.56
N LEU F 727 6.53 -59.50 19.08
CA LEU F 727 7.54 -59.46 18.03
C LEU F 727 6.85 -59.40 16.67
N TYR F 728 7.20 -58.39 15.87
CA TYR F 728 6.57 -58.16 14.57
C TYR F 728 7.67 -58.10 13.50
N ASP F 729 7.58 -59.01 12.54
CA ASP F 729 8.53 -59.16 11.44
C ASP F 729 9.98 -58.96 11.90
N ASN F 730 10.34 -59.72 12.94
CA ASN F 730 11.69 -59.70 13.51
C ASN F 730 12.08 -58.34 14.04
N VAL F 731 11.08 -57.53 14.42
CA VAL F 731 11.31 -56.22 15.02
C VAL F 731 10.51 -56.14 16.30
N VAL F 732 11.17 -55.75 17.39
CA VAL F 732 10.49 -55.62 18.68
C VAL F 732 9.66 -54.34 18.66
N THR F 733 8.34 -54.48 18.65
CA THR F 733 7.42 -53.36 18.56
C THR F 733 6.51 -53.33 19.78
N LEU F 734 5.74 -52.25 19.90
CA LEU F 734 4.86 -52.01 21.03
C LEU F 734 3.57 -51.36 20.58
N PRO F 735 2.43 -51.80 21.09
CA PRO F 735 1.18 -51.07 20.85
C PRO F 735 1.12 -49.82 21.71
N LEU F 736 0.20 -48.92 21.32
CA LEU F 736 0.12 -47.62 22.00
C LEU F 736 -0.25 -47.76 23.46
N THR F 737 -1.18 -48.68 23.79
CA THR F 737 -1.62 -48.82 25.17
C THR F 737 -0.45 -49.23 26.07
N THR F 738 0.28 -50.26 25.68
CA THR F 738 1.44 -50.68 26.45
C THR F 738 2.53 -49.61 26.45
N PHE F 739 2.66 -48.87 25.35
CA PHE F 739 3.66 -47.80 25.30
C PHE F 739 3.36 -46.73 26.33
N GLN F 740 2.10 -46.31 26.43
CA GLN F 740 1.73 -45.33 27.45
C GLN F 740 1.88 -45.91 28.85
N GLN F 741 1.52 -47.18 29.04
CA GLN F 741 1.65 -47.80 30.35
C GLN F 741 3.10 -47.81 30.81
N LYS F 742 4.02 -48.11 29.90
CA LYS F 742 5.44 -48.11 30.27
C LYS F 742 6.02 -46.70 30.37
N ILE F 743 5.54 -45.75 29.56
CA ILE F 743 6.05 -44.39 29.64
C ILE F 743 5.58 -43.71 30.91
N SER F 744 4.47 -44.17 31.49
CA SER F 744 3.98 -43.58 32.73
C SER F 744 4.89 -43.84 33.92
N LYS F 745 6.01 -44.54 33.73
CA LYS F 745 6.91 -44.84 34.83
C LYS F 745 7.89 -43.70 35.08
N TYR F 746 8.66 -43.31 34.05
CA TYR F 746 9.57 -42.19 34.18
C TYR F 746 8.83 -40.86 34.10
N PHE F 747 8.16 -40.61 32.97
CA PHE F 747 7.31 -39.45 32.79
C PHE F 747 5.86 -39.91 33.00
N ASN F 748 5.40 -39.81 34.25
CA ASN F 748 4.06 -40.26 34.58
C ASN F 748 3.02 -39.47 33.78
N SER F 749 1.90 -40.14 33.49
CA SER F 749 0.95 -39.62 32.52
C SER F 749 0.14 -38.46 33.07
N ARG F 750 0.82 -37.46 33.61
CA ARG F 750 0.15 -36.24 34.06
C ARG F 750 0.86 -34.96 33.68
N LEU F 751 2.10 -35.00 33.17
CA LEU F 751 2.90 -33.80 32.99
C LEU F 751 3.21 -33.53 31.52
N PHE F 752 3.87 -34.48 30.85
CA PHE F 752 4.28 -34.29 29.46
C PHE F 752 3.18 -34.72 28.48
N GLY F 753 1.96 -34.23 28.66
CA GLY F 753 0.87 -34.63 27.78
C GLY F 753 1.11 -34.30 26.32
N HIS F 754 1.22 -33.01 26.02
CA HIS F 754 1.44 -32.58 24.64
C HIS F 754 2.77 -33.09 24.11
N ASP F 755 3.81 -33.09 24.95
CA ASP F 755 5.12 -33.55 24.49
C ASP F 755 5.09 -35.01 24.08
N ILE F 756 4.51 -35.87 24.91
CA ILE F 756 4.45 -37.29 24.61
C ILE F 756 3.55 -37.56 23.41
N GLU F 757 2.41 -36.86 23.33
CA GLU F 757 1.52 -37.08 22.19
C GLU F 757 2.18 -36.64 20.89
N SER F 758 2.89 -35.51 20.91
CA SER F 758 3.62 -35.06 19.73
C SER F 758 4.72 -36.05 19.36
N PHE F 759 5.44 -36.57 20.35
CA PHE F 759 6.47 -37.57 20.08
C PHE F 759 5.87 -38.81 19.43
N ILE F 760 4.72 -39.26 19.93
CA ILE F 760 4.06 -40.43 19.36
C ILE F 760 3.66 -40.18 17.91
N ASN F 761 2.85 -39.14 17.68
CA ASN F 761 2.39 -38.88 16.31
C ASN F 761 3.51 -38.48 15.38
N ARG F 762 4.66 -38.06 15.93
CA ARG F 762 5.84 -37.79 15.11
C ARG F 762 6.55 -39.08 14.71
N HIS F 763 6.60 -40.05 15.61
CA HIS F 763 7.37 -41.27 15.39
C HIS F 763 6.53 -42.55 15.43
N LYS F 764 5.23 -42.46 15.18
CA LYS F 764 4.41 -43.67 15.12
C LYS F 764 4.40 -44.22 13.70
N LYS F 765 4.36 -45.54 13.60
CA LYS F 765 4.27 -46.24 12.32
C LYS F 765 2.82 -46.62 12.03
N PHE F 766 2.60 -47.18 10.85
CA PHE F 766 1.27 -47.59 10.42
C PHE F 766 1.34 -48.93 9.70
N ALA F 767 0.72 -49.95 10.28
CA ALA F 767 0.44 -51.19 9.56
C ALA F 767 -0.94 -51.14 8.92
N ASN F 768 -1.93 -50.67 9.65
CA ASN F 768 -3.25 -50.33 9.11
C ASN F 768 -3.82 -49.23 9.98
N VAL F 769 -5.12 -48.97 9.83
CA VAL F 769 -5.76 -47.90 10.60
C VAL F 769 -6.42 -48.44 11.86
N SER F 770 -6.97 -49.65 11.81
CA SER F 770 -7.69 -50.20 12.96
C SER F 770 -6.77 -50.34 14.17
N ASP F 771 -5.55 -50.82 13.95
CA ASP F 771 -4.54 -50.89 15.00
C ASP F 771 -3.36 -50.00 14.64
N GLU F 772 -2.77 -49.37 15.66
CA GLU F 772 -1.64 -48.47 15.47
C GLU F 772 -0.47 -48.94 16.34
N TYR F 773 0.73 -48.86 15.78
CA TYR F 773 1.94 -49.22 16.48
C TYR F 773 3.00 -48.15 16.22
N LEU F 774 4.01 -48.11 17.09
CA LEU F 774 5.13 -47.20 16.95
C LEU F 774 6.44 -47.95 17.11
N GLN F 775 7.41 -47.63 16.26
CA GLN F 775 8.71 -48.29 16.27
C GLN F 775 9.65 -47.58 17.25
N TYR F 776 9.32 -47.68 18.54
CA TYR F 776 10.10 -47.05 19.59
C TYR F 776 10.00 -47.89 20.86
N ILE F 777 11.15 -48.08 21.52
CA ILE F 777 11.23 -48.84 22.76
C ILE F 777 11.96 -48.02 23.81
N PHE F 778 11.56 -48.17 25.06
CA PHE F 778 12.23 -47.53 26.18
C PHE F 778 13.47 -48.33 26.57
N ILE F 779 14.44 -47.64 27.19
CA ILE F 779 15.60 -48.35 27.71
C ILE F 779 15.19 -49.21 28.90
N GLU F 780 14.27 -48.71 29.74
CA GLU F 780 13.86 -49.43 30.93
C GLU F 780 13.29 -50.80 30.57
N ASP F 781 12.78 -50.94 29.35
CA ASP F 781 12.33 -52.25 28.88
C ASP F 781 13.47 -53.02 28.21
N ILE F 782 14.45 -52.32 27.65
CA ILE F 782 15.58 -52.99 27.02
C ILE F 782 16.74 -53.20 27.99
N SER F 783 17.01 -52.22 28.86
CA SER F 783 18.02 -52.43 29.89
C SER F 783 17.63 -53.58 30.81
N SER F 784 16.37 -53.66 31.20
CA SER F 784 15.88 -54.82 31.93
C SER F 784 15.71 -55.99 30.97
N PRO F 785 16.36 -57.13 31.24
CA PRO F 785 16.29 -58.32 30.38
C PRO F 785 14.87 -58.82 30.13
#